data_8CXN
#
_entry.id   8CXN
#
_cell.length_a   1.00
_cell.length_b   1.00
_cell.length_c   1.00
_cell.angle_alpha   90.00
_cell.angle_beta   90.00
_cell.angle_gamma   90.00
#
_symmetry.space_group_name_H-M   'P 1'
#
loop_
_entity.id
_entity.type
_entity.pdbx_description
1 polymer 'Spike glycoprotein'
2 polymer 'pan-sarbecovirus nanobody 2-57'
3 non-polymer 2-acetamido-2-deoxy-beta-D-glucopyranose
#
loop_
_entity_poly.entity_id
_entity_poly.type
_entity_poly.pdbx_seq_one_letter_code
_entity_poly.pdbx_strand_id
1 'polypeptide(L)'
;MFVFLVLLPLVSSQCVNLTTRTQLPPAYTNSFTRGVYYPDKVFRSSVLHSTQDLFLPFFSNVTWFHAIHVSGTNGTKRFD
NPVLPFNDGVYFASTEKSNIIRGWIFGTTLDSKTQSLLIVNNATNVVIKVCEFQFCNDPFLGVYYHKNNKSWMESEFRVY
SSANNCTFEYVSQPFLMDLEGKQGNFKNLREFVFKNIDGYFKIYSKHTPINLVRDLPQGFSALEPLVDLPIGINITRFQT
LLALHRSYLTPGDSSSGWTAGAAAYYVGYLQPRTFLLKYNENGTITDAVDCALDPLSETKCTLKSFTVEKGIYQTSNFRV
QPTESIVRFPNITNLCPFGEVFNATRFASVYAWNRKRISNCVADYSVLYNSASFSTFKCYGVSPTKLNDLCFTNVYADSF
VIRGDEVRQIAPGQTGKIADYNYKLPDDFTGCVIAWNSNNLDSKVGGNYNYLYRLFRKSNLKPFERDISTEIYQAGSTPC
NGVEGFNCYFPLQSYGFQPTNGVGYQPYRVVVLSFELLHAPATVCGPKKSTNLVKNKCVNFNFNGLTGTGVLTESNKKFL
PFQQFGRDIADTTDAVRDPQTLEILDITPCSFGGVSVITPGTNTSNQVAVLYQDVNCTEVPVAIHADQLTPTWRVYSTGS
NVFQTRAGCLIGAEHVNNSYECDIPIGAGICASYQTQTNSPRRARSVASQSIIAYTMSLGAENSVAYSNNSIAIPTNFTI
SVTTEILPVSMTKTSVDCTMYICGDSTECSNLLLQYGSFCTQLNRALTGIAVEQDKNTQEVFAQVKQIYKTPPIKDFGGF
NFSQILPDPSKPSKRSFIEDLLFNKVTLADAGFIKQYGDCLGDIAARDLICAQKFNGLTVLPPLLTDEMIAQYTSALLAG
TITSGWTFGAGAALQIPFAMQMAYRFNGIGVTQNVLYENQKLIANQFNSAIGKIQDSLSSTASALGKLQDVVNQNAQALN
TLVKQLSSNFGAISSVLNDILSRLDPPEAEVQIDRLITGRLQSLQTYVTQQLIRAAEIRASANLAATKMSECVLGQSKRV
DFCGKGYHLMSFPQSAPHGVVFLHVTYVPAQEKNFTTAPAICHDGKAHFPREGVFVSNGTHWFVTQRNFYEPQIITTDNT
FVSGNCDVVIGIVNNTVYDPLQPELDSFKEELDKYFKNHTSPDVDLGDISGINASVVNIQKEIDRLNEVAKNLNESLIDL
QELGKYEQYIKWPWYIWLGFIAGLIAIVMVTIMLCCMTSCCSCLKGCCSCGSCCKFDEDDSEPVLKGVKLHYT
;
A,B,C
2 'polypeptide(L)'
;QVQLVESGGGLVQAGGSLRLSCAVSGRTISTFGMGWFRQAPGKEREFVATITRDEDMLLYADSVKGRFTISRDTAKNMVF
LQMNSLKIEDTALYYCAVRRDSSWGYSRQSTEYDYWGQGTQVTVSS
;
D,F,E
#
loop_
_chem_comp.id
_chem_comp.type
_chem_comp.name
_chem_comp.formula
NAG D-saccharide, beta linking 2-acetamido-2-deoxy-beta-D-glucopyranose 'C8 H15 N O6'
#
# COMPACT_ATOMS: atom_id res chain seq x y z
N CYS A 15 -58.93 34.53 -19.59
CA CYS A 15 -58.92 33.07 -19.50
C CYS A 15 -58.98 32.46 -20.90
N VAL A 16 -59.62 33.16 -21.84
CA VAL A 16 -59.73 32.67 -23.20
C VAL A 16 -58.38 32.76 -23.90
N ASN A 17 -58.23 31.96 -24.96
CA ASN A 17 -56.99 31.97 -25.72
C ASN A 17 -56.73 33.36 -26.29
N LEU A 18 -55.46 33.77 -26.25
CA LEU A 18 -55.10 35.10 -26.73
C LEU A 18 -55.41 35.22 -28.21
N THR A 19 -55.84 36.41 -28.61
CA THR A 19 -56.19 36.70 -29.99
C THR A 19 -55.24 37.76 -30.56
N THR A 20 -55.19 37.81 -31.89
CA THR A 20 -54.35 38.76 -32.62
C THR A 20 -52.87 38.52 -32.33
N ARG A 21 -52.43 37.29 -32.54
CA ARG A 21 -51.04 36.89 -32.32
C ARG A 21 -50.44 36.38 -33.63
N THR A 22 -49.23 36.84 -33.93
CA THR A 22 -48.50 36.42 -35.12
C THR A 22 -47.40 35.45 -34.73
N GLN A 23 -47.34 34.31 -35.40
CA GLN A 23 -46.37 33.26 -35.11
C GLN A 23 -45.20 33.39 -36.07
N LEU A 24 -44.00 33.61 -35.53
CA LEU A 24 -42.77 33.72 -36.29
C LEU A 24 -41.69 32.87 -35.64
N PRO A 25 -40.72 32.39 -36.43
CA PRO A 25 -39.67 31.57 -35.85
C PRO A 25 -38.83 32.36 -34.86
N PRO A 26 -38.31 31.72 -33.82
CA PRO A 26 -37.49 32.44 -32.84
C PRO A 26 -36.11 32.78 -33.39
N ALA A 27 -35.50 33.79 -32.77
CA ALA A 27 -34.17 34.24 -33.12
C ALA A 27 -33.17 33.78 -32.06
N TYR A 28 -31.90 33.78 -32.43
CA TYR A 28 -30.81 33.35 -31.57
C TYR A 28 -29.79 34.47 -31.44
N THR A 29 -29.18 34.57 -30.26
CA THR A 29 -28.17 35.58 -29.98
C THR A 29 -27.07 34.97 -29.13
N ASN A 30 -25.89 35.59 -29.18
CA ASN A 30 -24.73 35.10 -28.45
C ASN A 30 -24.80 35.57 -26.99
N SER A 31 -24.70 34.61 -26.06
CA SER A 31 -24.75 34.93 -24.64
C SER A 31 -23.41 35.37 -24.08
N PHE A 32 -22.32 35.18 -24.81
CA PHE A 32 -20.98 35.58 -24.35
C PHE A 32 -20.70 34.82 -23.05
N THR A 33 -20.16 35.50 -22.03
CA THR A 33 -19.83 34.87 -20.75
C THR A 33 -20.90 35.12 -19.70
N ARG A 34 -22.16 35.16 -20.12
CA ARG A 34 -23.28 35.47 -19.25
C ARG A 34 -23.88 34.19 -18.67
N GLY A 35 -24.35 34.27 -17.44
CA GLY A 35 -25.04 33.17 -16.82
C GLY A 35 -24.20 32.37 -15.84
N VAL A 36 -23.44 33.05 -14.98
CA VAL A 36 -22.61 32.41 -13.98
C VAL A 36 -23.14 32.80 -12.60
N TYR A 37 -23.29 31.82 -11.71
CA TYR A 37 -23.81 32.03 -10.37
C TYR A 37 -22.82 31.47 -9.35
N TYR A 38 -23.25 31.47 -8.08
CA TYR A 38 -22.43 30.95 -7.00
C TYR A 38 -22.83 29.51 -6.72
N PRO A 39 -21.95 28.52 -6.94
CA PRO A 39 -22.33 27.13 -6.68
C PRO A 39 -22.76 26.88 -5.24
N ASP A 40 -22.13 27.56 -4.28
CA ASP A 40 -22.43 27.35 -2.86
C ASP A 40 -22.21 28.65 -2.11
N LYS A 41 -22.52 28.63 -0.81
CA LYS A 41 -22.38 29.78 0.06
C LYS A 41 -21.02 29.88 0.72
N VAL A 42 -20.00 29.27 0.12
CA VAL A 42 -18.66 29.24 0.69
C VAL A 42 -17.91 30.50 0.26
N PHE A 43 -17.47 31.29 1.24
CA PHE A 43 -16.68 32.47 0.94
C PHE A 43 -15.27 32.07 0.52
N ARG A 44 -14.74 32.79 -0.47
CA ARG A 44 -13.39 32.52 -0.98
C ARG A 44 -12.73 33.85 -1.30
N SER A 45 -11.48 34.01 -0.88
CA SER A 45 -10.76 35.27 -0.98
C SER A 45 -9.55 35.10 -1.89
N SER A 46 -9.61 35.72 -3.07
CA SER A 46 -8.47 35.77 -3.99
C SER A 46 -7.93 34.37 -4.29
N VAL A 47 -8.83 33.44 -4.60
CA VAL A 47 -8.46 32.10 -5.01
C VAL A 47 -9.30 31.70 -6.22
N LEU A 48 -8.76 30.75 -6.99
CA LEU A 48 -9.43 30.20 -8.15
C LEU A 48 -9.93 28.80 -7.81
N HIS A 49 -11.24 28.59 -7.96
CA HIS A 49 -11.87 27.33 -7.60
C HIS A 49 -12.51 26.73 -8.85
N SER A 50 -12.23 25.45 -9.10
CA SER A 50 -12.84 24.72 -10.21
C SER A 50 -13.95 23.84 -9.64
N THR A 51 -15.16 24.00 -10.15
CA THR A 51 -16.33 23.30 -9.64
C THR A 51 -17.05 22.59 -10.79
N GLN A 52 -17.51 21.37 -10.52
CA GLN A 52 -18.29 20.58 -11.47
C GLN A 52 -19.76 20.75 -11.10
N ASP A 53 -20.47 21.58 -11.85
CA ASP A 53 -21.86 21.86 -11.57
C ASP A 53 -22.54 22.36 -12.84
N LEU A 54 -23.87 22.35 -12.82
CA LEU A 54 -24.64 22.82 -13.96
C LEU A 54 -24.33 24.29 -14.22
N PHE A 55 -24.08 24.63 -15.49
CA PHE A 55 -23.78 26.00 -15.89
C PHE A 55 -24.20 26.21 -17.34
N LEU A 56 -24.36 27.48 -17.70
CA LEU A 56 -24.66 27.83 -19.08
C LEU A 56 -23.35 27.88 -19.87
N PRO A 57 -23.21 27.09 -20.94
CA PRO A 57 -21.96 27.14 -21.72
C PRO A 57 -21.71 28.53 -22.27
N PHE A 58 -20.44 28.93 -22.25
CA PHE A 58 -20.07 30.25 -22.74
C PHE A 58 -20.26 30.34 -24.24
N PHE A 59 -20.67 31.52 -24.71
CA PHE A 59 -20.93 31.76 -26.12
C PHE A 59 -21.95 30.77 -26.69
N SER A 60 -22.97 30.43 -25.90
CA SER A 60 -24.00 29.51 -26.33
C SER A 60 -25.13 30.28 -27.03
N ASN A 61 -26.11 29.53 -27.52
CA ASN A 61 -27.26 30.10 -28.20
C ASN A 61 -28.45 30.12 -27.24
N VAL A 62 -29.04 31.31 -27.07
CA VAL A 62 -30.20 31.49 -26.21
C VAL A 62 -31.39 31.87 -27.08
N THR A 63 -32.52 31.18 -26.86
CA THR A 63 -33.72 31.42 -27.67
C THR A 63 -34.27 32.82 -27.41
N TRP A 64 -34.11 33.70 -28.40
CA TRP A 64 -34.61 35.07 -28.27
C TRP A 64 -36.13 35.09 -28.44
N PHE A 65 -36.81 35.77 -27.54
CA PHE A 65 -38.25 35.96 -27.60
C PHE A 65 -38.58 37.44 -27.52
N HIS A 66 -39.67 37.83 -28.19
CA HIS A 66 -40.06 39.22 -28.28
C HIS A 66 -41.54 39.37 -27.93
N ALA A 67 -41.86 40.48 -27.27
CA ALA A 67 -43.24 40.87 -26.98
C ALA A 67 -43.37 42.32 -27.43
N ILE A 68 -43.66 42.53 -28.71
CA ILE A 68 -43.70 43.86 -29.31
C ILE A 68 -44.98 43.98 -30.11
N HIS A 69 -45.66 45.12 -29.96
CA HIS A 69 -46.87 45.43 -30.72
C HIS A 69 -46.59 46.66 -31.57
N VAL A 70 -46.70 46.50 -32.89
CA VAL A 70 -46.45 47.57 -33.85
C VAL A 70 -47.65 47.67 -34.78
N SER A 71 -48.15 48.89 -34.99
CA SER A 71 -49.28 49.13 -35.87
C SER A 71 -48.78 49.52 -37.25
N GLY A 72 -49.27 48.83 -38.27
CA GLY A 72 -48.90 49.10 -39.65
C GLY A 72 -48.78 47.80 -40.43
N THR A 73 -48.76 47.94 -41.76
CA THR A 73 -48.66 46.76 -42.62
C THR A 73 -47.34 46.03 -42.39
N ASN A 74 -46.24 46.78 -42.26
CA ASN A 74 -44.94 46.16 -42.04
C ASN A 74 -44.78 45.61 -40.63
N GLY A 75 -45.59 46.07 -39.68
CA GLY A 75 -45.51 45.60 -38.32
C GLY A 75 -46.15 44.25 -38.13
N THR A 76 -45.99 43.72 -36.92
CA THR A 76 -46.54 42.42 -36.56
C THR A 76 -46.86 42.40 -35.08
N LYS A 77 -47.73 41.48 -34.69
CA LYS A 77 -48.15 41.31 -33.30
C LYS A 77 -47.58 39.99 -32.80
N ARG A 78 -46.37 40.04 -32.24
CA ARG A 78 -45.67 38.87 -31.73
C ARG A 78 -45.71 38.91 -30.21
N PHE A 79 -46.56 38.08 -29.61
CA PHE A 79 -46.68 37.96 -28.16
C PHE A 79 -46.12 36.59 -27.78
N ASP A 80 -44.81 36.56 -27.49
CA ASP A 80 -44.13 35.31 -27.22
C ASP A 80 -44.35 34.89 -25.78
N ASN A 81 -45.03 33.76 -25.59
CA ASN A 81 -45.23 33.19 -24.26
C ASN A 81 -45.40 31.68 -24.36
N PRO A 82 -44.42 30.95 -24.88
CA PRO A 82 -44.52 29.49 -24.95
C PRO A 82 -44.03 28.82 -23.68
N VAL A 83 -44.57 27.62 -23.43
CA VAL A 83 -44.15 26.80 -22.29
C VAL A 83 -42.96 25.98 -22.78
N LEU A 84 -41.76 26.49 -22.51
CA LEU A 84 -40.55 25.85 -22.99
C LEU A 84 -40.13 24.71 -22.06
N PRO A 85 -39.34 23.75 -22.57
CA PRO A 85 -38.83 22.69 -21.70
C PRO A 85 -37.89 23.24 -20.64
N PHE A 86 -37.86 22.55 -19.50
CA PHE A 86 -37.02 22.94 -18.37
C PHE A 86 -35.71 22.15 -18.31
N ASN A 87 -35.75 20.85 -18.58
CA ASN A 87 -34.56 20.01 -18.54
C ASN A 87 -33.98 20.09 -17.11
N ASP A 88 -32.67 20.10 -16.94
CA ASP A 88 -32.05 20.15 -15.63
C ASP A 88 -31.82 21.56 -15.13
N GLY A 89 -32.14 22.58 -15.93
CA GLY A 89 -31.95 23.96 -15.52
C GLY A 89 -32.00 24.93 -16.69
N VAL A 90 -32.60 26.10 -16.47
CA VAL A 90 -32.76 27.09 -17.51
C VAL A 90 -32.24 28.43 -16.99
N TYR A 91 -31.43 29.10 -17.81
CA TYR A 91 -30.94 30.45 -17.50
C TYR A 91 -31.83 31.45 -18.21
N PHE A 92 -32.34 32.43 -17.46
CA PHE A 92 -33.27 33.42 -17.98
C PHE A 92 -32.70 34.82 -17.83
N ALA A 93 -32.82 35.61 -18.88
CA ALA A 93 -32.45 37.01 -18.86
C ALA A 93 -33.51 37.81 -19.61
N SER A 94 -33.71 39.06 -19.18
CA SER A 94 -34.75 39.89 -19.78
C SER A 94 -34.35 41.35 -19.62
N THR A 95 -33.89 41.97 -20.71
CA THR A 95 -33.66 43.41 -20.72
C THR A 95 -35.02 44.10 -20.68
N GLU A 96 -35.22 44.96 -19.68
CA GLU A 96 -36.54 45.51 -19.38
C GLU A 96 -36.46 47.00 -19.14
N LYS A 97 -37.58 47.69 -19.40
CA LYS A 97 -37.70 49.11 -19.13
C LYS A 97 -38.98 49.47 -18.39
N SER A 98 -40.04 48.66 -18.49
CA SER A 98 -41.31 48.97 -17.84
C SER A 98 -41.84 47.79 -17.04
N ASN A 99 -40.97 46.82 -16.73
CA ASN A 99 -41.36 45.66 -15.93
C ASN A 99 -42.56 44.93 -16.54
N ILE A 100 -42.49 44.69 -17.86
CA ILE A 100 -43.56 43.97 -18.54
C ILE A 100 -43.65 42.54 -18.02
N ILE A 101 -42.51 41.89 -17.86
CA ILE A 101 -42.48 40.51 -17.37
C ILE A 101 -43.06 40.47 -15.96
N ARG A 102 -43.79 39.40 -15.65
CA ARG A 102 -44.49 39.28 -14.37
C ARG A 102 -44.31 37.88 -13.79
N GLY A 103 -43.10 37.36 -13.80
CA GLY A 103 -42.78 36.10 -13.15
C GLY A 103 -42.72 34.97 -14.16
N TRP A 104 -42.86 33.75 -13.64
CA TRP A 104 -42.73 32.54 -14.46
C TRP A 104 -43.68 31.47 -13.91
N ILE A 105 -43.93 30.46 -14.74
CA ILE A 105 -44.74 29.31 -14.35
C ILE A 105 -43.89 28.06 -14.55
N PHE A 106 -43.83 27.23 -13.51
CA PHE A 106 -43.03 26.01 -13.53
C PHE A 106 -43.89 24.81 -13.16
N GLY A 107 -43.67 23.71 -13.87
CA GLY A 107 -44.41 22.49 -13.60
C GLY A 107 -44.06 21.42 -14.60
N THR A 108 -44.73 20.27 -14.47
CA THR A 108 -44.54 19.15 -15.38
C THR A 108 -45.54 19.18 -16.52
N THR A 109 -46.82 19.41 -16.22
CA THR A 109 -47.86 19.51 -17.24
C THR A 109 -48.66 20.80 -17.16
N LEU A 110 -48.50 21.58 -16.09
CA LEU A 110 -49.22 22.83 -15.86
C LEU A 110 -50.72 22.62 -15.76
N ASP A 111 -51.17 21.43 -15.36
CA ASP A 111 -52.60 21.12 -15.26
C ASP A 111 -52.90 20.63 -13.84
N SER A 112 -54.17 20.26 -13.62
CA SER A 112 -54.64 19.90 -12.28
C SER A 112 -54.27 18.47 -11.87
N LYS A 113 -53.42 17.79 -12.63
CA LYS A 113 -53.00 16.43 -12.29
C LYS A 113 -51.56 16.37 -11.80
N THR A 114 -50.74 17.37 -12.12
CA THR A 114 -49.35 17.42 -11.69
C THR A 114 -49.09 18.72 -10.94
N GLN A 115 -48.33 18.62 -9.85
CA GLN A 115 -48.00 19.80 -9.07
C GLN A 115 -47.17 20.76 -9.91
N SER A 116 -47.47 22.05 -9.77
CA SER A 116 -46.77 23.10 -10.52
C SER A 116 -46.39 24.23 -9.59
N LEU A 117 -45.28 24.89 -9.90
CA LEU A 117 -44.78 26.02 -9.15
C LEU A 117 -45.10 27.31 -9.89
N LEU A 118 -45.77 28.24 -9.22
CA LEU A 118 -46.18 29.51 -9.80
C LEU A 118 -45.39 30.63 -9.14
N ILE A 119 -44.71 31.43 -9.96
CA ILE A 119 -43.96 32.59 -9.50
C ILE A 119 -44.45 33.80 -10.27
N VAL A 120 -44.97 34.79 -9.55
CA VAL A 120 -45.50 36.01 -10.14
C VAL A 120 -44.89 37.20 -9.40
N ASN A 121 -44.36 38.16 -10.15
CA ASN A 121 -43.79 39.38 -9.58
C ASN A 121 -44.87 40.47 -9.62
N ASN A 122 -45.83 40.35 -8.71
CA ASN A 122 -46.93 41.29 -8.66
C ASN A 122 -46.43 42.67 -8.23
N ALA A 123 -47.19 43.70 -8.61
CA ALA A 123 -46.83 45.07 -8.28
C ALA A 123 -46.74 45.32 -6.78
N THR A 124 -47.47 44.57 -5.97
CA THR A 124 -47.46 44.73 -4.53
C THR A 124 -46.36 43.89 -3.88
N ASN A 125 -46.38 42.58 -4.08
CA ASN A 125 -45.37 41.69 -3.52
C ASN A 125 -45.25 40.46 -4.40
N VAL A 126 -44.12 39.77 -4.26
CA VAL A 126 -43.89 38.54 -5.01
C VAL A 126 -44.64 37.41 -4.34
N VAL A 127 -45.45 36.69 -5.12
CA VAL A 127 -46.25 35.58 -4.62
C VAL A 127 -45.73 34.30 -5.25
N ILE A 128 -45.32 33.35 -4.42
CA ILE A 128 -44.83 32.05 -4.85
C ILE A 128 -45.69 30.99 -4.20
N LYS A 129 -46.30 30.14 -5.02
CA LYS A 129 -47.19 29.10 -4.51
C LYS A 129 -47.01 27.83 -5.34
N VAL A 130 -47.25 26.70 -4.69
CA VAL A 130 -47.17 25.39 -5.34
C VAL A 130 -48.51 24.70 -5.16
N CYS A 131 -49.10 24.23 -6.26
CA CYS A 131 -50.39 23.58 -6.22
C CYS A 131 -50.71 23.07 -7.62
N GLU A 132 -51.74 22.22 -7.71
CA GLU A 132 -52.18 21.65 -8.99
C GLU A 132 -53.17 22.61 -9.64
N PHE A 133 -52.65 23.75 -10.08
CA PHE A 133 -53.47 24.75 -10.74
C PHE A 133 -53.95 24.24 -12.10
N GLN A 134 -54.77 25.04 -12.77
CA GLN A 134 -55.26 24.76 -14.11
C GLN A 134 -54.89 25.98 -14.97
N PHE A 135 -53.67 25.98 -15.49
CA PHE A 135 -53.19 27.12 -16.25
C PHE A 135 -53.88 27.21 -17.60
N CYS A 136 -54.11 28.44 -18.05
CA CYS A 136 -54.75 28.66 -19.34
C CYS A 136 -53.78 28.35 -20.47
N ASN A 137 -54.30 28.39 -21.70
CA ASN A 137 -53.46 28.11 -22.86
C ASN A 137 -52.35 29.16 -23.00
N ASP A 138 -52.67 30.43 -22.77
CA ASP A 138 -51.71 31.53 -22.86
C ASP A 138 -51.81 32.36 -21.59
N PRO A 139 -51.27 31.87 -20.48
CA PRO A 139 -51.35 32.63 -19.23
C PRO A 139 -50.62 33.96 -19.34
N PHE A 140 -51.17 34.96 -18.67
CA PHE A 140 -50.58 36.30 -18.62
C PHE A 140 -51.37 37.13 -17.63
N LEU A 141 -50.88 38.33 -17.34
CA LEU A 141 -51.53 39.28 -16.47
C LEU A 141 -52.03 40.46 -17.30
N GLY A 142 -53.29 40.82 -17.12
CA GLY A 142 -53.89 41.90 -17.89
C GLY A 142 -53.84 43.22 -17.13
N VAL A 143 -53.56 44.29 -17.87
CA VAL A 143 -53.51 45.64 -17.33
C VAL A 143 -54.58 46.46 -18.02
N TYR A 144 -55.46 47.08 -17.24
CA TYR A 144 -56.57 47.84 -17.79
C TYR A 144 -56.75 49.17 -17.06
N TYR A 145 -57.85 49.86 -17.35
CA TYR A 145 -58.14 51.16 -16.78
C TYR A 145 -59.10 51.01 -15.61
N HIS A 146 -58.70 51.51 -14.45
CA HIS A 146 -59.55 51.40 -13.26
C HIS A 146 -60.83 52.19 -13.45
N LYS A 147 -61.95 51.57 -13.09
CA LYS A 147 -63.24 52.23 -13.27
C LYS A 147 -63.37 53.46 -12.38
N ASN A 148 -62.92 53.35 -11.12
CA ASN A 148 -63.13 54.40 -10.13
C ASN A 148 -61.96 55.38 -10.04
N ASN A 149 -60.91 55.21 -10.82
CA ASN A 149 -59.77 56.10 -10.76
C ASN A 149 -59.04 56.08 -12.09
N LYS A 150 -58.24 57.11 -12.32
CA LYS A 150 -57.43 57.23 -13.53
C LYS A 150 -56.02 56.70 -13.27
N SER A 151 -55.96 55.44 -12.84
CA SER A 151 -54.70 54.78 -12.54
C SER A 151 -54.71 53.37 -13.13
N TRP A 152 -53.60 52.99 -13.74
CA TRP A 152 -53.48 51.66 -14.33
C TRP A 152 -53.45 50.61 -13.22
N MET A 153 -54.16 49.50 -13.45
CA MET A 153 -54.23 48.40 -12.50
C MET A 153 -54.05 47.09 -13.23
N GLU A 154 -53.32 46.16 -12.61
CA GLU A 154 -53.07 44.84 -13.18
C GLU A 154 -53.76 43.74 -12.39
N SER A 155 -54.89 44.04 -11.76
CA SER A 155 -55.61 43.05 -10.97
C SER A 155 -56.20 41.94 -11.82
N GLU A 156 -56.28 42.12 -13.14
CA GLU A 156 -56.80 41.08 -14.03
C GLU A 156 -55.87 39.88 -14.00
N PHE A 157 -56.32 38.79 -13.38
CA PHE A 157 -55.48 37.60 -13.16
C PHE A 157 -55.91 36.52 -14.15
N ARG A 158 -55.35 36.60 -15.35
CA ARG A 158 -55.60 35.61 -16.40
C ARG A 158 -54.46 34.59 -16.45
N VAL A 159 -54.31 33.83 -15.37
CA VAL A 159 -53.26 32.82 -15.28
C VAL A 159 -53.89 31.44 -15.22
N TYR A 160 -54.68 31.19 -14.18
CA TYR A 160 -55.37 29.92 -14.02
C TYR A 160 -56.79 30.17 -13.52
N SER A 161 -57.68 29.25 -13.84
CA SER A 161 -59.09 29.36 -13.49
C SER A 161 -59.50 28.43 -12.34
N SER A 162 -58.90 27.25 -12.25
CA SER A 162 -59.24 26.27 -11.24
C SER A 162 -58.03 25.99 -10.36
N ALA A 163 -58.27 25.91 -9.05
CA ALA A 163 -57.23 25.62 -8.07
C ALA A 163 -57.44 24.23 -7.49
N ASN A 164 -56.52 23.83 -6.61
CA ASN A 164 -56.56 22.53 -5.98
C ASN A 164 -55.95 22.67 -4.59
N ASN A 165 -55.66 21.53 -3.95
CA ASN A 165 -55.07 21.55 -2.62
C ASN A 165 -53.72 22.26 -2.65
N CYS A 166 -53.51 23.16 -1.70
CA CYS A 166 -52.27 23.91 -1.60
C CYS A 166 -51.18 23.05 -0.97
N THR A 167 -49.93 23.35 -1.31
CA THR A 167 -48.79 22.61 -0.79
C THR A 167 -47.65 23.51 -0.32
N PHE A 168 -47.65 24.79 -0.66
CA PHE A 168 -46.57 25.68 -0.26
C PHE A 168 -46.97 27.12 -0.59
N GLU A 169 -46.47 28.05 0.20
CA GLU A 169 -46.75 29.46 0.00
C GLU A 169 -45.61 30.28 0.60
N TYR A 170 -45.15 31.27 -0.17
CA TYR A 170 -44.05 32.12 0.27
C TYR A 170 -44.18 33.48 -0.40
N VAL A 171 -43.83 34.53 0.33
CA VAL A 171 -43.90 35.90 -0.16
C VAL A 171 -42.61 36.62 0.17
N SER A 172 -42.14 37.43 -0.76
CA SER A 172 -40.92 38.22 -0.57
C SER A 172 -41.16 39.61 -1.18
N GLN A 173 -40.17 40.49 -1.04
CA GLN A 173 -40.31 41.85 -1.54
C GLN A 173 -40.32 41.86 -3.07
N PRO A 174 -41.02 42.80 -3.68
CA PRO A 174 -41.06 42.85 -5.15
C PRO A 174 -39.82 43.48 -5.74
N PHE A 175 -39.60 43.19 -7.02
CA PHE A 175 -38.49 43.78 -7.78
C PHE A 175 -38.99 44.98 -8.58
N LEU A 176 -39.24 46.08 -7.85
CA LEU A 176 -39.75 47.31 -8.44
C LEU A 176 -41.16 47.10 -8.97
N MET A 177 -41.95 48.16 -9.04
CA MET A 177 -43.33 48.09 -9.50
C MET A 177 -43.59 49.22 -10.48
N ASP A 178 -44.30 48.91 -11.57
CA ASP A 178 -44.65 49.91 -12.56
C ASP A 178 -45.71 49.32 -13.48
N LEU A 179 -46.71 50.14 -13.79
CA LEU A 179 -47.84 49.72 -14.61
C LEU A 179 -47.77 50.30 -16.03
N GLU A 180 -47.63 51.61 -16.16
CA GLU A 180 -47.59 52.23 -17.48
C GLU A 180 -46.32 51.81 -18.22
N GLY A 181 -46.44 51.63 -19.53
CA GLY A 181 -45.31 51.24 -20.35
C GLY A 181 -44.51 52.44 -20.85
N LYS A 182 -43.37 52.69 -20.22
CA LYS A 182 -42.52 53.80 -20.62
C LYS A 182 -41.94 53.55 -22.02
N GLN A 183 -41.72 54.63 -22.75
CA GLN A 183 -41.17 54.58 -24.10
C GLN A 183 -39.70 54.98 -24.06
N GLY A 184 -38.86 54.13 -24.62
CA GLY A 184 -37.44 54.39 -24.66
C GLY A 184 -36.67 53.08 -24.76
N ASN A 185 -35.34 53.23 -24.78
CA ASN A 185 -34.47 52.08 -24.86
C ASN A 185 -34.42 51.35 -23.52
N PHE A 186 -34.12 50.06 -23.58
CA PHE A 186 -34.02 49.26 -22.36
C PHE A 186 -32.90 49.78 -21.48
N LYS A 187 -33.17 49.83 -20.18
CA LYS A 187 -32.21 50.36 -19.21
C LYS A 187 -31.91 49.39 -18.08
N ASN A 188 -32.90 48.61 -17.64
CA ASN A 188 -32.75 47.68 -16.52
C ASN A 188 -32.79 46.26 -17.06
N LEU A 189 -31.73 45.50 -16.78
CA LEU A 189 -31.64 44.10 -17.17
C LEU A 189 -31.61 43.24 -15.91
N ARG A 190 -32.52 42.28 -15.82
CA ARG A 190 -32.59 41.35 -14.71
C ARG A 190 -32.36 39.94 -15.22
N GLU A 191 -31.49 39.21 -14.53
CA GLU A 191 -31.11 37.86 -14.91
C GLU A 191 -31.60 36.88 -13.85
N PHE A 192 -31.98 35.68 -14.29
CA PHE A 192 -32.50 34.67 -13.39
C PHE A 192 -32.04 33.30 -13.85
N VAL A 193 -31.57 32.48 -12.90
CA VAL A 193 -31.17 31.11 -13.16
C VAL A 193 -32.03 30.20 -12.30
N PHE A 194 -32.67 29.22 -12.92
CA PHE A 194 -33.55 28.28 -12.24
C PHE A 194 -32.91 26.90 -12.26
N LYS A 195 -32.77 26.31 -11.06
CA LYS A 195 -32.16 24.99 -10.93
C LYS A 195 -32.99 24.17 -9.95
N ASN A 196 -32.93 22.84 -10.12
CA ASN A 196 -33.66 21.92 -9.26
C ASN A 196 -32.83 20.64 -9.13
N ILE A 197 -32.25 20.44 -7.95
CA ILE A 197 -31.43 19.28 -7.66
C ILE A 197 -31.91 18.66 -6.36
N ASP A 198 -31.88 17.33 -6.28
CA ASP A 198 -32.23 16.56 -5.08
C ASP A 198 -33.41 17.18 -4.33
N GLY A 199 -34.41 17.62 -5.08
CA GLY A 199 -35.62 18.18 -4.49
C GLY A 199 -35.51 19.61 -4.03
N TYR A 200 -34.37 20.27 -4.24
CA TYR A 200 -34.17 21.66 -3.82
C TYR A 200 -34.20 22.53 -5.07
N PHE A 201 -35.24 23.35 -5.18
CA PHE A 201 -35.32 24.31 -6.28
C PHE A 201 -34.68 25.63 -5.88
N LYS A 202 -33.66 26.03 -6.62
CA LYS A 202 -32.86 27.20 -6.29
C LYS A 202 -33.08 28.30 -7.32
N ILE A 203 -33.24 29.53 -6.85
CA ILE A 203 -33.44 30.68 -7.71
C ILE A 203 -32.32 31.68 -7.46
N TYR A 204 -31.64 32.10 -8.53
CA TYR A 204 -30.58 33.08 -8.47
C TYR A 204 -30.98 34.29 -9.30
N SER A 205 -30.48 35.45 -8.91
CA SER A 205 -30.87 36.69 -9.57
C SER A 205 -29.72 37.69 -9.50
N LYS A 206 -29.78 38.67 -10.39
CA LYS A 206 -28.80 39.75 -10.45
C LYS A 206 -29.34 40.85 -11.34
N HIS A 207 -29.20 42.09 -10.90
CA HIS A 207 -29.65 43.26 -11.64
C HIS A 207 -28.46 44.14 -11.99
N THR A 208 -28.42 44.62 -13.23
CA THR A 208 -27.33 45.46 -13.70
C THR A 208 -27.86 46.54 -14.64
N PRO A 209 -27.73 47.82 -14.29
CA PRO A 209 -28.17 48.87 -15.22
C PRO A 209 -27.40 48.78 -16.54
N ILE A 210 -28.11 49.07 -17.63
CA ILE A 210 -27.54 49.00 -18.97
C ILE A 210 -28.14 50.08 -19.86
N ASN A 211 -27.66 50.16 -21.10
CA ASN A 211 -28.25 51.06 -22.10
C ASN A 211 -28.07 50.36 -23.46
N LEU A 212 -29.10 49.62 -23.86
CA LEU A 212 -29.05 48.81 -25.07
C LEU A 212 -30.37 48.92 -25.81
N VAL A 213 -30.33 48.56 -27.10
CA VAL A 213 -31.51 48.50 -27.94
C VAL A 213 -31.84 47.07 -28.36
N ARG A 214 -30.82 46.27 -28.66
CA ARG A 214 -31.01 44.89 -29.07
C ARG A 214 -29.85 44.05 -28.56
N ASP A 215 -30.09 42.75 -28.46
CA ASP A 215 -29.06 41.78 -28.08
C ASP A 215 -28.57 42.01 -26.66
N LEU A 216 -27.99 40.98 -26.05
CA LEU A 216 -27.48 41.09 -24.70
C LEU A 216 -26.16 41.87 -24.69
N PRO A 217 -25.79 42.42 -23.54
CA PRO A 217 -24.52 43.15 -23.44
C PRO A 217 -23.35 42.22 -23.16
N GLN A 218 -22.15 42.80 -23.21
CA GLN A 218 -20.93 42.08 -22.87
C GLN A 218 -20.68 42.19 -21.37
N GLY A 219 -19.50 41.79 -20.93
CA GLY A 219 -19.12 41.87 -19.53
C GLY A 219 -19.50 40.62 -18.76
N PHE A 220 -19.14 40.63 -17.48
CA PHE A 220 -19.37 39.50 -16.58
C PHE A 220 -20.06 40.00 -15.32
N SER A 221 -21.01 39.19 -14.82
CA SER A 221 -21.74 39.54 -13.60
C SER A 221 -22.25 38.26 -12.96
N ALA A 222 -21.80 38.01 -11.73
CA ALA A 222 -22.25 36.82 -11.01
C ALA A 222 -23.67 37.01 -10.51
N LEU A 223 -24.37 35.89 -10.32
CA LEU A 223 -25.76 35.87 -9.87
C LEU A 223 -25.77 35.40 -8.41
N GLU A 224 -26.02 36.33 -7.50
CA GLU A 224 -26.06 35.99 -6.09
C GLU A 224 -27.27 35.10 -5.80
N PRO A 225 -27.16 34.14 -4.88
CA PRO A 225 -28.32 33.32 -4.54
C PRO A 225 -29.47 34.18 -4.01
N LEU A 226 -30.69 33.77 -4.34
CA LEU A 226 -31.89 34.48 -3.93
C LEU A 226 -32.70 33.72 -2.88
N VAL A 227 -33.11 32.50 -3.17
CA VAL A 227 -33.87 31.70 -2.21
C VAL A 227 -33.87 30.24 -2.67
N ASP A 228 -33.86 29.32 -1.70
CA ASP A 228 -33.90 27.90 -1.97
C ASP A 228 -35.28 27.37 -1.62
N LEU A 229 -35.92 26.69 -2.57
CA LEU A 229 -37.27 26.19 -2.40
C LEU A 229 -37.24 24.68 -2.22
N PRO A 230 -37.48 24.14 -1.00
CA PRO A 230 -37.50 22.68 -0.84
C PRO A 230 -38.86 22.09 -1.18
N ILE A 231 -39.45 22.51 -2.30
CA ILE A 231 -40.74 21.98 -2.70
C ILE A 231 -40.62 20.52 -3.15
N GLY A 232 -39.55 20.21 -3.89
CA GLY A 232 -39.34 18.84 -4.32
C GLY A 232 -40.44 18.30 -5.22
N ILE A 233 -40.89 19.11 -6.18
CA ILE A 233 -41.92 18.71 -7.13
C ILE A 233 -41.27 18.45 -8.48
N ASN A 234 -41.65 17.36 -9.12
CA ASN A 234 -41.08 17.02 -10.42
C ASN A 234 -41.30 18.17 -11.40
N ILE A 235 -40.23 18.54 -12.11
CA ILE A 235 -40.25 19.68 -13.03
C ILE A 235 -39.83 19.17 -14.41
N THR A 236 -40.62 19.50 -15.42
CA THR A 236 -40.29 19.13 -16.80
C THR A 236 -40.44 20.26 -17.81
N ARG A 237 -41.24 21.29 -17.53
CA ARG A 237 -41.41 22.39 -18.47
C ARG A 237 -41.70 23.65 -17.65
N PHE A 238 -41.61 24.80 -18.32
CA PHE A 238 -41.83 26.07 -17.65
C PHE A 238 -42.38 27.07 -18.66
N GLN A 239 -42.99 28.13 -18.16
CA GLN A 239 -43.56 29.18 -18.99
C GLN A 239 -43.32 30.52 -18.31
N THR A 240 -43.40 31.58 -19.11
CA THR A 240 -43.16 32.94 -18.63
C THR A 240 -44.48 33.69 -18.51
N LEU A 241 -44.49 34.67 -17.61
CA LEU A 241 -45.65 35.53 -17.39
C LEU A 241 -45.29 36.96 -17.74
N LEU A 242 -46.15 37.60 -18.55
CA LEU A 242 -45.92 38.97 -19.00
C LEU A 242 -47.17 39.80 -18.75
N ALA A 243 -46.98 41.10 -18.64
CA ALA A 243 -48.08 42.04 -18.42
C ALA A 243 -48.57 42.58 -19.76
N LEU A 244 -49.87 42.43 -20.01
CA LEU A 244 -50.50 42.87 -21.24
C LEU A 244 -51.48 44.00 -20.94
N HIS A 245 -51.46 45.03 -21.78
CA HIS A 245 -52.35 46.17 -21.64
C HIS A 245 -53.66 45.87 -22.36
N ARG A 246 -54.78 46.06 -21.67
CA ARG A 246 -56.09 45.80 -22.25
C ARG A 246 -56.39 46.86 -23.30
N SER A 247 -56.27 46.49 -24.58
CA SER A 247 -56.50 47.45 -25.65
C SER A 247 -57.95 47.95 -25.64
N TYR A 248 -58.87 47.17 -25.10
CA TYR A 248 -60.27 47.58 -25.09
C TYR A 248 -60.47 48.85 -24.29
N LEU A 249 -59.83 48.94 -23.11
CA LEU A 249 -59.98 50.07 -22.20
C LEU A 249 -58.65 50.80 -22.03
N THR A 250 -57.82 50.79 -23.06
CA THR A 250 -56.52 51.46 -23.03
C THR A 250 -56.55 52.63 -24.01
N PRO A 251 -56.62 53.88 -23.54
CA PRO A 251 -56.64 55.01 -24.47
C PRO A 251 -55.38 55.05 -25.31
N GLY A 252 -55.55 55.47 -26.57
CA GLY A 252 -54.46 55.53 -27.52
C GLY A 252 -54.41 54.37 -28.48
N ASP A 253 -55.09 53.26 -28.17
CA ASP A 253 -55.15 52.09 -29.04
C ASP A 253 -56.55 51.86 -29.57
N SER A 254 -57.55 51.74 -28.68
CA SER A 254 -58.94 51.59 -29.07
C SER A 254 -59.12 50.46 -30.09
N SER A 255 -58.52 49.31 -29.78
CA SER A 255 -58.58 48.14 -30.64
C SER A 255 -58.86 46.91 -29.79
N SER A 256 -59.40 45.88 -30.43
CA SER A 256 -59.71 44.63 -29.77
C SER A 256 -58.42 43.85 -29.48
N GLY A 257 -58.58 42.65 -28.94
CA GLY A 257 -57.43 41.84 -28.62
C GLY A 257 -56.62 42.44 -27.50
N TRP A 258 -55.30 42.19 -27.55
CA TRP A 258 -54.38 42.67 -26.52
C TRP A 258 -53.11 43.17 -27.20
N THR A 259 -52.37 44.01 -26.47
CA THR A 259 -51.12 44.58 -26.94
C THR A 259 -50.02 44.33 -25.92
N ALA A 260 -48.81 44.14 -26.43
CA ALA A 260 -47.64 43.88 -25.60
C ALA A 260 -47.06 45.19 -25.06
N GLY A 261 -46.14 45.06 -24.11
CA GLY A 261 -45.50 46.21 -23.51
C GLY A 261 -44.15 46.53 -24.14
N ALA A 262 -43.89 45.98 -25.32
CA ALA A 262 -42.65 46.20 -26.04
C ALA A 262 -41.44 45.77 -25.20
N ALA A 263 -41.41 44.47 -24.89
CA ALA A 263 -40.34 43.89 -24.10
C ALA A 263 -39.89 42.59 -24.74
N ALA A 264 -38.63 42.24 -24.50
CA ALA A 264 -38.05 41.01 -25.03
C ALA A 264 -37.21 40.36 -23.95
N TYR A 265 -37.13 39.03 -23.96
CA TYR A 265 -36.38 38.28 -22.97
C TYR A 265 -35.60 37.15 -23.66
N TYR A 266 -34.51 36.73 -23.02
CA TYR A 266 -33.66 35.67 -23.53
C TYR A 266 -33.70 34.47 -22.58
N VAL A 267 -33.78 33.28 -23.17
CA VAL A 267 -33.84 32.03 -22.41
C VAL A 267 -32.74 31.11 -22.89
N GLY A 268 -31.97 30.58 -21.94
CA GLY A 268 -30.91 29.63 -22.26
C GLY A 268 -31.18 28.27 -21.66
N TYR A 269 -30.15 27.43 -21.60
CA TYR A 269 -30.28 26.09 -21.03
C TYR A 269 -28.97 25.72 -20.37
N LEU A 270 -29.06 24.99 -19.25
CA LEU A 270 -27.91 24.62 -18.44
C LEU A 270 -27.58 23.15 -18.65
N GLN A 271 -26.30 22.86 -18.90
CA GLN A 271 -25.80 21.51 -19.02
C GLN A 271 -24.57 21.35 -18.15
N PRO A 272 -24.24 20.13 -17.72
CA PRO A 272 -23.08 19.94 -16.84
C PRO A 272 -21.80 20.45 -17.50
N ARG A 273 -21.08 21.30 -16.77
CA ARG A 273 -19.82 21.85 -17.23
C ARG A 273 -18.93 22.10 -16.03
N THR A 274 -17.63 22.26 -16.29
CA THR A 274 -16.65 22.58 -15.28
C THR A 274 -16.14 23.99 -15.52
N PHE A 275 -16.31 24.86 -14.53
CA PHE A 275 -15.94 26.27 -14.63
C PHE A 275 -14.82 26.56 -13.64
N LEU A 276 -13.85 27.38 -14.06
CA LEU A 276 -12.77 27.84 -13.18
C LEU A 276 -13.15 29.22 -12.66
N LEU A 277 -14.01 29.22 -11.64
CA LEU A 277 -14.50 30.47 -11.07
C LEU A 277 -13.34 31.24 -10.42
N LYS A 278 -13.34 32.56 -10.60
CA LYS A 278 -12.33 33.44 -10.05
C LYS A 278 -12.95 34.28 -8.94
N TYR A 279 -12.33 34.26 -7.77
CA TYR A 279 -12.81 34.99 -6.61
C TYR A 279 -11.84 36.12 -6.27
N ASN A 280 -12.41 37.26 -5.87
CA ASN A 280 -11.63 38.40 -5.43
C ASN A 280 -11.52 38.41 -3.91
N GLU A 281 -10.72 39.35 -3.40
CA GLU A 281 -10.54 39.44 -1.96
C GLU A 281 -11.84 39.72 -1.23
N ASN A 282 -12.79 40.37 -1.91
CA ASN A 282 -14.08 40.68 -1.30
C ASN A 282 -15.02 39.48 -1.28
N GLY A 283 -14.71 38.41 -1.98
CA GLY A 283 -15.57 37.24 -2.04
C GLY A 283 -16.58 37.24 -3.16
N THR A 284 -16.43 38.11 -4.15
CA THR A 284 -17.34 38.20 -5.28
C THR A 284 -16.68 37.61 -6.52
N ILE A 285 -17.43 36.80 -7.25
CA ILE A 285 -16.92 36.18 -8.46
C ILE A 285 -16.82 37.24 -9.55
N THR A 286 -15.64 37.34 -10.17
CA THR A 286 -15.38 38.36 -11.18
C THR A 286 -15.22 37.81 -12.59
N ASP A 287 -14.79 36.55 -12.73
CA ASP A 287 -14.60 35.95 -14.04
C ASP A 287 -14.67 34.44 -13.90
N ALA A 288 -14.87 33.76 -15.04
CA ALA A 288 -14.94 32.31 -15.08
C ALA A 288 -14.55 31.86 -16.47
N VAL A 289 -14.03 30.63 -16.56
CA VAL A 289 -13.61 30.03 -17.82
C VAL A 289 -14.23 28.64 -17.92
N ASP A 290 -14.84 28.35 -19.07
CA ASP A 290 -15.47 27.06 -19.32
C ASP A 290 -14.41 26.07 -19.82
N CYS A 291 -14.36 24.90 -19.19
CA CYS A 291 -13.36 23.90 -19.57
C CYS A 291 -13.54 23.41 -20.99
N ALA A 292 -14.76 23.52 -21.55
CA ALA A 292 -15.05 23.01 -22.88
C ALA A 292 -15.37 24.12 -23.88
N LEU A 293 -14.73 25.27 -23.76
CA LEU A 293 -14.96 26.36 -24.71
C LEU A 293 -13.97 26.25 -25.89
N ASP A 294 -12.68 26.22 -25.58
CA ASP A 294 -11.65 26.11 -26.60
C ASP A 294 -10.38 25.54 -25.97
N PRO A 295 -9.40 25.11 -26.76
CA PRO A 295 -8.18 24.54 -26.16
C PRO A 295 -7.52 25.49 -25.17
N LEU A 296 -7.53 26.80 -25.45
CA LEU A 296 -6.95 27.76 -24.52
C LEU A 296 -7.68 27.75 -23.18
N SER A 297 -9.02 27.69 -23.23
CA SER A 297 -9.79 27.63 -21.99
C SER A 297 -9.49 26.34 -21.22
N GLU A 298 -9.36 25.22 -21.92
CA GLU A 298 -9.03 23.97 -21.26
C GLU A 298 -7.67 24.05 -20.59
N THR A 299 -6.68 24.63 -21.29
CA THR A 299 -5.35 24.78 -20.69
C THR A 299 -5.41 25.69 -19.47
N LYS A 300 -6.15 26.79 -19.56
CA LYS A 300 -6.27 27.69 -18.42
C LYS A 300 -6.89 26.98 -17.22
N CYS A 301 -7.95 26.20 -17.48
CA CYS A 301 -8.64 25.52 -16.39
C CYS A 301 -7.77 24.43 -15.77
N THR A 302 -7.06 23.66 -16.59
CA THR A 302 -6.24 22.58 -16.04
C THR A 302 -5.00 23.15 -15.34
N LEU A 303 -4.58 24.36 -15.71
CA LEU A 303 -3.52 25.04 -14.98
C LEU A 303 -4.03 25.81 -13.78
N LYS A 304 -5.34 25.91 -13.59
CA LYS A 304 -5.94 26.63 -12.46
C LYS A 304 -5.46 28.07 -12.44
N SER A 305 -5.35 28.65 -13.63
CA SER A 305 -4.94 30.04 -13.79
C SER A 305 -5.54 30.59 -15.07
N PHE A 306 -5.69 31.91 -15.10
CA PHE A 306 -6.23 32.61 -16.26
C PHE A 306 -5.15 33.11 -17.21
N THR A 307 -3.87 32.93 -16.88
CA THR A 307 -2.77 33.35 -17.73
C THR A 307 -1.91 32.13 -18.05
N VAL A 308 -1.57 31.97 -19.33
CA VAL A 308 -0.79 30.83 -19.80
C VAL A 308 0.47 31.36 -20.50
N GLU A 309 1.61 30.85 -20.09
CA GLU A 309 2.89 31.22 -20.70
C GLU A 309 3.13 30.39 -21.95
N LYS A 310 4.09 30.86 -22.77
CA LYS A 310 4.43 30.16 -23.99
C LYS A 310 4.94 28.77 -23.68
N GLY A 311 4.43 27.78 -24.41
CA GLY A 311 4.86 26.41 -24.22
C GLY A 311 3.78 25.44 -24.66
N ILE A 312 4.05 24.17 -24.41
CA ILE A 312 3.13 23.07 -24.71
C ILE A 312 2.77 22.38 -23.41
N TYR A 313 1.47 22.23 -23.16
CA TYR A 313 0.95 21.69 -21.91
C TYR A 313 0.03 20.53 -22.19
N GLN A 314 0.16 19.46 -21.40
CA GLN A 314 -0.71 18.29 -21.53
C GLN A 314 -2.00 18.55 -20.77
N THR A 315 -3.12 18.61 -21.48
CA THR A 315 -4.41 18.95 -20.89
C THR A 315 -5.26 17.71 -20.61
N SER A 316 -5.51 16.89 -21.62
CA SER A 316 -6.39 15.74 -21.48
C SER A 316 -5.93 14.64 -22.41
N ASN A 317 -6.40 13.43 -22.13
CA ASN A 317 -6.08 12.24 -22.91
C ASN A 317 -7.30 11.83 -23.74
N PHE A 318 -7.06 11.52 -25.02
CA PHE A 318 -8.11 11.10 -25.93
C PHE A 318 -7.99 9.60 -26.18
N ARG A 319 -9.11 8.90 -26.09
CA ARG A 319 -9.17 7.46 -26.32
C ARG A 319 -10.35 7.17 -27.24
N VAL A 320 -10.10 6.42 -28.31
CA VAL A 320 -11.17 6.09 -29.25
C VAL A 320 -12.04 5.00 -28.62
N GLN A 321 -13.32 5.31 -28.46
CA GLN A 321 -14.25 4.37 -27.86
C GLN A 321 -14.61 3.25 -28.84
N PRO A 322 -15.05 2.11 -28.34
CA PRO A 322 -15.44 1.01 -29.24
C PRO A 322 -16.66 1.41 -30.07
N THR A 323 -16.50 1.35 -31.39
CA THR A 323 -17.61 1.71 -32.28
C THR A 323 -18.79 0.75 -32.10
N GLU A 324 -18.50 -0.55 -32.00
CA GLU A 324 -19.55 -1.55 -31.82
C GLU A 324 -18.91 -2.81 -31.24
N SER A 325 -19.76 -3.69 -30.73
CA SER A 325 -19.34 -4.96 -30.14
C SER A 325 -19.60 -6.08 -31.13
N ILE A 326 -18.60 -6.92 -31.35
CA ILE A 326 -18.67 -8.03 -32.30
C ILE A 326 -18.26 -9.31 -31.59
N VAL A 327 -18.97 -10.40 -31.87
CA VAL A 327 -18.70 -11.69 -31.28
C VAL A 327 -18.52 -12.71 -32.40
N ARG A 328 -17.45 -13.50 -32.33
CA ARG A 328 -17.15 -14.51 -33.33
C ARG A 328 -16.99 -15.85 -32.63
N PHE A 329 -17.65 -16.88 -33.17
CA PHE A 329 -17.62 -18.22 -32.62
C PHE A 329 -17.56 -19.22 -33.77
N PRO A 330 -17.07 -20.42 -33.52
CA PRO A 330 -16.95 -21.41 -34.59
C PRO A 330 -18.32 -21.86 -35.09
N ASN A 331 -18.30 -22.47 -36.28
CA ASN A 331 -19.53 -22.94 -36.92
C ASN A 331 -20.27 -23.92 -36.01
N ILE A 332 -21.60 -23.76 -35.94
CA ILE A 332 -22.41 -24.68 -35.17
C ILE A 332 -22.32 -26.06 -35.82
N THR A 333 -21.88 -27.05 -35.05
CA THR A 333 -21.68 -28.39 -35.55
C THR A 333 -22.09 -29.41 -34.50
N ASN A 334 -22.36 -30.63 -34.95
CA ASN A 334 -22.74 -31.73 -34.07
C ASN A 334 -24.04 -31.40 -33.33
N LEU A 335 -25.10 -31.18 -34.10
CA LEU A 335 -26.39 -30.86 -33.51
C LEU A 335 -26.92 -32.03 -32.69
N CYS A 336 -27.57 -31.71 -31.58
CA CYS A 336 -28.08 -32.75 -30.70
C CYS A 336 -29.21 -33.52 -31.41
N PRO A 337 -29.38 -34.81 -31.08
CA PRO A 337 -30.39 -35.65 -31.75
C PRO A 337 -31.81 -35.48 -31.19
N PHE A 338 -32.23 -34.23 -31.02
CA PHE A 338 -33.58 -33.96 -30.56
C PHE A 338 -34.62 -34.16 -31.66
N GLY A 339 -34.23 -33.95 -32.92
CA GLY A 339 -35.19 -34.11 -34.01
C GLY A 339 -35.75 -35.53 -34.10
N GLU A 340 -34.86 -36.52 -33.99
CA GLU A 340 -35.30 -37.91 -34.06
C GLU A 340 -36.17 -38.27 -32.86
N VAL A 341 -35.84 -37.73 -31.68
CA VAL A 341 -36.60 -38.07 -30.47
C VAL A 341 -38.06 -37.65 -30.62
N PHE A 342 -38.28 -36.43 -31.12
CA PHE A 342 -39.65 -35.94 -31.28
C PHE A 342 -40.32 -36.57 -32.50
N ASN A 343 -39.55 -36.87 -33.55
CA ASN A 343 -40.10 -37.44 -34.76
C ASN A 343 -40.03 -38.96 -34.78
N ALA A 344 -39.61 -39.60 -33.69
CA ALA A 344 -39.53 -41.05 -33.66
C ALA A 344 -40.90 -41.67 -33.84
N THR A 345 -40.94 -42.79 -34.55
CA THR A 345 -42.20 -43.50 -34.79
C THR A 345 -42.48 -44.58 -33.75
N ARG A 346 -41.62 -44.71 -32.74
CA ARG A 346 -41.77 -45.73 -31.71
C ARG A 346 -42.57 -45.24 -30.51
N PHE A 347 -43.08 -44.00 -30.55
CA PHE A 347 -43.78 -43.44 -29.41
C PHE A 347 -44.87 -44.38 -28.92
N ALA A 348 -44.89 -44.62 -27.62
CA ALA A 348 -45.86 -45.50 -27.00
C ALA A 348 -46.39 -44.84 -25.73
N SER A 349 -47.23 -45.57 -25.00
CA SER A 349 -47.85 -45.02 -23.81
C SER A 349 -46.82 -44.85 -22.70
N VAL A 350 -47.31 -44.40 -21.53
CA VAL A 350 -46.42 -44.13 -20.40
C VAL A 350 -45.74 -45.40 -19.92
N TYR A 351 -46.44 -46.54 -19.98
CA TYR A 351 -45.86 -47.78 -19.49
C TYR A 351 -44.54 -48.11 -20.20
N ALA A 352 -44.40 -47.67 -21.45
CA ALA A 352 -43.17 -47.90 -22.21
C ALA A 352 -42.15 -46.81 -21.92
N TRP A 353 -41.63 -46.82 -20.69
CA TRP A 353 -40.66 -45.83 -20.28
C TRP A 353 -39.34 -46.03 -21.02
N ASN A 354 -38.57 -44.95 -21.11
CA ASN A 354 -37.32 -44.97 -21.89
C ASN A 354 -36.38 -43.91 -21.33
N ARG A 355 -35.09 -44.03 -21.69
CA ARG A 355 -34.08 -43.08 -21.26
C ARG A 355 -32.90 -43.15 -22.21
N LYS A 356 -32.59 -42.01 -22.83
CA LYS A 356 -31.44 -41.89 -23.72
C LYS A 356 -30.49 -40.84 -23.15
N ARG A 357 -29.19 -41.14 -23.24
CA ARG A 357 -28.15 -40.23 -22.79
C ARG A 357 -27.53 -39.53 -24.00
N ILE A 358 -27.48 -38.19 -23.94
CA ILE A 358 -26.97 -37.36 -25.02
C ILE A 358 -25.74 -36.64 -24.51
N SER A 359 -24.63 -36.75 -25.25
CA SER A 359 -23.38 -36.13 -24.84
C SER A 359 -22.69 -35.53 -26.06
N ASN A 360 -21.99 -34.42 -25.84
CA ASN A 360 -21.12 -33.81 -26.84
C ASN A 360 -21.91 -33.45 -28.11
N CYS A 361 -22.82 -32.50 -27.96
CA CYS A 361 -23.56 -31.97 -29.10
C CYS A 361 -23.96 -30.53 -28.80
N VAL A 362 -24.20 -29.78 -29.88
CA VAL A 362 -24.66 -28.40 -29.78
C VAL A 362 -26.16 -28.41 -30.01
N ALA A 363 -26.91 -28.05 -28.97
CA ALA A 363 -28.36 -28.18 -29.00
C ALA A 363 -29.00 -27.01 -29.75
N ASP A 364 -30.34 -26.98 -29.72
CA ASP A 364 -31.14 -25.97 -30.40
C ASP A 364 -32.23 -25.46 -29.46
N TYR A 365 -31.84 -25.09 -28.23
CA TYR A 365 -32.80 -24.63 -27.23
C TYR A 365 -33.70 -23.53 -27.78
N SER A 366 -33.12 -22.56 -28.50
CA SER A 366 -33.93 -21.45 -29.00
C SER A 366 -34.98 -21.94 -29.99
N VAL A 367 -34.59 -22.85 -30.89
CA VAL A 367 -35.54 -23.36 -31.88
C VAL A 367 -36.67 -24.12 -31.19
N LEU A 368 -36.34 -24.95 -30.21
CA LEU A 368 -37.37 -25.68 -29.48
C LEU A 368 -38.30 -24.74 -28.74
N TYR A 369 -37.74 -23.69 -28.12
CA TYR A 369 -38.56 -22.75 -27.36
C TYR A 369 -39.51 -21.99 -28.27
N ASN A 370 -39.02 -21.51 -29.42
CA ASN A 370 -39.85 -20.69 -30.29
C ASN A 370 -40.70 -21.52 -31.25
N SER A 371 -40.52 -22.84 -31.28
CA SER A 371 -41.36 -23.69 -32.11
C SER A 371 -42.81 -23.65 -31.63
N ALA A 372 -43.74 -23.55 -32.58
CA ALA A 372 -45.16 -23.47 -32.26
C ALA A 372 -45.84 -24.83 -32.24
N SER A 373 -45.21 -25.86 -32.80
CA SER A 373 -45.83 -27.19 -32.82
C SER A 373 -46.02 -27.72 -31.40
N PHE A 374 -45.06 -27.49 -30.52
CA PHE A 374 -45.10 -28.02 -29.17
C PHE A 374 -46.16 -27.28 -28.35
N SER A 375 -47.14 -28.03 -27.83
CA SER A 375 -48.28 -27.39 -27.18
C SER A 375 -47.87 -26.67 -25.90
N THR A 376 -47.15 -27.36 -25.01
CA THR A 376 -46.82 -26.84 -23.70
C THR A 376 -45.32 -26.93 -23.47
N PHE A 377 -44.72 -25.83 -23.01
CA PHE A 377 -43.31 -25.79 -22.62
C PHE A 377 -43.23 -25.04 -21.30
N LYS A 378 -43.39 -25.77 -20.20
CA LYS A 378 -43.24 -25.23 -18.85
C LYS A 378 -42.01 -25.87 -18.23
N CYS A 379 -41.08 -25.03 -17.78
CA CYS A 379 -39.78 -25.50 -17.33
C CYS A 379 -39.49 -25.00 -15.93
N TYR A 380 -38.81 -25.83 -15.14
CA TYR A 380 -38.60 -25.60 -13.72
C TYR A 380 -37.15 -25.23 -13.46
N GLY A 381 -36.92 -24.48 -12.38
CA GLY A 381 -35.58 -24.20 -11.90
C GLY A 381 -34.80 -23.15 -12.67
N VAL A 382 -35.15 -22.89 -13.93
CA VAL A 382 -34.41 -21.94 -14.73
C VAL A 382 -35.34 -21.43 -15.83
N SER A 383 -35.30 -20.12 -16.06
CA SER A 383 -36.12 -19.53 -17.11
C SER A 383 -35.62 -19.98 -18.49
N PRO A 384 -36.52 -20.18 -19.45
CA PRO A 384 -36.04 -20.58 -20.80
C PRO A 384 -35.02 -19.62 -21.38
N THR A 385 -35.21 -18.31 -21.17
CA THR A 385 -34.23 -17.35 -21.66
C THR A 385 -32.88 -17.55 -20.99
N LYS A 386 -32.87 -17.74 -19.67
CA LYS A 386 -31.64 -18.06 -18.97
C LYS A 386 -31.23 -19.50 -19.20
N LEU A 387 -32.18 -20.36 -19.57
CA LEU A 387 -31.86 -21.76 -19.83
C LEU A 387 -30.90 -21.89 -21.00
N ASN A 388 -31.06 -21.05 -22.03
CA ASN A 388 -30.17 -21.10 -23.17
C ASN A 388 -28.73 -20.75 -22.81
N ASP A 389 -28.52 -19.69 -22.03
CA ASP A 389 -27.18 -19.27 -21.65
C ASP A 389 -26.52 -20.25 -20.68
N LEU A 390 -27.22 -20.66 -19.63
CA LEU A 390 -26.74 -21.65 -18.67
C LEU A 390 -26.94 -23.05 -19.25
N CYS A 391 -26.21 -24.01 -18.70
CA CYS A 391 -26.41 -25.41 -19.05
C CYS A 391 -25.58 -26.30 -18.14
N PHE A 392 -25.74 -27.61 -18.34
CA PHE A 392 -25.27 -28.60 -17.38
C PHE A 392 -24.43 -29.65 -18.11
N THR A 393 -24.11 -30.73 -17.40
CA THR A 393 -23.21 -31.74 -17.93
C THR A 393 -23.86 -32.52 -19.08
N ASN A 394 -25.04 -33.10 -18.83
CA ASN A 394 -25.67 -33.98 -19.80
C ASN A 394 -27.18 -33.82 -19.70
N VAL A 395 -27.87 -34.31 -20.74
CA VAL A 395 -29.32 -34.21 -20.84
C VAL A 395 -29.88 -35.59 -21.15
N TYR A 396 -30.98 -35.95 -20.49
CA TYR A 396 -31.69 -37.19 -20.73
C TYR A 396 -33.02 -36.88 -21.41
N ALA A 397 -33.47 -37.80 -22.27
CA ALA A 397 -34.64 -37.54 -23.11
C ALA A 397 -35.76 -38.54 -22.84
N ASP A 398 -36.08 -38.77 -21.58
CA ASP A 398 -37.20 -39.66 -21.23
C ASP A 398 -38.47 -39.20 -21.94
N SER A 399 -39.03 -40.04 -22.80
CA SER A 399 -40.20 -39.70 -23.60
C SER A 399 -41.22 -40.81 -23.55
N PHE A 400 -42.49 -40.44 -23.71
CA PHE A 400 -43.59 -41.39 -23.73
C PHE A 400 -44.87 -40.62 -24.02
N VAL A 401 -45.94 -41.36 -24.29
CA VAL A 401 -47.26 -40.82 -24.56
C VAL A 401 -48.15 -41.07 -23.35
N ILE A 402 -48.91 -40.06 -22.95
CA ILE A 402 -49.79 -40.15 -21.79
C ILE A 402 -51.10 -39.44 -22.11
N ARG A 403 -52.13 -39.78 -21.35
CA ARG A 403 -53.44 -39.17 -21.53
C ARG A 403 -53.38 -37.67 -21.22
N GLY A 404 -54.19 -36.91 -21.94
CA GLY A 404 -54.17 -35.46 -21.76
C GLY A 404 -54.50 -35.06 -20.33
N ASP A 405 -55.53 -35.68 -19.75
CA ASP A 405 -55.89 -35.37 -18.37
C ASP A 405 -54.79 -35.76 -17.39
N GLU A 406 -53.94 -36.72 -17.75
CA GLU A 406 -52.86 -37.17 -16.87
C GLU A 406 -51.59 -36.34 -17.04
N VAL A 407 -51.53 -35.46 -18.03
CA VAL A 407 -50.34 -34.63 -18.20
C VAL A 407 -50.20 -33.65 -17.04
N ARG A 408 -51.33 -33.16 -16.51
CA ARG A 408 -51.26 -32.19 -15.42
C ARG A 408 -50.58 -32.78 -14.19
N GLN A 409 -50.80 -34.07 -13.93
CA GLN A 409 -50.23 -34.71 -12.75
C GLN A 409 -48.70 -34.77 -12.80
N ILE A 410 -48.09 -34.56 -13.96
CA ILE A 410 -46.64 -34.62 -14.07
C ILE A 410 -46.05 -33.35 -13.47
N ALA A 411 -45.34 -33.51 -12.35
CA ALA A 411 -44.70 -32.38 -11.67
C ALA A 411 -43.83 -32.90 -10.53
N PRO A 412 -42.80 -32.15 -10.12
CA PRO A 412 -41.94 -32.63 -9.03
C PRO A 412 -42.62 -32.60 -7.68
N GLY A 413 -42.85 -33.78 -7.09
CA GLY A 413 -43.46 -33.87 -5.79
C GLY A 413 -44.97 -33.81 -5.77
N GLN A 414 -45.61 -33.64 -6.92
CA GLN A 414 -47.07 -33.58 -6.97
C GLN A 414 -47.65 -34.97 -6.74
N THR A 415 -48.75 -35.02 -6.01
CA THR A 415 -49.43 -36.28 -5.73
C THR A 415 -50.37 -36.64 -6.88
N GLY A 416 -50.26 -37.88 -7.35
CA GLY A 416 -51.11 -38.34 -8.43
C GLY A 416 -50.75 -39.76 -8.81
N LYS A 417 -51.63 -40.36 -9.61
CA LYS A 417 -51.42 -41.73 -10.06
C LYS A 417 -50.13 -41.85 -10.85
N ILE A 418 -49.93 -40.96 -11.83
CA ILE A 418 -48.73 -41.00 -12.64
C ILE A 418 -47.50 -40.69 -11.79
N ALA A 419 -47.60 -39.66 -10.95
CA ALA A 419 -46.45 -39.21 -10.18
C ALA A 419 -46.01 -40.22 -9.12
N ASP A 420 -46.84 -41.22 -8.80
CA ASP A 420 -46.51 -42.18 -7.75
C ASP A 420 -46.35 -43.60 -8.28
N TYR A 421 -47.36 -44.12 -8.98
CA TYR A 421 -47.36 -45.52 -9.40
C TYR A 421 -46.76 -45.75 -10.78
N ASN A 422 -46.47 -44.69 -11.53
CA ASN A 422 -45.91 -44.83 -12.88
C ASN A 422 -44.51 -44.25 -12.98
N TYR A 423 -44.33 -42.98 -12.61
CA TYR A 423 -43.01 -42.34 -12.71
C TYR A 423 -43.05 -41.05 -11.89
N LYS A 424 -42.04 -40.87 -11.05
CA LYS A 424 -41.97 -39.72 -10.15
C LYS A 424 -40.73 -38.90 -10.46
N LEU A 425 -40.85 -37.57 -10.28
CA LEU A 425 -39.74 -36.67 -10.45
C LEU A 425 -39.20 -36.22 -9.11
N PRO A 426 -37.88 -35.99 -8.99
CA PRO A 426 -37.34 -35.55 -7.70
C PRO A 426 -37.85 -34.16 -7.32
N ASP A 427 -37.93 -33.92 -6.01
CA ASP A 427 -38.41 -32.62 -5.52
C ASP A 427 -37.55 -31.48 -6.02
N ASP A 428 -36.24 -31.70 -6.18
CA ASP A 428 -35.32 -30.68 -6.70
C ASP A 428 -34.97 -30.96 -8.16
N PHE A 429 -35.94 -31.43 -8.94
CA PHE A 429 -35.69 -31.82 -10.32
C PHE A 429 -35.08 -30.66 -11.11
N THR A 430 -33.84 -30.85 -11.57
CA THR A 430 -33.15 -29.91 -12.43
C THR A 430 -33.43 -30.35 -13.86
N GLY A 431 -34.15 -29.51 -14.60
CA GLY A 431 -34.59 -29.87 -15.93
C GLY A 431 -36.07 -29.58 -16.06
N CYS A 432 -36.68 -30.17 -17.08
CA CYS A 432 -38.09 -29.96 -17.37
C CYS A 432 -38.55 -30.81 -18.54
N VAL A 433 -39.86 -30.77 -18.80
CA VAL A 433 -40.54 -31.68 -19.73
C VAL A 433 -41.17 -30.85 -20.83
N ILE A 434 -41.40 -31.49 -21.97
CA ILE A 434 -42.06 -30.87 -23.12
C ILE A 434 -43.09 -31.88 -23.63
N ALA A 435 -44.30 -31.41 -23.91
CA ALA A 435 -45.39 -32.27 -24.35
C ALA A 435 -46.21 -31.59 -25.43
N TRP A 436 -46.85 -32.38 -26.27
CA TRP A 436 -47.74 -31.88 -27.31
C TRP A 436 -48.74 -32.95 -27.67
N ASN A 437 -49.86 -32.52 -28.26
CA ASN A 437 -50.91 -33.46 -28.65
C ASN A 437 -50.51 -34.22 -29.90
N SER A 438 -50.89 -35.51 -29.94
CA SER A 438 -50.62 -36.38 -31.07
C SER A 438 -51.89 -37.05 -31.58
N ASN A 439 -53.04 -36.42 -31.36
CA ASN A 439 -54.31 -37.00 -31.78
C ASN A 439 -54.38 -37.18 -33.29
N ASN A 440 -53.59 -36.43 -34.06
CA ASN A 440 -53.68 -36.51 -35.51
C ASN A 440 -53.32 -37.91 -36.02
N LEU A 441 -52.27 -38.51 -35.47
CA LEU A 441 -51.77 -39.79 -35.95
C LEU A 441 -51.87 -40.93 -34.93
N ASP A 442 -51.83 -40.62 -33.64
CA ASP A 442 -51.85 -41.66 -32.62
C ASP A 442 -53.25 -42.12 -32.25
N SER A 443 -54.29 -41.52 -32.82
CA SER A 443 -55.67 -41.88 -32.53
C SER A 443 -56.29 -42.76 -33.60
N LYS A 444 -55.49 -43.24 -34.57
CA LYS A 444 -56.04 -44.10 -35.62
C LYS A 444 -56.62 -45.38 -35.04
N VAL A 445 -55.83 -46.09 -34.23
CA VAL A 445 -56.27 -47.31 -33.58
C VAL A 445 -55.90 -47.22 -32.10
N GLY A 446 -56.90 -47.31 -31.24
CA GLY A 446 -56.68 -47.25 -29.80
C GLY A 446 -56.50 -48.62 -29.17
N GLY A 447 -56.88 -49.67 -29.89
CA GLY A 447 -56.80 -51.02 -29.39
C GLY A 447 -55.45 -51.69 -29.54
N ASN A 448 -54.47 -51.00 -30.11
CA ASN A 448 -53.15 -51.60 -30.28
C ASN A 448 -52.45 -51.76 -28.94
N TYR A 449 -51.46 -52.67 -28.92
CA TYR A 449 -50.73 -52.96 -27.69
C TYR A 449 -49.79 -51.83 -27.27
N ASN A 450 -49.59 -50.83 -28.12
CA ASN A 450 -48.68 -49.73 -27.81
C ASN A 450 -49.29 -48.70 -26.88
N TYR A 451 -50.58 -48.80 -26.56
CA TYR A 451 -51.27 -47.82 -25.72
C TYR A 451 -51.68 -48.40 -24.36
N LEU A 452 -50.92 -49.37 -23.85
CA LEU A 452 -51.22 -49.91 -22.53
C LEU A 452 -50.89 -48.90 -21.44
N TYR A 453 -51.51 -49.08 -20.28
CA TYR A 453 -51.35 -48.14 -19.18
C TYR A 453 -51.51 -48.88 -17.87
N ARG A 454 -50.69 -48.52 -16.88
CA ARG A 454 -50.73 -49.08 -15.54
C ARG A 454 -51.28 -48.06 -14.57
N LEU A 455 -52.17 -48.50 -13.68
CA LEU A 455 -52.90 -47.60 -12.80
C LEU A 455 -52.44 -47.68 -11.35
N PHE A 456 -52.43 -48.87 -10.76
CA PHE A 456 -52.20 -49.03 -9.33
C PHE A 456 -50.87 -49.72 -9.07
N ARG A 457 -50.18 -49.28 -8.02
CA ARG A 457 -48.93 -49.88 -7.58
C ARG A 457 -48.94 -49.97 -6.06
N LYS A 458 -48.08 -50.85 -5.52
CA LYS A 458 -48.06 -51.07 -4.08
C LYS A 458 -47.73 -49.79 -3.33
N SER A 459 -46.75 -49.03 -3.81
CA SER A 459 -46.33 -47.80 -3.16
C SER A 459 -45.82 -46.83 -4.21
N ASN A 460 -45.46 -45.63 -3.76
CA ASN A 460 -44.95 -44.61 -4.67
C ASN A 460 -43.58 -45.01 -5.21
N LEU A 461 -43.20 -44.40 -6.32
CA LEU A 461 -41.95 -44.69 -6.99
C LEU A 461 -40.93 -43.61 -6.70
N LYS A 462 -39.66 -44.02 -6.58
CA LYS A 462 -38.58 -43.10 -6.32
C LYS A 462 -38.30 -42.26 -7.56
N PRO A 463 -37.59 -41.14 -7.41
CA PRO A 463 -37.33 -40.28 -8.56
C PRO A 463 -36.59 -41.04 -9.66
N PHE A 464 -36.97 -40.76 -10.90
CA PHE A 464 -36.42 -41.35 -12.12
C PHE A 464 -36.82 -42.81 -12.30
N GLU A 465 -37.57 -43.39 -11.36
CA GLU A 465 -37.99 -44.78 -11.51
C GLU A 465 -38.98 -44.90 -12.67
N ARG A 466 -38.87 -46.01 -13.41
CA ARG A 466 -39.70 -46.25 -14.57
C ARG A 466 -41.02 -46.91 -14.14
N ASP A 467 -41.84 -47.25 -15.14
CA ASP A 467 -43.12 -47.89 -14.91
C ASP A 467 -43.03 -49.36 -15.28
N ILE A 468 -43.53 -50.23 -14.41
CA ILE A 468 -43.49 -51.67 -14.60
C ILE A 468 -44.93 -52.17 -14.75
N SER A 469 -45.18 -52.94 -15.80
CA SER A 469 -46.51 -53.41 -16.14
C SER A 469 -46.82 -54.78 -15.54
N THR A 470 -45.93 -55.33 -14.73
CA THR A 470 -46.14 -56.66 -14.14
C THR A 470 -46.04 -56.58 -12.62
N GLU A 471 -46.72 -55.61 -12.03
CA GLU A 471 -46.77 -55.44 -10.59
C GLU A 471 -48.19 -55.66 -10.10
N ILE A 472 -48.33 -56.45 -9.05
CA ILE A 472 -49.63 -56.79 -8.48
C ILE A 472 -50.00 -55.75 -7.44
N TYR A 473 -51.31 -55.48 -7.33
CA TYR A 473 -51.83 -54.54 -6.36
C TYR A 473 -52.89 -55.24 -5.50
N GLN A 474 -52.95 -54.87 -4.23
CA GLN A 474 -53.88 -55.47 -3.28
C GLN A 474 -54.67 -54.37 -2.58
N ALA A 475 -55.89 -54.72 -2.18
CA ALA A 475 -56.76 -53.81 -1.46
C ALA A 475 -57.31 -54.37 -0.16
N GLY A 476 -57.31 -55.69 0.03
CA GLY A 476 -57.79 -56.30 1.25
C GLY A 476 -56.68 -56.51 2.26
N SER A 477 -57.08 -57.09 3.40
CA SER A 477 -56.14 -57.38 4.48
C SER A 477 -55.62 -58.82 4.37
N THR A 478 -54.99 -59.10 3.24
CA THR A 478 -54.42 -60.42 3.00
C THR A 478 -53.38 -60.35 1.88
N PRO A 479 -52.18 -60.88 2.08
CA PRO A 479 -51.20 -60.89 0.98
C PRO A 479 -51.69 -61.71 -0.19
N CYS A 480 -51.28 -61.29 -1.39
CA CYS A 480 -51.69 -62.00 -2.60
C CYS A 480 -51.04 -63.37 -2.66
N ASN A 481 -51.84 -64.40 -2.88
CA ASN A 481 -51.35 -65.77 -2.99
C ASN A 481 -51.78 -66.45 -4.28
N GLY A 482 -53.00 -66.21 -4.73
CA GLY A 482 -53.51 -66.82 -5.96
C GLY A 482 -53.12 -66.01 -7.18
N VAL A 483 -53.64 -66.47 -8.33
CA VAL A 483 -53.39 -65.84 -9.62
C VAL A 483 -54.73 -65.51 -10.26
N GLU A 484 -54.87 -64.27 -10.73
CA GLU A 484 -56.06 -63.85 -11.45
C GLU A 484 -57.31 -63.92 -10.58
N GLY A 485 -57.71 -65.13 -10.18
CA GLY A 485 -58.92 -65.31 -9.42
C GLY A 485 -58.83 -64.85 -7.98
N PHE A 486 -57.64 -64.59 -7.47
CA PHE A 486 -57.49 -64.12 -6.10
C PHE A 486 -58.03 -62.70 -5.96
N ASN A 487 -58.08 -62.24 -4.71
CA ASN A 487 -58.54 -60.88 -4.45
C ASN A 487 -57.70 -59.84 -5.16
N CYS A 488 -56.45 -60.14 -5.47
CA CYS A 488 -55.57 -59.23 -6.20
C CYS A 488 -55.73 -59.48 -7.70
N TYR A 489 -55.59 -58.40 -8.48
CA TYR A 489 -55.72 -58.48 -9.93
C TYR A 489 -54.62 -57.68 -10.60
N PHE A 490 -54.73 -57.50 -11.93
CA PHE A 490 -53.74 -56.76 -12.69
C PHE A 490 -54.28 -55.38 -12.99
N PRO A 491 -53.79 -54.31 -12.36
CA PRO A 491 -54.31 -52.95 -12.66
C PRO A 491 -53.69 -52.37 -13.93
N LEU A 492 -54.03 -52.97 -15.07
CA LEU A 492 -53.51 -52.55 -16.36
C LEU A 492 -54.66 -52.38 -17.34
N GLN A 493 -54.61 -51.32 -18.13
CA GLN A 493 -55.64 -51.03 -19.11
CA GLN A 493 -55.64 -51.03 -19.11
C GLN A 493 -55.04 -50.24 -20.26
N SER A 494 -55.73 -50.25 -21.38
CA SER A 494 -55.29 -49.54 -22.58
C SER A 494 -56.05 -48.23 -22.71
N TYR A 495 -55.33 -47.15 -23.00
CA TYR A 495 -55.96 -45.84 -23.13
C TYR A 495 -57.09 -45.85 -24.14
N GLY A 496 -56.94 -46.61 -25.23
CA GLY A 496 -57.96 -46.64 -26.26
C GLY A 496 -58.18 -45.29 -26.90
N PHE A 497 -57.14 -44.76 -27.55
CA PHE A 497 -57.20 -43.44 -28.17
C PHE A 497 -58.02 -43.54 -29.46
N GLN A 498 -59.33 -43.57 -29.29
CA GLN A 498 -60.23 -43.63 -30.43
C GLN A 498 -60.27 -42.28 -31.15
N PRO A 499 -60.65 -42.27 -32.43
CA PRO A 499 -60.70 -40.98 -33.15
C PRO A 499 -61.64 -39.98 -32.52
N THR A 500 -62.74 -40.43 -31.92
CA THR A 500 -63.74 -39.54 -31.34
C THR A 500 -63.58 -39.41 -29.82
N ASN A 501 -62.36 -39.47 -29.32
CA ASN A 501 -62.11 -39.31 -27.90
C ASN A 501 -62.12 -37.84 -27.51
N GLY A 502 -62.26 -37.59 -26.22
CA GLY A 502 -62.29 -36.23 -25.71
C GLY A 502 -60.92 -35.60 -25.72
N VAL A 503 -60.90 -34.29 -25.45
CA VAL A 503 -59.64 -33.54 -25.44
C VAL A 503 -58.71 -34.10 -24.39
N GLY A 504 -59.23 -34.35 -23.18
CA GLY A 504 -58.40 -34.93 -22.14
C GLY A 504 -57.97 -36.35 -22.45
N TYR A 505 -58.86 -37.12 -23.08
CA TYR A 505 -58.58 -38.51 -23.40
C TYR A 505 -57.72 -38.67 -24.66
N GLN A 506 -57.47 -37.59 -25.39
CA GLN A 506 -56.66 -37.70 -26.59
C GLN A 506 -55.20 -37.97 -26.23
N PRO A 507 -54.44 -38.59 -27.14
CA PRO A 507 -53.03 -38.86 -26.86
C PRO A 507 -52.21 -37.58 -26.79
N TYR A 508 -51.14 -37.63 -26.01
CA TYR A 508 -50.24 -36.49 -25.84
C TYR A 508 -48.82 -37.02 -25.71
N ARG A 509 -48.00 -36.82 -26.75
CA ARG A 509 -46.61 -37.24 -26.71
C ARG A 509 -45.84 -36.32 -25.77
N VAL A 510 -45.29 -36.91 -24.71
CA VAL A 510 -44.57 -36.17 -23.68
C VAL A 510 -43.10 -36.56 -23.73
N VAL A 511 -42.22 -35.57 -23.88
CA VAL A 511 -40.79 -35.78 -23.91
C VAL A 511 -40.17 -35.00 -22.77
N VAL A 512 -39.39 -35.69 -21.92
CA VAL A 512 -38.79 -35.08 -20.75
C VAL A 512 -37.32 -34.82 -21.00
N LEU A 513 -36.91 -33.56 -20.94
CA LEU A 513 -35.51 -33.18 -21.13
C LEU A 513 -34.96 -32.75 -19.78
N SER A 514 -34.27 -33.66 -19.09
CA SER A 514 -33.72 -33.41 -17.77
C SER A 514 -32.23 -33.15 -17.87
N PHE A 515 -31.78 -32.04 -17.29
CA PHE A 515 -30.38 -31.64 -17.32
C PHE A 515 -29.76 -31.88 -15.95
N GLU A 516 -28.60 -32.52 -15.93
CA GLU A 516 -27.87 -32.82 -14.71
C GLU A 516 -26.44 -32.31 -14.83
N LEU A 517 -25.94 -31.74 -13.74
CA LEU A 517 -24.58 -31.21 -13.68
C LEU A 517 -23.74 -32.09 -12.77
N LEU A 518 -22.56 -32.46 -13.24
CA LEU A 518 -21.64 -33.29 -12.48
C LEU A 518 -20.24 -32.66 -12.57
N HIS A 519 -19.25 -33.37 -12.01
CA HIS A 519 -17.89 -32.88 -12.05
C HIS A 519 -17.38 -32.76 -13.49
N ALA A 520 -17.98 -33.50 -14.42
CA ALA A 520 -17.57 -33.44 -15.80
C ALA A 520 -17.93 -32.09 -16.42
N PRO A 521 -17.18 -31.67 -17.45
CA PRO A 521 -17.48 -30.37 -18.07
C PRO A 521 -18.84 -30.37 -18.75
N ALA A 522 -19.44 -29.18 -18.85
CA ALA A 522 -20.71 -29.00 -19.55
C ALA A 522 -20.45 -29.08 -21.06
N THR A 523 -20.99 -30.13 -21.67
CA THR A 523 -20.70 -30.39 -23.08
C THR A 523 -21.92 -30.13 -23.96
N VAL A 524 -23.12 -30.43 -23.47
CA VAL A 524 -24.32 -30.39 -24.29
C VAL A 524 -25.17 -29.19 -23.90
N CYS A 525 -25.26 -28.21 -24.80
CA CYS A 525 -26.24 -27.14 -24.69
C CYS A 525 -26.17 -26.23 -25.91
N GLY A 526 -27.01 -25.20 -25.91
CA GLY A 526 -27.33 -24.45 -27.09
C GLY A 526 -26.13 -23.88 -27.82
N PRO A 527 -26.39 -23.27 -28.99
CA PRO A 527 -25.29 -22.80 -29.83
C PRO A 527 -24.66 -21.51 -29.30
N LYS A 528 -23.67 -21.03 -30.03
CA LYS A 528 -22.98 -19.79 -29.71
C LYS A 528 -23.26 -18.78 -30.81
N LYS A 529 -24.15 -17.82 -30.54
CA LYS A 529 -24.52 -16.82 -31.53
C LYS A 529 -23.29 -16.04 -31.98
N SER A 530 -23.17 -15.83 -33.28
CA SER A 530 -22.06 -15.12 -33.88
C SER A 530 -22.56 -13.89 -34.62
N THR A 531 -21.62 -13.13 -35.20
CA THR A 531 -21.96 -11.94 -35.95
C THR A 531 -20.96 -11.76 -37.08
N ASN A 532 -21.12 -10.68 -37.84
CA ASN A 532 -20.24 -10.39 -38.96
C ASN A 532 -18.85 -10.03 -38.46
N LEU A 533 -17.92 -9.78 -39.39
CA LEU A 533 -16.55 -9.41 -39.05
C LEU A 533 -16.29 -7.97 -39.47
N VAL A 534 -15.55 -7.26 -38.62
CA VAL A 534 -15.23 -5.85 -38.84
C VAL A 534 -13.71 -5.70 -38.85
N LYS A 535 -13.20 -4.95 -39.82
CA LYS A 535 -11.77 -4.72 -39.97
C LYS A 535 -11.49 -3.23 -40.05
N ASN A 536 -10.28 -2.85 -39.64
CA ASN A 536 -9.83 -1.46 -39.69
C ASN A 536 -10.77 -0.55 -38.91
N LYS A 537 -11.23 -1.03 -37.75
CA LYS A 537 -12.12 -0.24 -36.90
C LYS A 537 -11.96 -0.71 -35.46
N CYS A 538 -12.11 0.23 -34.54
CA CYS A 538 -12.01 -0.07 -33.11
C CYS A 538 -13.34 -0.66 -32.65
N VAL A 539 -13.37 -1.97 -32.44
CA VAL A 539 -14.59 -2.67 -32.06
C VAL A 539 -14.25 -3.71 -30.99
N ASN A 540 -15.10 -3.81 -29.98
CA ASN A 540 -14.94 -4.83 -28.96
C ASN A 540 -15.14 -6.21 -29.60
N PHE A 541 -14.27 -7.16 -29.24
CA PHE A 541 -14.29 -8.49 -29.83
C PHE A 541 -14.35 -9.55 -28.73
N ASN A 542 -15.03 -10.65 -29.04
CA ASN A 542 -15.13 -11.80 -28.15
C ASN A 542 -14.85 -13.05 -29.00
N PHE A 543 -13.57 -13.41 -29.10
CA PHE A 543 -13.14 -14.54 -29.92
C PHE A 543 -13.07 -15.79 -29.04
N ASN A 544 -14.09 -16.62 -29.16
CA ASN A 544 -14.14 -17.91 -28.44
C ASN A 544 -13.91 -17.72 -26.94
N GLY A 545 -14.56 -16.70 -26.39
CA GLY A 545 -14.47 -16.41 -24.97
C GLY A 545 -13.37 -15.44 -24.58
N LEU A 546 -12.51 -15.06 -25.53
CA LEU A 546 -11.44 -14.11 -25.26
C LEU A 546 -11.98 -12.70 -25.47
N THR A 547 -12.09 -11.93 -24.38
CA THR A 547 -12.63 -10.58 -24.44
C THR A 547 -11.51 -9.55 -24.54
N GLY A 548 -11.76 -8.53 -25.36
CA GLY A 548 -10.79 -7.47 -25.52
C GLY A 548 -11.31 -6.43 -26.51
N THR A 549 -10.53 -5.36 -26.65
CA THR A 549 -10.89 -4.27 -27.56
C THR A 549 -9.69 -3.89 -28.43
N GLY A 550 -9.92 -3.67 -29.71
CA GLY A 550 -8.84 -3.32 -30.61
C GLY A 550 -9.33 -3.20 -32.03
N VAL A 551 -8.38 -3.14 -32.95
CA VAL A 551 -8.67 -3.00 -34.38
C VAL A 551 -8.21 -4.30 -35.05
N LEU A 552 -9.11 -4.95 -35.76
CA LEU A 552 -8.77 -6.19 -36.45
C LEU A 552 -8.28 -5.90 -37.86
N THR A 553 -7.16 -6.52 -38.21
CA THR A 553 -6.57 -6.34 -39.53
C THR A 553 -5.91 -7.64 -39.97
N GLU A 554 -5.82 -7.82 -41.28
CA GLU A 554 -5.20 -9.03 -41.82
C GLU A 554 -3.74 -9.12 -41.37
N SER A 555 -3.31 -10.32 -41.02
CA SER A 555 -1.96 -10.57 -40.54
C SER A 555 -1.23 -11.49 -41.50
N ASN A 556 -0.04 -11.08 -41.92
CA ASN A 556 0.75 -11.89 -42.84
C ASN A 556 1.17 -13.21 -42.19
N LYS A 557 1.58 -13.17 -40.93
CA LYS A 557 2.02 -14.38 -40.24
C LYS A 557 0.86 -15.36 -40.12
N LYS A 558 1.17 -16.65 -40.25
CA LYS A 558 0.19 -17.72 -40.20
C LYS A 558 0.40 -18.57 -38.96
N PHE A 559 -0.69 -18.87 -38.25
CA PHE A 559 -0.64 -19.69 -37.05
C PHE A 559 -0.62 -21.17 -37.44
N LEU A 560 -0.29 -22.03 -36.48
CA LEU A 560 -0.35 -23.47 -36.72
C LEU A 560 -1.81 -23.93 -36.73
N PRO A 561 -2.09 -25.11 -37.29
CA PRO A 561 -3.48 -25.58 -37.36
C PRO A 561 -4.15 -25.66 -36.00
N PHE A 562 -3.37 -26.00 -34.96
CA PHE A 562 -3.90 -26.17 -33.62
C PHE A 562 -3.81 -24.92 -32.75
N GLN A 563 -3.06 -23.90 -33.16
CA GLN A 563 -2.90 -22.69 -32.38
C GLN A 563 -4.02 -21.71 -32.74
N GLN A 564 -4.75 -21.25 -31.72
CA GLN A 564 -5.86 -20.33 -31.93
C GLN A 564 -5.45 -18.88 -31.67
N PHE A 565 -4.90 -18.61 -30.49
CA PHE A 565 -4.57 -17.26 -30.08
C PHE A 565 -3.11 -16.95 -30.39
N GLY A 566 -2.69 -15.72 -30.12
CA GLY A 566 -1.31 -15.32 -30.33
C GLY A 566 -0.90 -14.19 -29.41
N ARG A 567 0.24 -14.34 -28.75
CA ARG A 567 0.71 -13.37 -27.77
C ARG A 567 2.16 -13.00 -28.06
N ASP A 568 2.53 -11.78 -27.70
CA ASP A 568 3.87 -11.28 -27.89
C ASP A 568 4.71 -11.56 -26.65
N ILE A 569 5.90 -10.95 -26.58
CA ILE A 569 6.79 -11.17 -25.44
C ILE A 569 6.11 -10.70 -24.16
N ALA A 570 5.35 -9.59 -24.24
CA ALA A 570 4.69 -9.03 -23.07
C ALA A 570 3.49 -9.83 -22.61
N ASP A 571 3.25 -11.02 -23.17
CA ASP A 571 2.13 -11.87 -22.78
C ASP A 571 0.80 -11.13 -22.99
N THR A 572 0.70 -10.42 -24.11
CA THR A 572 -0.50 -9.69 -24.49
C THR A 572 -0.97 -10.18 -25.85
N THR A 573 -2.28 -10.37 -25.98
CA THR A 573 -2.86 -10.87 -27.22
C THR A 573 -2.51 -9.95 -28.39
N ASP A 574 -1.73 -10.45 -29.35
CA ASP A 574 -1.34 -9.68 -30.52
C ASP A 574 -2.14 -10.03 -31.75
N ALA A 575 -2.55 -11.28 -31.91
CA ALA A 575 -3.36 -11.71 -33.05
C ALA A 575 -4.21 -12.89 -32.60
N VAL A 576 -5.32 -13.10 -33.31
CA VAL A 576 -6.24 -14.18 -33.01
C VAL A 576 -6.76 -14.78 -34.31
N ARG A 577 -6.93 -16.10 -34.33
CA ARG A 577 -7.43 -16.81 -35.51
C ARG A 577 -8.95 -16.86 -35.45
N ASP A 578 -9.60 -16.46 -36.53
CA ASP A 578 -11.05 -16.49 -36.61
C ASP A 578 -11.53 -17.94 -36.54
N PRO A 579 -12.42 -18.29 -35.60
CA PRO A 579 -12.86 -19.68 -35.51
C PRO A 579 -13.72 -20.12 -36.70
N GLN A 580 -14.05 -19.19 -37.59
CA GLN A 580 -14.87 -19.50 -38.76
C GLN A 580 -14.08 -19.46 -40.05
N THR A 581 -13.40 -18.35 -40.35
CA THR A 581 -12.62 -18.24 -41.58
C THR A 581 -11.21 -18.79 -41.42
N LEU A 582 -10.79 -19.12 -40.20
CA LEU A 582 -9.45 -19.66 -39.96
C LEU A 582 -8.37 -18.74 -40.52
N GLU A 583 -8.57 -17.43 -40.32
CA GLU A 583 -7.64 -16.42 -40.80
C GLU A 583 -7.09 -15.62 -39.63
N ILE A 584 -5.82 -15.27 -39.70
CA ILE A 584 -5.15 -14.53 -38.64
C ILE A 584 -5.56 -13.07 -38.74
N LEU A 585 -6.05 -12.51 -37.63
CA LEU A 585 -6.50 -11.12 -37.56
C LEU A 585 -5.66 -10.41 -36.50
N ASP A 586 -4.74 -9.57 -36.95
CA ASP A 586 -3.91 -8.79 -36.03
C ASP A 586 -4.77 -7.89 -35.17
N ILE A 587 -4.51 -7.88 -33.87
CA ILE A 587 -5.24 -7.07 -32.91
C ILE A 587 -4.28 -5.98 -32.43
N THR A 588 -4.73 -4.73 -32.53
CA THR A 588 -3.95 -3.59 -32.09
C THR A 588 -4.77 -2.72 -31.14
N PRO A 589 -4.13 -2.02 -30.21
CA PRO A 589 -4.88 -1.19 -29.28
C PRO A 589 -5.60 -0.05 -29.98
N CYS A 590 -6.74 0.34 -29.42
CA CYS A 590 -7.50 1.46 -29.98
C CYS A 590 -6.65 2.72 -29.96
N SER A 591 -6.77 3.51 -31.03
CA SER A 591 -5.97 4.73 -31.13
C SER A 591 -6.21 5.63 -29.93
N PHE A 592 -5.13 6.13 -29.34
CA PHE A 592 -5.20 6.97 -28.15
C PHE A 592 -3.97 7.87 -28.12
N GLY A 593 -3.86 8.66 -27.06
CA GLY A 593 -2.73 9.55 -26.89
C GLY A 593 -3.09 10.68 -25.93
N GLY A 594 -2.21 11.66 -25.90
CA GLY A 594 -2.40 12.83 -25.04
C GLY A 594 -2.67 14.07 -25.87
N VAL A 595 -3.64 14.86 -25.43
CA VAL A 595 -4.03 16.09 -26.10
C VAL A 595 -3.18 17.22 -25.52
N SER A 596 -2.14 17.60 -26.24
CA SER A 596 -1.24 18.68 -25.85
C SER A 596 -1.60 19.93 -26.65
N VAL A 597 -1.89 21.02 -25.96
CA VAL A 597 -2.32 22.27 -26.58
C VAL A 597 -1.11 23.19 -26.67
N ILE A 598 -0.65 23.45 -27.88
CA ILE A 598 0.47 24.36 -28.10
C ILE A 598 -0.08 25.77 -28.19
N THR A 599 0.44 26.68 -27.36
CA THR A 599 -0.03 28.04 -27.33
C THR A 599 1.08 28.96 -26.84
N PRO A 600 1.29 30.13 -27.46
CA PRO A 600 2.27 31.07 -26.91
C PRO A 600 1.73 31.77 -25.67
N GLY A 601 2.47 32.74 -25.14
CA GLY A 601 2.02 33.48 -23.98
C GLY A 601 0.65 34.11 -24.21
N THR A 602 -0.24 33.97 -23.23
CA THR A 602 -1.58 34.52 -23.38
C THR A 602 -1.54 36.01 -23.69
N ASN A 603 -0.62 36.74 -23.05
CA ASN A 603 -0.47 38.16 -23.35
C ASN A 603 -0.04 38.38 -24.80
N THR A 604 0.85 37.52 -25.32
CA THR A 604 1.34 37.69 -26.67
C THR A 604 0.21 37.57 -27.69
N SER A 605 -0.66 36.58 -27.54
CA SER A 605 -1.75 36.35 -28.47
C SER A 605 -2.71 35.35 -27.84
N ASN A 606 -3.71 34.94 -28.62
CA ASN A 606 -4.73 33.99 -28.16
C ASN A 606 -4.81 32.75 -29.03
N GLN A 607 -4.15 32.73 -30.19
CA GLN A 607 -4.19 31.56 -31.05
C GLN A 607 -3.53 30.37 -30.37
N VAL A 608 -4.07 29.18 -30.62
CA VAL A 608 -3.59 27.96 -30.01
C VAL A 608 -3.53 26.86 -31.08
N ALA A 609 -2.72 25.84 -30.79
CA ALA A 609 -2.60 24.67 -31.65
C ALA A 609 -2.68 23.42 -30.78
N VAL A 610 -3.24 22.35 -31.35
CA VAL A 610 -3.49 21.11 -30.63
C VAL A 610 -2.64 20.01 -31.24
N LEU A 611 -1.96 19.27 -30.38
CA LEU A 611 -1.12 18.13 -30.78
C LEU A 611 -1.67 16.87 -30.14
N TYR A 612 -1.91 15.84 -30.96
CA TYR A 612 -2.38 14.55 -30.50
C TYR A 612 -1.24 13.54 -30.68
N GLN A 613 -0.84 12.91 -29.58
CA GLN A 613 0.32 12.04 -29.62
C GLN A 613 0.02 10.73 -30.32
N ASP A 614 0.90 10.36 -31.25
CA ASP A 614 0.87 9.05 -31.91
C ASP A 614 -0.53 8.73 -32.43
N VAL A 615 -0.98 9.53 -33.39
CA VAL A 615 -2.28 9.32 -34.03
C VAL A 615 -2.24 9.99 -35.40
N ASN A 616 -2.75 9.29 -36.41
CA ASN A 616 -2.84 9.86 -37.75
C ASN A 616 -3.86 10.99 -37.75
N CYS A 617 -3.62 12.00 -38.60
CA CYS A 617 -4.49 13.17 -38.62
C CYS A 617 -5.89 12.82 -39.12
N THR A 618 -6.02 11.71 -39.85
CA THR A 618 -7.31 11.33 -40.42
C THR A 618 -8.35 11.02 -39.36
N GLU A 619 -7.98 10.33 -38.28
CA GLU A 619 -8.94 9.88 -37.29
C GLU A 619 -9.00 10.78 -36.06
N VAL A 620 -8.41 11.98 -36.11
CA VAL A 620 -8.52 12.90 -34.98
C VAL A 620 -9.97 13.21 -34.66
N PRO A 621 -10.84 13.52 -35.62
CA PRO A 621 -12.25 13.77 -35.28
C PRO A 621 -12.94 12.57 -34.67
N VAL A 622 -12.47 11.36 -34.95
CA VAL A 622 -13.12 10.15 -34.42
C VAL A 622 -13.00 10.05 -32.91
N ALA A 623 -11.92 10.59 -32.33
CA ALA A 623 -11.69 10.47 -30.90
C ALA A 623 -12.64 11.39 -30.12
N ILE A 624 -13.89 10.96 -29.97
CA ILE A 624 -14.95 11.69 -29.27
C ILE A 624 -14.94 13.20 -29.52
N HIS A 625 -14.51 13.61 -30.71
CA HIS A 625 -14.58 15.00 -31.12
C HIS A 625 -15.90 15.23 -31.85
N ALA A 626 -16.04 16.40 -32.47
CA ALA A 626 -17.26 16.75 -33.21
C ALA A 626 -18.48 16.78 -32.29
N ASP A 627 -18.24 17.01 -30.99
CA ASP A 627 -19.32 17.08 -30.01
C ASP A 627 -19.24 18.33 -29.15
N GLN A 628 -18.12 19.05 -29.16
CA GLN A 628 -17.97 20.26 -28.37
C GLN A 628 -18.45 21.46 -29.19
N LEU A 629 -18.16 22.67 -28.68
CA LEU A 629 -18.55 23.89 -29.37
C LEU A 629 -17.87 23.95 -30.74
N THR A 630 -18.67 23.84 -31.80
CA THR A 630 -18.12 23.74 -33.15
C THR A 630 -17.27 24.94 -33.55
N PRO A 631 -17.70 26.19 -33.35
CA PRO A 631 -16.89 27.33 -33.79
C PRO A 631 -15.51 27.39 -33.12
N THR A 632 -15.32 26.74 -31.98
CA THR A 632 -14.07 26.84 -31.24
C THR A 632 -13.25 25.54 -31.27
N TRP A 633 -13.88 24.40 -31.00
CA TRP A 633 -13.15 23.15 -30.87
C TRP A 633 -13.02 22.41 -32.20
N ARG A 634 -14.12 22.23 -32.94
CA ARG A 634 -14.09 21.45 -34.16
C ARG A 634 -13.17 22.07 -35.21
N VAL A 635 -12.89 23.37 -35.13
CA VAL A 635 -11.96 24.00 -36.05
C VAL A 635 -10.54 23.46 -35.92
N TYR A 636 -10.17 22.96 -34.74
CA TYR A 636 -8.86 22.39 -34.50
C TYR A 636 -8.81 20.89 -34.78
N SER A 637 -9.91 20.31 -35.27
CA SER A 637 -9.95 18.89 -35.62
C SER A 637 -9.90 18.65 -37.12
N THR A 638 -10.02 19.69 -37.94
CA THR A 638 -10.00 19.56 -39.39
C THR A 638 -9.34 20.80 -39.97
N GLY A 639 -9.44 20.95 -41.29
CA GLY A 639 -8.88 22.09 -41.99
C GLY A 639 -7.64 21.71 -42.79
N SER A 640 -7.11 22.71 -43.48
CA SER A 640 -5.92 22.55 -44.31
C SER A 640 -4.64 22.88 -43.57
N ASN A 641 -4.72 23.22 -42.29
CA ASN A 641 -3.56 23.54 -41.48
C ASN A 641 -3.01 22.34 -40.71
N VAL A 642 -3.57 21.16 -40.93
CA VAL A 642 -3.13 19.96 -40.22
C VAL A 642 -1.78 19.53 -40.78
N PHE A 643 -0.84 19.25 -39.87
CA PHE A 643 0.49 18.78 -40.23
C PHE A 643 0.76 17.48 -39.50
N GLN A 644 1.23 16.47 -40.24
CA GLN A 644 1.47 15.14 -39.68
C GLN A 644 2.94 15.02 -39.32
N THR A 645 3.26 15.32 -38.07
CA THR A 645 4.62 15.17 -37.57
C THR A 645 4.83 13.75 -37.04
N ARG A 646 6.10 13.39 -36.85
CA ARG A 646 6.43 12.07 -36.33
C ARG A 646 6.00 11.88 -34.88
N ALA A 647 5.78 12.97 -34.14
CA ALA A 647 5.37 12.90 -32.75
C ALA A 647 3.86 12.90 -32.58
N GLY A 648 3.10 12.94 -33.67
CA GLY A 648 1.66 12.96 -33.61
C GLY A 648 1.10 13.79 -34.74
N CYS A 649 -0.12 14.29 -34.52
CA CYS A 649 -0.81 15.14 -35.49
C CYS A 649 -0.86 16.56 -34.93
N LEU A 650 -0.33 17.51 -35.70
CA LEU A 650 -0.30 18.91 -35.30
C LEU A 650 -1.36 19.66 -36.11
N ILE A 651 -2.24 20.36 -35.42
CA ILE A 651 -3.33 21.11 -36.04
C ILE A 651 -3.29 22.53 -35.51
N GLY A 652 -3.68 23.49 -36.36
CA GLY A 652 -3.63 24.89 -36.02
C GLY A 652 -2.34 25.59 -36.37
N ALA A 653 -1.34 24.87 -36.85
CA ALA A 653 -0.06 25.44 -37.25
C ALA A 653 0.22 25.10 -38.70
N GLU A 654 0.72 26.09 -39.45
CA GLU A 654 1.01 25.92 -40.87
C GLU A 654 2.47 25.50 -41.02
N HIS A 655 2.69 24.34 -41.62
CA HIS A 655 4.04 23.84 -41.82
C HIS A 655 4.79 24.72 -42.82
N VAL A 656 6.02 25.09 -42.45
CA VAL A 656 6.89 25.88 -43.31
C VAL A 656 8.25 25.19 -43.37
N ASN A 657 8.77 25.01 -44.59
CA ASN A 657 10.07 24.36 -44.75
C ASN A 657 11.23 25.22 -44.27
N ASN A 658 11.02 26.51 -44.08
CA ASN A 658 12.08 27.36 -43.53
C ASN A 658 12.42 26.93 -42.11
N SER A 659 13.71 27.02 -41.77
CA SER A 659 14.21 26.55 -40.50
C SER A 659 14.58 27.74 -39.62
N TYR A 660 14.12 27.73 -38.38
CA TYR A 660 14.44 28.75 -37.38
C TYR A 660 14.84 28.05 -36.08
N GLU A 661 15.23 28.86 -35.09
CA GLU A 661 15.53 28.33 -33.77
C GLU A 661 14.24 27.82 -33.11
N CYS A 662 14.36 26.68 -32.44
CA CYS A 662 13.21 26.08 -31.79
C CYS A 662 12.67 27.01 -30.71
N ASP A 663 11.35 27.17 -30.67
CA ASP A 663 10.69 28.00 -29.67
C ASP A 663 9.89 27.17 -28.67
N ILE A 664 9.06 26.27 -29.17
CA ILE A 664 8.25 25.38 -28.34
C ILE A 664 8.64 23.94 -28.68
N PRO A 665 9.00 23.10 -27.71
CA PRO A 665 9.41 21.73 -28.05
C PRO A 665 8.23 20.82 -28.33
N ILE A 666 8.15 20.29 -29.56
CA ILE A 666 7.11 19.36 -29.94
C ILE A 666 7.62 17.93 -30.04
N GLY A 667 8.84 17.73 -30.54
CA GLY A 667 9.40 16.39 -30.65
C GLY A 667 9.80 16.03 -32.07
N ALA A 668 10.67 15.02 -32.20
CA ALA A 668 11.13 14.55 -33.50
C ALA A 668 11.74 15.68 -34.34
N GLY A 669 12.51 16.55 -33.70
CA GLY A 669 13.15 17.64 -34.42
C GLY A 669 12.18 18.64 -35.02
N ILE A 670 11.07 18.91 -34.33
CA ILE A 670 10.05 19.85 -34.81
C ILE A 670 9.69 20.77 -33.66
N CYS A 671 9.63 22.07 -33.94
CA CYS A 671 9.21 23.07 -32.97
C CYS A 671 8.31 24.09 -33.64
N ALA A 672 7.43 24.70 -32.85
CA ALA A 672 6.48 25.67 -33.34
C ALA A 672 6.68 27.01 -32.62
N SER A 673 6.43 28.09 -33.35
CA SER A 673 6.61 29.43 -32.80
C SER A 673 5.54 30.35 -33.37
N TYR A 674 5.27 31.42 -32.65
CA TYR A 674 4.30 32.44 -33.07
C TYR A 674 5.06 33.49 -33.89
N GLN A 675 4.97 33.37 -35.21
CA GLN A 675 5.70 34.27 -36.10
C GLN A 675 4.90 34.41 -37.39
N THR A 676 5.16 35.51 -38.10
CA THR A 676 4.50 35.78 -39.36
C THR A 676 4.69 34.64 -40.35
N SER A 689 -1.37 39.33 -39.22
CA SER A 689 -1.01 38.25 -40.14
C SER A 689 0.02 37.32 -39.51
N GLN A 690 -0.06 37.16 -38.19
CA GLN A 690 0.84 36.31 -37.44
C GLN A 690 0.07 35.16 -36.81
N SER A 691 0.60 33.96 -36.96
CA SER A 691 -0.05 32.76 -36.41
C SER A 691 1.07 31.80 -36.00
N ILE A 692 0.68 30.56 -35.68
CA ILE A 692 1.62 29.52 -35.28
C ILE A 692 2.07 28.76 -36.51
N ILE A 693 3.34 28.41 -36.56
CA ILE A 693 3.92 27.70 -37.70
C ILE A 693 4.70 26.49 -37.17
N ALA A 694 4.87 25.51 -38.05
CA ALA A 694 5.62 24.29 -37.75
C ALA A 694 6.83 24.26 -38.68
N TYR A 695 8.01 24.07 -38.10
CA TYR A 695 9.27 24.07 -38.83
C TYR A 695 10.24 23.09 -38.19
N THR A 696 11.24 22.69 -38.96
CA THR A 696 12.32 21.85 -38.48
C THR A 696 13.28 22.70 -37.67
N MET A 697 13.49 22.33 -36.41
CA MET A 697 14.34 23.11 -35.52
C MET A 697 15.77 23.17 -36.05
N SER A 698 16.44 24.30 -35.85
CA SER A 698 17.81 24.51 -36.29
C SER A 698 18.73 24.42 -35.07
N LEU A 699 19.76 23.57 -35.17
CA LEU A 699 20.71 23.46 -34.07
C LEU A 699 21.43 24.78 -33.82
N GLY A 700 21.82 25.47 -34.88
CA GLY A 700 22.47 26.76 -34.74
C GLY A 700 22.78 27.33 -36.11
N ALA A 701 23.14 28.61 -36.12
CA ALA A 701 23.49 29.29 -37.35
C ALA A 701 24.69 28.62 -38.01
N GLU A 702 24.62 28.36 -39.31
CA GLU A 702 25.72 27.73 -40.02
C GLU A 702 26.96 28.62 -39.96
N ASN A 703 28.10 28.00 -39.64
CA ASN A 703 29.36 28.71 -39.52
C ASN A 703 30.44 27.94 -40.27
N SER A 704 31.41 28.71 -40.81
CA SER A 704 32.53 28.14 -41.55
C SER A 704 33.82 28.77 -41.05
N VAL A 705 34.88 27.98 -41.06
CA VAL A 705 36.19 28.43 -40.62
C VAL A 705 37.15 28.63 -41.78
N ALA A 706 37.29 27.64 -42.65
CA ALA A 706 38.20 27.70 -43.79
C ALA A 706 39.61 28.06 -43.33
N TYR A 707 40.14 27.19 -42.47
CA TYR A 707 41.45 27.41 -41.87
C TYR A 707 42.56 27.09 -42.86
N SER A 708 43.77 27.53 -42.51
CA SER A 708 44.96 27.26 -43.30
C SER A 708 46.06 26.74 -42.38
N ASN A 709 46.94 25.91 -42.96
CA ASN A 709 47.99 25.27 -42.17
C ASN A 709 49.02 26.24 -41.63
N ASN A 710 49.08 27.46 -42.16
CA ASN A 710 50.10 28.43 -41.77
C ASN A 710 49.53 29.75 -41.30
N SER A 711 48.41 29.75 -40.57
CA SER A 711 47.78 30.97 -40.09
C SER A 711 47.28 30.77 -38.68
N ILE A 712 47.30 31.84 -37.89
CA ILE A 712 46.76 31.84 -36.54
C ILE A 712 45.84 33.04 -36.39
N ALA A 713 44.87 32.96 -35.48
CA ALA A 713 43.91 34.05 -35.23
C ALA A 713 44.13 34.55 -33.82
N ILE A 714 44.83 35.67 -33.70
CA ILE A 714 45.04 36.31 -32.40
C ILE A 714 44.21 37.58 -32.34
N PRO A 715 43.20 37.64 -31.47
CA PRO A 715 42.30 38.81 -31.49
C PRO A 715 43.00 40.10 -31.12
N THR A 716 42.56 41.18 -31.76
CA THR A 716 43.05 42.52 -31.49
C THR A 716 42.15 43.28 -30.53
N ASN A 717 41.07 42.66 -30.05
CA ASN A 717 40.16 43.29 -29.12
C ASN A 717 39.44 42.21 -28.34
N PHE A 718 38.83 42.60 -27.22
CA PHE A 718 38.14 41.67 -26.34
C PHE A 718 36.99 42.40 -25.66
N THR A 719 36.19 41.65 -24.89
CA THR A 719 35.08 42.21 -24.15
C THR A 719 34.86 41.40 -22.90
N ILE A 720 34.19 42.01 -21.92
CA ILE A 720 33.87 41.37 -20.66
C ILE A 720 32.42 40.91 -20.69
N SER A 721 32.21 39.61 -20.52
CA SER A 721 30.88 39.00 -20.52
C SER A 721 30.60 38.43 -19.14
N VAL A 722 29.44 38.78 -18.58
CA VAL A 722 29.01 38.30 -17.27
C VAL A 722 27.66 37.62 -17.44
N THR A 723 27.55 36.40 -16.90
CA THR A 723 26.35 35.60 -17.00
C THR A 723 25.94 35.12 -15.62
N THR A 724 24.64 34.89 -15.45
CA THR A 724 24.10 34.47 -14.17
C THR A 724 24.06 32.95 -14.08
N GLU A 725 23.88 32.46 -12.85
CA GLU A 725 23.76 31.03 -12.58
C GLU A 725 22.84 30.84 -11.39
N ILE A 726 21.99 29.81 -11.47
CA ILE A 726 21.00 29.53 -10.43
C ILE A 726 21.19 28.08 -9.98
N LEU A 727 21.21 27.87 -8.67
CA LEU A 727 21.38 26.54 -8.10
C LEU A 727 20.67 26.44 -6.76
N PRO A 728 19.58 25.67 -6.67
CA PRO A 728 18.93 25.47 -5.36
C PRO A 728 19.88 24.83 -4.36
N VAL A 729 19.73 25.24 -3.10
CA VAL A 729 20.65 24.81 -2.05
C VAL A 729 19.91 24.12 -0.91
N SER A 730 18.62 24.42 -0.76
CA SER A 730 17.85 23.90 0.37
C SER A 730 16.38 23.85 0.00
N MET A 731 15.60 23.21 0.88
CA MET A 731 14.16 23.08 0.73
C MET A 731 13.48 23.61 1.99
N THR A 732 12.17 23.40 2.09
CA THR A 732 11.42 23.76 3.28
C THR A 732 11.39 22.58 4.23
N LYS A 733 11.76 22.80 5.49
CA LYS A 733 11.82 21.74 6.50
C LYS A 733 10.41 21.38 6.97
N THR A 734 9.63 20.81 6.04
CA THR A 734 8.27 20.40 6.36
C THR A 734 8.28 19.14 7.22
N SER A 735 7.37 19.10 8.19
CA SER A 735 7.22 17.95 9.07
C SER A 735 5.74 17.61 9.18
N VAL A 736 5.44 16.32 9.18
CA VAL A 736 4.07 15.82 9.24
C VAL A 736 3.96 14.85 10.40
N ASP A 737 2.96 15.04 11.24
CA ASP A 737 2.68 14.13 12.35
C ASP A 737 1.88 12.95 11.81
N CYS A 738 2.51 11.78 11.76
CA CYS A 738 1.85 10.62 11.17
C CYS A 738 0.57 10.27 11.91
N THR A 739 0.63 10.23 13.24
CA THR A 739 -0.54 9.86 14.02
C THR A 739 -1.67 10.87 13.82
N MET A 740 -1.34 12.16 13.87
CA MET A 740 -2.36 13.18 13.65
C MET A 740 -2.90 13.14 12.22
N TYR A 741 -2.01 13.02 11.23
CA TYR A 741 -2.45 13.04 9.84
C TYR A 741 -3.37 11.86 9.53
N ILE A 742 -2.98 10.66 9.95
CA ILE A 742 -3.79 9.48 9.65
C ILE A 742 -5.07 9.48 10.47
N CYS A 743 -4.97 9.80 11.76
CA CYS A 743 -6.10 9.71 12.68
C CYS A 743 -6.53 11.07 13.21
N GLY A 744 -5.62 11.82 13.82
CA GLY A 744 -6.00 13.09 14.42
C GLY A 744 -6.39 12.93 15.89
N ASP A 745 -7.38 13.71 16.31
CA ASP A 745 -7.83 13.69 17.69
C ASP A 745 -8.50 12.38 18.08
N SER A 746 -8.98 11.59 17.12
CA SER A 746 -9.68 10.36 17.44
C SER A 746 -8.75 9.37 18.13
N THR A 747 -9.31 8.58 19.06
CA THR A 747 -8.54 7.59 19.80
C THR A 747 -8.68 6.18 19.24
N GLU A 748 -9.86 5.83 18.69
CA GLU A 748 -10.02 4.49 18.12
C GLU A 748 -9.08 4.29 16.94
N CYS A 749 -8.97 5.29 16.07
CA CYS A 749 -8.06 5.18 14.93
C CYS A 749 -6.62 5.08 15.41
N SER A 750 -6.25 5.86 16.43
CA SER A 750 -4.90 5.79 16.96
C SER A 750 -4.60 4.40 17.52
N ASN A 751 -5.55 3.81 18.24
CA ASN A 751 -5.35 2.46 18.77
C ASN A 751 -5.22 1.45 17.64
N LEU A 752 -6.07 1.57 16.60
CA LEU A 752 -5.99 0.63 15.49
C LEU A 752 -4.68 0.75 14.74
N LEU A 753 -4.18 1.98 14.55
CA LEU A 753 -2.94 2.20 13.81
C LEU A 753 -1.74 1.55 14.48
N LEU A 754 -1.79 1.26 15.78
CA LEU A 754 -0.68 0.57 16.43
C LEU A 754 -0.45 -0.80 15.83
N GLN A 755 -1.46 -1.37 15.17
CA GLN A 755 -1.32 -2.68 14.56
C GLN A 755 -0.38 -2.65 13.36
N TYR A 756 -0.07 -1.46 12.83
CA TYR A 756 0.80 -1.32 11.67
C TYR A 756 2.27 -1.18 12.04
N GLY A 757 2.67 -1.66 13.21
CA GLY A 757 4.07 -1.61 13.58
C GLY A 757 4.54 -0.18 13.79
N SER A 758 5.69 0.14 13.21
CA SER A 758 6.36 1.43 13.41
C SER A 758 6.56 2.18 12.10
N PHE A 759 5.56 2.13 11.21
CA PHE A 759 5.64 2.90 9.98
C PHE A 759 5.69 4.39 10.27
N CYS A 760 4.88 4.86 11.22
CA CYS A 760 4.87 6.28 11.56
C CYS A 760 6.24 6.72 12.08
N THR A 761 6.87 5.89 12.91
CA THR A 761 8.20 6.23 13.42
C THR A 761 9.21 6.33 12.29
N GLN A 762 9.15 5.40 11.33
CA GLN A 762 10.08 5.45 10.20
C GLN A 762 9.87 6.72 9.38
N LEU A 763 8.61 7.06 9.10
CA LEU A 763 8.34 8.25 8.31
C LEU A 763 8.79 9.51 9.04
N ASN A 764 8.54 9.58 10.35
CA ASN A 764 8.98 10.73 11.13
C ASN A 764 10.50 10.84 11.13
N ARG A 765 11.19 9.71 11.27
CA ARG A 765 12.65 9.72 11.25
C ARG A 765 13.16 10.20 9.89
N ALA A 766 12.54 9.74 8.81
CA ALA A 766 12.96 10.18 7.49
C ALA A 766 12.75 11.68 7.32
N LEU A 767 11.59 12.19 7.77
CA LEU A 767 11.32 13.61 7.65
C LEU A 767 12.32 14.43 8.47
N THR A 768 12.63 13.98 9.68
CA THR A 768 13.62 14.68 10.50
C THR A 768 14.98 14.66 9.84
N GLY A 769 15.36 13.52 9.24
CA GLY A 769 16.63 13.46 8.54
C GLY A 769 16.70 14.43 7.38
N ILE A 770 15.62 14.52 6.60
CA ILE A 770 15.58 15.48 5.49
C ILE A 770 15.68 16.91 6.02
N ALA A 771 14.95 17.21 7.11
CA ALA A 771 15.01 18.55 7.67
C ALA A 771 16.41 18.91 8.12
N VAL A 772 17.10 17.97 8.77
CA VAL A 772 18.48 18.21 9.21
C VAL A 772 19.38 18.38 8.00
N GLU A 773 19.17 17.56 6.96
CA GLU A 773 20.00 17.64 5.76
C GLU A 773 19.85 18.99 5.06
N GLN A 774 18.65 19.58 5.12
CA GLN A 774 18.48 20.91 4.54
C GLN A 774 19.43 21.91 5.19
N ASP A 775 19.45 21.98 6.53
CA ASP A 775 20.36 22.88 7.21
C ASP A 775 21.81 22.50 6.95
N LYS A 776 22.10 21.21 6.83
CA LYS A 776 23.45 20.76 6.53
C LYS A 776 23.92 21.32 5.19
N ASN A 777 23.09 21.22 4.16
CA ASN A 777 23.45 21.76 2.86
C ASN A 777 23.58 23.27 2.91
N THR A 778 22.66 23.93 3.62
CA THR A 778 22.75 25.39 3.72
C THR A 778 24.07 25.82 4.34
N GLN A 779 24.45 25.19 5.45
CA GLN A 779 25.71 25.48 6.11
C GLN A 779 26.92 25.16 5.24
N GLU A 780 26.93 24.01 4.56
CA GLU A 780 28.06 23.67 3.70
C GLU A 780 28.21 24.66 2.56
N VAL A 781 27.11 25.07 1.93
CA VAL A 781 27.20 25.99 0.80
C VAL A 781 27.61 27.39 1.27
N PHE A 782 27.02 27.88 2.36
CA PHE A 782 27.22 29.25 2.78
C PHE A 782 28.33 29.44 3.79
N ALA A 783 28.43 28.58 4.81
CA ALA A 783 29.42 28.74 5.87
C ALA A 783 30.78 28.19 5.48
N GLN A 784 31.43 28.79 4.48
CA GLN A 784 32.77 28.40 4.06
C GLN A 784 33.85 29.35 4.58
N VAL A 785 33.49 30.28 5.47
CA VAL A 785 34.42 31.24 6.02
C VAL A 785 34.51 31.02 7.53
N LYS A 786 35.61 31.51 8.10
CA LYS A 786 35.87 31.35 9.53
C LYS A 786 35.71 32.66 10.29
N GLN A 787 36.18 33.78 9.72
CA GLN A 787 35.85 35.10 10.22
C GLN A 787 34.82 35.75 9.31
N ILE A 788 34.22 36.83 9.82
CA ILE A 788 33.24 37.60 9.07
C ILE A 788 33.94 38.87 8.59
N TYR A 789 34.44 38.84 7.35
CA TYR A 789 35.16 39.97 6.81
C TYR A 789 34.24 41.17 6.66
N LYS A 790 34.74 42.36 6.99
CA LYS A 790 33.96 43.58 6.90
C LYS A 790 34.28 44.32 5.61
N THR A 791 33.24 44.85 4.97
CA THR A 791 33.40 45.60 3.74
C THR A 791 34.22 46.86 4.01
N PRO A 792 35.19 47.21 3.18
CA PRO A 792 35.97 48.43 3.41
C PRO A 792 35.07 49.66 3.42
N PRO A 793 35.36 50.64 4.27
CA PRO A 793 34.50 51.84 4.31
C PRO A 793 34.44 52.59 2.99
N ILE A 794 35.54 52.59 2.23
CA ILE A 794 35.64 53.34 0.98
C ILE A 794 35.87 52.36 -0.15
N LYS A 795 35.09 52.50 -1.23
CA LYS A 795 35.19 51.62 -2.39
C LYS A 795 36.07 52.30 -3.43
N ASP A 796 37.38 52.25 -3.20
CA ASP A 796 38.38 52.82 -4.09
C ASP A 796 39.11 51.76 -4.90
N PHE A 797 38.39 50.73 -5.35
CA PHE A 797 39.02 49.59 -6.00
C PHE A 797 39.34 49.88 -7.46
N GLY A 798 40.08 50.96 -7.72
CA GLY A 798 40.54 51.24 -9.07
C GLY A 798 39.44 51.37 -10.10
N GLY A 799 38.34 52.02 -9.73
CA GLY A 799 37.24 52.23 -10.66
C GLY A 799 36.24 51.09 -10.73
N PHE A 800 36.49 49.98 -10.04
CA PHE A 800 35.55 48.86 -10.01
C PHE A 800 34.48 49.14 -8.96
N ASN A 801 33.22 49.03 -9.36
CA ASN A 801 32.08 49.36 -8.51
C ASN A 801 31.49 48.05 -7.96
N PHE A 802 31.40 47.96 -6.64
CA PHE A 802 30.79 46.82 -5.97
C PHE A 802 29.61 47.22 -5.10
N SER A 803 29.21 48.49 -5.11
CA SER A 803 28.04 48.90 -4.34
C SER A 803 26.82 48.10 -4.75
N GLN A 804 26.72 47.73 -6.03
CA GLN A 804 25.64 46.87 -6.48
C GLN A 804 25.66 45.51 -5.81
N ILE A 805 26.83 44.90 -5.66
CA ILE A 805 26.96 43.56 -5.12
C ILE A 805 27.05 43.58 -3.59
N LEU A 806 27.80 44.53 -3.04
CA LEU A 806 27.98 44.60 -1.60
C LEU A 806 26.67 45.00 -0.93
N PRO A 807 26.48 44.62 0.34
CA PRO A 807 25.23 44.97 1.04
C PRO A 807 25.03 46.47 1.16
N ASP A 808 23.77 46.90 1.12
CA ASP A 808 23.40 48.31 1.24
C ASP A 808 22.93 48.55 2.67
N PRO A 809 23.68 49.33 3.47
CA PRO A 809 23.27 49.53 4.88
C PRO A 809 21.93 50.24 5.02
N SER A 810 21.49 50.98 4.01
CA SER A 810 20.23 51.72 4.12
C SER A 810 19.06 50.76 4.30
N LYS A 811 19.05 49.66 3.57
CA LYS A 811 17.95 48.71 3.67
C LYS A 811 17.89 48.13 5.07
N PRO A 812 16.70 47.94 5.64
CA PRO A 812 16.62 47.40 7.01
C PRO A 812 17.22 46.01 7.14
N SER A 813 17.12 45.17 6.11
CA SER A 813 17.64 43.80 6.17
C SER A 813 19.11 43.71 5.82
N LYS A 814 19.75 44.81 5.45
CA LYS A 814 21.16 44.87 5.07
C LYS A 814 21.46 44.06 3.81
N ARG A 815 20.44 43.68 3.05
CA ARG A 815 20.66 42.92 1.84
C ARG A 815 21.25 43.82 0.76
N SER A 816 21.96 43.19 -0.19
CA SER A 816 22.53 43.90 -1.32
C SER A 816 21.43 44.21 -2.33
N PHE A 817 21.74 45.10 -3.27
CA PHE A 817 20.74 45.53 -4.24
C PHE A 817 20.24 44.35 -5.07
N ILE A 818 21.16 43.59 -5.66
CA ILE A 818 20.76 42.41 -6.43
C ILE A 818 20.16 41.36 -5.52
N GLU A 819 20.71 41.21 -4.31
CA GLU A 819 20.14 40.25 -3.37
C GLU A 819 18.70 40.62 -3.01
N ASP A 820 18.44 41.91 -2.77
CA ASP A 820 17.08 42.35 -2.48
C ASP A 820 16.18 42.13 -3.69
N LEU A 821 16.67 42.41 -4.89
CA LEU A 821 15.88 42.19 -6.09
C LEU A 821 15.51 40.71 -6.22
N LEU A 822 16.48 39.82 -6.00
CA LEU A 822 16.21 38.39 -6.08
C LEU A 822 15.19 37.97 -5.03
N PHE A 823 15.34 38.47 -3.80
CA PHE A 823 14.40 38.10 -2.74
C PHE A 823 12.99 38.56 -3.06
N ASN A 824 12.83 39.80 -3.53
CA ASN A 824 11.50 40.31 -3.82
C ASN A 824 10.83 39.55 -4.95
N LYS A 825 11.57 39.22 -6.01
CA LYS A 825 11.00 38.58 -7.19
C LYS A 825 10.39 37.21 -6.90
N VAL A 826 11.06 36.38 -6.10
CA VAL A 826 10.59 35.02 -5.85
C VAL A 826 9.68 35.00 -4.63
N THR A 827 9.90 35.95 -3.71
CA THR A 827 9.09 36.02 -2.50
C THR A 827 7.78 36.78 -2.78
N LEU A 849 -0.42 27.82 -0.66
CA LEU A 849 0.60 28.65 -0.03
C LEU A 849 1.23 27.93 1.15
N ILE A 850 2.54 28.14 1.34
CA ILE A 850 3.25 27.49 2.43
C ILE A 850 2.68 27.93 3.78
N CYS A 851 2.42 29.24 3.93
CA CYS A 851 1.91 29.75 5.19
C CYS A 851 0.52 29.20 5.53
N ALA A 852 -0.19 28.65 4.54
CA ALA A 852 -1.53 28.12 4.76
C ALA A 852 -1.53 26.64 5.14
N GLN A 853 -0.34 26.02 5.29
CA GLN A 853 -0.23 24.61 5.64
C GLN A 853 -0.01 24.53 7.15
N LYS A 854 -1.10 24.47 7.90
CA LYS A 854 -1.03 24.40 9.36
C LYS A 854 -1.96 23.38 9.98
N PHE A 855 -2.91 22.81 9.24
CA PHE A 855 -3.91 21.93 9.81
C PHE A 855 -3.46 20.47 9.74
N ASN A 856 -4.19 19.62 10.46
CA ASN A 856 -4.05 18.16 10.43
C ASN A 856 -2.59 17.73 10.32
N GLY A 857 -1.78 18.20 11.26
CA GLY A 857 -0.45 17.67 11.45
C GLY A 857 0.66 18.39 10.71
N LEU A 858 0.31 19.16 9.68
CA LEU A 858 1.33 19.84 8.89
C LEU A 858 2.04 20.90 9.74
N THR A 859 3.37 20.87 9.68
CA THR A 859 4.19 21.81 10.42
C THR A 859 5.45 22.11 9.62
N VAL A 860 5.93 23.34 9.74
CA VAL A 860 7.12 23.80 9.04
C VAL A 860 8.16 24.24 10.06
N LEU A 861 9.35 23.67 9.97
CA LEU A 861 10.44 24.02 10.88
C LEU A 861 11.26 25.17 10.30
N PRO A 862 11.40 26.29 11.01
CA PRO A 862 12.20 27.41 10.47
C PRO A 862 13.63 26.98 10.22
N PRO A 863 14.26 27.48 9.16
CA PRO A 863 15.66 27.09 8.89
C PRO A 863 16.59 27.55 10.01
N LEU A 864 17.62 26.77 10.25
CA LEU A 864 18.59 27.12 11.29
C LEU A 864 19.29 28.43 10.96
N LEU A 865 19.68 28.62 9.71
CA LEU A 865 20.35 29.85 9.27
C LEU A 865 19.30 30.80 8.71
N THR A 866 19.12 31.94 9.37
CA THR A 866 18.14 32.92 8.91
C THR A 866 18.64 33.62 7.65
N ASP A 867 17.71 34.29 6.96
CA ASP A 867 18.06 34.99 5.74
C ASP A 867 19.09 36.09 5.99
N GLU A 868 18.96 36.81 7.11
CA GLU A 868 19.93 37.85 7.43
C GLU A 868 21.32 37.26 7.63
N MET A 869 21.41 36.09 8.28
CA MET A 869 22.71 35.46 8.47
C MET A 869 23.29 34.98 7.14
N ILE A 870 22.44 34.49 6.24
CA ILE A 870 22.92 34.11 4.92
C ILE A 870 23.45 35.32 4.18
N ALA A 871 22.75 36.46 4.29
CA ALA A 871 23.24 37.69 3.67
C ALA A 871 24.56 38.11 4.27
N GLN A 872 24.72 37.97 5.59
CA GLN A 872 25.97 38.30 6.24
C GLN A 872 27.10 37.41 5.73
N TYR A 873 26.83 36.11 5.58
CA TYR A 873 27.84 35.20 5.05
C TYR A 873 28.24 35.59 3.63
N THR A 874 27.25 35.94 2.80
CA THR A 874 27.55 36.36 1.43
C THR A 874 28.39 37.63 1.43
N SER A 875 28.05 38.58 2.30
CA SER A 875 28.81 39.83 2.40
C SER A 875 30.24 39.55 2.83
N ALA A 876 30.42 38.67 3.81
CA ALA A 876 31.77 38.32 4.26
C ALA A 876 32.56 37.65 3.15
N LEU A 877 31.93 36.75 2.40
CA LEU A 877 32.60 36.11 1.28
C LEU A 877 33.03 37.14 0.25
N LEU A 878 32.14 38.07 -0.08
CA LEU A 878 32.48 39.10 -1.06
C LEU A 878 33.61 39.99 -0.55
N ALA A 879 33.58 40.35 0.73
CA ALA A 879 34.62 41.20 1.30
C ALA A 879 35.97 40.49 1.26
N GLY A 880 36.00 39.21 1.63
CA GLY A 880 37.25 38.46 1.54
C GLY A 880 37.73 38.33 0.11
N THR A 881 36.79 38.14 -0.82
CA THR A 881 37.14 38.00 -2.23
C THR A 881 37.75 39.28 -2.81
N ILE A 882 37.19 40.43 -2.48
CA ILE A 882 37.65 41.69 -3.05
C ILE A 882 38.88 42.24 -2.32
N THR A 883 38.91 42.15 -0.99
CA THR A 883 40.01 42.68 -0.20
C THR A 883 41.20 41.75 -0.13
N SER A 884 41.04 40.48 -0.51
CA SER A 884 42.15 39.54 -0.41
C SER A 884 42.27 38.61 -1.61
N GLY A 885 41.75 38.97 -2.78
CA GLY A 885 41.83 38.07 -3.91
C GLY A 885 41.19 36.73 -3.59
N TRP A 886 41.95 35.66 -3.82
CA TRP A 886 41.51 34.30 -3.51
C TRP A 886 42.36 33.63 -2.43
N THR A 887 43.22 34.39 -1.77
CA THR A 887 44.12 33.84 -0.76
C THR A 887 43.46 33.63 0.59
N PHE A 888 42.28 34.22 0.82
CA PHE A 888 41.59 34.09 2.09
C PHE A 888 41.14 32.66 2.38
N GLY A 889 40.76 31.91 1.35
CA GLY A 889 40.37 30.52 1.54
C GLY A 889 41.58 29.60 1.64
N ALA A 890 42.78 30.15 1.47
CA ALA A 890 44.00 29.35 1.54
C ALA A 890 44.53 29.26 2.97
N GLY A 891 43.97 30.00 3.92
CA GLY A 891 44.43 29.95 5.30
C GLY A 891 44.60 31.32 5.91
N ALA A 892 44.99 32.30 5.11
CA ALA A 892 45.17 33.66 5.59
C ALA A 892 44.66 34.63 4.54
N ALA A 893 43.94 35.66 4.99
CA ALA A 893 43.36 36.66 4.09
C ALA A 893 44.38 37.79 3.90
N LEU A 894 45.32 37.58 2.99
CA LEU A 894 46.31 38.60 2.69
C LEU A 894 45.63 39.80 2.04
N GLN A 895 46.08 41.01 2.37
CA GLN A 895 45.46 42.24 1.86
C GLN A 895 46.22 42.69 0.62
N ILE A 896 45.67 42.34 -0.54
CA ILE A 896 46.22 42.70 -1.84
C ILE A 896 45.29 43.75 -2.46
N PRO A 897 45.80 44.86 -2.97
CA PRO A 897 44.93 45.85 -3.61
C PRO A 897 44.16 45.24 -4.77
N PHE A 898 42.89 45.65 -4.90
CA PHE A 898 42.05 45.11 -5.96
C PHE A 898 42.35 45.78 -7.30
N ALA A 899 43.02 46.93 -7.30
CA ALA A 899 43.36 47.62 -8.54
C ALA A 899 44.20 46.71 -9.43
N MET A 900 44.94 45.77 -8.81
CA MET A 900 45.77 44.84 -9.54
C MET A 900 45.37 43.38 -9.31
N GLN A 901 44.28 43.14 -8.58
CA GLN A 901 43.85 41.75 -8.35
C GLN A 901 43.49 41.06 -9.65
N MET A 902 42.81 41.75 -10.56
CA MET A 902 42.49 41.19 -11.87
C MET A 902 43.73 40.79 -12.64
N ALA A 903 44.88 41.42 -12.36
CA ALA A 903 46.11 41.06 -13.06
C ALA A 903 46.46 39.59 -12.82
N TYR A 904 46.26 39.12 -11.59
CA TYR A 904 46.48 37.71 -11.31
C TYR A 904 45.52 36.83 -12.11
N ARG A 905 44.25 37.26 -12.21
CA ARG A 905 43.30 36.52 -13.02
C ARG A 905 43.70 36.52 -14.50
N PHE A 906 44.17 37.68 -14.99
CA PHE A 906 44.63 37.75 -16.37
C PHE A 906 45.80 36.81 -16.62
N ASN A 907 46.73 36.74 -15.67
CA ASN A 907 47.82 35.77 -15.78
C ASN A 907 47.29 34.34 -15.78
N GLY A 908 46.30 34.06 -14.91
CA GLY A 908 45.74 32.73 -14.86
C GLY A 908 45.13 32.30 -16.18
N ILE A 909 44.39 33.21 -16.83
CA ILE A 909 43.79 32.89 -18.13
C ILE A 909 44.80 32.93 -19.26
N GLY A 910 46.01 33.45 -19.01
CA GLY A 910 47.06 33.46 -20.02
C GLY A 910 47.31 34.81 -20.62
N VAL A 911 47.22 35.86 -19.81
CA VAL A 911 47.47 37.23 -20.24
C VAL A 911 48.34 37.92 -19.20
N THR A 912 49.43 38.53 -19.64
CA THR A 912 50.31 39.26 -18.73
C THR A 912 49.63 40.53 -18.24
N GLN A 913 50.08 40.99 -17.07
CA GLN A 913 49.44 42.12 -16.38
C GLN A 913 49.66 43.47 -17.08
N ASN A 914 50.51 43.63 -18.09
CA ASN A 914 50.66 44.91 -18.76
C ASN A 914 49.39 45.37 -19.46
N VAL A 915 48.58 44.44 -19.95
CA VAL A 915 47.33 44.77 -20.65
C VAL A 915 46.35 45.50 -19.75
N LEU A 916 46.14 44.98 -18.53
CA LEU A 916 45.19 45.61 -17.63
C LEU A 916 45.66 46.99 -17.20
N TYR A 917 46.95 47.11 -16.85
CA TYR A 917 47.47 48.40 -16.41
C TYR A 917 47.35 49.43 -17.52
N GLU A 918 47.60 49.02 -18.77
CA GLU A 918 47.44 49.93 -19.90
C GLU A 918 45.98 50.36 -20.06
N ASN A 919 45.06 49.43 -19.87
CA ASN A 919 43.62 49.68 -20.06
C ASN A 919 42.83 49.36 -18.80
N GLN A 920 43.32 49.78 -17.64
CA GLN A 920 42.61 49.52 -16.39
C GLN A 920 41.24 50.20 -16.38
N LYS A 921 41.20 51.46 -16.80
CA LYS A 921 39.94 52.21 -16.78
C LYS A 921 38.91 51.57 -17.71
N LEU A 922 39.34 51.17 -18.91
CA LEU A 922 38.41 50.55 -19.86
C LEU A 922 37.86 49.25 -19.31
N ILE A 923 38.72 48.42 -18.71
CA ILE A 923 38.27 47.15 -18.16
C ILE A 923 37.30 47.38 -17.02
N ALA A 924 37.61 48.34 -16.13
CA ALA A 924 36.70 48.62 -15.02
C ALA A 924 35.36 49.11 -15.51
N ASN A 925 35.35 50.01 -16.50
CA ASN A 925 34.10 50.52 -17.05
C ASN A 925 33.30 49.40 -17.70
N GLN A 926 33.96 48.52 -18.45
CA GLN A 926 33.26 47.40 -19.07
C GLN A 926 32.66 46.47 -18.01
N PHE A 927 33.41 46.20 -16.94
CA PHE A 927 32.89 45.34 -15.88
C PHE A 927 31.68 45.97 -15.22
N ASN A 928 31.74 47.28 -14.93
CA ASN A 928 30.60 47.95 -14.32
C ASN A 928 29.39 47.94 -15.25
N SER A 929 29.61 48.18 -16.55
CA SER A 929 28.51 48.17 -17.50
C SER A 929 27.88 46.79 -17.59
N ALA A 930 28.70 45.74 -17.60
CA ALA A 930 28.17 44.38 -17.63
C ALA A 930 27.38 44.06 -16.37
N ILE A 931 27.87 44.49 -15.21
CA ILE A 931 27.13 44.27 -13.97
C ILE A 931 25.77 44.95 -14.04
N GLY A 932 25.74 46.20 -14.50
CA GLY A 932 24.48 46.90 -14.64
C GLY A 932 23.55 46.22 -15.62
N LYS A 933 24.10 45.74 -16.74
CA LYS A 933 23.28 45.07 -17.75
C LYS A 933 22.66 43.79 -17.19
N ILE A 934 23.45 42.98 -16.48
CA ILE A 934 22.91 41.74 -15.92
C ILE A 934 21.87 42.05 -14.86
N GLN A 935 22.10 43.08 -14.06
CA GLN A 935 21.09 43.47 -13.07
C GLN A 935 19.80 43.88 -13.74
N ASP A 936 19.89 44.68 -14.80
CA ASP A 936 18.69 45.12 -15.52
C ASP A 936 17.96 43.93 -16.14
N SER A 937 18.72 43.00 -16.73
CA SER A 937 18.09 41.82 -17.33
C SER A 937 17.39 40.98 -16.27
N LEU A 938 18.02 40.80 -15.10
CA LEU A 938 17.40 40.05 -14.03
C LEU A 938 16.12 40.73 -13.55
N SER A 939 16.17 42.05 -13.37
CA SER A 939 14.98 42.77 -12.90
C SER A 939 13.85 42.71 -13.91
N SER A 940 14.16 42.91 -15.19
CA SER A 940 13.11 42.94 -16.21
C SER A 940 12.44 41.59 -16.38
N THR A 941 13.22 40.51 -16.37
CA THR A 941 12.71 39.17 -16.63
C THR A 941 12.59 38.40 -15.32
N ALA A 942 11.39 37.85 -15.08
CA ALA A 942 11.12 37.04 -13.91
C ALA A 942 11.39 35.55 -14.14
N SER A 943 11.74 35.16 -15.37
CA SER A 943 12.02 33.77 -15.69
C SER A 943 13.46 33.38 -15.39
N ALA A 944 14.31 34.33 -14.98
CA ALA A 944 15.69 33.99 -14.68
C ALA A 944 15.79 33.02 -13.51
N LEU A 945 14.99 33.21 -12.47
CA LEU A 945 14.96 32.32 -11.32
C LEU A 945 14.09 31.09 -11.56
N GLY A 946 14.32 30.37 -12.66
CA GLY A 946 13.49 29.23 -12.97
C GLY A 946 13.64 28.08 -11.99
N LYS A 947 14.87 27.77 -11.60
CA LYS A 947 15.10 26.59 -10.76
C LYS A 947 14.49 26.74 -9.37
N LEU A 948 14.72 27.88 -8.71
CA LEU A 948 14.17 28.07 -7.37
C LEU A 948 12.64 28.09 -7.40
N GLN A 949 12.07 28.78 -8.39
CA GLN A 949 10.61 28.83 -8.52
C GLN A 949 10.05 27.44 -8.75
N ASP A 950 10.69 26.66 -9.62
CA ASP A 950 10.23 25.31 -9.88
C ASP A 950 10.30 24.44 -8.64
N VAL A 951 11.39 24.54 -7.89
CA VAL A 951 11.54 23.72 -6.68
C VAL A 951 10.47 24.07 -5.66
N VAL A 952 10.28 25.37 -5.41
CA VAL A 952 9.30 25.78 -4.40
C VAL A 952 7.89 25.40 -4.85
N ASN A 953 7.59 25.56 -6.14
CA ASN A 953 6.28 25.19 -6.65
C ASN A 953 6.05 23.69 -6.53
N GLN A 954 7.06 22.88 -6.83
CA GLN A 954 6.92 21.43 -6.70
C GLN A 954 6.67 21.04 -5.25
N ASN A 955 7.42 21.63 -4.32
CA ASN A 955 7.21 21.31 -2.91
C ASN A 955 5.81 21.72 -2.45
N ALA A 956 5.37 22.92 -2.85
CA ALA A 956 4.05 23.39 -2.45
C ALA A 956 2.96 22.50 -3.03
N GLN A 957 3.10 22.10 -4.30
CA GLN A 957 2.09 21.23 -4.91
C GLN A 957 2.07 19.87 -4.23
N ALA A 958 3.24 19.33 -3.91
CA ALA A 958 3.28 18.04 -3.21
C ALA A 958 2.58 18.12 -1.86
N LEU A 959 2.86 19.18 -1.09
CA LEU A 959 2.21 19.33 0.20
C LEU A 959 0.71 19.55 0.05
N ASN A 960 0.29 20.35 -0.93
CA ASN A 960 -1.13 20.58 -1.17
C ASN A 960 -1.85 19.28 -1.52
N THR A 961 -1.24 18.46 -2.39
CA THR A 961 -1.86 17.19 -2.73
C THR A 961 -1.90 16.26 -1.52
N LEU A 962 -0.85 16.27 -0.71
CA LEU A 962 -0.83 15.43 0.49
C LEU A 962 -1.99 15.80 1.42
N VAL A 963 -2.19 17.10 1.65
CA VAL A 963 -3.27 17.52 2.55
C VAL A 963 -4.62 17.24 1.91
N LYS A 964 -4.72 17.41 0.59
CA LYS A 964 -6.00 17.17 -0.09
C LYS A 964 -6.37 15.69 -0.06
N GLN A 965 -5.38 14.80 -0.05
CA GLN A 965 -5.67 13.37 -0.06
C GLN A 965 -6.55 12.95 1.12
N LEU A 966 -6.52 13.70 2.22
CA LEU A 966 -7.40 13.38 3.35
C LEU A 966 -8.86 13.40 2.96
N SER A 967 -9.25 14.23 1.99
CA SER A 967 -10.64 14.27 1.55
C SER A 967 -11.05 12.96 0.90
N SER A 968 -10.12 12.26 0.24
CA SER A 968 -10.45 10.99 -0.38
C SER A 968 -10.79 9.95 0.68
N ASN A 969 -11.74 9.08 0.34
CA ASN A 969 -12.21 8.04 1.25
C ASN A 969 -11.58 6.68 1.01
N PHE A 970 -10.95 6.46 -0.15
CA PHE A 970 -10.32 5.18 -0.46
C PHE A 970 -11.30 4.02 -0.35
N GLY A 971 -12.54 4.27 -0.79
CA GLY A 971 -13.58 3.27 -0.76
C GLY A 971 -14.45 3.30 0.49
N ALA A 972 -14.04 4.04 1.51
CA ALA A 972 -14.84 4.15 2.73
C ALA A 972 -16.13 4.91 2.45
N ILE A 973 -17.17 4.59 3.21
CA ILE A 973 -18.46 5.25 3.03
C ILE A 973 -18.35 6.76 3.23
N SER A 974 -17.42 7.21 4.08
CA SER A 974 -17.22 8.62 4.32
C SER A 974 -15.75 8.87 4.57
N SER A 975 -15.29 10.08 4.26
CA SER A 975 -13.91 10.48 4.46
C SER A 975 -13.67 11.17 5.80
N VAL A 976 -14.70 11.28 6.63
CA VAL A 976 -14.60 11.92 7.94
C VAL A 976 -14.57 10.81 8.99
N LEU A 977 -13.52 10.80 9.81
CA LEU A 977 -13.38 9.77 10.82
C LEU A 977 -14.53 9.83 11.83
N ASN A 978 -14.90 11.04 12.25
CA ASN A 978 -16.00 11.19 13.19
C ASN A 978 -17.31 10.68 12.61
N ASP A 979 -17.55 10.95 11.33
CA ASP A 979 -18.79 10.51 10.69
C ASP A 979 -18.89 8.99 10.71
N ILE A 980 -17.82 8.29 10.30
CA ILE A 980 -17.85 6.83 10.28
C ILE A 980 -17.97 6.29 11.70
N LEU A 981 -17.28 6.92 12.65
CA LEU A 981 -17.35 6.46 14.04
C LEU A 981 -18.76 6.57 14.59
N SER A 982 -19.44 7.69 14.32
CA SER A 982 -20.79 7.91 14.85
C SER A 982 -21.86 7.13 14.12
N ARG A 983 -21.71 6.91 12.81
CA ARG A 983 -22.76 6.32 12.00
C ARG A 983 -22.78 4.79 12.06
N LEU A 984 -21.80 4.16 12.69
CA LEU A 984 -21.75 2.71 12.75
C LEU A 984 -21.18 2.26 14.08
N ASP A 985 -21.72 1.15 14.58
CA ASP A 985 -21.23 0.58 15.83
C ASP A 985 -19.81 0.03 15.59
N PRO A 986 -18.93 0.13 16.58
CA PRO A 986 -17.48 0.01 16.30
C PRO A 986 -17.11 -1.25 15.53
N PRO A 987 -17.72 -2.40 15.85
CA PRO A 987 -17.34 -3.62 15.11
C PRO A 987 -17.52 -3.49 13.60
N GLU A 988 -18.58 -2.82 13.16
CA GLU A 988 -18.78 -2.61 11.73
C GLU A 988 -17.89 -1.51 11.17
N ALA A 989 -17.62 -0.47 11.94
CA ALA A 989 -16.78 0.63 11.48
C ALA A 989 -15.30 0.29 11.49
N GLU A 990 -14.93 -0.84 12.08
CA GLU A 990 -13.50 -1.21 12.14
C GLU A 990 -12.93 -1.37 10.74
N VAL A 991 -13.66 -2.03 9.84
CA VAL A 991 -13.15 -2.24 8.49
C VAL A 991 -12.97 -0.91 7.77
N GLN A 992 -13.94 -0.01 7.90
CA GLN A 992 -13.83 1.30 7.24
C GLN A 992 -12.65 2.09 7.81
N ILE A 993 -12.48 2.06 9.13
CA ILE A 993 -11.36 2.76 9.75
C ILE A 993 -10.04 2.18 9.26
N ASP A 994 -9.96 0.85 9.17
CA ASP A 994 -8.73 0.22 8.69
C ASP A 994 -8.44 0.61 7.24
N ARG A 995 -9.47 0.64 6.40
CA ARG A 995 -9.26 1.05 5.01
C ARG A 995 -8.78 2.49 4.91
N LEU A 996 -9.40 3.38 5.69
CA LEU A 996 -8.98 4.78 5.68
C LEU A 996 -7.54 4.92 6.17
N ILE A 997 -7.19 4.18 7.22
CA ILE A 997 -5.83 4.23 7.75
C ILE A 997 -4.84 3.74 6.70
N THR A 998 -5.16 2.64 6.02
CA THR A 998 -4.27 2.10 5.00
C THR A 998 -4.08 3.12 3.87
N GLY A 999 -5.17 3.73 3.42
CA GLY A 999 -5.06 4.70 2.35
C GLY A 999 -4.22 5.90 2.75
N ARG A 1000 -4.48 6.46 3.94
CA ARG A 1000 -3.70 7.62 4.39
C ARG A 1000 -2.24 7.26 4.60
N LEU A 1001 -1.96 6.06 5.13
CA LEU A 1001 -0.58 5.64 5.33
C LEU A 1001 0.14 5.48 4.00
N GLN A 1002 -0.53 4.90 2.99
CA GLN A 1002 0.10 4.77 1.69
C GLN A 1002 0.35 6.13 1.07
N SER A 1003 -0.59 7.07 1.24
CA SER A 1003 -0.38 8.43 0.76
C SER A 1003 0.85 9.05 1.41
N LEU A 1004 0.97 8.88 2.74
CA LEU A 1004 2.11 9.43 3.45
C LEU A 1004 3.41 8.80 2.97
N GLN A 1005 3.41 7.48 2.75
CA GLN A 1005 4.62 6.81 2.28
C GLN A 1005 5.04 7.30 0.90
N THR A 1006 4.09 7.44 -0.02
CA THR A 1006 4.46 7.92 -1.35
C THR A 1006 4.94 9.37 -1.29
N TYR A 1007 4.30 10.20 -0.45
CA TYR A 1007 4.76 11.57 -0.28
C TYR A 1007 6.17 11.61 0.28
N VAL A 1008 6.47 10.74 1.25
CA VAL A 1008 7.81 10.71 1.84
C VAL A 1008 8.83 10.23 0.82
N THR A 1009 8.47 9.27 -0.03
CA THR A 1009 9.39 8.82 -1.07
C THR A 1009 9.68 9.93 -2.05
N GLN A 1010 8.65 10.66 -2.48
CA GLN A 1010 8.86 11.78 -3.39
C GLN A 1010 9.73 12.85 -2.73
N GLN A 1011 9.49 13.13 -1.45
CA GLN A 1011 10.31 14.11 -0.73
C GLN A 1011 11.75 13.64 -0.63
N LEU A 1012 11.97 12.34 -0.41
CA LEU A 1012 13.33 11.82 -0.34
C LEU A 1012 14.05 11.98 -1.67
N ILE A 1013 13.36 11.68 -2.78
CA ILE A 1013 13.98 11.85 -4.10
C ILE A 1013 14.29 13.32 -4.35
N ARG A 1014 13.35 14.21 -4.04
CA ARG A 1014 13.58 15.64 -4.24
C ARG A 1014 14.74 16.13 -3.37
N ALA A 1015 14.84 15.64 -2.13
CA ALA A 1015 15.93 16.01 -1.26
C ALA A 1015 17.26 15.48 -1.73
N ALA A 1016 17.30 14.29 -2.32
CA ALA A 1016 18.54 13.80 -2.92
C ALA A 1016 18.97 14.69 -4.08
N GLU A 1017 18.01 15.08 -4.93
CA GLU A 1017 18.33 15.99 -6.02
C GLU A 1017 18.85 17.32 -5.49
N ILE A 1018 18.21 17.85 -4.45
CA ILE A 1018 18.63 19.11 -3.87
C ILE A 1018 19.99 18.98 -3.21
N ARG A 1019 20.29 17.82 -2.62
CA ARG A 1019 21.62 17.60 -2.05
C ARG A 1019 22.68 17.61 -3.14
N ALA A 1020 22.39 16.97 -4.28
CA ALA A 1020 23.32 17.03 -5.40
C ALA A 1020 23.51 18.47 -5.88
N SER A 1021 22.41 19.23 -5.97
CA SER A 1021 22.51 20.62 -6.39
C SER A 1021 23.33 21.44 -5.40
N ALA A 1022 23.15 21.19 -4.10
CA ALA A 1022 23.91 21.92 -3.08
C ALA A 1022 25.38 21.55 -3.12
N ASN A 1023 25.69 20.28 -3.37
CA ASN A 1023 27.09 19.89 -3.55
C ASN A 1023 27.70 20.61 -4.74
N LEU A 1024 26.97 20.69 -5.85
CA LEU A 1024 27.46 21.44 -7.00
C LEU A 1024 27.66 22.91 -6.66
N ALA A 1025 26.72 23.50 -5.91
CA ALA A 1025 26.85 24.91 -5.54
C ALA A 1025 28.06 25.12 -4.64
N ALA A 1026 28.31 24.21 -3.70
CA ALA A 1026 29.48 24.31 -2.84
C ALA A 1026 30.76 24.20 -3.65
N THR A 1027 30.78 23.28 -4.63
CA THR A 1027 31.96 23.17 -5.50
C THR A 1027 32.15 24.45 -6.29
N LYS A 1028 31.07 25.04 -6.79
CA LYS A 1028 31.17 26.32 -7.50
C LYS A 1028 31.72 27.40 -6.59
N MET A 1029 31.23 27.48 -5.36
CA MET A 1029 31.74 28.46 -4.41
C MET A 1029 33.22 28.26 -4.13
N SER A 1030 33.66 27.03 -3.94
CA SER A 1030 35.06 26.74 -3.64
C SER A 1030 35.97 27.05 -4.82
N GLU A 1031 35.59 26.65 -6.04
CA GLU A 1031 36.47 26.73 -7.19
C GLU A 1031 36.31 28.02 -7.99
N CYS A 1032 35.31 28.85 -7.68
CA CYS A 1032 35.12 30.12 -8.38
C CYS A 1032 35.24 31.32 -7.47
N VAL A 1033 34.54 31.33 -6.34
CA VAL A 1033 34.61 32.43 -5.40
C VAL A 1033 35.93 32.42 -4.64
N LEU A 1034 36.37 31.24 -4.19
CA LEU A 1034 37.59 31.10 -3.41
C LEU A 1034 38.82 30.87 -4.29
N GLY A 1035 38.66 30.89 -5.60
CA GLY A 1035 39.80 30.70 -6.48
C GLY A 1035 39.37 30.78 -7.93
N GLN A 1036 40.36 30.63 -8.81
CA GLN A 1036 40.14 30.63 -10.24
C GLN A 1036 40.12 29.20 -10.76
N SER A 1037 39.05 28.85 -11.48
CA SER A 1037 38.89 27.50 -12.00
C SER A 1037 39.48 27.41 -13.40
N LYS A 1038 40.47 26.54 -13.57
CA LYS A 1038 41.05 26.26 -14.87
C LYS A 1038 40.14 25.36 -15.72
N ARG A 1039 39.11 24.78 -15.12
CA ARG A 1039 38.16 23.96 -15.86
C ARG A 1039 37.47 24.83 -16.92
N VAL A 1040 37.40 24.31 -18.15
CA VAL A 1040 36.85 25.07 -19.26
C VAL A 1040 35.33 25.09 -19.15
N ASP A 1041 34.75 26.29 -19.16
CA ASP A 1041 33.29 26.46 -19.08
C ASP A 1041 32.72 25.80 -17.83
N PHE A 1042 33.30 26.13 -16.67
CA PHE A 1042 32.79 25.65 -15.39
C PHE A 1042 32.25 26.80 -14.54
N CYS A 1043 33.06 27.82 -14.28
CA CYS A 1043 32.59 29.03 -13.58
C CYS A 1043 32.09 30.07 -14.57
N GLY A 1044 31.17 29.65 -15.44
CA GLY A 1044 30.66 30.53 -16.48
C GLY A 1044 31.41 30.38 -17.78
N LYS A 1045 30.73 30.58 -18.90
CA LYS A 1045 31.36 30.45 -20.21
C LYS A 1045 32.44 31.50 -20.39
N GLY A 1046 33.58 31.09 -20.96
CA GLY A 1046 34.71 31.99 -21.11
C GLY A 1046 35.76 31.77 -20.05
N TYR A 1047 37.00 32.17 -20.33
CA TYR A 1047 38.08 32.03 -19.36
C TYR A 1047 37.68 32.71 -18.06
N HIS A 1048 37.52 31.93 -17.00
CA HIS A 1048 37.02 32.45 -15.74
C HIS A 1048 37.97 33.51 -15.20
N LEU A 1049 37.42 34.64 -14.76
CA LEU A 1049 38.19 35.71 -14.13
C LEU A 1049 37.76 35.94 -12.70
N MET A 1050 36.46 35.99 -12.44
CA MET A 1050 35.93 36.31 -11.12
C MET A 1050 34.54 35.72 -11.00
N SER A 1051 34.08 35.54 -9.77
CA SER A 1051 32.74 35.03 -9.51
C SER A 1051 32.20 35.57 -8.19
N PHE A 1052 31.15 36.37 -8.25
CA PHE A 1052 30.56 37.00 -7.06
C PHE A 1052 29.28 36.28 -6.69
N PRO A 1053 29.22 35.57 -5.55
CA PRO A 1053 27.98 34.88 -5.19
C PRO A 1053 26.90 35.87 -4.76
N GLN A 1054 25.65 35.44 -4.91
CA GLN A 1054 24.49 36.24 -4.54
C GLN A 1054 23.48 35.34 -3.86
N SER A 1055 23.08 35.70 -2.64
CA SER A 1055 22.13 34.89 -1.89
C SER A 1055 20.74 35.02 -2.47
N ALA A 1056 19.96 33.95 -2.33
CA ALA A 1056 18.58 33.91 -2.76
C ALA A 1056 17.84 32.85 -1.95
N PRO A 1057 16.52 32.97 -1.81
CA PRO A 1057 15.78 31.99 -1.02
C PRO A 1057 15.95 30.58 -1.60
N HIS A 1058 16.26 29.63 -0.71
CA HIS A 1058 16.41 28.24 -1.09
C HIS A 1058 17.35 28.08 -2.27
N GLY A 1059 18.43 28.86 -2.29
CA GLY A 1059 19.37 28.78 -3.39
C GLY A 1059 20.42 29.86 -3.30
N VAL A 1060 21.18 30.00 -4.38
CA VAL A 1060 22.24 31.00 -4.46
C VAL A 1060 22.48 31.32 -5.93
N VAL A 1061 22.92 32.56 -6.20
CA VAL A 1061 23.15 33.04 -7.56
C VAL A 1061 24.59 33.51 -7.67
N PHE A 1062 25.25 33.15 -8.77
CA PHE A 1062 26.63 33.50 -9.02
C PHE A 1062 26.73 34.45 -10.20
N LEU A 1063 27.58 35.46 -10.07
CA LEU A 1063 27.87 36.42 -11.13
C LEU A 1063 29.26 36.13 -11.66
N HIS A 1064 29.34 35.34 -12.73
CA HIS A 1064 30.60 34.87 -13.28
C HIS A 1064 31.16 35.90 -14.25
N VAL A 1065 32.38 36.34 -14.02
CA VAL A 1065 33.07 37.26 -14.92
C VAL A 1065 34.09 36.46 -15.73
N THR A 1066 33.99 36.53 -17.05
CA THR A 1066 34.80 35.72 -17.94
C THR A 1066 35.36 36.56 -19.08
N TYR A 1067 36.62 36.30 -19.41
CA TYR A 1067 37.24 36.94 -20.57
C TYR A 1067 36.63 36.42 -21.86
N VAL A 1068 36.46 37.31 -22.82
CA VAL A 1068 35.86 36.95 -24.11
C VAL A 1068 36.51 37.77 -25.22
N PRO A 1069 37.26 37.14 -26.13
CA PRO A 1069 37.76 37.89 -27.30
C PRO A 1069 36.60 38.34 -28.18
N ALA A 1070 36.78 39.48 -28.84
CA ALA A 1070 35.72 40.09 -29.65
C ALA A 1070 36.06 40.12 -31.13
N GLN A 1071 37.20 40.68 -31.51
CA GLN A 1071 37.57 40.87 -32.91
C GLN A 1071 38.73 39.96 -33.25
N GLU A 1072 38.71 39.41 -34.47
CA GLU A 1072 39.74 38.48 -34.93
C GLU A 1072 40.24 38.90 -36.30
N LYS A 1073 41.50 38.57 -36.57
CA LYS A 1073 42.13 38.86 -37.85
C LYS A 1073 43.27 37.88 -38.11
N ASN A 1074 43.06 36.94 -39.04
CA ASN A 1074 44.04 35.91 -39.33
C ASN A 1074 45.18 36.47 -40.17
N PHE A 1075 46.36 35.91 -39.96
CA PHE A 1075 47.56 36.29 -40.69
C PHE A 1075 48.46 35.06 -40.79
N THR A 1076 49.70 35.25 -41.19
CA THR A 1076 50.68 34.16 -41.30
C THR A 1076 51.37 33.96 -39.96
N THR A 1077 51.71 32.70 -39.68
CA THR A 1077 52.36 32.33 -38.42
C THR A 1077 53.40 31.24 -38.70
N ALA A 1078 54.35 31.12 -37.79
CA ALA A 1078 55.40 30.12 -37.88
C ALA A 1078 55.60 29.45 -36.53
N PRO A 1079 56.08 28.21 -36.51
CA PRO A 1079 56.30 27.52 -35.23
C PRO A 1079 57.60 27.92 -34.55
N ALA A 1080 58.60 28.28 -35.34
CA ALA A 1080 59.92 28.63 -34.81
C ALA A 1080 60.65 29.46 -35.87
N ILE A 1081 61.77 30.05 -35.48
CA ILE A 1081 62.58 30.88 -36.36
C ILE A 1081 64.03 30.39 -36.29
N CYS A 1082 64.69 30.34 -37.44
CA CYS A 1082 66.09 29.90 -37.53
C CYS A 1082 66.92 31.07 -38.05
N HIS A 1083 67.64 31.73 -37.14
CA HIS A 1083 68.47 32.87 -37.51
C HIS A 1083 69.57 32.45 -38.48
N ASP A 1084 70.50 31.61 -38.02
CA ASP A 1084 71.55 31.06 -38.88
C ASP A 1084 71.54 29.54 -38.88
N GLY A 1085 71.69 28.91 -37.72
CA GLY A 1085 71.68 27.46 -37.63
C GLY A 1085 71.03 26.93 -36.37
N LYS A 1086 70.51 27.82 -35.54
CA LYS A 1086 69.92 27.45 -34.26
C LYS A 1086 68.42 27.73 -34.28
N ALA A 1087 67.63 26.79 -33.76
CA ALA A 1087 66.19 26.90 -33.75
C ALA A 1087 65.73 27.57 -32.46
N HIS A 1088 65.24 28.81 -32.58
CA HIS A 1088 64.67 29.54 -31.45
C HIS A 1088 63.18 29.29 -31.37
N PHE A 1089 62.66 29.25 -30.15
CA PHE A 1089 61.25 29.00 -29.88
C PHE A 1089 60.71 30.08 -28.97
N PRO A 1090 59.40 30.34 -28.99
CA PRO A 1090 58.84 31.38 -28.12
C PRO A 1090 58.76 30.89 -26.68
N ARG A 1091 59.37 31.67 -25.78
CA ARG A 1091 59.36 31.29 -24.37
C ARG A 1091 57.95 31.22 -23.81
N GLU A 1092 57.15 32.26 -24.07
CA GLU A 1092 55.78 32.32 -23.57
C GLU A 1092 54.76 32.62 -24.66
N GLY A 1093 55.12 33.44 -25.65
CA GLY A 1093 54.20 33.88 -26.68
C GLY A 1093 54.19 32.99 -27.89
N VAL A 1094 53.80 33.56 -29.03
CA VAL A 1094 53.76 32.85 -30.30
C VAL A 1094 54.29 33.77 -31.39
N PHE A 1095 55.12 33.22 -32.27
CA PHE A 1095 55.65 33.97 -33.39
C PHE A 1095 54.53 34.28 -34.38
N VAL A 1096 54.48 35.54 -34.83
CA VAL A 1096 53.45 36.01 -35.74
C VAL A 1096 54.09 36.84 -36.83
N SER A 1097 53.37 37.00 -37.95
CA SER A 1097 53.84 37.77 -39.09
C SER A 1097 52.82 38.84 -39.44
N ASN A 1098 53.31 40.04 -39.74
CA ASN A 1098 52.48 41.16 -40.16
C ASN A 1098 52.48 41.33 -41.68
N GLY A 1099 52.84 40.28 -42.41
CA GLY A 1099 52.92 40.31 -43.86
C GLY A 1099 54.32 40.55 -44.39
N THR A 1100 55.08 41.42 -43.72
CA THR A 1100 56.45 41.74 -44.10
C THR A 1100 57.45 41.41 -43.01
N HIS A 1101 57.14 41.76 -41.76
CA HIS A 1101 58.06 41.57 -40.63
C HIS A 1101 57.41 40.64 -39.62
N TRP A 1102 58.24 39.89 -38.89
CA TRP A 1102 57.74 38.94 -37.90
C TRP A 1102 57.86 39.51 -36.50
N PHE A 1103 57.05 38.98 -35.59
CA PHE A 1103 57.07 39.40 -34.20
C PHE A 1103 56.56 38.25 -33.34
N VAL A 1104 56.81 38.37 -32.04
CA VAL A 1104 56.31 37.44 -31.04
C VAL A 1104 55.24 38.14 -30.23
N THR A 1105 54.05 37.54 -30.14
CA THR A 1105 52.92 38.13 -29.46
C THR A 1105 52.26 37.10 -28.55
N GLN A 1106 51.39 37.58 -27.67
CA GLN A 1106 50.71 36.70 -26.74
C GLN A 1106 49.82 35.70 -27.50
N ARG A 1107 49.44 34.64 -26.80
CA ARG A 1107 48.70 33.55 -27.43
C ARG A 1107 47.30 33.97 -27.84
N ASN A 1108 46.70 34.93 -27.14
CA ASN A 1108 45.32 35.32 -27.44
C ASN A 1108 45.11 36.83 -27.41
N PHE A 1109 46.16 37.62 -27.68
CA PHE A 1109 46.04 39.07 -27.77
C PHE A 1109 47.16 39.59 -28.66
N TYR A 1110 46.83 40.57 -29.49
CA TYR A 1110 47.79 41.12 -30.44
C TYR A 1110 48.74 42.11 -29.77
N GLU A 1111 49.82 41.60 -29.20
CA GLU A 1111 50.84 42.43 -28.55
C GLU A 1111 52.21 42.00 -29.06
N PRO A 1112 52.50 42.28 -30.33
CA PRO A 1112 53.77 41.83 -30.91
C PRO A 1112 54.95 42.55 -30.30
N GLN A 1113 56.09 41.87 -30.33
CA GLN A 1113 57.35 42.42 -29.83
C GLN A 1113 58.50 41.82 -30.62
N ILE A 1114 59.63 42.51 -30.60
CA ILE A 1114 60.83 42.04 -31.28
C ILE A 1114 61.31 40.74 -30.62
N ILE A 1115 61.64 39.75 -31.44
CA ILE A 1115 62.12 38.47 -30.94
C ILE A 1115 63.57 38.63 -30.50
N THR A 1116 63.85 38.25 -29.25
CA THR A 1116 65.19 38.37 -28.67
C THR A 1116 65.51 37.10 -27.89
N THR A 1117 66.81 36.88 -27.67
CA THR A 1117 67.26 35.69 -26.96
C THR A 1117 66.70 35.58 -25.55
N ASP A 1118 66.40 36.71 -24.91
CA ASP A 1118 65.88 36.66 -23.53
C ASP A 1118 64.54 35.95 -23.46
N ASN A 1119 63.66 36.20 -24.44
CA ASN A 1119 62.32 35.62 -24.46
C ASN A 1119 62.22 34.43 -25.41
N THR A 1120 63.34 33.76 -25.67
CA THR A 1120 63.36 32.57 -26.52
C THR A 1120 64.47 31.65 -26.04
N PHE A 1121 64.37 30.38 -26.40
CA PHE A 1121 65.39 29.40 -26.04
C PHE A 1121 65.74 28.57 -27.27
N VAL A 1122 66.95 28.03 -27.27
CA VAL A 1122 67.51 27.31 -28.41
C VAL A 1122 67.50 25.82 -28.10
N SER A 1123 66.99 25.02 -29.04
CA SER A 1123 66.94 23.58 -28.87
C SER A 1123 66.81 22.94 -30.24
N GLY A 1124 67.85 22.21 -30.66
CA GLY A 1124 67.81 21.47 -31.91
C GLY A 1124 68.21 22.31 -33.11
N ASN A 1125 68.27 21.62 -34.25
CA ASN A 1125 68.64 22.27 -35.51
C ASN A 1125 67.42 22.90 -36.17
N CYS A 1126 67.66 23.59 -37.29
CA CYS A 1126 66.57 24.23 -38.02
C CYS A 1126 65.81 23.22 -38.88
N ASP A 1127 66.53 22.32 -39.55
CA ASP A 1127 65.89 21.39 -40.47
C ASP A 1127 64.92 20.45 -39.76
N VAL A 1128 65.25 20.01 -38.55
CA VAL A 1128 64.39 19.08 -37.83
C VAL A 1128 63.01 19.69 -37.60
N VAL A 1129 62.98 20.97 -37.22
CA VAL A 1129 61.71 21.65 -37.00
C VAL A 1129 60.98 21.82 -38.32
N ILE A 1130 59.70 21.47 -38.34
CA ILE A 1130 58.87 21.54 -39.54
C ILE A 1130 58.20 22.91 -39.58
N GLY A 1131 58.31 23.60 -40.73
CA GLY A 1131 57.72 24.90 -40.91
C GLY A 1131 58.55 26.06 -40.40
N ILE A 1132 59.79 25.81 -39.97
CA ILE A 1132 60.62 26.89 -39.46
C ILE A 1132 60.85 27.93 -40.55
N VAL A 1133 61.14 29.16 -40.12
CA VAL A 1133 61.39 30.27 -41.03
C VAL A 1133 62.69 30.95 -40.62
N ASN A 1134 63.22 31.76 -41.53
CA ASN A 1134 64.46 32.49 -41.32
C ASN A 1134 64.13 33.92 -40.91
N ASN A 1135 64.60 34.32 -39.73
CA ASN A 1135 64.38 35.67 -39.23
C ASN A 1135 65.49 36.02 -38.26
N THR A 1136 65.78 37.31 -38.16
CA THR A 1136 66.85 37.77 -37.29
C THR A 1136 66.37 37.83 -35.84
N VAL A 1137 67.29 37.50 -34.92
CA VAL A 1137 67.05 37.58 -33.49
C VAL A 1137 68.02 38.61 -32.92
N TYR A 1138 67.49 39.62 -32.25
CA TYR A 1138 68.29 40.73 -31.74
C TYR A 1138 68.74 40.42 -30.32
N ASP A 1139 70.04 40.23 -30.14
CA ASP A 1139 70.60 40.02 -28.81
C ASP A 1139 70.78 41.36 -28.11
N PRO A 1140 70.14 41.60 -26.96
CA PRO A 1140 70.30 42.91 -26.32
C PRO A 1140 71.74 43.28 -25.99
N LEU A 1141 72.56 42.31 -25.59
CA LEU A 1141 73.92 42.59 -25.15
C LEU A 1141 74.93 42.61 -26.28
N GLN A 1142 74.58 42.09 -27.46
CA GLN A 1142 75.55 42.06 -28.56
C GLN A 1142 76.01 43.45 -28.97
N PRO A 1143 75.12 44.43 -29.17
CA PRO A 1143 75.58 45.77 -29.55
C PRO A 1143 76.03 46.64 -28.39
N GLU A 1144 76.08 46.10 -27.17
CA GLU A 1144 76.44 46.85 -25.97
C GLU A 1144 77.76 46.36 -25.40
N LEU A 1145 78.73 46.06 -26.26
CA LEU A 1145 80.05 45.59 -25.85
C LEU A 1145 81.10 46.57 -26.35
N ASP A 1146 81.96 47.01 -25.43
CA ASP A 1146 83.03 47.94 -25.75
C ASP A 1146 84.33 47.46 -25.12
N SER A 1147 85.44 47.75 -25.80
CA SER A 1147 86.76 47.35 -25.32
C SER A 1147 87.65 48.58 -25.12
N CYS B 15 -14.02 -9.65 66.76
CA CYS B 15 -15.17 -9.59 67.65
C CYS B 15 -15.31 -8.21 68.28
N VAL B 16 -14.99 -7.18 67.50
CA VAL B 16 -15.06 -5.79 67.95
C VAL B 16 -15.96 -5.02 66.98
N ASN B 17 -16.92 -4.28 67.54
CA ASN B 17 -17.84 -3.52 66.69
C ASN B 17 -17.10 -2.48 65.87
N LEU B 18 -16.15 -1.76 66.49
CA LEU B 18 -15.37 -0.74 65.80
C LEU B 18 -13.98 -0.71 66.40
N THR B 19 -12.98 -0.58 65.52
CA THR B 19 -11.60 -0.53 65.98
C THR B 19 -11.37 0.71 66.84
N THR B 20 -10.58 0.54 67.90
CA THR B 20 -10.27 1.61 68.84
C THR B 20 -8.77 1.83 68.88
N ARG B 21 -8.35 3.07 68.68
CA ARG B 21 -6.94 3.45 68.73
C ARG B 21 -6.87 4.97 68.64
N THR B 22 -5.64 5.49 68.69
CA THR B 22 -5.45 6.93 68.64
C THR B 22 -5.93 7.50 67.32
N GLN B 23 -5.64 6.81 66.21
CA GLN B 23 -6.08 7.24 64.88
C GLN B 23 -5.43 8.57 64.49
N LEU B 24 -4.10 8.63 64.60
CA LEU B 24 -3.37 9.81 64.21
C LEU B 24 -3.28 9.92 62.70
N PRO B 25 -3.04 11.11 62.16
CA PRO B 25 -2.94 11.24 60.72
C PRO B 25 -1.76 10.45 60.18
N PRO B 26 -1.87 9.94 58.96
CA PRO B 26 -0.77 9.17 58.37
C PRO B 26 0.36 10.08 57.91
N ALA B 27 1.51 9.46 57.66
CA ALA B 27 2.70 10.16 57.18
C ALA B 27 2.95 9.79 55.71
N TYR B 28 4.04 10.30 55.16
CA TYR B 28 4.39 10.03 53.77
C TYR B 28 5.90 10.02 53.63
N THR B 29 6.38 9.36 52.58
CA THR B 29 7.80 9.27 52.29
C THR B 29 7.98 8.99 50.80
N ASN B 30 9.21 9.21 50.34
CA ASN B 30 9.54 9.03 48.93
C ASN B 30 9.92 7.57 48.66
N SER B 31 9.37 7.01 47.59
CA SER B 31 9.67 5.64 47.23
C SER B 31 11.02 5.48 46.56
N PHE B 32 11.51 6.53 45.89
CA PHE B 32 12.79 6.48 45.16
C PHE B 32 12.63 5.47 44.02
N THR B 33 13.61 4.59 43.79
CA THR B 33 13.58 3.65 42.68
C THR B 33 13.02 2.29 43.08
N ARG B 34 12.52 2.14 44.29
CA ARG B 34 11.99 0.86 44.73
C ARG B 34 10.71 0.51 43.98
N GLY B 35 10.40 -0.78 43.94
CA GLY B 35 9.20 -1.27 43.29
C GLY B 35 9.40 -1.86 41.91
N VAL B 36 10.64 -1.97 41.44
CA VAL B 36 10.91 -2.53 40.11
C VAL B 36 10.79 -4.04 40.18
N TYR B 37 10.05 -4.63 39.25
CA TYR B 37 9.85 -6.07 39.18
C TYR B 37 10.06 -6.53 37.74
N TYR B 38 10.34 -7.82 37.57
CA TYR B 38 10.55 -8.37 36.24
C TYR B 38 9.20 -8.42 35.50
N PRO B 39 9.06 -7.75 34.36
CA PRO B 39 7.77 -7.77 33.67
C PRO B 39 7.34 -9.15 33.22
N ASP B 40 8.27 -10.01 32.85
CA ASP B 40 7.94 -11.33 32.34
C ASP B 40 9.08 -12.29 32.62
N LYS B 41 8.80 -13.58 32.45
CA LYS B 41 9.77 -14.63 32.70
C LYS B 41 10.81 -14.75 31.59
N VAL B 42 10.83 -13.83 30.62
CA VAL B 42 11.80 -13.92 29.54
C VAL B 42 13.18 -13.53 30.04
N PHE B 43 14.21 -14.12 29.41
CA PHE B 43 15.59 -13.87 29.74
C PHE B 43 16.23 -12.99 28.65
N ARG B 44 16.90 -11.94 29.08
CA ARG B 44 17.59 -11.04 28.17
C ARG B 44 18.95 -10.69 28.76
N SER B 45 19.97 -10.64 27.90
CA SER B 45 21.34 -10.36 28.32
C SER B 45 21.82 -9.08 27.66
N SER B 46 22.10 -8.07 28.49
CA SER B 46 22.60 -6.78 28.01
C SER B 46 21.68 -6.19 26.96
N VAL B 47 20.37 -6.24 27.23
CA VAL B 47 19.34 -5.71 26.33
C VAL B 47 18.52 -4.70 27.13
N LEU B 48 18.35 -3.51 26.57
CA LEU B 48 17.51 -2.47 27.16
C LEU B 48 16.10 -2.67 26.63
N HIS B 49 15.27 -3.35 27.41
CA HIS B 49 13.91 -3.69 27.01
C HIS B 49 12.93 -2.67 27.59
N SER B 50 12.03 -2.17 26.74
CA SER B 50 11.00 -1.23 27.16
C SER B 50 9.67 -1.95 27.17
N THR B 51 8.95 -1.85 28.28
CA THR B 51 7.66 -2.52 28.44
C THR B 51 6.67 -1.58 29.10
N GLN B 52 5.38 -1.84 28.85
CA GLN B 52 4.28 -1.08 29.42
C GLN B 52 3.49 -2.00 30.34
N ASP B 53 3.58 -1.74 31.65
CA ASP B 53 2.89 -2.56 32.64
C ASP B 53 2.71 -1.75 33.91
N LEU B 54 1.84 -2.25 34.80
CA LEU B 54 1.59 -1.58 36.07
C LEU B 54 2.87 -1.51 36.88
N PHE B 55 3.41 -0.31 37.06
CA PHE B 55 4.67 -0.10 37.76
C PHE B 55 4.53 1.04 38.76
N LEU B 56 5.36 0.99 39.80
CA LEU B 56 5.38 2.03 40.81
C LEU B 56 6.13 3.23 40.28
N PRO B 57 5.52 4.42 40.19
CA PRO B 57 6.26 5.57 39.64
C PRO B 57 7.48 5.91 40.49
N PHE B 58 8.55 6.32 39.80
CA PHE B 58 9.78 6.68 40.48
C PHE B 58 9.60 7.98 41.26
N PHE B 59 10.27 8.05 42.42
CA PHE B 59 10.23 9.24 43.27
C PHE B 59 8.79 9.63 43.62
N SER B 60 7.97 8.63 43.90
CA SER B 60 6.58 8.87 44.25
C SER B 60 6.41 8.85 45.77
N ASN B 61 5.22 9.23 46.22
CA ASN B 61 4.89 9.29 47.64
C ASN B 61 4.18 8.00 48.05
N VAL B 62 4.66 7.38 49.12
CA VAL B 62 4.08 6.15 49.65
C VAL B 62 3.71 6.39 51.11
N THR B 63 2.49 6.01 51.47
CA THR B 63 2.03 6.19 52.84
C THR B 63 2.92 5.42 53.80
N TRP B 64 3.33 6.08 54.89
CA TRP B 64 4.21 5.50 55.90
C TRP B 64 3.37 5.19 57.13
N PHE B 65 2.77 4.02 57.15
CA PHE B 65 2.03 3.58 58.33
C PHE B 65 2.99 3.34 59.49
N HIS B 66 2.59 3.82 60.66
CA HIS B 66 3.44 3.83 61.84
C HIS B 66 2.89 2.88 62.89
N ALA B 67 3.74 1.94 63.33
CA ALA B 67 3.39 0.99 64.39
C ALA B 67 4.59 0.90 65.33
N ILE B 68 4.62 1.79 66.33
CA ILE B 68 5.74 1.86 67.28
C ILE B 68 5.19 2.08 68.67
N HIS B 69 6.04 1.81 69.66
CA HIS B 69 5.75 2.12 71.05
C HIS B 69 7.01 2.70 71.69
N VAL B 70 6.83 3.78 72.45
CA VAL B 70 7.92 4.50 73.09
C VAL B 70 7.86 4.23 74.58
N SER B 71 8.97 3.77 75.15
CA SER B 71 9.06 3.47 76.57
C SER B 71 9.47 4.75 77.29
N GLY B 72 8.50 5.45 77.87
CA GLY B 72 8.79 6.68 78.58
C GLY B 72 7.50 7.29 79.10
N THR B 73 7.65 8.45 79.74
CA THR B 73 6.50 9.14 80.29
C THR B 73 5.51 9.53 79.19
N ASN B 74 6.03 10.03 78.07
CA ASN B 74 5.19 10.41 76.93
C ASN B 74 5.91 10.04 75.64
N GLY B 75 5.11 9.81 74.60
CA GLY B 75 5.67 9.44 73.31
C GLY B 75 4.57 9.16 72.31
N THR B 76 5.00 8.74 71.13
CA THR B 76 4.08 8.43 70.03
C THR B 76 3.90 6.92 69.94
N LYS B 77 2.71 6.44 70.29
CA LYS B 77 2.38 5.03 70.20
C LYS B 77 1.09 4.87 69.40
N ARG B 78 1.15 4.05 68.36
CA ARG B 78 -0.01 3.85 67.49
C ARG B 78 0.15 2.52 66.75
N PHE B 79 -0.96 2.04 66.21
CA PHE B 79 -0.97 0.82 65.41
C PHE B 79 -2.08 0.96 64.38
N ASP B 80 -1.70 1.06 63.10
CA ASP B 80 -2.64 1.31 62.02
C ASP B 80 -2.77 0.09 61.13
N ASN B 81 -4.01 -0.28 60.83
CA ASN B 81 -4.30 -1.37 59.90
C ASN B 81 -5.69 -1.17 59.30
N PRO B 82 -5.94 -0.07 58.60
CA PRO B 82 -7.27 0.17 58.05
C PRO B 82 -7.46 -0.47 56.67
N VAL B 83 -8.71 -0.47 56.23
CA VAL B 83 -9.05 -0.97 54.89
C VAL B 83 -8.64 0.08 53.86
N LEU B 84 -7.95 -0.37 52.82
CA LEU B 84 -7.45 0.50 51.77
C LEU B 84 -7.90 -0.01 50.40
N PRO B 85 -8.06 0.87 49.43
CA PRO B 85 -8.48 0.42 48.10
C PRO B 85 -7.40 -0.41 47.42
N PHE B 86 -7.84 -1.32 46.55
CA PHE B 86 -6.94 -2.19 45.81
C PHE B 86 -6.52 -1.57 44.48
N ASN B 87 -7.49 -1.09 43.69
CA ASN B 87 -7.21 -0.47 42.41
C ASN B 87 -6.50 -1.46 41.48
N ASP B 88 -5.77 -0.95 40.49
CA ASP B 88 -5.09 -1.78 39.52
C ASP B 88 -3.91 -2.54 40.10
N GLY B 89 -3.38 -2.12 41.23
CA GLY B 89 -2.25 -2.80 41.84
C GLY B 89 -1.96 -2.25 43.21
N VAL B 90 -1.07 -2.96 43.91
CA VAL B 90 -0.68 -2.60 45.27
C VAL B 90 0.79 -2.91 45.45
N TYR B 91 1.49 -2.02 46.15
CA TYR B 91 2.90 -2.20 46.50
C TYR B 91 3.03 -2.15 48.02
N PHE B 92 3.85 -3.04 48.57
CA PHE B 92 4.02 -3.14 50.01
C PHE B 92 5.50 -3.28 50.34
N ALA B 93 5.86 -2.79 51.52
CA ALA B 93 7.21 -2.94 52.04
C ALA B 93 7.13 -2.92 53.56
N SER B 94 8.16 -3.46 54.20
CA SER B 94 8.20 -3.53 55.65
C SER B 94 9.63 -3.73 56.11
N THR B 95 9.99 -3.06 57.21
CA THR B 95 11.31 -3.19 57.81
C THR B 95 11.15 -3.22 59.32
N GLU B 96 11.47 -4.36 59.93
CA GLU B 96 11.34 -4.52 61.38
C GLU B 96 12.51 -5.33 61.90
N LYS B 97 12.87 -5.07 63.15
CA LYS B 97 13.89 -5.89 63.80
C LYS B 97 13.43 -7.33 63.92
N SER B 98 12.16 -7.52 64.29
CA SER B 98 11.51 -8.82 64.32
C SER B 98 10.24 -8.74 63.48
N ASN B 99 9.96 -9.82 62.75
CA ASN B 99 8.79 -9.81 61.87
C ASN B 99 7.53 -9.55 62.68
N ILE B 100 6.73 -8.59 62.19
CA ILE B 100 5.48 -8.22 62.83
C ILE B 100 4.30 -8.37 61.88
N ILE B 101 4.44 -7.90 60.65
CA ILE B 101 3.38 -8.07 59.64
C ILE B 101 3.44 -9.50 59.14
N ARG B 102 2.42 -10.28 59.47
CA ARG B 102 2.39 -11.70 59.18
C ARG B 102 1.55 -12.06 57.97
N GLY B 103 1.03 -11.09 57.23
CA GLY B 103 0.24 -11.40 56.06
C GLY B 103 -0.58 -10.22 55.61
N TRP B 104 -1.45 -10.48 54.64
CA TRP B 104 -2.32 -9.46 54.06
C TRP B 104 -3.68 -10.07 53.78
N ILE B 105 -4.67 -9.19 53.62
CA ILE B 105 -6.05 -9.59 53.34
C ILE B 105 -6.49 -8.88 52.07
N PHE B 106 -7.11 -9.62 51.16
CA PHE B 106 -7.60 -9.08 49.89
C PHE B 106 -9.06 -9.50 49.70
N GLY B 107 -9.87 -8.57 49.23
CA GLY B 107 -11.27 -8.86 48.99
C GLY B 107 -12.02 -7.61 48.59
N THR B 108 -13.33 -7.77 48.40
CA THR B 108 -14.21 -6.66 48.03
C THR B 108 -15.09 -6.23 49.20
N THR B 109 -15.83 -7.15 49.80
CA THR B 109 -16.69 -6.83 50.93
C THR B 109 -16.05 -7.17 52.28
N LEU B 110 -14.94 -7.91 52.29
CA LEU B 110 -14.24 -8.27 53.52
C LEU B 110 -15.17 -8.94 54.52
N ASP B 111 -16.01 -9.85 54.05
CA ASP B 111 -16.95 -10.58 54.90
C ASP B 111 -17.24 -11.93 54.26
N SER B 112 -18.28 -12.60 54.75
CA SER B 112 -18.66 -13.90 54.21
C SER B 112 -19.53 -13.80 52.97
N LYS B 113 -19.77 -12.58 52.46
CA LYS B 113 -20.61 -12.38 51.29
C LYS B 113 -19.83 -12.46 49.98
N THR B 114 -18.53 -12.76 50.03
CA THR B 114 -17.73 -12.88 48.82
C THR B 114 -16.42 -13.55 49.18
N GLN B 115 -15.91 -14.38 48.28
CA GLN B 115 -14.64 -15.05 48.51
C GLN B 115 -13.51 -14.04 48.55
N SER B 116 -12.65 -14.16 49.56
CA SER B 116 -11.56 -13.24 49.81
C SER B 116 -10.27 -14.00 50.01
N LEU B 117 -9.23 -13.61 49.28
CA LEU B 117 -7.91 -14.22 49.46
C LEU B 117 -7.34 -13.84 50.82
N LEU B 118 -6.78 -14.84 51.50
CA LEU B 118 -6.14 -14.65 52.79
C LEU B 118 -4.72 -15.16 52.73
N ILE B 119 -3.76 -14.30 53.08
CA ILE B 119 -2.36 -14.65 53.14
C ILE B 119 -1.88 -14.39 54.56
N VAL B 120 -1.30 -15.42 55.20
CA VAL B 120 -0.77 -15.31 56.56
C VAL B 120 0.57 -16.03 56.61
N ASN B 121 1.35 -15.72 57.64
CA ASN B 121 2.67 -16.31 57.84
C ASN B 121 2.80 -16.75 59.28
N ASN B 122 3.62 -17.77 59.49
CA ASN B 122 3.87 -18.31 60.82
C ASN B 122 5.31 -18.81 60.87
N ALA B 123 5.65 -19.53 61.94
CA ALA B 123 7.01 -20.01 62.14
C ALA B 123 7.28 -21.35 61.47
N THR B 124 6.28 -21.95 60.82
CA THR B 124 6.43 -23.24 60.16
C THR B 124 6.37 -23.11 58.64
N ASN B 125 5.30 -22.53 58.10
CA ASN B 125 5.14 -22.40 56.66
C ASN B 125 4.25 -21.21 56.37
N VAL B 126 4.30 -20.74 55.13
CA VAL B 126 3.46 -19.64 54.66
C VAL B 126 2.14 -20.28 54.25
N VAL B 127 1.05 -19.79 54.86
CA VAL B 127 -0.27 -20.36 54.61
C VAL B 127 -1.08 -19.39 53.76
N ILE B 128 -1.56 -19.86 52.61
CA ILE B 128 -2.41 -19.10 51.72
C ILE B 128 -3.69 -19.90 51.52
N LYS B 129 -4.84 -19.25 51.73
CA LYS B 129 -6.13 -19.91 51.59
C LYS B 129 -7.14 -18.92 51.05
N VAL B 130 -8.18 -19.45 50.39
CA VAL B 130 -9.25 -18.64 49.83
C VAL B 130 -10.55 -19.15 50.44
N CYS B 131 -11.18 -18.31 51.26
CA CYS B 131 -12.44 -18.66 51.91
C CYS B 131 -13.26 -17.40 52.13
N GLU B 132 -14.57 -17.60 52.35
CA GLU B 132 -15.47 -16.49 52.66
C GLU B 132 -15.30 -16.07 54.12
N PHE B 133 -14.08 -15.63 54.43
CA PHE B 133 -13.76 -15.25 55.80
C PHE B 133 -14.58 -14.05 56.23
N GLN B 134 -15.03 -14.09 57.49
CA GLN B 134 -15.71 -12.94 58.10
C GLN B 134 -14.66 -12.11 58.82
N PHE B 135 -13.92 -11.33 58.03
CA PHE B 135 -12.81 -10.57 58.57
C PHE B 135 -13.28 -9.63 59.68
N CYS B 136 -12.52 -9.61 60.77
CA CYS B 136 -12.82 -8.70 61.87
C CYS B 136 -12.42 -7.27 61.48
N ASN B 137 -12.98 -6.30 62.22
CA ASN B 137 -12.66 -4.90 61.95
C ASN B 137 -11.19 -4.60 62.18
N ASP B 138 -10.56 -5.29 63.14
CA ASP B 138 -9.15 -5.09 63.48
C ASP B 138 -8.46 -6.46 63.49
N PRO B 139 -8.21 -7.04 62.33
CA PRO B 139 -7.56 -8.36 62.29
C PRO B 139 -6.13 -8.29 62.79
N PHE B 140 -5.68 -9.39 63.39
CA PHE B 140 -4.31 -9.52 63.88
C PHE B 140 -4.12 -10.96 64.37
N LEU B 141 -2.89 -11.27 64.75
CA LEU B 141 -2.53 -12.58 65.27
C LEU B 141 -2.17 -12.45 66.75
N GLY B 142 -2.82 -13.25 67.59
CA GLY B 142 -2.56 -13.21 69.01
C GLY B 142 -1.33 -14.01 69.40
N VAL B 143 -0.26 -13.31 69.78
CA VAL B 143 1.00 -13.93 70.17
C VAL B 143 1.32 -13.50 71.59
N TYR B 144 1.65 -14.48 72.44
CA TYR B 144 1.99 -14.21 73.84
C TYR B 144 3.19 -15.05 74.23
N TYR B 145 3.93 -14.58 75.23
CA TYR B 145 5.10 -15.29 75.71
C TYR B 145 4.68 -16.62 76.34
N HIS B 146 5.46 -17.66 76.08
CA HIS B 146 5.16 -18.97 76.64
C HIS B 146 5.33 -18.96 78.16
N LYS B 147 4.55 -19.81 78.83
CA LYS B 147 4.58 -19.85 80.28
C LYS B 147 5.96 -20.28 80.79
N ASN B 148 6.55 -21.28 80.16
CA ASN B 148 7.85 -21.81 80.58
C ASN B 148 8.93 -21.68 79.53
N ASN B 149 8.60 -21.93 78.25
CA ASN B 149 9.61 -21.85 77.20
C ASN B 149 10.18 -20.44 77.04
N LYS B 150 9.43 -19.42 77.46
CA LYS B 150 9.83 -18.02 77.38
C LYS B 150 9.85 -17.49 75.95
N SER B 151 9.39 -18.26 74.98
CA SER B 151 9.36 -17.84 73.59
C SER B 151 7.94 -17.44 73.18
N TRP B 152 7.87 -16.64 72.11
CA TRP B 152 6.57 -16.20 71.62
C TRP B 152 5.73 -17.39 71.18
N MET B 153 4.46 -17.38 71.58
CA MET B 153 3.53 -18.45 71.25
C MET B 153 2.21 -17.85 70.81
N GLU B 154 1.60 -18.45 69.79
CA GLU B 154 0.33 -17.98 69.27
C GLU B 154 -0.81 -18.44 70.17
N SER B 155 -1.77 -17.56 70.41
CA SER B 155 -2.92 -17.85 71.25
C SER B 155 -4.23 -17.86 70.47
N GLU B 156 -4.54 -16.78 69.76
CA GLU B 156 -5.77 -16.69 68.99
C GLU B 156 -5.46 -16.09 67.62
N PHE B 157 -6.15 -16.60 66.60
CA PHE B 157 -6.00 -16.09 65.23
C PHE B 157 -7.14 -15.11 64.94
N ARG B 158 -7.04 -13.94 65.59
CA ARG B 158 -8.08 -12.93 65.48
C ARG B 158 -8.00 -12.22 64.13
N VAL B 159 -8.33 -12.94 63.06
CA VAL B 159 -8.35 -12.37 61.71
C VAL B 159 -9.75 -12.52 61.13
N TYR B 160 -10.48 -13.54 61.59
CA TYR B 160 -11.83 -13.79 61.10
C TYR B 160 -12.56 -14.64 62.13
N SER B 161 -13.88 -14.71 61.97
CA SER B 161 -14.73 -15.50 62.86
C SER B 161 -15.25 -16.79 62.24
N SER B 162 -15.59 -16.78 60.96
CA SER B 162 -16.09 -17.96 60.29
C SER B 162 -15.78 -17.87 58.79
N ALA B 163 -15.78 -19.03 58.15
CA ALA B 163 -15.56 -19.13 56.71
C ALA B 163 -16.79 -19.63 55.97
N ASN B 164 -17.34 -20.78 56.38
CA ASN B 164 -18.56 -21.31 55.79
C ASN B 164 -18.37 -21.77 54.36
N ASN B 165 -17.14 -21.76 53.87
CA ASN B 165 -16.87 -22.20 52.51
C ASN B 165 -15.36 -22.30 52.30
N CYS B 166 -14.94 -23.30 51.52
CA CYS B 166 -13.54 -23.50 51.17
C CYS B 166 -13.42 -23.60 49.66
N THR B 167 -12.41 -22.93 49.11
CA THR B 167 -12.18 -22.92 47.67
C THR B 167 -10.74 -23.17 47.25
N PHE B 168 -9.75 -22.95 48.12
CA PHE B 168 -8.36 -23.14 47.73
C PHE B 168 -7.48 -23.10 48.97
N GLU B 169 -6.36 -23.82 48.89
CA GLU B 169 -5.37 -23.83 49.97
C GLU B 169 -4.01 -24.13 49.36
N TYR B 170 -2.99 -23.41 49.83
CA TYR B 170 -1.63 -23.58 49.34
C TYR B 170 -0.65 -23.33 50.48
N VAL B 171 0.53 -23.96 50.37
CA VAL B 171 1.58 -23.82 51.37
C VAL B 171 2.89 -23.53 50.65
N SER B 172 3.80 -22.85 51.36
CA SER B 172 5.09 -22.50 50.79
C SER B 172 6.10 -22.40 51.93
N GLN B 173 7.38 -22.48 51.58
CA GLN B 173 8.42 -22.41 52.58
C GLN B 173 8.46 -21.01 53.21
N PRO B 174 8.80 -20.90 54.49
CA PRO B 174 8.85 -19.57 55.11
C PRO B 174 9.92 -18.68 54.47
N PHE B 175 9.66 -17.38 54.49
CA PHE B 175 10.65 -16.40 54.07
C PHE B 175 11.64 -16.18 55.22
N LEU B 176 12.42 -15.11 55.16
CA LEU B 176 13.39 -14.83 56.20
C LEU B 176 12.70 -14.71 57.55
N MET B 177 13.26 -15.38 58.55
CA MET B 177 12.73 -15.39 59.91
C MET B 177 13.49 -14.40 60.79
N ASP B 178 12.74 -13.67 61.62
CA ASP B 178 13.31 -12.86 62.69
C ASP B 178 12.29 -12.84 63.81
N LEU B 179 12.45 -13.74 64.78
CA LEU B 179 11.46 -13.90 65.84
C LEU B 179 11.68 -12.90 66.97
N GLU B 180 12.85 -12.95 67.59
CA GLU B 180 13.17 -12.11 68.75
C GLU B 180 13.90 -10.85 68.28
N GLY B 181 13.40 -9.69 68.72
CA GLY B 181 14.02 -8.44 68.36
C GLY B 181 15.46 -8.35 68.81
N LYS B 182 16.34 -7.91 67.92
CA LYS B 182 17.76 -7.79 68.23
C LYS B 182 18.35 -6.69 67.35
N GLN B 183 19.51 -6.19 67.78
CA GLN B 183 20.20 -5.13 67.07
C GLN B 183 19.36 -3.85 67.01
N GLY B 184 19.98 -2.74 66.64
CA GLY B 184 19.29 -1.47 66.56
C GLY B 184 19.03 -1.05 65.13
N ASN B 185 18.96 -2.02 64.21
CA ASN B 185 18.79 -1.73 62.79
C ASN B 185 17.59 -2.51 62.26
N PHE B 186 17.02 -1.99 61.17
CA PHE B 186 15.87 -2.59 60.50
C PHE B 186 16.30 -3.38 59.26
N LYS B 187 17.43 -4.08 59.35
CA LYS B 187 18.01 -4.73 58.16
C LYS B 187 17.01 -5.65 57.47
N ASN B 188 16.08 -6.24 58.23
CA ASN B 188 15.12 -7.19 57.65
C ASN B 188 14.10 -6.41 56.83
N LEU B 189 14.49 -6.08 55.60
CA LEU B 189 13.62 -5.36 54.67
C LEU B 189 12.98 -6.36 53.72
N ARG B 190 11.65 -6.27 53.58
CA ARG B 190 10.89 -7.13 52.68
C ARG B 190 9.99 -6.27 51.82
N GLU B 191 9.98 -6.54 50.52
CA GLU B 191 9.17 -5.82 49.55
C GLU B 191 8.26 -6.79 48.82
N PHE B 192 7.01 -6.38 48.61
CA PHE B 192 6.03 -7.22 47.94
C PHE B 192 5.22 -6.38 46.97
N VAL B 193 4.81 -6.99 45.86
CA VAL B 193 3.97 -6.35 44.85
C VAL B 193 2.82 -7.29 44.54
N PHE B 194 1.60 -6.74 44.52
CA PHE B 194 0.39 -7.53 44.29
C PHE B 194 -0.41 -6.91 43.15
N LYS B 195 -0.94 -7.77 42.28
CA LYS B 195 -1.80 -7.33 41.19
C LYS B 195 -2.77 -8.46 40.86
N ASN B 196 -3.89 -8.09 40.24
CA ASN B 196 -4.96 -9.02 39.90
C ASN B 196 -5.41 -8.81 38.46
N ILE B 197 -4.46 -8.70 37.54
CA ILE B 197 -4.75 -8.49 36.13
C ILE B 197 -4.97 -9.83 35.46
N ASP B 198 -5.98 -9.89 34.59
CA ASP B 198 -6.31 -11.10 33.83
C ASP B 198 -6.68 -12.27 34.72
N GLY B 199 -7.14 -11.99 35.95
CA GLY B 199 -7.54 -13.03 36.87
C GLY B 199 -6.40 -13.72 37.59
N TYR B 200 -5.15 -13.29 37.38
CA TYR B 200 -4.00 -13.89 38.04
C TYR B 200 -3.55 -13.00 39.19
N PHE B 201 -3.47 -13.58 40.38
CA PHE B 201 -2.98 -12.86 41.56
C PHE B 201 -1.47 -13.02 41.62
N LYS B 202 -0.79 -12.29 40.74
CA LYS B 202 0.67 -12.36 40.66
C LYS B 202 1.29 -11.65 41.85
N ILE B 203 2.26 -12.32 42.48
CA ILE B 203 2.95 -11.80 43.66
C ILE B 203 4.43 -11.74 43.36
N TYR B 204 5.00 -10.54 43.45
CA TYR B 204 6.42 -10.32 43.24
C TYR B 204 7.02 -9.74 44.51
N SER B 205 8.16 -10.28 44.93
CA SER B 205 8.77 -9.87 46.19
C SER B 205 10.26 -10.18 46.16
N LYS B 206 10.98 -9.54 47.09
CA LYS B 206 12.40 -9.77 47.27
C LYS B 206 12.79 -9.25 48.64
N HIS B 207 13.80 -9.90 49.24
CA HIS B 207 14.29 -9.53 50.56
C HIS B 207 15.78 -9.22 50.46
N THR B 208 16.17 -8.05 50.96
CA THR B 208 17.56 -7.62 50.97
C THR B 208 17.85 -6.93 52.29
N PRO B 209 19.12 -6.92 52.72
CA PRO B 209 19.46 -6.23 53.96
C PRO B 209 19.67 -4.75 53.75
N ILE B 210 19.45 -3.99 54.83
CA ILE B 210 19.67 -2.54 54.83
C ILE B 210 20.38 -2.16 56.11
N ASN B 211 20.98 -0.96 56.10
CA ASN B 211 21.72 -0.43 57.25
C ASN B 211 21.20 0.96 57.63
N LEU B 212 19.89 1.11 57.71
CA LEU B 212 19.25 2.37 58.05
C LEU B 212 18.25 2.16 59.17
N VAL B 213 17.96 3.24 59.90
CA VAL B 213 17.00 3.18 60.99
C VAL B 213 15.63 3.73 60.61
N ARG B 214 15.55 4.52 59.54
CA ARG B 214 14.28 5.10 59.10
C ARG B 214 14.35 5.33 57.60
N ASP B 215 13.18 5.56 57.00
CA ASP B 215 13.07 5.81 55.57
C ASP B 215 13.38 4.55 54.78
N LEU B 216 13.77 4.70 53.51
CA LEU B 216 14.03 3.57 52.63
C LEU B 216 15.43 3.68 52.02
N PRO B 217 16.03 2.56 51.64
CA PRO B 217 17.38 2.63 51.07
C PRO B 217 17.39 3.31 49.71
N GLN B 218 18.55 3.88 49.37
CA GLN B 218 18.76 4.55 48.10
C GLN B 218 19.21 3.61 47.00
N GLY B 219 19.40 2.33 47.30
CA GLY B 219 19.86 1.37 46.32
C GLY B 219 18.75 0.91 45.40
N PHE B 220 19.14 0.08 44.43
CA PHE B 220 18.23 -0.47 43.44
C PHE B 220 18.26 -1.98 43.50
N SER B 221 17.09 -2.60 43.44
CA SER B 221 16.98 -4.06 43.49
C SER B 221 15.65 -4.48 42.90
N ALA B 222 15.68 -5.20 41.79
CA ALA B 222 14.47 -5.68 41.15
C ALA B 222 13.82 -6.77 42.01
N LEU B 223 12.50 -6.84 41.94
CA LEU B 223 11.71 -7.79 42.72
C LEU B 223 11.39 -8.99 41.83
N GLU B 224 12.05 -10.11 42.09
CA GLU B 224 11.82 -11.31 41.29
C GLU B 224 10.45 -11.90 41.61
N PRO B 225 9.79 -12.56 40.66
CA PRO B 225 8.51 -13.19 40.95
C PRO B 225 8.68 -14.39 41.86
N LEU B 226 7.64 -14.67 42.65
CA LEU B 226 7.62 -15.79 43.57
C LEU B 226 6.59 -16.85 43.20
N VAL B 227 5.33 -16.46 43.04
CA VAL B 227 4.24 -17.38 42.79
C VAL B 227 3.15 -16.65 41.99
N ASP B 228 2.29 -17.44 41.34
CA ASP B 228 1.19 -16.87 40.56
C ASP B 228 -0.06 -17.72 40.88
N LEU B 229 -1.02 -17.11 41.56
CA LEU B 229 -2.23 -17.82 41.95
C LEU B 229 -3.36 -17.46 41.01
N PRO B 230 -3.88 -18.39 40.20
CA PRO B 230 -5.00 -18.05 39.33
C PRO B 230 -6.35 -18.17 40.03
N ILE B 231 -6.52 -17.41 41.12
CA ILE B 231 -7.77 -17.47 41.88
C ILE B 231 -8.93 -16.96 41.02
N GLY B 232 -8.73 -15.82 40.36
CA GLY B 232 -9.73 -15.28 39.47
C GLY B 232 -10.82 -14.48 40.15
N ILE B 233 -10.77 -14.30 41.46
CA ILE B 233 -11.81 -13.56 42.17
C ILE B 233 -11.51 -12.06 42.07
N ASN B 234 -12.56 -11.27 41.84
CA ASN B 234 -12.39 -9.83 41.77
C ASN B 234 -11.98 -9.29 43.13
N ILE B 235 -11.00 -8.37 43.13
CA ILE B 235 -10.47 -7.76 44.34
C ILE B 235 -10.58 -6.25 44.20
N THR B 236 -11.12 -5.60 45.23
CA THR B 236 -11.24 -4.15 45.25
C THR B 236 -10.77 -3.52 46.55
N ARG B 237 -10.61 -4.28 47.63
CA ARG B 237 -10.16 -3.75 48.91
C ARG B 237 -9.10 -4.69 49.49
N PHE B 238 -8.24 -4.13 50.32
CA PHE B 238 -7.21 -4.91 50.99
C PHE B 238 -6.87 -4.25 52.32
N GLN B 239 -6.31 -5.06 53.22
CA GLN B 239 -5.95 -4.57 54.55
C GLN B 239 -4.77 -5.39 55.07
N THR B 240 -3.85 -4.71 55.75
CA THR B 240 -2.70 -5.39 56.33
C THR B 240 -3.01 -5.88 57.73
N LEU B 241 -2.33 -6.95 58.14
CA LEU B 241 -2.50 -7.53 59.46
C LEU B 241 -1.14 -7.76 60.09
N LEU B 242 -1.12 -7.78 61.42
CA LEU B 242 0.11 -7.96 62.18
C LEU B 242 -0.20 -8.81 63.41
N ALA B 243 0.75 -8.88 64.33
CA ALA B 243 0.61 -9.63 65.56
C ALA B 243 0.60 -8.68 66.75
N LEU B 244 -0.33 -8.91 67.68
CA LEU B 244 -0.49 -8.07 68.86
C LEU B 244 -0.26 -8.89 70.11
N HIS B 245 0.44 -8.30 71.07
CA HIS B 245 0.71 -8.96 72.34
C HIS B 245 -0.36 -8.58 73.36
N ARG B 246 -0.45 -9.38 74.42
CA ARG B 246 -1.45 -9.15 75.46
C ARG B 246 -1.19 -7.81 76.13
N SER B 247 -2.26 -7.01 76.26
CA SER B 247 -2.12 -5.65 76.81
C SER B 247 -1.66 -5.68 78.26
N TYR B 248 -2.24 -6.59 79.07
CA TYR B 248 -1.93 -6.62 80.49
C TYR B 248 -0.53 -7.11 80.79
N LEU B 249 0.18 -7.67 79.80
CA LEU B 249 1.54 -8.16 79.99
C LEU B 249 2.61 -7.15 79.58
N THR B 250 2.37 -6.40 78.51
CA THR B 250 3.32 -5.43 78.00
C THR B 250 2.63 -4.09 77.76
N PRO B 251 3.36 -3.00 77.81
CA PRO B 251 2.76 -1.67 77.58
C PRO B 251 2.63 -1.39 76.08
N GLY B 252 2.03 -0.25 75.77
CA GLY B 252 1.81 0.18 74.42
C GLY B 252 0.38 0.62 74.18
N ASP B 253 0.17 1.19 73.00
CA ASP B 253 -1.16 1.65 72.61
C ASP B 253 -2.14 0.49 72.64
N SER B 254 -3.33 0.74 73.18
CA SER B 254 -4.35 -0.29 73.30
C SER B 254 -5.18 -0.33 72.02
N SER B 255 -4.74 -1.14 71.06
CA SER B 255 -5.46 -1.32 69.80
C SER B 255 -6.63 -2.27 70.08
N SER B 256 -7.77 -1.72 70.44
CA SER B 256 -8.95 -2.50 70.82
C SER B 256 -8.65 -3.39 72.03
N GLY B 257 -7.70 -2.95 72.85
CA GLY B 257 -7.31 -3.72 74.03
C GLY B 257 -6.08 -4.58 73.86
N TRP B 258 -5.34 -4.41 72.75
CA TRP B 258 -4.12 -5.16 72.53
C TRP B 258 -3.04 -4.23 72.02
N THR B 259 -1.78 -4.64 72.23
CA THR B 259 -0.63 -3.85 71.81
C THR B 259 0.36 -4.72 71.03
N ALA B 260 1.47 -4.13 70.60
CA ALA B 260 2.48 -4.85 69.84
C ALA B 260 3.80 -4.11 69.97
N GLY B 261 4.87 -4.72 69.46
CA GLY B 261 6.19 -4.10 69.51
C GLY B 261 6.42 -3.11 68.38
N ALA B 262 7.64 -2.58 68.33
CA ALA B 262 7.99 -1.61 67.32
C ALA B 262 7.96 -2.25 65.93
N ALA B 263 7.47 -1.49 64.96
CA ALA B 263 7.37 -1.95 63.58
C ALA B 263 7.20 -0.73 62.68
N ALA B 264 7.34 -0.97 61.37
CA ALA B 264 7.17 0.10 60.39
C ALA B 264 7.02 -0.54 59.01
N TYR B 265 5.97 -0.14 58.29
CA TYR B 265 5.72 -0.67 56.95
C TYR B 265 5.15 0.44 56.08
N TYR B 266 5.36 0.31 54.78
CA TYR B 266 4.90 1.27 53.79
C TYR B 266 3.88 0.62 52.85
N VAL B 267 3.35 1.42 51.94
CA VAL B 267 2.38 0.93 50.97
C VAL B 267 2.28 1.95 49.84
N GLY B 268 2.08 1.47 48.62
CA GLY B 268 1.98 2.33 47.46
C GLY B 268 0.97 1.78 46.48
N TYR B 269 0.83 2.48 45.35
CA TYR B 269 -0.11 2.11 44.31
C TYR B 269 0.57 2.18 42.95
N LEU B 270 0.05 1.41 42.00
CA LEU B 270 0.62 1.31 40.66
C LEU B 270 -0.42 1.74 39.63
N GLN B 271 0.02 2.49 38.63
CA GLN B 271 -0.83 2.90 37.52
C GLN B 271 -0.13 2.60 36.20
N PRO B 272 -0.89 2.42 35.12
CA PRO B 272 -0.27 2.05 33.84
C PRO B 272 0.72 3.11 33.37
N ARG B 273 1.85 2.64 32.86
CA ARG B 273 2.87 3.50 32.25
C ARG B 273 3.92 2.58 31.63
N THR B 274 4.98 3.17 31.09
CA THR B 274 6.04 2.43 30.41
C THR B 274 7.37 2.69 31.11
N PHE B 275 8.21 1.66 31.15
CA PHE B 275 9.52 1.72 31.78
C PHE B 275 10.58 1.21 30.81
N LEU B 276 11.81 1.66 31.02
CA LEU B 276 12.97 1.20 30.26
C LEU B 276 13.80 0.31 31.19
N LEU B 277 13.71 -1.00 30.98
CA LEU B 277 14.38 -1.94 31.86
C LEU B 277 15.74 -2.33 31.28
N LYS B 278 16.77 -2.30 32.14
CA LYS B 278 18.13 -2.68 31.77
C LYS B 278 18.38 -4.08 32.30
N TYR B 279 18.79 -4.99 31.41
CA TYR B 279 19.04 -6.37 31.76
C TYR B 279 20.54 -6.64 31.81
N ASN B 280 21.00 -7.23 32.90
CA ASN B 280 22.41 -7.56 33.06
C ASN B 280 22.75 -8.79 32.21
N GLU B 281 24.05 -9.03 32.06
CA GLU B 281 24.51 -10.17 31.27
C GLU B 281 23.98 -11.48 31.82
N ASN B 282 23.74 -11.54 33.13
CA ASN B 282 23.19 -12.74 33.76
C ASN B 282 21.66 -12.79 33.70
N GLY B 283 21.02 -11.77 33.14
CA GLY B 283 19.57 -11.74 33.08
C GLY B 283 18.88 -11.07 34.25
N THR B 284 19.64 -10.42 35.13
CA THR B 284 19.08 -9.75 36.30
C THR B 284 18.95 -8.26 36.01
N ILE B 285 17.82 -7.68 36.41
CA ILE B 285 17.58 -6.25 36.21
C ILE B 285 18.46 -5.47 37.17
N THR B 286 19.24 -4.53 36.64
CA THR B 286 20.14 -3.72 37.44
C THR B 286 19.73 -2.26 37.54
N ASP B 287 19.26 -1.66 36.45
CA ASP B 287 18.84 -0.27 36.42
C ASP B 287 17.51 -0.17 35.68
N ALA B 288 16.74 0.88 36.01
CA ALA B 288 15.47 1.10 35.35
C ALA B 288 15.18 2.60 35.27
N VAL B 289 14.64 3.05 34.15
CA VAL B 289 14.31 4.45 33.93
C VAL B 289 12.80 4.56 33.71
N ASP B 290 12.15 5.41 34.50
CA ASP B 290 10.71 5.65 34.38
C ASP B 290 10.52 6.75 33.34
N CYS B 291 9.95 6.39 32.19
CA CYS B 291 9.80 7.34 31.10
C CYS B 291 8.96 8.55 31.51
N ALA B 292 8.06 8.38 32.48
CA ALA B 292 7.20 9.45 32.96
C ALA B 292 7.73 10.10 34.23
N LEU B 293 9.06 10.13 34.42
CA LEU B 293 9.62 10.74 35.61
C LEU B 293 10.06 12.17 35.35
N ASP B 294 10.78 12.39 34.25
CA ASP B 294 11.27 13.72 33.90
C ASP B 294 11.60 13.72 32.42
N PRO B 295 11.77 14.90 31.80
CA PRO B 295 12.10 14.93 30.37
C PRO B 295 13.37 14.16 30.04
N LEU B 296 14.34 14.13 30.96
CA LEU B 296 15.55 13.34 30.73
C LEU B 296 15.20 11.87 30.57
N SER B 297 14.34 11.34 31.45
CA SER B 297 13.92 9.96 31.34
C SER B 297 13.14 9.72 30.05
N GLU B 298 12.31 10.69 29.65
CA GLU B 298 11.55 10.54 28.42
C GLU B 298 12.47 10.44 27.20
N THR B 299 13.49 11.30 27.14
CA THR B 299 14.42 11.23 26.00
C THR B 299 15.28 9.98 26.08
N LYS B 300 15.60 9.52 27.28
CA LYS B 300 16.33 8.26 27.42
C LYS B 300 15.50 7.11 26.86
N CYS B 301 14.21 7.07 27.19
CA CYS B 301 13.33 6.04 26.66
C CYS B 301 13.21 6.15 25.15
N THR B 302 13.10 7.37 24.64
CA THR B 302 13.00 7.56 23.19
C THR B 302 14.25 7.04 22.49
N LEU B 303 15.42 7.32 23.05
CA LEU B 303 16.68 6.83 22.47
C LEU B 303 17.00 5.40 22.88
N LYS B 304 16.22 4.81 23.78
CA LYS B 304 16.44 3.43 24.22
C LYS B 304 17.86 3.26 24.76
N SER B 305 18.31 4.26 25.51
CA SER B 305 19.64 4.23 26.10
C SER B 305 19.60 4.95 27.44
N PHE B 306 20.47 4.52 28.34
CA PHE B 306 20.59 5.15 29.66
C PHE B 306 21.50 6.37 29.66
N THR B 307 22.22 6.62 28.58
CA THR B 307 23.06 7.80 28.42
C THR B 307 22.70 8.49 27.12
N VAL B 308 22.49 9.81 27.20
CA VAL B 308 22.06 10.61 26.06
C VAL B 308 23.17 11.59 25.72
N GLU B 309 23.61 11.59 24.48
CA GLU B 309 24.65 12.51 24.03
C GLU B 309 24.06 13.91 23.87
N LYS B 310 24.95 14.90 23.96
CA LYS B 310 24.51 16.29 23.82
C LYS B 310 23.81 16.50 22.50
N GLY B 311 22.67 17.20 22.54
CA GLY B 311 21.91 17.47 21.34
C GLY B 311 20.46 17.75 21.70
N ILE B 312 19.65 17.85 20.63
CA ILE B 312 18.23 18.09 20.76
C ILE B 312 17.51 16.91 20.11
N TYR B 313 16.57 16.30 20.83
CA TYR B 313 15.86 15.12 20.37
C TYR B 313 14.36 15.36 20.49
N GLN B 314 13.62 15.03 19.44
CA GLN B 314 12.17 15.12 19.43
C GLN B 314 11.61 13.89 20.13
N THR B 315 11.07 14.09 21.33
CA THR B 315 10.60 12.97 22.15
C THR B 315 9.12 12.66 21.94
N SER B 316 8.24 13.63 22.12
CA SER B 316 6.81 13.39 22.04
C SER B 316 6.14 14.61 21.41
N ASN B 317 4.82 14.50 21.22
CA ASN B 317 4.02 15.55 20.63
C ASN B 317 2.96 16.01 21.63
N PHE B 318 2.85 17.32 21.81
CA PHE B 318 1.86 17.91 22.70
C PHE B 318 0.66 18.39 21.90
N ARG B 319 -0.51 18.33 22.53
CA ARG B 319 -1.75 18.75 21.89
C ARG B 319 -2.63 19.46 22.91
N VAL B 320 -3.25 20.56 22.50
CA VAL B 320 -4.18 21.28 23.36
C VAL B 320 -5.57 20.76 23.09
N GLN B 321 -6.05 19.83 23.90
CA GLN B 321 -7.35 19.22 23.68
C GLN B 321 -8.45 20.25 23.94
N PRO B 322 -9.60 20.10 23.26
CA PRO B 322 -10.69 21.05 23.47
C PRO B 322 -11.18 21.02 24.91
N THR B 323 -11.58 22.20 25.40
CA THR B 323 -12.05 22.34 26.77
C THR B 323 -13.55 22.05 26.89
N GLU B 324 -14.33 22.55 25.94
CA GLU B 324 -15.78 22.36 25.96
C GLU B 324 -16.32 22.36 24.55
N SER B 325 -17.52 21.82 24.40
CA SER B 325 -18.19 21.74 23.11
C SER B 325 -19.11 22.94 22.92
N ILE B 326 -19.06 23.54 21.74
CA ILE B 326 -19.84 24.72 21.41
C ILE B 326 -20.73 24.40 20.22
N VAL B 327 -22.03 24.65 20.36
CA VAL B 327 -23.00 24.44 19.30
C VAL B 327 -23.77 25.74 19.09
N ARG B 328 -23.82 26.21 17.86
CA ARG B 328 -24.49 27.47 17.53
C ARG B 328 -25.34 27.27 16.28
N PHE B 329 -26.36 28.10 16.15
CA PHE B 329 -27.34 27.99 15.08
C PHE B 329 -27.95 29.37 14.82
N PRO B 330 -28.83 29.51 13.81
CA PRO B 330 -29.44 30.82 13.55
C PRO B 330 -30.08 31.42 14.79
N ASN B 331 -30.49 32.68 14.68
CA ASN B 331 -31.04 33.41 15.83
C ASN B 331 -32.15 32.59 16.47
N ILE B 332 -32.55 32.96 17.68
CA ILE B 332 -33.28 32.09 18.59
C ILE B 332 -34.32 31.25 17.86
N THR B 333 -35.20 31.86 17.08
CA THR B 333 -35.31 33.31 16.93
C THR B 333 -36.40 34.07 17.68
N ASN B 334 -36.08 35.29 18.12
CA ASN B 334 -37.02 36.13 18.86
C ASN B 334 -37.76 37.04 17.89
N LEU B 335 -39.08 36.91 17.85
CA LEU B 335 -39.96 37.76 17.05
C LEU B 335 -39.76 37.55 15.55
N CYS B 336 -39.27 36.38 15.13
CA CYS B 336 -39.12 36.11 13.71
C CYS B 336 -40.50 35.99 13.06
N PRO B 337 -40.71 36.58 11.88
CA PRO B 337 -42.04 36.49 11.25
C PRO B 337 -42.48 35.05 10.99
N PHE B 338 -41.55 34.15 10.68
CA PHE B 338 -41.92 32.77 10.44
C PHE B 338 -42.53 32.14 11.68
N GLY B 339 -41.95 32.41 12.85
CA GLY B 339 -42.49 31.88 14.08
C GLY B 339 -43.76 32.56 14.55
N GLU B 340 -44.03 33.77 14.05
CA GLU B 340 -45.26 34.46 14.44
C GLU B 340 -46.49 33.71 13.98
N VAL B 341 -46.38 32.96 12.88
CA VAL B 341 -47.52 32.21 12.37
C VAL B 341 -47.95 31.16 13.38
N PHE B 342 -46.99 30.44 13.98
CA PHE B 342 -47.34 29.38 14.91
C PHE B 342 -47.97 29.93 16.18
N ASN B 343 -47.56 31.12 16.61
CA ASN B 343 -47.96 31.62 17.93
C ASN B 343 -49.39 32.19 17.91
N ALA B 344 -49.62 33.22 17.08
CA ALA B 344 -50.89 33.93 17.13
C ALA B 344 -51.36 34.49 15.80
N THR B 345 -50.84 34.03 14.66
CA THR B 345 -51.23 34.57 13.36
C THR B 345 -51.42 33.44 12.35
N ARG B 346 -52.52 33.51 11.60
CA ARG B 346 -52.80 32.58 10.51
C ARG B 346 -52.57 31.14 10.93
N PHE B 347 -53.35 30.70 11.92
CA PHE B 347 -53.26 29.34 12.43
C PHE B 347 -54.63 28.91 12.95
N ALA B 348 -54.81 27.61 13.07
CA ALA B 348 -56.06 27.04 13.54
C ALA B 348 -55.73 25.73 14.27
N SER B 349 -56.75 24.91 14.51
CA SER B 349 -56.58 23.65 15.21
C SER B 349 -56.03 22.60 14.26
N VAL B 350 -56.04 21.34 14.69
CA VAL B 350 -55.51 20.25 13.87
C VAL B 350 -56.29 20.14 12.57
N TYR B 351 -57.61 20.36 12.62
CA TYR B 351 -58.43 20.25 11.42
C TYR B 351 -58.06 21.28 10.37
N ALA B 352 -57.37 22.37 10.75
CA ALA B 352 -57.02 23.42 9.80
C ALA B 352 -55.63 23.99 10.08
N TRP B 353 -54.69 23.16 10.54
CA TRP B 353 -53.36 23.68 10.86
C TRP B 353 -52.72 24.35 9.65
N ASN B 354 -51.67 25.11 9.92
CA ASN B 354 -50.92 25.82 8.89
C ASN B 354 -49.66 25.06 8.54
N ARG B 355 -49.33 25.03 7.25
CA ARG B 355 -48.18 24.30 6.74
C ARG B 355 -47.18 25.28 6.14
N LYS B 356 -45.91 25.12 6.50
CA LYS B 356 -44.85 26.00 6.03
C LYS B 356 -43.55 25.23 5.93
N ARG B 357 -42.64 25.75 5.11
CA ARG B 357 -41.28 25.22 5.02
C ARG B 357 -40.38 26.23 4.32
N ILE B 358 -39.31 26.66 5.00
CA ILE B 358 -38.37 27.63 4.44
C ILE B 358 -37.12 27.63 5.30
N SER B 359 -35.98 27.90 4.66
CA SER B 359 -34.70 28.01 5.37
C SER B 359 -34.43 29.48 5.69
N ASN B 360 -35.32 30.05 6.50
CA ASN B 360 -35.24 31.45 6.90
C ASN B 360 -34.86 31.61 8.36
N CYS B 361 -35.59 30.98 9.28
CA CYS B 361 -35.28 31.05 10.70
C CYS B 361 -36.01 29.90 11.39
N VAL B 362 -35.96 29.93 12.72
CA VAL B 362 -36.68 28.97 13.55
C VAL B 362 -37.63 29.75 14.45
N ALA B 363 -38.82 29.19 14.66
CA ALA B 363 -39.84 29.88 15.43
C ALA B 363 -39.38 30.07 16.87
N ASP B 364 -40.19 30.79 17.64
CA ASP B 364 -39.83 31.18 19.00
C ASP B 364 -39.82 30.02 19.99
N TYR B 365 -40.07 28.77 19.59
CA TYR B 365 -40.04 27.67 20.55
C TYR B 365 -38.64 27.40 21.09
N SER B 366 -37.59 27.84 20.40
CA SER B 366 -36.22 27.59 20.82
C SER B 366 -35.76 28.52 21.93
N VAL B 367 -36.58 29.49 22.34
CA VAL B 367 -36.21 30.37 23.43
C VAL B 367 -35.89 29.56 24.69
N LEU B 368 -36.72 28.56 24.98
CA LEU B 368 -36.49 27.70 26.14
C LEU B 368 -35.34 26.73 25.93
N TYR B 369 -34.79 26.62 24.71
CA TYR B 369 -33.73 25.66 24.41
C TYR B 369 -32.34 26.23 24.67
N ASN B 370 -32.22 27.22 25.55
CA ASN B 370 -30.94 27.80 25.91
C ASN B 370 -30.55 27.52 27.36
N SER B 371 -31.43 27.84 28.31
CA SER B 371 -31.16 27.57 29.71
C SER B 371 -32.36 27.04 30.48
N ALA B 372 -33.52 26.89 29.85
CA ALA B 372 -34.74 26.42 30.50
C ALA B 372 -35.42 25.35 29.65
N SER B 373 -34.63 24.41 29.13
CA SER B 373 -35.14 23.39 28.24
C SER B 373 -36.03 22.41 28.98
N PHE B 374 -37.31 22.75 29.11
CA PHE B 374 -38.28 21.88 29.77
C PHE B 374 -38.69 20.78 28.80
N SER B 375 -39.67 19.96 29.19
CA SER B 375 -40.16 18.89 28.34
C SER B 375 -41.04 19.40 27.20
N THR B 376 -41.11 20.72 26.99
CA THR B 376 -41.93 21.25 25.91
C THR B 376 -41.51 20.69 24.56
N PHE B 377 -40.22 20.43 24.37
CA PHE B 377 -39.70 19.88 23.12
C PHE B 377 -39.88 18.36 23.13
N LYS B 378 -41.13 17.95 22.98
CA LYS B 378 -41.50 16.54 23.06
C LYS B 378 -40.90 15.80 21.87
N CYS B 379 -39.87 15.00 22.14
CA CYS B 379 -39.22 14.19 21.12
C CYS B 379 -39.42 12.71 21.43
N TYR B 380 -39.77 11.95 20.40
CA TYR B 380 -40.06 10.53 20.52
C TYR B 380 -39.00 9.74 19.77
N GLY B 381 -38.36 8.80 20.47
CA GLY B 381 -37.35 7.94 19.89
C GLY B 381 -35.96 8.56 19.82
N VAL B 382 -35.87 9.88 19.73
CA VAL B 382 -34.60 10.58 19.64
C VAL B 382 -34.60 11.75 20.62
N SER B 383 -33.39 12.24 20.94
CA SER B 383 -33.25 13.36 21.85
C SER B 383 -33.15 14.67 21.08
N PRO B 384 -33.53 15.79 21.67
CA PRO B 384 -33.38 17.07 20.96
C PRO B 384 -31.94 17.38 20.58
N THR B 385 -30.96 16.88 21.34
CA THR B 385 -29.57 17.13 21.01
C THR B 385 -29.20 16.55 19.66
N LYS B 386 -29.73 15.36 19.34
CA LYS B 386 -29.42 14.72 18.06
C LYS B 386 -29.85 15.60 16.89
N LEU B 387 -30.81 16.50 17.12
CA LEU B 387 -31.24 17.39 16.05
C LEU B 387 -30.09 18.29 15.59
N ASN B 388 -29.30 18.80 16.52
CA ASN B 388 -28.18 19.66 16.15
C ASN B 388 -27.16 18.92 15.30
N ASP B 389 -26.81 17.69 15.70
CA ASP B 389 -25.84 16.92 14.94
C ASP B 389 -26.36 16.58 13.54
N LEU B 390 -27.61 16.13 13.46
CA LEU B 390 -28.22 15.78 12.19
C LEU B 390 -29.72 15.98 12.30
N CYS B 391 -30.37 16.09 11.14
CA CYS B 391 -31.80 16.32 11.06
C CYS B 391 -32.49 15.14 10.37
N PHE B 392 -33.81 15.25 10.26
CA PHE B 392 -34.62 14.21 9.66
C PHE B 392 -34.78 14.45 8.15
N THR B 393 -35.60 13.64 7.50
CA THR B 393 -35.86 13.81 6.08
C THR B 393 -36.92 14.91 5.91
N ASN B 394 -37.40 15.14 4.69
CA ASN B 394 -38.41 16.16 4.43
C ASN B 394 -39.51 16.15 5.48
N VAL B 395 -39.68 17.27 6.17
CA VAL B 395 -40.71 17.41 7.19
C VAL B 395 -41.38 18.77 7.02
N TYR B 396 -42.71 18.79 7.07
CA TYR B 396 -43.47 20.03 6.98
C TYR B 396 -43.41 20.75 8.33
N ALA B 397 -44.06 21.90 8.42
CA ALA B 397 -44.16 22.68 9.66
C ALA B 397 -45.65 22.84 9.96
N ASP B 398 -46.23 21.87 10.65
CA ASP B 398 -47.63 21.88 11.02
C ASP B 398 -47.76 22.40 12.45
N SER B 399 -48.51 23.49 12.62
CA SER B 399 -48.71 24.10 13.92
C SER B 399 -50.20 24.27 14.17
N PHE B 400 -50.58 24.22 15.45
CA PHE B 400 -51.98 24.33 15.84
C PHE B 400 -52.04 24.57 17.35
N VAL B 401 -53.25 24.72 17.85
CA VAL B 401 -53.50 24.97 19.27
C VAL B 401 -54.41 23.87 19.80
N ILE B 402 -53.98 23.21 20.85
CA ILE B 402 -54.74 22.15 21.52
C ILE B 402 -54.53 22.27 23.02
N ARG B 403 -55.15 21.37 23.78
CA ARG B 403 -55.09 21.40 25.23
C ARG B 403 -53.87 20.62 25.68
N GLY B 404 -52.73 21.31 25.77
CA GLY B 404 -51.52 20.75 26.33
C GLY B 404 -51.11 19.41 25.75
N ASP B 405 -51.14 18.37 26.58
CA ASP B 405 -50.66 17.05 26.20
C ASP B 405 -51.66 16.25 25.37
N GLU B 406 -52.67 16.91 24.81
CA GLU B 406 -53.61 16.22 23.92
C GLU B 406 -52.97 15.78 22.62
N VAL B 407 -51.75 16.23 22.32
CA VAL B 407 -51.07 15.87 21.10
C VAL B 407 -50.74 14.39 21.01
N ARG B 408 -50.98 13.63 22.09
CA ARG B 408 -50.69 12.20 22.07
C ARG B 408 -51.34 11.50 20.89
N GLN B 409 -52.54 11.93 20.50
CA GLN B 409 -53.20 11.36 19.33
C GLN B 409 -52.39 11.62 18.07
N ILE B 410 -51.84 12.82 17.94
CA ILE B 410 -51.05 13.19 16.76
C ILE B 410 -49.55 13.02 17.00
N ALA B 411 -49.12 12.85 18.25
CA ALA B 411 -47.70 12.77 18.54
C ALA B 411 -47.10 11.49 17.95
N PRO B 412 -45.81 11.51 17.63
CA PRO B 412 -45.18 10.30 17.08
C PRO B 412 -45.27 9.13 18.05
N GLY B 413 -45.40 7.94 17.48
CA GLY B 413 -45.53 6.72 18.27
C GLY B 413 -46.94 6.17 18.22
N GLN B 414 -47.94 7.05 18.23
CA GLN B 414 -49.34 6.65 18.16
C GLN B 414 -49.82 6.66 16.70
N THR B 415 -49.15 5.85 15.89
CA THR B 415 -49.44 5.74 14.46
C THR B 415 -49.74 4.28 14.13
N GLY B 416 -50.31 4.08 12.94
CA GLY B 416 -50.68 2.76 12.49
C GLY B 416 -52.14 2.46 12.69
N LYS B 417 -53.00 3.40 12.31
CA LYS B 417 -54.46 3.24 12.42
C LYS B 417 -54.88 3.07 13.87
N ILE B 418 -54.37 3.97 14.72
CA ILE B 418 -54.73 4.02 16.14
C ILE B 418 -55.32 5.38 16.51
N ALA B 419 -54.67 6.46 16.06
CA ALA B 419 -55.17 7.81 16.28
C ALA B 419 -54.96 8.67 15.03
N ASP B 420 -54.87 8.04 13.86
CA ASP B 420 -54.58 8.73 12.61
C ASP B 420 -55.83 9.26 11.92
N TYR B 421 -57.02 8.97 12.44
CA TYR B 421 -58.25 9.41 11.78
C TYR B 421 -58.32 10.93 11.70
N ASN B 422 -58.01 11.62 12.80
CA ASN B 422 -58.04 13.08 12.79
C ASN B 422 -56.93 13.64 11.91
N TYR B 423 -55.72 13.11 12.04
CA TYR B 423 -54.59 13.56 11.25
C TYR B 423 -53.63 12.39 11.09
N LYS B 424 -53.48 11.90 9.86
CA LYS B 424 -52.66 10.73 9.62
C LYS B 424 -51.19 11.11 9.46
N LEU B 425 -50.32 10.29 10.02
CA LEU B 425 -48.88 10.45 9.95
C LEU B 425 -48.25 9.11 9.58
N PRO B 426 -47.04 9.12 9.01
CA PRO B 426 -46.42 7.86 8.62
C PRO B 426 -46.24 6.93 9.81
N ASP B 427 -46.41 5.63 9.56
CA ASP B 427 -46.30 4.64 10.63
C ASP B 427 -44.91 4.65 11.26
N ASP B 428 -43.87 5.00 10.50
CA ASP B 428 -42.52 5.11 11.02
C ASP B 428 -42.19 6.51 11.50
N PHE B 429 -43.19 7.28 11.89
CA PHE B 429 -42.97 8.65 12.34
C PHE B 429 -42.24 8.64 13.67
N THR B 430 -40.95 8.96 13.65
CA THR B 430 -40.12 9.05 14.86
C THR B 430 -39.32 10.34 14.74
N GLY B 431 -39.90 11.44 15.23
CA GLY B 431 -39.27 12.75 15.16
C GLY B 431 -39.46 13.51 16.44
N CYS B 432 -39.74 14.81 16.31
CA CYS B 432 -39.93 15.68 17.47
C CYS B 432 -41.18 16.53 17.28
N VAL B 433 -41.88 16.76 18.37
CA VAL B 433 -43.07 17.62 18.42
C VAL B 433 -42.85 18.65 19.51
N ILE B 434 -43.12 19.91 19.18
CA ILE B 434 -42.83 21.03 20.07
C ILE B 434 -44.16 21.57 20.60
N ALA B 435 -44.29 21.61 21.93
CA ALA B 435 -45.46 22.17 22.61
C ALA B 435 -44.94 22.96 23.81
N TRP B 436 -44.87 24.28 23.67
CA TRP B 436 -44.22 25.14 24.65
C TRP B 436 -45.10 26.32 24.99
N ASN B 437 -44.93 26.84 26.21
CA ASN B 437 -45.63 28.05 26.64
C ASN B 437 -45.01 28.59 27.93
N SER B 438 -44.69 29.88 27.94
CA SER B 438 -44.11 30.51 29.11
C SER B 438 -44.38 32.00 29.05
N ASN B 439 -44.30 32.65 30.21
CA ASN B 439 -44.54 34.09 30.31
C ASN B 439 -43.27 34.91 30.20
N ASN B 440 -42.13 34.34 30.60
CA ASN B 440 -40.85 35.03 30.55
C ASN B 440 -39.90 34.44 29.50
N LEU B 441 -39.70 33.12 29.53
CA LEU B 441 -38.83 32.45 28.56
C LEU B 441 -39.58 32.13 27.29
N ASP B 442 -40.14 33.18 26.68
CA ASP B 442 -40.90 33.05 25.44
C ASP B 442 -41.18 34.46 24.92
N SER B 443 -41.78 34.53 23.74
CA SER B 443 -42.13 35.80 23.11
C SER B 443 -43.61 36.12 23.23
N LYS B 444 -44.48 35.14 22.95
CA LYS B 444 -45.92 35.34 23.00
C LYS B 444 -46.55 34.22 23.81
N VAL B 445 -47.68 34.54 24.44
CA VAL B 445 -48.40 33.55 25.24
C VAL B 445 -49.25 32.66 24.34
N GLY B 446 -49.49 31.43 24.80
CA GLY B 446 -50.27 30.50 24.02
C GLY B 446 -51.67 31.06 23.75
N GLY B 447 -52.13 30.88 22.50
CA GLY B 447 -53.43 31.38 22.11
C GLY B 447 -54.57 30.47 22.55
N ASN B 448 -55.79 30.94 22.29
CA ASN B 448 -56.97 30.19 22.67
C ASN B 448 -57.10 28.92 21.82
N TYR B 449 -57.72 27.90 22.41
CA TYR B 449 -57.86 26.60 21.77
C TYR B 449 -59.29 26.34 21.30
N ASN B 450 -60.16 27.34 21.31
CA ASN B 450 -61.55 27.16 20.90
C ASN B 450 -61.61 26.98 19.39
N TYR B 451 -61.72 25.74 18.95
CA TYR B 451 -61.79 25.43 17.52
C TYR B 451 -62.47 24.09 17.34
N LEU B 452 -62.91 23.84 16.11
CA LEU B 452 -63.56 22.57 15.79
C LEU B 452 -62.54 21.44 15.71
N TYR B 453 -63.01 20.23 15.95
CA TYR B 453 -62.14 19.05 15.94
C TYR B 453 -62.94 17.85 15.48
N ARG B 454 -62.24 16.86 14.94
CA ARG B 454 -62.84 15.61 14.48
C ARG B 454 -62.37 14.47 15.35
N LEU B 455 -63.31 13.59 15.72
CA LEU B 455 -63.02 12.47 16.62
C LEU B 455 -62.81 11.16 15.88
N PHE B 456 -63.62 10.86 14.86
CA PHE B 456 -63.53 9.61 14.16
C PHE B 456 -64.12 9.77 12.77
N ARG B 457 -63.73 8.86 11.87
CA ARG B 457 -64.26 8.84 10.51
C ARG B 457 -64.21 7.41 9.99
N LYS B 458 -65.00 7.16 8.95
CA LYS B 458 -65.09 5.82 8.36
C LYS B 458 -64.02 5.61 7.28
N SER B 459 -63.98 6.49 6.29
CA SER B 459 -63.02 6.35 5.20
C SER B 459 -61.61 6.62 5.69
N ASN B 460 -60.63 6.13 4.93
CA ASN B 460 -59.22 6.31 5.26
C ASN B 460 -58.80 7.76 5.05
N LEU B 461 -57.54 8.05 5.35
CA LEU B 461 -56.99 9.39 5.24
C LEU B 461 -55.63 9.33 4.56
N LYS B 462 -55.30 10.38 3.83
CA LYS B 462 -54.01 10.46 3.17
C LYS B 462 -52.90 10.57 4.22
N PRO B 463 -51.74 9.92 4.00
CA PRO B 463 -50.66 10.02 4.96
C PRO B 463 -50.13 11.45 5.09
N PHE B 464 -49.56 11.73 6.26
CA PHE B 464 -49.04 13.06 6.60
C PHE B 464 -49.97 14.16 6.11
N GLU B 465 -51.28 13.98 6.28
CA GLU B 465 -52.26 14.97 5.88
C GLU B 465 -53.45 14.88 6.82
N ARG B 466 -54.20 15.98 6.91
CA ARG B 466 -55.34 16.09 7.80
C ARG B 466 -56.63 15.81 7.03
N ASP B 467 -57.66 15.40 7.79
CA ASP B 467 -58.95 15.10 7.20
C ASP B 467 -59.60 16.38 6.66
N ILE B 468 -60.22 16.27 5.49
CA ILE B 468 -60.92 17.39 4.87
C ILE B 468 -62.33 16.98 4.51
N SER B 469 -62.59 15.67 4.45
CA SER B 469 -63.91 15.18 4.12
C SER B 469 -64.90 15.50 5.24
N THR B 470 -66.11 15.88 4.86
CA THR B 470 -67.17 16.20 5.81
C THR B 470 -68.06 14.98 6.05
N GLU B 471 -67.48 13.96 6.66
CA GLU B 471 -68.18 12.72 6.94
C GLU B 471 -68.93 12.82 8.26
N ILE B 472 -70.16 12.30 8.27
CA ILE B 472 -71.01 12.29 9.46
C ILE B 472 -71.47 10.86 9.71
N TYR B 473 -71.36 10.42 10.96
CA TYR B 473 -71.74 9.08 11.37
C TYR B 473 -72.95 9.16 12.29
N GLN B 474 -74.01 8.44 11.94
CA GLN B 474 -75.25 8.43 12.73
C GLN B 474 -75.18 7.30 13.74
N ALA B 475 -74.41 7.53 14.80
CA ALA B 475 -74.24 6.56 15.86
C ALA B 475 -74.36 7.25 17.21
N GLY B 476 -74.75 6.47 18.22
CA GLY B 476 -74.91 6.98 19.57
C GLY B 476 -76.33 7.47 19.83
N SER B 477 -76.63 7.63 21.11
CA SER B 477 -77.94 8.08 21.55
C SER B 477 -77.86 9.28 22.49
N THR B 478 -76.82 9.37 23.31
CA THR B 478 -76.65 10.45 24.28
C THR B 478 -75.26 11.05 24.11
N PRO B 479 -75.06 11.89 23.10
CA PRO B 479 -73.75 12.51 22.90
C PRO B 479 -73.39 13.44 24.06
N CYS B 480 -72.09 13.55 24.32
CA CYS B 480 -71.61 14.38 25.40
C CYS B 480 -71.97 15.84 25.16
N ASN B 481 -71.84 16.64 26.22
CA ASN B 481 -72.16 18.06 26.19
C ASN B 481 -70.95 18.86 26.64
N GLY B 482 -70.61 19.90 25.87
CA GLY B 482 -69.50 20.76 26.22
C GLY B 482 -68.15 20.17 25.85
N VAL B 483 -67.11 20.95 26.13
CA VAL B 483 -65.75 20.52 25.84
C VAL B 483 -65.37 19.32 26.70
N GLU B 484 -65.85 19.28 27.95
CA GLU B 484 -65.56 18.20 28.88
C GLU B 484 -66.86 17.48 29.22
N GLY B 485 -66.78 16.16 29.28
CA GLY B 485 -67.96 15.36 29.58
C GLY B 485 -67.63 13.88 29.56
N PHE B 486 -68.68 13.07 29.49
CA PHE B 486 -68.54 11.63 29.46
C PHE B 486 -68.16 11.19 28.05
N ASN B 487 -68.22 9.88 27.79
CA ASN B 487 -67.81 9.35 26.50
C ASN B 487 -68.61 10.00 25.38
N CYS B 488 -67.91 10.39 24.31
CA CYS B 488 -68.51 11.05 23.16
C CYS B 488 -68.54 10.09 21.98
N TYR B 489 -69.69 10.03 21.30
CA TYR B 489 -69.86 9.17 20.14
C TYR B 489 -69.99 9.93 18.83
N PHE B 490 -70.47 11.16 18.85
CA PHE B 490 -70.63 11.92 17.63
C PHE B 490 -69.27 12.30 17.07
N PRO B 491 -69.03 12.12 15.76
CA PRO B 491 -67.70 12.44 15.21
C PRO B 491 -67.38 13.93 15.26
N LEU B 492 -68.28 14.77 14.77
CA LEU B 492 -68.03 16.20 14.61
C LEU B 492 -68.63 16.96 15.79
N GLN B 493 -67.77 17.63 16.55
CA GLN B 493 -68.21 18.41 17.70
CA GLN B 493 -68.21 18.41 17.70
C GLN B 493 -67.21 19.53 17.93
N SER B 494 -67.64 20.53 18.71
CA SER B 494 -66.78 21.66 19.04
C SER B 494 -65.64 21.14 19.91
N TYR B 495 -64.45 21.02 19.30
CA TYR B 495 -63.32 20.40 19.97
C TYR B 495 -63.62 18.94 20.27
N GLY B 496 -62.62 18.18 20.71
CA GLY B 496 -62.82 16.77 21.00
C GLY B 496 -61.82 16.28 22.02
N PHE B 497 -62.16 15.16 22.64
CA PHE B 497 -61.31 14.53 23.64
C PHE B 497 -61.60 13.05 23.67
N GLN B 498 -60.59 12.26 24.04
CA GLN B 498 -60.74 10.81 24.12
C GLN B 498 -61.07 10.41 25.54
N PRO B 499 -62.24 9.81 25.80
CA PRO B 499 -62.58 9.43 27.18
C PRO B 499 -61.62 8.38 27.76
N THR B 500 -60.97 7.60 26.92
CA THR B 500 -60.07 6.55 27.38
C THR B 500 -58.66 7.06 27.70
N ASN B 501 -58.38 8.33 27.42
CA ASN B 501 -57.06 8.90 27.66
C ASN B 501 -57.22 10.26 28.35
N GLY B 502 -56.20 10.63 29.11
CA GLY B 502 -56.21 11.90 29.81
C GLY B 502 -56.32 13.08 28.88
N VAL B 503 -57.21 14.02 29.21
CA VAL B 503 -57.45 15.21 28.41
C VAL B 503 -57.71 16.38 29.36
N GLY B 504 -57.94 17.56 28.78
CA GLY B 504 -58.20 18.74 29.57
C GLY B 504 -56.97 19.48 30.06
N TYR B 505 -55.82 19.30 29.40
CA TYR B 505 -54.61 19.97 29.83
C TYR B 505 -54.66 21.45 29.47
N GLN B 506 -53.61 22.17 29.86
CA GLN B 506 -53.56 23.61 29.63
C GLN B 506 -53.52 23.91 28.13
N PRO B 507 -54.15 24.99 27.69
CA PRO B 507 -54.13 25.34 26.26
C PRO B 507 -52.71 25.69 25.81
N TYR B 508 -52.14 24.84 24.96
CA TYR B 508 -50.81 25.05 24.40
C TYR B 508 -50.88 24.94 22.89
N ARG B 509 -49.99 25.65 22.21
CA ARG B 509 -49.83 25.54 20.76
C ARG B 509 -48.71 24.55 20.46
N VAL B 510 -48.97 23.64 19.54
CA VAL B 510 -48.07 22.52 19.26
C VAL B 510 -47.66 22.55 17.80
N VAL B 511 -46.37 22.39 17.56
CA VAL B 511 -45.80 22.31 16.23
C VAL B 511 -45.34 20.87 16.01
N VAL B 512 -45.81 20.25 14.93
CA VAL B 512 -45.54 18.85 14.63
C VAL B 512 -44.78 18.77 13.32
N LEU B 513 -43.68 18.02 13.32
CA LEU B 513 -42.87 17.80 12.12
C LEU B 513 -43.48 16.65 11.34
N SER B 514 -44.35 16.98 10.38
CA SER B 514 -45.04 15.98 9.58
C SER B 514 -44.03 15.27 8.68
N PHE B 515 -43.71 14.03 9.01
CA PHE B 515 -42.73 13.27 8.23
C PHE B 515 -43.26 12.99 6.84
N GLU B 516 -42.41 13.14 5.84
CA GLU B 516 -42.73 12.86 4.45
C GLU B 516 -41.81 11.82 3.83
N LEU B 517 -40.51 11.86 4.16
CA LEU B 517 -39.55 10.88 3.64
C LEU B 517 -39.52 10.88 2.12
N LEU B 518 -39.54 12.06 1.51
CA LEU B 518 -39.52 12.20 0.07
C LEU B 518 -38.57 13.32 -0.34
N HIS B 519 -37.93 13.13 -1.50
CA HIS B 519 -37.02 14.08 -2.11
C HIS B 519 -36.21 14.88 -1.08
N ALA B 520 -36.39 16.20 -1.04
CA ALA B 520 -35.53 17.12 -0.30
C ALA B 520 -35.29 16.67 1.13
N PRO B 521 -34.07 16.25 1.49
CA PRO B 521 -33.77 15.96 2.89
C PRO B 521 -33.21 17.19 3.61
N ALA B 522 -33.04 17.04 4.91
CA ALA B 522 -32.49 18.10 5.76
C ALA B 522 -33.31 19.38 5.62
N THR B 523 -34.63 19.23 5.68
CA THR B 523 -35.55 20.35 5.59
C THR B 523 -35.64 21.03 6.96
N VAL B 524 -36.61 21.93 7.13
CA VAL B 524 -36.83 22.63 8.40
C VAL B 524 -36.80 21.61 9.53
N CYS B 525 -36.17 21.98 10.64
CA CYS B 525 -35.90 21.07 11.74
C CYS B 525 -36.57 21.60 13.01
N GLY B 526 -36.30 20.92 14.12
CA GLY B 526 -36.81 21.32 15.41
C GLY B 526 -35.92 22.35 16.08
N PRO B 527 -36.11 22.56 17.37
CA PRO B 527 -35.29 23.56 18.08
C PRO B 527 -33.81 23.20 18.02
N LYS B 528 -32.98 24.24 17.92
CA LYS B 528 -31.53 24.08 17.82
C LYS B 528 -30.86 24.89 18.91
N LYS B 529 -29.86 24.29 19.56
CA LYS B 529 -29.19 24.93 20.68
C LYS B 529 -28.33 26.09 20.22
N SER B 530 -28.18 27.08 21.09
CA SER B 530 -27.34 28.26 20.84
C SER B 530 -26.43 28.43 22.06
N THR B 531 -25.29 27.74 22.05
CA THR B 531 -24.36 27.83 23.17
C THR B 531 -23.63 29.17 23.17
N ASN B 532 -23.24 29.62 24.35
CA ASN B 532 -22.52 30.88 24.47
C ASN B 532 -21.22 30.82 23.68
N LEU B 533 -20.96 31.88 22.91
CA LEU B 533 -19.77 31.96 22.08
C LEU B 533 -18.53 32.08 22.95
N VAL B 534 -17.47 31.38 22.57
CA VAL B 534 -16.19 31.43 23.25
C VAL B 534 -15.12 31.83 22.25
N LYS B 535 -14.35 32.85 22.57
CA LYS B 535 -13.32 33.39 21.69
C LYS B 535 -11.96 33.32 22.35
N ASN B 536 -10.93 33.08 21.53
CA ASN B 536 -9.54 33.01 21.94
C ASN B 536 -9.25 31.82 22.85
N LYS B 537 -10.17 30.88 22.96
CA LYS B 537 -9.98 29.68 23.78
C LYS B 537 -10.38 28.47 22.95
N CYS B 538 -9.50 27.47 22.89
CA CYS B 538 -9.76 26.28 22.08
C CYS B 538 -11.03 25.58 22.57
N VAL B 539 -11.92 25.27 21.62
CA VAL B 539 -13.19 24.61 21.91
C VAL B 539 -13.67 23.91 20.65
N ASN B 540 -14.51 22.90 20.83
CA ASN B 540 -15.15 22.20 19.73
C ASN B 540 -16.38 22.98 19.28
N PHE B 541 -16.47 23.26 17.98
CA PHE B 541 -17.54 24.09 17.43
C PHE B 541 -18.32 23.31 16.39
N ASN B 542 -19.62 23.61 16.30
CA ASN B 542 -20.52 22.98 15.33
C ASN B 542 -21.48 24.05 14.84
N PHE B 543 -21.19 24.61 13.67
CA PHE B 543 -21.98 25.71 13.11
C PHE B 543 -22.80 25.19 11.94
N ASN B 544 -24.07 24.90 12.18
CA ASN B 544 -25.01 24.49 11.13
C ASN B 544 -24.48 23.29 10.36
N GLY B 545 -24.34 22.18 11.08
CA GLY B 545 -23.83 20.95 10.48
C GLY B 545 -22.34 20.91 10.36
N LEU B 546 -21.75 22.00 9.87
CA LEU B 546 -20.29 22.10 9.82
C LEU B 546 -19.72 21.91 11.22
N THR B 547 -18.72 21.05 11.33
CA THR B 547 -18.14 20.68 12.62
C THR B 547 -16.63 20.72 12.53
N GLY B 548 -16.00 20.97 13.67
CA GLY B 548 -14.56 21.02 13.75
C GLY B 548 -14.11 21.52 15.10
N THR B 549 -12.79 21.55 15.28
CA THR B 549 -12.17 22.01 16.51
C THR B 549 -11.17 23.09 16.19
N GLY B 550 -11.08 24.09 17.07
CA GLY B 550 -10.16 25.19 16.86
C GLY B 550 -10.36 26.27 17.90
N VAL B 551 -9.74 27.42 17.64
CA VAL B 551 -9.80 28.57 18.54
C VAL B 551 -10.54 29.67 17.80
N LEU B 552 -11.80 29.89 18.15
CA LEU B 552 -12.59 30.94 17.53
C LEU B 552 -12.04 32.32 17.89
N THR B 553 -12.03 33.21 16.92
CA THR B 553 -11.53 34.56 17.12
C THR B 553 -12.24 35.50 16.15
N GLU B 554 -12.36 36.77 16.55
CA GLU B 554 -12.99 37.76 15.69
C GLU B 554 -12.23 37.87 14.38
N SER B 555 -12.97 37.92 13.28
CA SER B 555 -12.40 37.94 11.94
C SER B 555 -12.70 39.27 11.25
N ASN B 556 -11.70 39.80 10.55
CA ASN B 556 -11.88 41.01 9.77
C ASN B 556 -12.48 40.74 8.39
N LYS B 557 -12.58 39.47 8.01
CA LYS B 557 -13.13 39.13 6.70
C LYS B 557 -14.56 39.66 6.57
N LYS B 558 -14.86 40.22 5.40
CA LYS B 558 -16.18 40.78 5.11
C LYS B 558 -16.93 39.81 4.20
N PHE B 559 -17.80 39.00 4.79
CA PHE B 559 -18.56 38.02 4.04
C PHE B 559 -19.79 38.68 3.40
N LEU B 560 -20.26 38.09 2.30
CA LEU B 560 -21.47 38.54 1.66
C LEU B 560 -22.69 38.08 2.45
N PRO B 561 -23.85 38.73 2.24
CA PRO B 561 -25.03 38.36 3.04
C PRO B 561 -25.42 36.90 2.92
N PHE B 562 -25.21 36.28 1.76
CA PHE B 562 -25.60 34.89 1.53
C PHE B 562 -24.53 33.89 1.90
N GLN B 563 -23.35 34.35 2.34
CA GLN B 563 -22.24 33.45 2.66
C GLN B 563 -22.25 33.12 4.14
N GLN B 564 -22.18 31.82 4.45
CA GLN B 564 -22.20 31.35 5.82
C GLN B 564 -20.82 31.09 6.40
N PHE B 565 -19.90 30.54 5.61
CA PHE B 565 -18.55 30.26 6.07
C PHE B 565 -17.60 30.34 4.89
N GLY B 566 -16.31 30.54 5.21
CA GLY B 566 -15.27 30.63 4.21
C GLY B 566 -14.40 29.37 4.17
N ARG B 567 -13.49 29.36 3.22
CA ARG B 567 -12.56 28.25 3.04
C ARG B 567 -11.28 28.77 2.41
N ASP B 568 -10.15 28.18 2.80
CA ASP B 568 -8.86 28.59 2.27
C ASP B 568 -8.59 27.90 0.93
N ILE B 569 -7.40 28.15 0.39
CA ILE B 569 -7.03 27.54 -0.89
C ILE B 569 -6.96 26.02 -0.76
N ALA B 570 -6.69 25.52 0.44
CA ALA B 570 -6.61 24.08 0.66
C ALA B 570 -7.97 23.42 0.79
N ASP B 571 -9.06 24.19 0.67
CA ASP B 571 -10.41 23.66 0.80
C ASP B 571 -10.70 23.22 2.23
N THR B 572 -10.23 24.01 3.19
CA THR B 572 -10.45 23.74 4.61
C THR B 572 -11.05 24.99 5.26
N THR B 573 -12.02 24.78 6.14
CA THR B 573 -12.67 25.89 6.81
C THR B 573 -11.66 26.72 7.59
N ASP B 574 -11.75 28.04 7.44
CA ASP B 574 -10.86 28.95 8.17
C ASP B 574 -11.62 30.16 8.72
N ALA B 575 -12.93 30.22 8.54
CA ALA B 575 -13.74 31.32 9.05
C ALA B 575 -15.21 30.95 8.87
N VAL B 576 -16.01 31.30 9.87
CA VAL B 576 -17.44 31.00 9.86
C VAL B 576 -18.19 32.23 10.36
N ARG B 577 -19.23 32.62 9.62
CA ARG B 577 -20.11 33.69 10.05
C ARG B 577 -20.97 33.21 11.22
N ASP B 578 -21.09 34.03 12.25
CA ASP B 578 -21.90 33.66 13.39
C ASP B 578 -23.37 33.61 12.96
N PRO B 579 -24.05 32.47 13.10
CA PRO B 579 -25.42 32.39 12.57
C PRO B 579 -26.41 33.32 13.26
N GLN B 580 -26.11 33.78 14.47
CA GLN B 580 -27.01 34.68 15.20
C GLN B 580 -26.62 36.15 15.04
N THR B 581 -25.38 36.51 15.39
CA THR B 581 -24.93 37.89 15.29
C THR B 581 -24.42 38.26 13.92
N LEU B 582 -24.33 37.30 13.00
CA LEU B 582 -23.84 37.56 11.64
C LEU B 582 -22.45 38.19 11.67
N GLU B 583 -21.60 37.70 12.57
CA GLU B 583 -20.23 38.15 12.71
C GLU B 583 -19.27 37.04 12.30
N ILE B 584 -18.25 37.41 11.54
CA ILE B 584 -17.28 36.45 11.02
C ILE B 584 -16.27 36.12 12.09
N LEU B 585 -16.09 34.82 12.37
CA LEU B 585 -15.17 34.35 13.38
C LEU B 585 -14.14 33.44 12.71
N ASP B 586 -12.86 33.75 12.89
CA ASP B 586 -11.80 32.94 12.30
C ASP B 586 -11.69 31.61 13.01
N ILE B 587 -11.32 30.58 12.26
CA ILE B 587 -11.10 29.24 12.79
C ILE B 587 -9.60 28.97 12.75
N THR B 588 -9.04 28.70 13.92
CA THR B 588 -7.62 28.43 14.07
C THR B 588 -7.41 27.04 14.66
N PRO B 589 -6.55 26.21 14.07
CA PRO B 589 -6.36 24.86 14.61
C PRO B 589 -5.76 24.88 16.01
N CYS B 590 -6.07 23.82 16.76
CA CYS B 590 -5.56 23.70 18.11
C CYS B 590 -4.04 23.75 18.11
N SER B 591 -3.48 24.46 19.09
CA SER B 591 -2.02 24.62 19.16
C SER B 591 -1.35 23.28 19.37
N PHE B 592 -0.67 22.78 18.34
CA PHE B 592 0.02 21.50 18.36
C PHE B 592 1.42 21.66 17.79
N GLY B 593 2.32 20.81 18.24
CA GLY B 593 3.69 20.84 17.77
C GLY B 593 4.50 19.76 18.47
N GLY B 594 5.76 19.66 18.05
CA GLY B 594 6.68 18.70 18.62
C GLY B 594 7.20 19.16 19.97
N VAL B 595 7.66 18.18 20.74
CA VAL B 595 8.28 18.44 22.05
C VAL B 595 9.71 17.94 22.01
N SER B 596 10.66 18.86 21.84
CA SER B 596 12.07 18.53 21.75
C SER B 596 12.75 18.81 23.08
N VAL B 597 13.46 17.82 23.60
CA VAL B 597 14.17 17.93 24.87
C VAL B 597 15.61 18.36 24.57
N ILE B 598 16.04 19.44 25.20
CA ILE B 598 17.37 19.99 25.00
C ILE B 598 18.19 19.70 26.25
N THR B 599 19.28 18.95 26.08
CA THR B 599 20.13 18.58 27.21
C THR B 599 21.52 18.23 26.70
N PRO B 600 22.57 18.57 27.46
CA PRO B 600 23.92 18.14 27.07
C PRO B 600 24.12 16.66 27.35
N GLY B 601 25.35 16.17 27.18
CA GLY B 601 25.65 14.78 27.46
C GLY B 601 25.24 14.38 28.86
N THR B 602 24.59 13.23 29.00
CA THR B 602 24.12 12.79 30.31
C THR B 602 25.27 12.74 31.32
N ASN B 603 26.48 12.41 30.87
CA ASN B 603 27.63 12.41 31.76
C ASN B 603 27.91 13.81 32.31
N THR B 604 27.78 14.83 31.47
CA THR B 604 28.11 16.18 31.90
C THR B 604 27.12 16.67 32.97
N SER B 605 25.82 16.54 32.70
CA SER B 605 24.81 16.99 33.64
C SER B 605 23.47 16.40 33.25
N ASN B 606 22.54 16.42 34.20
CA ASN B 606 21.18 15.94 33.98
C ASN B 606 20.20 17.05 33.70
N GLN B 607 20.65 18.31 33.68
CA GLN B 607 19.78 19.43 33.40
C GLN B 607 19.28 19.37 31.96
N VAL B 608 18.00 19.68 31.77
CA VAL B 608 17.35 19.61 30.47
C VAL B 608 16.54 20.87 30.25
N ALA B 609 16.23 21.15 28.99
CA ALA B 609 15.37 22.26 28.59
C ALA B 609 14.42 21.77 27.51
N VAL B 610 13.13 22.05 27.69
CA VAL B 610 12.08 21.55 26.80
C VAL B 610 11.68 22.66 25.84
N LEU B 611 11.65 22.34 24.55
CA LEU B 611 11.24 23.28 23.50
C LEU B 611 9.94 22.77 22.90
N TYR B 612 8.91 23.62 22.90
CA TYR B 612 7.62 23.31 22.28
C TYR B 612 7.52 24.08 20.98
N GLN B 613 7.34 23.36 19.87
CA GLN B 613 7.40 23.98 18.55
C GLN B 613 6.09 24.69 18.24
N ASP B 614 6.20 25.93 17.76
CA ASP B 614 5.07 26.71 17.25
C ASP B 614 3.92 26.73 18.25
N VAL B 615 4.18 27.31 19.42
CA VAL B 615 3.16 27.47 20.44
C VAL B 615 3.53 28.65 21.32
N ASN B 616 2.53 29.43 21.73
CA ASN B 616 2.75 30.52 22.64
C ASN B 616 3.16 30.00 24.01
N CYS B 617 4.07 30.72 24.67
CA CYS B 617 4.57 30.28 25.97
C CYS B 617 3.46 30.23 27.02
N THR B 618 2.40 31.00 26.85
CA THR B 618 1.32 31.00 27.83
C THR B 618 0.50 29.72 27.75
N GLU B 619 0.44 29.08 26.59
CA GLU B 619 -0.34 27.86 26.42
C GLU B 619 0.43 26.60 26.80
N VAL B 620 1.69 26.72 27.19
CA VAL B 620 2.48 25.54 27.55
C VAL B 620 1.86 24.79 28.73
N PRO B 621 1.56 25.43 29.87
CA PRO B 621 1.02 24.66 31.01
C PRO B 621 -0.29 23.96 30.71
N VAL B 622 -1.15 24.53 29.87
CA VAL B 622 -2.44 23.93 29.57
C VAL B 622 -2.34 22.89 28.46
N ALA B 623 -1.17 22.76 27.82
CA ALA B 623 -0.99 21.78 26.76
C ALA B 623 -0.82 20.39 27.35
N ILE B 624 -1.94 19.76 27.73
CA ILE B 624 -1.99 18.42 28.30
C ILE B 624 -0.97 18.15 29.40
N HIS B 625 -0.51 19.22 30.06
CA HIS B 625 0.41 19.10 31.18
C HIS B 625 -0.34 19.25 32.49
N ALA B 626 0.39 19.33 33.60
CA ALA B 626 -0.16 19.50 34.95
C ALA B 626 -0.84 18.25 35.47
N ASP B 627 -0.70 17.12 34.77
CA ASP B 627 -1.25 15.85 35.23
C ASP B 627 -0.18 14.83 35.60
N GLN B 628 1.08 15.07 35.26
CA GLN B 628 2.17 14.15 35.58
C GLN B 628 2.86 14.62 36.86
N LEU B 629 4.00 14.01 37.18
CA LEU B 629 4.72 14.31 38.41
C LEU B 629 5.12 15.78 38.40
N THR B 630 4.48 16.56 39.27
CA THR B 630 4.72 18.01 39.30
C THR B 630 6.15 18.38 39.66
N PRO B 631 6.78 17.82 40.69
CA PRO B 631 8.13 18.28 41.06
C PRO B 631 9.15 18.17 39.94
N THR B 632 9.04 17.17 39.06
CA THR B 632 10.02 16.95 38.01
C THR B 632 9.60 17.50 36.66
N TRP B 633 8.32 17.43 36.30
CA TRP B 633 7.84 17.88 35.00
C TRP B 633 7.40 19.34 35.00
N ARG B 634 6.59 19.74 35.98
CA ARG B 634 6.08 21.11 35.99
C ARG B 634 7.20 22.14 36.05
N VAL B 635 8.34 21.77 36.66
CA VAL B 635 9.46 22.71 36.74
C VAL B 635 9.94 23.09 35.35
N TYR B 636 9.95 22.14 34.42
CA TYR B 636 10.36 22.41 33.04
C TYR B 636 9.18 22.82 32.15
N SER B 637 7.95 22.76 32.65
CA SER B 637 6.78 23.18 31.90
C SER B 637 6.43 24.64 32.12
N THR B 638 7.10 25.31 33.03
CA THR B 638 6.85 26.73 33.32
C THR B 638 7.97 27.22 34.24
N GLY B 639 7.87 28.47 34.67
CA GLY B 639 8.85 29.08 35.54
C GLY B 639 9.20 30.47 35.06
N SER B 640 10.20 31.07 35.71
CA SER B 640 10.67 32.40 35.36
C SER B 640 11.71 32.40 34.25
N ASN B 641 12.15 31.22 33.80
CA ASN B 641 13.14 31.10 32.74
C ASN B 641 12.52 30.84 31.38
N VAL B 642 11.20 30.92 31.27
CA VAL B 642 10.53 30.66 30.00
C VAL B 642 10.98 31.70 28.98
N PHE B 643 11.28 31.25 27.77
CA PHE B 643 11.72 32.13 26.69
C PHE B 643 10.95 31.80 25.43
N GLN B 644 10.70 32.83 24.62
CA GLN B 644 9.95 32.70 23.37
C GLN B 644 10.89 32.92 22.21
N THR B 645 10.88 32.00 21.25
CA THR B 645 11.67 32.11 20.03
C THR B 645 10.83 31.75 18.82
N ARG B 646 11.40 32.00 17.64
CA ARG B 646 10.66 31.74 16.40
C ARG B 646 10.31 30.26 16.25
N ALA B 647 11.24 29.37 16.58
CA ALA B 647 10.97 27.94 16.43
C ALA B 647 9.92 27.47 17.43
N GLY B 648 9.73 28.18 18.53
CA GLY B 648 8.77 27.78 19.54
C GLY B 648 9.04 28.48 20.86
N CYS B 649 8.58 27.84 21.94
CA CYS B 649 8.77 28.34 23.29
C CYS B 649 9.82 27.49 23.99
N LEU B 650 10.83 28.14 24.56
CA LEU B 650 11.93 27.46 25.23
C LEU B 650 11.78 27.65 26.74
N ILE B 651 11.84 26.55 27.48
CA ILE B 651 11.74 26.56 28.93
C ILE B 651 12.93 25.81 29.49
N GLY B 652 13.34 26.18 30.70
CA GLY B 652 14.49 25.57 31.34
C GLY B 652 15.83 26.16 30.96
N ALA B 653 15.85 27.18 30.10
CA ALA B 653 17.08 27.83 29.67
C ALA B 653 16.93 29.33 29.79
N GLU B 654 18.04 30.01 30.06
CA GLU B 654 18.06 31.45 30.23
C GLU B 654 18.61 32.10 28.96
N HIS B 655 17.84 33.03 28.39
CA HIS B 655 18.28 33.73 27.20
C HIS B 655 19.37 34.74 27.54
N VAL B 656 20.43 34.76 26.72
CA VAL B 656 21.54 35.68 26.91
C VAL B 656 21.87 36.33 25.57
N ASN B 657 22.50 37.49 25.66
CA ASN B 657 22.90 38.27 24.48
C ASN B 657 24.37 38.09 24.14
N ASN B 658 25.06 37.14 24.77
CA ASN B 658 26.47 36.94 24.48
C ASN B 658 26.70 36.52 23.03
N SER B 659 25.81 35.68 22.50
CA SER B 659 25.87 35.23 21.11
C SER B 659 27.16 34.44 20.85
N TYR B 660 27.30 33.35 21.58
CA TYR B 660 28.41 32.41 21.37
C TYR B 660 28.15 31.64 20.07
N GLU B 661 29.06 30.73 19.74
CA GLU B 661 28.88 29.85 18.60
C GLU B 661 27.86 28.78 18.94
N CYS B 662 27.09 28.38 17.93
CA CYS B 662 26.02 27.40 18.15
C CYS B 662 26.59 26.10 18.67
N ASP B 663 25.89 25.50 19.64
CA ASP B 663 26.26 24.20 20.20
C ASP B 663 25.17 23.16 19.95
N ILE B 664 23.90 23.56 20.12
CA ILE B 664 22.76 22.69 19.89
C ILE B 664 21.81 23.43 18.95
N PRO B 665 21.45 22.85 17.79
CA PRO B 665 20.59 23.58 16.84
C PRO B 665 19.17 23.71 17.37
N ILE B 666 18.71 24.95 17.52
CA ILE B 666 17.34 25.21 17.95
C ILE B 666 16.47 25.67 16.80
N GLY B 667 16.97 26.60 15.98
CA GLY B 667 16.22 27.10 14.84
C GLY B 667 16.17 28.61 14.79
N ALA B 668 16.06 29.16 13.58
CA ALA B 668 15.98 30.61 13.38
C ALA B 668 17.21 31.32 13.96
N GLY B 669 18.36 30.68 13.83
CA GLY B 669 19.62 31.26 14.29
C GLY B 669 19.88 31.13 15.78
N ILE B 670 19.01 30.46 16.52
CA ILE B 670 19.17 30.31 17.97
C ILE B 670 19.77 28.95 18.24
N CYS B 671 20.54 28.86 19.33
CA CYS B 671 21.12 27.60 19.76
C CYS B 671 21.30 27.62 21.27
N ALA B 672 21.39 26.43 21.85
CA ALA B 672 21.54 26.25 23.28
C ALA B 672 22.88 25.59 23.59
N SER B 673 23.45 25.97 24.73
CA SER B 673 24.75 25.43 25.15
C SER B 673 24.76 25.33 26.67
N TYR B 674 25.65 24.49 27.17
CA TYR B 674 25.81 24.26 28.59
C TYR B 674 26.97 25.08 29.13
N GLN B 675 26.70 25.92 30.12
CA GLN B 675 27.71 26.77 30.73
C GLN B 675 27.67 26.62 32.24
N THR B 676 28.85 26.70 32.86
CA THR B 676 28.97 26.59 34.31
C THR B 676 29.23 27.94 34.95
N SER B 689 24.64 27.72 39.38
CA SER B 689 25.97 27.87 38.78
C SER B 689 25.99 27.28 37.37
N GLN B 690 25.24 26.20 37.18
CA GLN B 690 25.16 25.51 35.90
C GLN B 690 23.73 25.59 35.37
N SER B 691 23.60 26.03 34.12
CA SER B 691 22.29 26.16 33.49
C SER B 691 22.48 26.17 31.98
N ILE B 692 21.38 25.96 31.27
CA ILE B 692 21.38 25.98 29.81
C ILE B 692 21.07 27.39 29.35
N ILE B 693 21.90 27.92 28.46
CA ILE B 693 21.76 29.28 27.95
C ILE B 693 21.26 29.23 26.52
N ALA B 694 20.50 30.26 26.14
CA ALA B 694 19.97 30.41 24.79
C ALA B 694 20.49 31.71 24.21
N TYR B 695 20.95 31.66 22.95
CA TYR B 695 21.56 32.82 22.31
C TYR B 695 21.46 32.65 20.80
N THR B 696 21.67 33.75 20.08
CA THR B 696 21.75 33.74 18.62
C THR B 696 23.19 33.44 18.23
N MET B 697 23.37 32.44 17.37
CA MET B 697 24.72 32.01 17.03
C MET B 697 25.48 33.13 16.34
N SER B 698 26.78 33.20 16.63
CA SER B 698 27.68 34.16 15.98
C SER B 698 28.32 33.47 14.79
N LEU B 699 28.20 34.10 13.61
CA LEU B 699 28.73 33.51 12.40
C LEU B 699 30.25 33.37 12.43
N GLY B 700 30.93 34.08 13.33
CA GLY B 700 32.38 33.98 13.44
C GLY B 700 33.00 35.23 14.01
N ALA B 701 34.30 35.17 14.31
CA ALA B 701 34.99 36.35 14.83
C ALA B 701 35.01 37.45 13.79
N GLU B 702 34.71 38.67 14.22
CA GLU B 702 34.67 39.81 13.30
C GLU B 702 36.07 40.11 12.79
N ASN B 703 36.20 40.30 11.49
CA ASN B 703 37.46 40.63 10.86
C ASN B 703 37.25 41.76 9.86
N SER B 704 38.31 42.54 9.64
CA SER B 704 38.25 43.68 8.74
C SER B 704 39.27 43.63 7.61
N VAL B 705 40.37 42.88 7.76
CA VAL B 705 41.46 42.83 6.79
C VAL B 705 41.68 44.21 6.18
N ALA B 706 42.57 44.99 6.80
CA ALA B 706 42.82 46.36 6.37
C ALA B 706 43.14 46.41 4.88
N TYR B 707 42.42 47.25 4.14
CA TYR B 707 42.63 47.36 2.71
C TYR B 707 43.19 48.72 2.34
N SER B 708 44.18 48.72 1.46
CA SER B 708 44.75 49.96 0.96
C SER B 708 45.27 49.70 -0.45
N ASN B 709 45.40 50.79 -1.21
CA ASN B 709 45.87 50.69 -2.59
C ASN B 709 47.39 50.69 -2.69
N ASN B 710 48.11 50.86 -1.57
CA ASN B 710 49.57 50.86 -1.57
C ASN B 710 50.09 50.04 -0.40
N SER B 711 49.52 48.85 -0.19
CA SER B 711 49.92 47.95 0.87
C SER B 711 49.77 46.50 0.40
N ILE B 712 50.51 45.61 1.06
CA ILE B 712 50.45 44.19 0.76
C ILE B 712 50.96 43.38 1.95
N ALA B 713 50.45 42.17 2.11
CA ALA B 713 50.85 41.27 3.18
C ALA B 713 51.36 39.98 2.56
N ILE B 714 52.60 39.62 2.85
CA ILE B 714 53.23 38.39 2.36
C ILE B 714 53.78 37.66 3.58
N PRO B 715 53.45 36.39 3.78
CA PRO B 715 53.93 35.68 4.97
C PRO B 715 55.44 35.51 4.96
N THR B 716 56.03 35.54 6.16
CA THR B 716 57.45 35.27 6.35
C THR B 716 57.71 33.83 6.78
N ASN B 717 56.66 33.01 6.87
CA ASN B 717 56.78 31.61 7.26
C ASN B 717 55.46 30.93 6.90
N PHE B 718 55.41 29.62 7.06
CA PHE B 718 54.22 28.84 6.75
C PHE B 718 54.29 27.53 7.53
N THR B 719 53.16 26.84 7.62
CA THR B 719 53.08 25.57 8.32
C THR B 719 52.36 24.56 7.45
N ILE B 720 52.73 23.29 7.59
CA ILE B 720 52.09 22.22 6.84
C ILE B 720 50.90 21.71 7.63
N SER B 721 49.72 21.75 7.01
CA SER B 721 48.47 21.35 7.64
C SER B 721 47.99 20.02 7.09
N VAL B 722 47.61 19.12 8.01
CA VAL B 722 47.05 17.82 7.65
C VAL B 722 45.72 17.66 8.37
N THR B 723 44.71 17.26 7.60
CA THR B 723 43.36 17.09 8.14
C THR B 723 42.79 15.79 7.59
N THR B 724 41.85 15.20 8.33
CA THR B 724 41.26 13.93 7.95
C THR B 724 39.88 14.13 7.34
N GLU B 725 39.65 13.46 6.20
CA GLU B 725 38.35 13.47 5.52
C GLU B 725 37.86 12.04 5.39
N ILE B 726 36.59 11.83 5.72
CA ILE B 726 35.98 10.50 5.72
C ILE B 726 34.86 10.49 4.69
N LEU B 727 34.87 9.50 3.80
CA LEU B 727 33.87 9.35 2.76
C LEU B 727 33.47 7.89 2.65
N PRO B 728 32.24 7.52 3.03
CA PRO B 728 31.82 6.13 2.88
C PRO B 728 31.85 5.70 1.41
N VAL B 729 32.23 4.44 1.18
CA VAL B 729 32.42 3.92 -0.17
C VAL B 729 31.41 2.85 -0.54
N SER B 730 30.87 2.10 0.42
CA SER B 730 29.97 1.00 0.11
C SER B 730 29.07 0.76 1.32
N MET B 731 28.20 -0.23 1.20
CA MET B 731 27.26 -0.60 2.24
C MET B 731 27.34 -2.10 2.47
N THR B 732 26.90 -2.53 3.65
CA THR B 732 26.80 -3.96 3.92
C THR B 732 25.88 -4.61 2.90
N LYS B 733 26.34 -5.71 2.30
CA LYS B 733 25.59 -6.37 1.24
C LYS B 733 24.48 -7.24 1.85
N THR B 734 23.59 -6.62 2.62
CA THR B 734 22.49 -7.35 3.22
C THR B 734 21.51 -7.81 2.15
N SER B 735 21.15 -9.09 2.19
CA SER B 735 20.19 -9.66 1.27
C SER B 735 19.08 -10.32 2.07
N VAL B 736 17.83 -10.02 1.69
CA VAL B 736 16.65 -10.52 2.38
C VAL B 736 15.87 -11.40 1.41
N ASP B 737 15.62 -12.64 1.82
CA ASP B 737 14.82 -13.55 1.01
C ASP B 737 13.35 -13.20 1.19
N CYS B 738 12.78 -12.51 0.21
CA CYS B 738 11.40 -12.05 0.33
C CYS B 738 10.45 -13.22 0.46
N THR B 739 10.64 -14.28 -0.33
CA THR B 739 9.74 -15.43 -0.25
C THR B 739 9.75 -16.03 1.15
N MET B 740 10.93 -16.18 1.74
CA MET B 740 11.02 -16.69 3.10
C MET B 740 10.60 -15.65 4.13
N TYR B 741 11.01 -14.39 3.97
CA TYR B 741 10.73 -13.35 4.95
C TYR B 741 9.23 -13.12 5.12
N ILE B 742 8.49 -13.01 4.01
CA ILE B 742 7.06 -12.72 4.10
C ILE B 742 6.32 -13.88 4.77
N CYS B 743 6.63 -15.11 4.38
CA CYS B 743 5.92 -16.29 4.84
C CYS B 743 6.80 -17.20 5.68
N GLY B 744 7.93 -17.65 5.14
CA GLY B 744 8.80 -18.57 5.84
C GLY B 744 8.55 -20.02 5.39
N ASP B 745 8.23 -20.88 6.35
CA ASP B 745 8.01 -22.29 6.09
C ASP B 745 6.54 -22.64 5.86
N SER B 746 5.66 -21.64 5.83
CA SER B 746 4.23 -21.88 5.66
C SER B 746 3.92 -21.94 4.17
N THR B 747 3.62 -23.15 3.68
CA THR B 747 3.29 -23.32 2.27
C THR B 747 1.98 -22.63 1.92
N GLU B 748 1.01 -22.63 2.85
CA GLU B 748 -0.25 -21.95 2.58
C GLU B 748 -0.03 -20.46 2.35
N CYS B 749 0.82 -19.84 3.17
CA CYS B 749 1.14 -18.43 2.96
C CYS B 749 1.86 -18.21 1.64
N SER B 750 2.76 -19.12 1.26
CA SER B 750 3.46 -18.98 0.00
C SER B 750 2.50 -19.07 -1.18
N ASN B 751 1.47 -19.90 -1.07
CA ASN B 751 0.49 -20.01 -2.14
C ASN B 751 -0.22 -18.67 -2.36
N LEU B 752 -0.63 -18.01 -1.27
CA LEU B 752 -1.25 -16.70 -1.40
C LEU B 752 -0.26 -15.67 -1.93
N LEU B 753 0.99 -15.75 -1.47
CA LEU B 753 2.01 -14.79 -1.92
C LEU B 753 2.21 -14.90 -3.43
N LEU B 754 2.23 -16.12 -3.96
CA LEU B 754 2.45 -16.30 -5.39
C LEU B 754 1.41 -15.55 -6.23
N GLN B 755 0.21 -15.33 -5.67
CA GLN B 755 -0.82 -14.61 -6.40
C GLN B 755 -0.50 -13.14 -6.59
N TYR B 756 0.40 -12.59 -5.77
CA TYR B 756 0.75 -11.17 -5.83
C TYR B 756 1.61 -10.81 -7.03
N GLY B 757 2.14 -11.81 -7.74
CA GLY B 757 2.93 -11.52 -8.93
C GLY B 757 4.40 -11.72 -8.70
N SER B 758 5.21 -10.80 -9.25
CA SER B 758 6.67 -10.89 -9.20
C SER B 758 7.27 -9.83 -8.28
N PHE B 759 6.54 -9.41 -7.24
CA PHE B 759 7.10 -8.46 -6.30
C PHE B 759 8.31 -9.03 -5.59
N CYS B 760 8.25 -10.30 -5.19
CA CYS B 760 9.38 -10.95 -4.53
C CYS B 760 10.60 -10.95 -5.44
N THR B 761 10.41 -11.34 -6.71
CA THR B 761 11.52 -11.38 -7.65
C THR B 761 12.08 -9.98 -7.88
N GLN B 762 11.22 -8.97 -8.00
CA GLN B 762 11.69 -7.62 -8.25
C GLN B 762 12.50 -7.09 -7.06
N LEU B 763 12.03 -7.35 -5.84
CA LEU B 763 12.78 -6.92 -4.65
C LEU B 763 14.11 -7.65 -4.55
N ASN B 764 14.12 -8.95 -4.85
CA ASN B 764 15.38 -9.70 -4.83
C ASN B 764 16.35 -9.15 -5.85
N ARG B 765 15.86 -8.83 -7.05
CA ARG B 765 16.72 -8.25 -8.08
C ARG B 765 17.28 -6.90 -7.64
N ALA B 766 16.46 -6.07 -7.01
CA ALA B 766 16.93 -4.77 -6.54
C ALA B 766 18.01 -4.95 -5.48
N LEU B 767 17.80 -5.89 -4.55
CA LEU B 767 18.79 -6.13 -3.51
C LEU B 767 20.10 -6.65 -4.11
N THR B 768 20.00 -7.56 -5.08
CA THR B 768 21.20 -8.06 -5.74
C THR B 768 21.93 -6.95 -6.48
N GLY B 769 21.19 -6.06 -7.14
CA GLY B 769 21.81 -4.92 -7.78
C GLY B 769 22.54 -4.02 -6.81
N ILE B 770 21.92 -3.77 -5.65
CA ILE B 770 22.58 -2.96 -4.62
C ILE B 770 23.87 -3.63 -4.16
N ALA B 771 23.80 -4.95 -3.92
CA ALA B 771 24.99 -5.67 -3.47
C ALA B 771 26.10 -5.59 -4.51
N VAL B 772 25.75 -5.75 -5.80
CA VAL B 772 26.76 -5.67 -6.85
C VAL B 772 27.32 -4.25 -6.93
N GLU B 773 26.47 -3.24 -6.74
CA GLU B 773 26.93 -1.87 -6.78
C GLU B 773 27.91 -1.57 -5.66
N GLN B 774 27.70 -2.16 -4.48
CA GLN B 774 28.66 -1.97 -3.40
C GLN B 774 30.05 -2.47 -3.79
N ASP B 775 30.12 -3.67 -4.37
CA ASP B 775 31.41 -4.19 -4.81
C ASP B 775 31.99 -3.34 -5.94
N LYS B 776 31.13 -2.87 -6.84
CA LYS B 776 31.62 -2.01 -7.92
C LYS B 776 32.25 -0.74 -7.36
N ASN B 777 31.60 -0.11 -6.39
CA ASN B 777 32.16 1.09 -5.76
C ASN B 777 33.49 0.77 -5.08
N THR B 778 33.53 -0.33 -4.33
CA THR B 778 34.75 -0.70 -3.64
C THR B 778 35.90 -0.91 -4.63
N GLN B 779 35.63 -1.58 -5.73
CA GLN B 779 36.63 -1.77 -6.78
C GLN B 779 37.05 -0.45 -7.43
N GLU B 780 36.11 0.43 -7.76
CA GLU B 780 36.44 1.68 -8.43
C GLU B 780 37.24 2.63 -7.54
N VAL B 781 37.01 2.59 -6.23
CA VAL B 781 37.68 3.54 -5.32
C VAL B 781 39.09 3.11 -4.95
N PHE B 782 39.45 1.84 -5.12
CA PHE B 782 40.74 1.34 -4.65
C PHE B 782 41.56 0.65 -5.73
N ALA B 783 40.93 0.29 -6.85
CA ALA B 783 41.60 -0.48 -7.89
C ALA B 783 42.06 0.38 -9.06
N GLN B 784 42.51 1.60 -8.80
CA GLN B 784 43.02 2.48 -9.84
C GLN B 784 44.48 2.20 -10.21
N VAL B 785 45.13 1.28 -9.51
CA VAL B 785 46.52 0.92 -9.79
C VAL B 785 46.56 -0.55 -10.20
N LYS B 786 47.21 -0.83 -11.32
CA LYS B 786 47.25 -2.19 -11.86
C LYS B 786 48.37 -3.03 -11.28
N GLN B 787 49.30 -2.44 -10.53
CA GLN B 787 50.44 -3.14 -9.98
C GLN B 787 50.60 -2.79 -8.50
N ILE B 788 51.08 -3.75 -7.72
CA ILE B 788 51.28 -3.55 -6.28
C ILE B 788 52.69 -3.05 -6.05
N TYR B 789 52.82 -1.75 -5.78
CA TYR B 789 54.12 -1.15 -5.51
C TYR B 789 54.54 -1.39 -4.07
N LYS B 790 55.81 -1.16 -3.75
CA LYS B 790 56.31 -1.39 -2.40
C LYS B 790 57.40 -0.37 -2.10
N THR B 791 57.63 -0.15 -0.81
CA THR B 791 58.65 0.79 -0.35
C THR B 791 59.90 0.03 0.06
N PRO B 792 61.08 0.34 -0.50
CA PRO B 792 62.28 -0.36 -0.09
C PRO B 792 62.53 -0.15 1.39
N PRO B 793 63.14 -1.14 2.06
CA PRO B 793 63.29 -1.04 3.52
C PRO B 793 64.14 0.13 3.98
N ILE B 794 64.99 0.69 3.11
CA ILE B 794 65.85 1.81 3.53
C ILE B 794 64.99 2.99 3.96
N LYS B 795 63.97 3.31 3.18
CA LYS B 795 63.03 4.38 3.50
C LYS B 795 63.77 5.68 3.84
N ASP B 796 64.76 6.00 3.01
CA ASP B 796 65.58 7.21 3.17
C ASP B 796 64.82 8.37 2.54
N PHE B 797 63.89 8.94 3.30
CA PHE B 797 63.05 10.03 2.83
C PHE B 797 63.52 11.38 3.36
N GLY B 798 64.71 11.43 3.94
CA GLY B 798 65.26 12.69 4.43
C GLY B 798 64.46 13.30 5.57
N GLY B 799 64.11 12.48 6.55
CA GLY B 799 63.41 12.96 7.72
C GLY B 799 61.90 12.84 7.66
N PHE B 800 61.35 12.44 6.53
CA PHE B 800 59.90 12.25 6.39
C PHE B 800 59.54 10.87 6.90
N ASN B 801 58.71 10.80 7.93
CA ASN B 801 58.36 9.55 8.60
C ASN B 801 57.00 9.08 8.09
N PHE B 802 56.98 7.88 7.50
CA PHE B 802 55.78 7.26 6.95
C PHE B 802 55.32 6.05 7.75
N SER B 803 55.79 5.89 8.99
CA SER B 803 55.39 4.72 9.78
C SER B 803 53.89 4.67 10.00
N GLN B 804 53.27 5.82 10.29
CA GLN B 804 51.84 5.87 10.58
C GLN B 804 50.99 5.44 9.38
N ILE B 805 51.49 5.61 8.16
CA ILE B 805 50.71 5.36 6.96
C ILE B 805 51.11 4.06 6.28
N LEU B 806 52.40 3.73 6.29
CA LEU B 806 52.86 2.55 5.59
C LEU B 806 52.49 1.28 6.36
N PRO B 807 52.53 0.12 5.70
CA PRO B 807 52.17 -1.12 6.39
C PRO B 807 53.04 -1.41 7.60
N ASP B 808 52.44 -2.00 8.63
CA ASP B 808 53.15 -2.32 9.88
C ASP B 808 53.15 -3.84 10.03
N PRO B 809 54.22 -4.52 9.62
CA PRO B 809 54.27 -5.98 9.76
C PRO B 809 54.22 -6.45 11.20
N SER B 810 54.54 -5.58 12.17
CA SER B 810 54.55 -6.00 13.57
C SER B 810 53.17 -6.48 14.01
N LYS B 811 52.12 -5.76 13.62
CA LYS B 811 50.77 -6.16 13.98
C LYS B 811 50.38 -7.43 13.22
N PRO B 812 49.39 -8.17 13.73
CA PRO B 812 48.97 -9.39 13.03
C PRO B 812 48.55 -9.13 11.59
N SER B 813 47.91 -8.00 11.33
CA SER B 813 47.50 -7.61 9.98
C SER B 813 48.54 -6.70 9.36
N LYS B 814 48.49 -6.59 8.03
CA LYS B 814 49.42 -5.75 7.29
C LYS B 814 48.95 -4.31 7.18
N ARG B 815 47.81 -3.97 7.75
CA ARG B 815 47.31 -2.60 7.69
C ARG B 815 48.22 -1.66 8.47
N SER B 816 48.22 -0.39 8.06
CA SER B 816 49.12 0.60 8.66
C SER B 816 48.78 0.85 10.12
N PHE B 817 49.62 1.63 10.80
CA PHE B 817 49.40 1.93 12.20
C PHE B 817 48.08 2.69 12.41
N ILE B 818 47.84 3.70 11.56
CA ILE B 818 46.59 4.45 11.66
C ILE B 818 45.40 3.55 11.38
N GLU B 819 45.51 2.69 10.36
CA GLU B 819 44.40 1.83 9.98
C GLU B 819 43.85 1.06 11.18
N ASP B 820 44.73 0.55 12.03
CA ASP B 820 44.28 -0.23 13.17
C ASP B 820 43.36 0.58 14.06
N LEU B 821 43.73 1.83 14.35
CA LEU B 821 42.90 2.68 15.19
C LEU B 821 41.55 2.94 14.55
N LEU B 822 41.53 3.22 13.25
CA LEU B 822 40.27 3.47 12.56
C LEU B 822 39.35 2.26 12.64
N PHE B 823 39.89 1.08 12.33
CA PHE B 823 39.08 -0.14 12.37
C PHE B 823 38.58 -0.43 13.78
N ASN B 824 39.44 -0.24 14.78
CA ASN B 824 39.01 -0.49 16.16
C ASN B 824 37.91 0.48 16.57
N LYS B 825 38.04 1.76 16.23
CA LYS B 825 37.03 2.74 16.60
C LYS B 825 35.70 2.45 15.89
N VAL B 826 35.76 2.14 14.59
CA VAL B 826 34.54 1.87 13.84
C VAL B 826 33.85 0.61 14.38
N THR B 827 34.63 -0.43 14.62
CA THR B 827 34.09 -1.68 15.13
C THR B 827 34.14 -1.71 16.66
N LEU B 849 24.45 -4.34 17.51
CA LEU B 849 23.72 -5.01 16.43
C LEU B 849 24.68 -5.45 15.33
N ILE B 850 25.75 -6.15 15.72
CA ILE B 850 26.75 -6.64 14.79
C ILE B 850 26.77 -8.16 14.85
N CYS B 851 26.68 -8.80 13.68
CA CYS B 851 26.68 -10.25 13.59
C CYS B 851 25.58 -10.86 14.46
N ALA B 852 24.39 -10.27 14.40
CA ALA B 852 23.26 -10.74 15.19
C ALA B 852 21.98 -10.80 14.35
N GLN B 853 22.11 -11.10 13.06
CA GLN B 853 20.97 -11.19 12.15
C GLN B 853 21.03 -12.53 11.44
N LYS B 854 20.30 -13.51 11.96
CA LYS B 854 20.27 -14.86 11.39
C LYS B 854 18.86 -15.35 11.11
N PHE B 855 17.88 -14.94 11.91
CA PHE B 855 16.52 -15.42 11.76
C PHE B 855 15.80 -14.67 10.63
N ASN B 856 14.60 -15.16 10.30
CA ASN B 856 13.70 -14.50 9.35
C ASN B 856 14.29 -14.43 7.94
N GLY B 857 15.21 -15.35 7.61
CA GLY B 857 15.75 -15.43 6.28
C GLY B 857 16.82 -14.40 5.96
N LEU B 858 17.23 -13.59 6.92
CA LEU B 858 18.23 -12.57 6.67
C LEU B 858 19.60 -13.22 6.40
N THR B 859 20.30 -12.67 5.42
CA THR B 859 21.65 -13.14 5.09
C THR B 859 22.46 -11.95 4.60
N VAL B 860 23.77 -12.03 4.81
CA VAL B 860 24.70 -10.97 4.44
C VAL B 860 25.76 -11.57 3.52
N LEU B 861 25.98 -10.91 2.38
CA LEU B 861 27.00 -11.35 1.44
C LEU B 861 28.35 -10.71 1.77
N PRO B 862 29.38 -11.50 2.00
CA PRO B 862 30.70 -10.93 2.26
C PRO B 862 31.18 -10.08 1.09
N PRO B 863 31.89 -8.98 1.34
CA PRO B 863 32.34 -8.14 0.24
C PRO B 863 33.33 -8.87 -0.65
N LEU B 864 33.31 -8.52 -1.94
CA LEU B 864 34.23 -9.16 -2.90
C LEU B 864 35.67 -8.90 -2.51
N LEU B 865 36.00 -7.65 -2.17
CA LEU B 865 37.35 -7.27 -1.76
C LEU B 865 37.41 -7.29 -0.24
N THR B 866 38.11 -8.27 0.32
CA THR B 866 38.22 -8.40 1.76
C THR B 866 38.98 -7.20 2.34
N ASP B 867 38.99 -7.09 3.67
CA ASP B 867 39.73 -6.02 4.30
C ASP B 867 41.21 -6.10 3.98
N GLU B 868 41.77 -7.31 3.93
CA GLU B 868 43.17 -7.47 3.57
C GLU B 868 43.44 -6.99 2.15
N MET B 869 42.54 -7.29 1.21
CA MET B 869 42.73 -6.82 -0.16
C MET B 869 42.66 -5.30 -0.24
N ILE B 870 41.73 -4.69 0.49
CA ILE B 870 41.65 -3.23 0.51
C ILE B 870 42.93 -2.64 1.09
N ALA B 871 43.44 -3.25 2.16
CA ALA B 871 44.70 -2.77 2.75
C ALA B 871 45.84 -2.91 1.76
N GLN B 872 45.88 -4.01 1.00
CA GLN B 872 46.93 -4.19 0.01
C GLN B 872 46.85 -3.15 -1.10
N TYR B 873 45.63 -2.86 -1.58
CA TYR B 873 45.46 -1.80 -2.57
C TYR B 873 45.93 -0.46 -2.02
N THR B 874 45.56 -0.17 -0.76
CA THR B 874 45.98 1.08 -0.15
C THR B 874 47.50 1.16 -0.02
N SER B 875 48.13 0.05 0.36
CA SER B 875 49.59 0.03 0.46
C SER B 875 50.24 0.23 -0.90
N ALA B 876 49.68 -0.37 -1.94
CA ALA B 876 50.22 -0.18 -3.28
C ALA B 876 50.12 1.28 -3.71
N LEU B 877 48.96 1.90 -3.45
CA LEU B 877 48.81 3.32 -3.77
C LEU B 877 49.79 4.18 -2.96
N LEU B 878 49.97 3.83 -1.68
CA LEU B 878 50.95 4.53 -0.85
C LEU B 878 52.33 4.45 -1.46
N ALA B 879 52.78 3.24 -1.80
CA ALA B 879 54.12 3.09 -2.36
C ALA B 879 54.27 3.83 -3.68
N GLY B 880 53.23 3.79 -4.53
CA GLY B 880 53.30 4.55 -5.76
C GLY B 880 53.43 6.04 -5.53
N THR B 881 52.66 6.57 -4.58
CA THR B 881 52.71 7.99 -4.27
C THR B 881 54.04 8.42 -3.66
N ILE B 882 54.62 7.61 -2.78
CA ILE B 882 55.86 7.96 -2.10
C ILE B 882 56.99 8.15 -3.09
N THR B 883 57.35 7.08 -3.81
CA THR B 883 58.52 7.09 -4.67
C THR B 883 58.24 7.77 -6.01
N SER B 884 57.21 7.30 -6.71
CA SER B 884 56.93 7.81 -8.06
C SER B 884 56.08 9.07 -8.06
N GLY B 885 55.64 9.54 -6.90
CA GLY B 885 54.79 10.72 -6.88
C GLY B 885 53.52 10.49 -7.68
N TRP B 886 53.20 11.44 -8.56
CA TRP B 886 52.06 11.33 -9.45
C TRP B 886 52.41 10.71 -10.79
N THR B 887 53.69 10.41 -11.03
CA THR B 887 54.11 9.83 -12.30
C THR B 887 53.50 8.46 -12.55
N PHE B 888 53.41 7.61 -11.53
CA PHE B 888 52.85 6.27 -11.68
C PHE B 888 51.34 6.30 -11.95
N GLY B 889 50.68 7.41 -11.64
CA GLY B 889 49.26 7.53 -11.91
C GLY B 889 48.97 7.91 -13.34
N ALA B 890 50.02 8.19 -14.12
CA ALA B 890 49.89 8.56 -15.51
C ALA B 890 50.79 7.75 -16.44
N GLY B 891 51.47 6.73 -15.93
CA GLY B 891 52.36 5.94 -16.76
C GLY B 891 53.32 5.13 -15.90
N ALA B 892 54.54 4.96 -16.42
CA ALA B 892 55.56 4.21 -15.72
C ALA B 892 55.87 4.84 -14.38
N ALA B 893 56.09 3.99 -13.37
CA ALA B 893 56.38 4.44 -12.01
C ALA B 893 57.81 4.96 -11.89
N LEU B 894 58.01 6.22 -12.31
CA LEU B 894 59.34 6.82 -12.26
C LEU B 894 59.61 7.39 -10.87
N GLN B 895 60.47 6.73 -10.12
CA GLN B 895 60.77 7.11 -8.75
C GLN B 895 61.47 8.46 -8.70
N ILE B 896 61.07 9.28 -7.73
CA ILE B 896 61.70 10.58 -7.49
C ILE B 896 61.90 10.71 -5.99
N PRO B 897 63.02 11.25 -5.51
CA PRO B 897 63.20 11.37 -4.06
C PRO B 897 62.10 12.25 -3.45
N PHE B 898 61.64 11.86 -2.27
CA PHE B 898 60.58 12.61 -1.60
C PHE B 898 61.03 14.03 -1.28
N ALA B 899 62.29 14.19 -0.85
CA ALA B 899 62.81 15.52 -0.58
C ALA B 899 62.71 16.42 -1.81
N MET B 900 62.89 15.86 -3.00
CA MET B 900 62.75 16.63 -4.23
C MET B 900 61.33 16.62 -4.77
N GLN B 901 60.53 15.59 -4.45
CA GLN B 901 59.13 15.61 -4.83
C GLN B 901 58.38 16.74 -4.12
N MET B 902 58.74 17.00 -2.87
CA MET B 902 58.17 18.14 -2.15
C MET B 902 58.51 19.44 -2.87
N ALA B 903 59.75 19.59 -3.32
CA ALA B 903 60.14 20.77 -4.09
C ALA B 903 59.38 20.88 -5.40
N TYR B 904 59.22 19.77 -6.13
CA TYR B 904 58.44 19.77 -7.35
C TYR B 904 57.01 20.23 -7.11
N ARG B 905 56.36 19.73 -6.06
CA ARG B 905 55.01 20.16 -5.73
C ARG B 905 54.98 21.62 -5.32
N PHE B 906 55.99 22.10 -4.59
CA PHE B 906 56.04 23.50 -4.22
C PHE B 906 56.00 24.39 -5.46
N ASN B 907 56.61 23.93 -6.55
CA ASN B 907 56.54 24.66 -7.80
C ASN B 907 55.12 24.76 -8.32
N GLY B 908 54.34 23.70 -8.23
CA GLY B 908 52.97 23.74 -8.72
C GLY B 908 52.11 24.78 -8.03
N ILE B 909 52.20 24.85 -6.70
CA ILE B 909 51.41 25.83 -5.96
C ILE B 909 51.87 27.26 -6.23
N GLY B 910 53.15 27.46 -6.52
CA GLY B 910 53.68 28.79 -6.78
C GLY B 910 54.82 29.17 -5.86
N VAL B 911 55.52 28.17 -5.33
CA VAL B 911 56.66 28.38 -4.45
C VAL B 911 57.89 27.74 -5.07
N THR B 912 58.98 28.51 -5.10
CA THR B 912 60.23 28.05 -5.71
C THR B 912 60.83 26.91 -4.90
N GLN B 913 61.60 26.07 -5.60
CA GLN B 913 62.18 24.89 -4.97
C GLN B 913 63.16 25.27 -3.86
N ASN B 914 63.77 26.46 -3.96
CA ASN B 914 64.76 26.85 -2.96
C ASN B 914 64.17 26.81 -1.56
N VAL B 915 63.05 27.49 -1.33
CA VAL B 915 62.49 27.59 0.01
C VAL B 915 62.61 26.24 0.73
N LEU B 916 62.18 25.18 0.08
CA LEU B 916 62.33 23.84 0.63
C LEU B 916 63.79 23.43 0.71
N TYR B 917 64.57 23.71 -0.34
CA TYR B 917 65.95 23.22 -0.35
C TYR B 917 66.73 23.75 0.86
N GLU B 918 66.37 24.92 1.35
CA GLU B 918 66.94 25.44 2.60
C GLU B 918 66.19 25.00 3.86
N ASN B 919 64.86 24.85 3.82
CA ASN B 919 64.10 24.58 5.04
C ASN B 919 63.71 23.11 5.20
N GLN B 920 64.33 22.20 4.45
CA GLN B 920 63.88 20.81 4.41
C GLN B 920 63.73 20.21 5.80
N LYS B 921 64.66 20.50 6.71
CA LYS B 921 64.57 19.91 8.05
C LYS B 921 63.28 20.33 8.74
N LEU B 922 63.00 21.63 8.78
CA LEU B 922 61.79 22.12 9.44
C LEU B 922 60.55 21.64 8.71
N ILE B 923 60.58 21.61 7.38
CA ILE B 923 59.41 21.16 6.62
C ILE B 923 59.10 19.71 6.94
N ALA B 924 60.12 18.85 6.97
CA ALA B 924 59.91 17.45 7.30
C ALA B 924 59.43 17.29 8.73
N ASN B 925 59.99 18.06 9.67
CA ASN B 925 59.53 17.97 11.05
C ASN B 925 58.06 18.36 11.16
N GLN B 926 57.66 19.44 10.48
CA GLN B 926 56.27 19.87 10.53
C GLN B 926 55.36 18.82 9.90
N PHE B 927 55.79 18.22 8.78
CA PHE B 927 54.99 17.17 8.15
C PHE B 927 54.81 15.99 9.08
N ASN B 928 55.89 15.57 9.74
CA ASN B 928 55.82 14.44 10.66
C ASN B 928 54.90 14.76 11.84
N SER B 929 55.00 15.98 12.37
CA SER B 929 54.15 16.36 13.49
C SER B 929 52.69 16.39 13.09
N ALA B 930 52.37 16.98 11.93
CA ALA B 930 50.99 17.08 11.49
C ALA B 930 50.40 15.70 11.21
N ILE B 931 51.14 14.87 10.46
CA ILE B 931 50.66 13.53 10.17
C ILE B 931 50.65 12.67 11.43
N GLY B 932 51.63 12.86 12.30
CA GLY B 932 51.69 12.13 13.56
C GLY B 932 50.67 12.56 14.59
N LYS B 933 50.15 13.77 14.48
CA LYS B 933 49.13 14.26 15.41
C LYS B 933 47.75 13.71 15.10
N ILE B 934 47.54 13.08 13.95
CA ILE B 934 46.24 12.52 13.62
C ILE B 934 45.89 11.39 14.57
N GLN B 935 46.89 10.61 14.99
CA GLN B 935 46.63 9.50 15.88
C GLN B 935 45.98 9.97 17.18
N ASP B 936 46.57 10.99 17.81
CA ASP B 936 46.04 11.48 19.08
C ASP B 936 44.65 12.08 18.90
N SER B 937 44.45 12.85 17.83
CA SER B 937 43.14 13.47 17.59
C SER B 937 42.07 12.41 17.39
N LEU B 938 42.37 11.37 16.62
CA LEU B 938 41.39 10.31 16.41
C LEU B 938 41.13 9.54 17.70
N SER B 939 42.18 9.25 18.47
CA SER B 939 42.00 8.49 19.70
C SER B 939 41.17 9.27 20.72
N SER B 940 41.43 10.56 20.87
CA SER B 940 40.75 11.36 21.88
C SER B 940 39.38 11.85 21.43
N THR B 941 39.05 11.71 20.15
CA THR B 941 37.75 12.16 19.61
C THR B 941 37.06 10.97 18.96
N ALA B 942 35.85 10.67 19.42
CA ALA B 942 35.07 9.56 18.88
C ALA B 942 34.18 9.98 17.72
N SER B 943 34.11 11.27 17.41
CA SER B 943 33.30 11.76 16.30
C SER B 943 34.08 11.88 14.99
N ALA B 944 35.37 11.55 15.00
CA ALA B 944 36.15 11.63 13.77
C ALA B 944 35.65 10.62 12.73
N LEU B 945 35.09 9.50 13.17
CA LEU B 945 34.53 8.50 12.28
C LEU B 945 33.02 8.63 12.14
N GLY B 946 32.51 9.86 12.14
CA GLY B 946 31.07 10.05 12.23
C GLY B 946 30.30 9.43 11.06
N LYS B 947 30.77 9.68 9.83
CA LYS B 947 29.97 9.29 8.67
C LYS B 947 29.76 7.79 8.61
N LEU B 948 30.84 7.01 8.75
CA LEU B 948 30.72 5.57 8.68
C LEU B 948 29.85 5.04 9.82
N GLN B 949 30.03 5.59 11.01
CA GLN B 949 29.22 5.15 12.15
C GLN B 949 27.74 5.42 11.90
N ASP B 950 27.41 6.62 11.41
CA ASP B 950 26.01 6.95 11.17
C ASP B 950 25.41 6.07 10.09
N VAL B 951 26.14 5.82 8.99
CA VAL B 951 25.57 5.00 7.94
C VAL B 951 25.36 3.56 8.42
N VAL B 952 26.35 3.02 9.17
CA VAL B 952 26.21 1.67 9.70
C VAL B 952 25.03 1.59 10.66
N ASN B 953 24.89 2.59 11.53
CA ASN B 953 23.77 2.59 12.48
C ASN B 953 22.44 2.71 11.75
N GLN B 954 22.37 3.52 10.70
CA GLN B 954 21.14 3.64 9.92
C GLN B 954 20.77 2.31 9.30
N ASN B 955 21.74 1.62 8.69
CA ASN B 955 21.45 0.32 8.11
C ASN B 955 21.00 -0.67 9.16
N ALA B 956 21.69 -0.68 10.31
CA ALA B 956 21.34 -1.62 11.37
C ALA B 956 19.93 -1.37 11.90
N GLN B 957 19.56 -0.10 12.11
CA GLN B 957 18.24 0.19 12.64
C GLN B 957 17.16 -0.09 11.60
N ALA B 958 17.47 0.15 10.31
CA ALA B 958 16.51 -0.20 9.27
C ALA B 958 16.27 -1.70 9.25
N LEU B 959 17.33 -2.49 9.33
CA LEU B 959 17.18 -3.95 9.35
C LEU B 959 16.42 -4.40 10.60
N ASN B 960 16.72 -3.79 11.75
CA ASN B 960 16.01 -4.14 12.98
C ASN B 960 14.52 -3.82 12.87
N THR B 961 14.19 -2.66 12.29
CA THR B 961 12.78 -2.31 12.10
C THR B 961 12.11 -3.29 11.15
N LEU B 962 12.79 -3.67 10.07
CA LEU B 962 12.21 -4.65 9.15
C LEU B 962 11.94 -5.97 9.87
N VAL B 963 12.88 -6.42 10.70
CA VAL B 963 12.68 -7.65 11.45
C VAL B 963 11.51 -7.51 12.42
N LYS B 964 11.44 -6.38 13.12
CA LYS B 964 10.38 -6.18 14.11
C LYS B 964 9.01 -6.08 13.46
N GLN B 965 8.96 -5.64 12.19
CA GLN B 965 7.67 -5.51 11.51
C GLN B 965 6.92 -6.84 11.48
N LEU B 966 7.65 -7.96 11.52
CA LEU B 966 7.00 -9.27 11.55
C LEU B 966 6.20 -9.47 12.82
N SER B 967 6.50 -8.73 13.88
CA SER B 967 5.80 -8.85 15.15
C SER B 967 4.46 -8.12 15.16
N SER B 968 4.16 -7.35 14.11
CA SER B 968 2.92 -6.61 14.00
C SER B 968 1.95 -7.40 13.11
N ASN B 969 0.72 -7.56 13.60
CA ASN B 969 -0.28 -8.33 12.87
C ASN B 969 -0.92 -7.56 11.74
N PHE B 970 -0.73 -6.24 11.66
CA PHE B 970 -1.29 -5.42 10.60
C PHE B 970 -2.82 -5.60 10.54
N GLY B 971 -3.44 -5.66 11.72
CA GLY B 971 -4.87 -5.82 11.83
C GLY B 971 -5.35 -7.26 11.88
N ALA B 972 -4.46 -8.22 11.68
CA ALA B 972 -4.86 -9.62 11.74
C ALA B 972 -5.10 -10.04 13.19
N ILE B 973 -5.74 -11.20 13.36
CA ILE B 973 -6.04 -11.69 14.70
C ILE B 973 -4.76 -11.96 15.48
N SER B 974 -3.73 -12.46 14.79
CA SER B 974 -2.46 -12.77 15.44
C SER B 974 -1.33 -12.46 14.46
N SER B 975 -0.13 -12.31 15.01
CA SER B 975 1.05 -11.99 14.23
C SER B 975 1.84 -13.24 13.80
N VAL B 976 1.34 -14.43 14.11
CA VAL B 976 2.00 -15.68 13.78
C VAL B 976 1.12 -16.46 12.82
N LEU B 977 1.69 -16.85 11.68
CA LEU B 977 0.92 -17.62 10.70
C LEU B 977 0.49 -18.97 11.26
N ASN B 978 1.39 -19.64 11.99
CA ASN B 978 1.05 -20.95 12.54
C ASN B 978 -0.12 -20.86 13.50
N ASP B 979 -0.12 -19.84 14.38
CA ASP B 979 -1.23 -19.67 15.30
C ASP B 979 -2.53 -19.41 14.57
N ILE B 980 -2.49 -18.57 13.53
CA ILE B 980 -3.70 -18.27 12.76
C ILE B 980 -4.23 -19.55 12.12
N LEU B 981 -3.35 -20.35 11.52
CA LEU B 981 -3.79 -21.58 10.89
C LEU B 981 -4.37 -22.54 11.92
N SER B 982 -3.74 -22.65 13.08
CA SER B 982 -4.23 -23.58 14.10
C SER B 982 -5.59 -23.15 14.64
N ARG B 983 -5.78 -21.86 14.86
CA ARG B 983 -6.99 -21.34 15.50
C ARG B 983 -8.05 -20.89 14.50
N LEU B 984 -7.80 -21.07 13.20
CA LEU B 984 -8.78 -20.69 12.20
C LEU B 984 -8.68 -21.63 11.02
N ASP B 985 -9.82 -21.97 10.44
CA ASP B 985 -9.86 -22.82 9.27
C ASP B 985 -9.42 -22.05 8.02
N PRO B 986 -8.97 -22.74 6.99
CA PRO B 986 -8.46 -22.05 5.79
C PRO B 986 -9.46 -21.03 5.26
N PRO B 987 -10.74 -21.41 5.09
CA PRO B 987 -11.69 -20.45 4.49
C PRO B 987 -11.79 -19.14 5.26
N GLU B 988 -11.74 -19.20 6.59
CA GLU B 988 -11.82 -17.99 7.41
C GLU B 988 -10.46 -17.38 7.69
N ALA B 989 -9.42 -18.20 7.81
CA ALA B 989 -8.08 -17.69 8.05
C ALA B 989 -7.51 -16.94 6.85
N GLU B 990 -7.99 -17.27 5.64
CA GLU B 990 -7.41 -16.67 4.43
C GLU B 990 -7.34 -15.16 4.54
N VAL B 991 -8.35 -14.53 5.14
CA VAL B 991 -8.33 -13.08 5.29
C VAL B 991 -7.15 -12.64 6.15
N GLN B 992 -6.93 -13.32 7.26
CA GLN B 992 -5.84 -12.95 8.16
C GLN B 992 -4.48 -13.17 7.50
N ILE B 993 -4.31 -14.31 6.83
CA ILE B 993 -3.04 -14.56 6.14
C ILE B 993 -2.83 -13.51 5.05
N ASP B 994 -3.87 -13.16 4.30
CA ASP B 994 -3.72 -12.13 3.28
C ASP B 994 -3.34 -10.78 3.88
N ARG B 995 -3.95 -10.42 5.01
CA ARG B 995 -3.59 -9.17 5.68
C ARG B 995 -2.13 -9.18 6.10
N LEU B 996 -1.68 -10.29 6.67
CA LEU B 996 -0.28 -10.40 7.07
C LEU B 996 0.65 -10.28 5.86
N ILE B 997 0.30 -10.96 4.77
CA ILE B 997 1.14 -10.93 3.57
C ILE B 997 1.23 -9.51 3.01
N THR B 998 0.09 -8.82 2.92
CA THR B 998 0.12 -7.48 2.35
C THR B 998 0.90 -6.52 3.26
N GLY B 999 0.73 -6.64 4.57
CA GLY B 999 1.49 -5.79 5.48
C GLY B 999 2.98 -6.02 5.38
N ARG B 1000 3.39 -7.30 5.36
CA ARG B 1000 4.80 -7.62 5.25
C ARG B 1000 5.38 -7.18 3.91
N LEU B 1001 4.59 -7.32 2.83
CA LEU B 1001 5.05 -6.86 1.53
C LEU B 1001 5.24 -5.34 1.52
N GLN B 1002 4.31 -4.61 2.14
CA GLN B 1002 4.47 -3.16 2.23
C GLN B 1002 5.73 -2.80 3.02
N SER B 1003 5.95 -3.49 4.14
CA SER B 1003 7.16 -3.21 4.93
C SER B 1003 8.41 -3.49 4.13
N LEU B 1004 8.44 -4.62 3.42
CA LEU B 1004 9.62 -4.98 2.63
C LEU B 1004 9.85 -4.00 1.49
N GLN B 1005 8.76 -3.55 0.85
CA GLN B 1005 8.89 -2.58 -0.22
C GLN B 1005 9.45 -1.26 0.31
N THR B 1006 8.96 -0.81 1.46
CA THR B 1006 9.50 0.41 2.06
C THR B 1006 10.98 0.24 2.39
N TYR B 1007 11.35 -0.90 2.95
CA TYR B 1007 12.75 -1.15 3.29
C TYR B 1007 13.62 -1.15 2.04
N VAL B 1008 13.13 -1.75 0.95
CA VAL B 1008 13.91 -1.82 -0.28
C VAL B 1008 14.04 -0.44 -0.90
N THR B 1009 12.98 0.38 -0.83
CA THR B 1009 13.08 1.75 -1.33
C THR B 1009 14.10 2.55 -0.55
N GLN B 1010 14.08 2.42 0.78
CA GLN B 1010 15.06 3.12 1.60
C GLN B 1010 16.48 2.64 1.29
N GLN B 1011 16.65 1.33 1.10
CA GLN B 1011 17.95 0.78 0.76
C GLN B 1011 18.43 1.28 -0.60
N LEU B 1012 17.52 1.39 -1.57
CA LEU B 1012 17.91 1.92 -2.88
C LEU B 1012 18.33 3.38 -2.78
N ILE B 1013 17.60 4.17 -1.99
CA ILE B 1013 17.98 5.58 -1.82
C ILE B 1013 19.35 5.68 -1.17
N ARG B 1014 19.58 4.90 -0.11
CA ARG B 1014 20.88 4.90 0.55
C ARG B 1014 21.98 4.42 -0.39
N ALA B 1015 21.69 3.43 -1.24
CA ALA B 1015 22.66 2.95 -2.20
C ALA B 1015 23.02 4.03 -3.22
N ALA B 1016 22.03 4.80 -3.67
CA ALA B 1016 22.32 5.91 -4.57
C ALA B 1016 23.18 6.96 -3.88
N GLU B 1017 22.86 7.29 -2.63
CA GLU B 1017 23.67 8.26 -1.90
C GLU B 1017 25.11 7.77 -1.75
N ILE B 1018 25.28 6.50 -1.40
CA ILE B 1018 26.61 5.93 -1.24
C ILE B 1018 27.33 5.81 -2.57
N ARG B 1019 26.60 5.60 -3.67
CA ARG B 1019 27.23 5.62 -4.98
C ARG B 1019 27.77 7.01 -5.31
N ALA B 1020 27.00 8.05 -4.99
CA ALA B 1020 27.51 9.41 -5.18
C ALA B 1020 28.74 9.65 -4.32
N SER B 1021 28.69 9.19 -3.06
CA SER B 1021 29.85 9.35 -2.18
C SER B 1021 31.06 8.59 -2.71
N ALA B 1022 30.86 7.39 -3.24
CA ALA B 1022 31.97 6.62 -3.78
C ALA B 1022 32.52 7.25 -5.05
N ASN B 1023 31.66 7.85 -5.87
CA ASN B 1023 32.15 8.60 -7.03
C ASN B 1023 33.02 9.77 -6.59
N LEU B 1024 32.58 10.50 -5.57
CA LEU B 1024 33.40 11.58 -5.03
C LEU B 1024 34.72 11.06 -4.48
N ALA B 1025 34.68 9.92 -3.77
CA ALA B 1025 35.90 9.35 -3.23
C ALA B 1025 36.86 8.93 -4.35
N ALA B 1026 36.32 8.36 -5.42
CA ALA B 1026 37.16 7.98 -6.55
C ALA B 1026 37.77 9.22 -7.22
N THR B 1027 36.99 10.29 -7.35
CA THR B 1027 37.54 11.53 -7.90
C THR B 1027 38.66 12.07 -7.02
N LYS B 1028 38.46 12.03 -5.71
CA LYS B 1028 39.52 12.48 -4.79
C LYS B 1028 40.74 11.58 -4.89
N MET B 1029 40.56 10.27 -5.02
CA MET B 1029 41.68 9.37 -5.21
C MET B 1029 42.44 9.73 -6.47
N SER B 1030 41.72 10.02 -7.56
CA SER B 1030 42.38 10.34 -8.82
C SER B 1030 43.14 11.66 -8.74
N GLU B 1031 42.55 12.68 -8.13
CA GLU B 1031 43.13 14.02 -8.17
C GLU B 1031 44.07 14.28 -7.01
N CYS B 1032 43.57 14.18 -5.77
CA CYS B 1032 44.37 14.46 -4.59
C CYS B 1032 45.58 13.55 -4.45
N VAL B 1033 45.43 12.25 -4.73
CA VAL B 1033 46.50 11.28 -4.48
C VAL B 1033 47.38 11.15 -5.71
N LEU B 1034 46.79 10.78 -6.84
CA LEU B 1034 47.53 10.52 -8.06
C LEU B 1034 47.97 11.80 -8.77
N GLY B 1035 47.86 12.95 -8.13
CA GLY B 1035 48.27 14.19 -8.73
C GLY B 1035 48.06 15.34 -7.78
N GLN B 1036 48.28 16.55 -8.29
CA GLN B 1036 48.05 17.78 -7.54
C GLN B 1036 46.78 18.43 -8.07
N SER B 1037 45.78 18.56 -7.21
CA SER B 1037 44.49 19.12 -7.59
C SER B 1037 44.61 20.64 -7.68
N LYS B 1038 44.30 21.18 -8.86
CA LYS B 1038 44.27 22.62 -9.05
C LYS B 1038 43.03 23.28 -8.46
N ARG B 1039 42.04 22.48 -8.06
CA ARG B 1039 40.83 23.01 -7.45
C ARG B 1039 41.14 23.60 -6.09
N VAL B 1040 40.14 24.18 -5.43
CA VAL B 1040 40.31 24.84 -4.14
C VAL B 1040 39.36 24.20 -3.14
N ASP B 1041 39.87 23.89 -1.96
CA ASP B 1041 39.07 23.32 -0.87
C ASP B 1041 38.47 21.97 -1.27
N PHE B 1042 39.07 21.33 -2.27
CA PHE B 1042 38.66 19.99 -2.65
C PHE B 1042 39.53 18.92 -2.00
N CYS B 1043 40.84 19.15 -1.91
CA CYS B 1043 41.77 18.24 -1.27
C CYS B 1043 42.32 18.92 -0.03
N GLY B 1044 41.62 18.78 1.09
CA GLY B 1044 42.06 19.44 2.31
C GLY B 1044 41.66 20.91 2.33
N LYS B 1045 42.34 21.65 3.20
CA LYS B 1045 42.07 23.09 3.39
C LYS B 1045 43.20 23.87 2.72
N GLY B 1046 42.83 24.75 1.80
CA GLY B 1046 43.79 25.62 1.14
C GLY B 1046 44.53 24.95 0.00
N TYR B 1047 45.68 25.51 -0.37
CA TYR B 1047 46.47 24.99 -1.49
C TYR B 1047 46.81 23.53 -1.25
N HIS B 1048 46.60 22.69 -2.25
CA HIS B 1048 46.81 21.26 -2.09
C HIS B 1048 48.25 20.88 -2.42
N LEU B 1049 48.79 19.95 -1.64
CA LEU B 1049 50.10 19.36 -1.88
C LEU B 1049 50.00 17.89 -2.25
N MET B 1050 49.26 17.11 -1.45
CA MET B 1050 49.15 15.67 -1.66
C MET B 1050 48.17 15.10 -0.65
N SER B 1051 47.84 13.83 -0.82
CA SER B 1051 46.94 13.11 0.08
C SER B 1051 47.33 11.64 0.13
N PHE B 1052 47.47 11.12 1.34
CA PHE B 1052 47.87 9.73 1.55
C PHE B 1052 46.61 8.94 1.93
N PRO B 1053 46.11 8.07 1.05
CA PRO B 1053 44.84 7.41 1.34
C PRO B 1053 44.96 6.46 2.52
N GLN B 1054 43.86 6.32 3.26
CA GLN B 1054 43.75 5.36 4.36
C GLN B 1054 42.39 4.68 4.28
N SER B 1055 42.40 3.35 4.35
CA SER B 1055 41.16 2.60 4.25
C SER B 1055 40.40 2.63 5.57
N ALA B 1056 39.12 2.27 5.50
CA ALA B 1056 38.28 2.19 6.69
C ALA B 1056 37.11 1.27 6.37
N PRO B 1057 36.46 0.73 7.40
CA PRO B 1057 35.30 -0.15 7.15
C PRO B 1057 34.20 0.59 6.42
N HIS B 1058 33.86 0.10 5.23
CA HIS B 1058 32.80 0.69 4.40
C HIS B 1058 33.07 2.17 4.15
N GLY B 1059 34.34 2.50 3.93
CA GLY B 1059 34.70 3.88 3.67
C GLY B 1059 36.19 4.03 3.48
N VAL B 1060 36.61 5.27 3.28
CA VAL B 1060 38.02 5.61 3.08
C VAL B 1060 38.32 6.91 3.80
N VAL B 1061 39.52 7.02 4.36
CA VAL B 1061 39.96 8.20 5.10
C VAL B 1061 41.12 8.82 4.34
N PHE B 1062 41.04 10.13 4.11
CA PHE B 1062 42.05 10.87 3.37
C PHE B 1062 42.88 11.70 4.32
N LEU B 1063 44.20 11.57 4.23
CA LEU B 1063 45.13 12.39 5.00
C LEU B 1063 45.57 13.55 4.11
N HIS B 1064 44.64 14.46 3.87
CA HIS B 1064 44.89 15.61 3.00
C HIS B 1064 46.05 16.42 3.58
N VAL B 1065 46.99 16.79 2.73
CA VAL B 1065 48.12 17.63 3.12
C VAL B 1065 48.10 18.88 2.27
N THR B 1066 48.09 20.04 2.91
CA THR B 1066 47.92 21.32 2.23
C THR B 1066 48.97 22.31 2.73
N TYR B 1067 49.02 23.47 2.09
CA TYR B 1067 49.95 24.53 2.42
C TYR B 1067 49.20 25.70 3.04
N VAL B 1068 49.63 26.09 4.24
CA VAL B 1068 48.98 27.16 4.99
C VAL B 1068 50.01 28.23 5.33
N PRO B 1069 49.87 29.47 4.84
CA PRO B 1069 50.82 30.53 5.21
C PRO B 1069 50.61 31.00 6.64
N ALA B 1070 51.60 31.72 7.18
CA ALA B 1070 51.52 32.23 8.53
C ALA B 1070 52.47 33.42 8.65
N GLN B 1071 52.28 34.19 9.73
CA GLN B 1071 53.12 35.34 10.04
C GLN B 1071 53.08 36.36 8.91
N GLU B 1072 51.89 36.91 8.69
CA GLU B 1072 51.71 37.95 7.68
C GLU B 1072 52.36 39.24 8.13
N LYS B 1073 52.69 40.10 7.17
CA LYS B 1073 53.31 41.39 7.43
C LYS B 1073 52.51 42.48 6.71
N ASN B 1074 52.97 43.73 6.82
CA ASN B 1074 52.29 44.90 6.31
C ASN B 1074 53.15 45.64 5.30
N PHE B 1075 53.76 44.90 4.38
CA PHE B 1075 54.69 45.50 3.43
C PHE B 1075 53.95 46.36 2.41
N THR B 1076 54.67 47.33 1.85
CA THR B 1076 54.12 48.18 0.80
C THR B 1076 54.41 47.57 -0.58
N THR B 1077 53.51 47.81 -1.51
CA THR B 1077 53.62 47.29 -2.86
C THR B 1077 53.53 48.44 -3.85
N ALA B 1078 53.74 48.15 -5.13
CA ALA B 1078 53.66 49.14 -6.18
C ALA B 1078 53.35 48.44 -7.51
N PRO B 1079 52.49 49.02 -8.35
CA PRO B 1079 52.17 48.35 -9.63
C PRO B 1079 53.36 48.14 -10.53
N ALA B 1080 54.33 49.05 -10.53
CA ALA B 1080 55.50 48.94 -11.39
C ALA B 1080 56.58 49.88 -10.87
N ILE B 1081 57.77 49.75 -11.44
CA ILE B 1081 58.91 50.58 -11.09
C ILE B 1081 59.34 51.35 -12.34
N CYS B 1082 59.51 52.65 -12.20
CA CYS B 1082 59.90 53.53 -13.30
C CYS B 1082 61.35 53.94 -13.10
N HIS B 1083 62.25 53.29 -13.85
CA HIS B 1083 63.68 53.57 -13.76
C HIS B 1083 64.21 54.19 -15.05
N ASP B 1084 64.02 53.54 -16.20
CA ASP B 1084 64.47 54.04 -17.48
C ASP B 1084 63.36 54.70 -18.29
N GLY B 1085 62.42 55.35 -17.62
CA GLY B 1085 61.28 55.94 -18.31
C GLY B 1085 60.27 54.94 -18.80
N LYS B 1086 60.27 53.72 -18.25
CA LYS B 1086 59.32 52.70 -18.66
C LYS B 1086 58.92 51.87 -17.45
N ALA B 1087 57.72 51.32 -17.50
CA ALA B 1087 57.18 50.52 -16.41
C ALA B 1087 57.89 49.18 -16.33
N HIS B 1088 58.11 48.71 -15.11
CA HIS B 1088 58.78 47.44 -14.85
C HIS B 1088 57.78 46.49 -14.18
N PHE B 1089 57.06 45.74 -15.00
CA PHE B 1089 56.07 44.80 -14.49
C PHE B 1089 56.77 43.50 -14.08
N PRO B 1090 56.58 43.02 -12.85
CA PRO B 1090 57.23 41.76 -12.45
C PRO B 1090 56.83 40.61 -13.35
N ARG B 1091 57.79 39.74 -13.66
CA ARG B 1091 57.50 38.56 -14.46
C ARG B 1091 56.75 37.49 -13.66
N GLU B 1092 57.17 37.25 -12.41
CA GLU B 1092 56.52 36.26 -11.57
C GLU B 1092 56.25 36.71 -10.14
N GLY B 1093 56.96 37.71 -9.62
CA GLY B 1093 56.80 38.11 -8.24
C GLY B 1093 56.06 39.41 -8.05
N VAL B 1094 56.26 40.06 -6.92
CA VAL B 1094 55.62 41.34 -6.61
C VAL B 1094 56.59 42.18 -5.80
N PHE B 1095 56.58 43.50 -6.06
CA PHE B 1095 57.48 44.40 -5.37
C PHE B 1095 57.10 44.53 -3.90
N VAL B 1096 58.13 44.66 -3.06
CA VAL B 1096 57.95 44.85 -1.63
C VAL B 1096 58.95 45.89 -1.13
N SER B 1097 58.50 46.78 -0.25
CA SER B 1097 59.36 47.83 0.29
C SER B 1097 59.48 47.64 1.80
N ASN B 1098 60.70 47.66 2.31
CA ASN B 1098 60.94 47.58 3.74
C ASN B 1098 60.99 48.95 4.40
N GLY B 1099 60.77 50.02 3.65
CA GLY B 1099 60.79 51.36 4.18
C GLY B 1099 61.66 52.30 3.37
N THR B 1100 62.77 51.79 2.86
CA THR B 1100 63.71 52.58 2.06
C THR B 1100 64.03 51.95 0.72
N HIS B 1101 64.12 50.62 0.65
CA HIS B 1101 64.49 49.92 -0.57
C HIS B 1101 63.32 49.09 -1.08
N TRP B 1102 63.35 48.81 -2.39
CA TRP B 1102 62.33 48.01 -3.05
C TRP B 1102 62.92 46.68 -3.47
N PHE B 1103 62.21 45.59 -3.19
CA PHE B 1103 62.65 44.25 -3.53
C PHE B 1103 61.52 43.50 -4.23
N VAL B 1104 61.90 42.58 -5.11
CA VAL B 1104 60.97 41.71 -5.81
C VAL B 1104 60.90 40.40 -5.05
N THR B 1105 59.69 39.93 -4.75
CA THR B 1105 59.50 38.71 -3.98
C THR B 1105 58.29 37.96 -4.53
N GLN B 1106 58.18 36.71 -4.09
CA GLN B 1106 57.09 35.85 -4.55
C GLN B 1106 55.75 36.34 -4.02
N ARG B 1107 54.68 35.90 -4.67
CA ARG B 1107 53.33 36.28 -4.30
C ARG B 1107 52.74 35.40 -3.20
N ASN B 1108 53.49 34.42 -2.70
CA ASN B 1108 53.01 33.56 -1.63
C ASN B 1108 54.02 33.39 -0.51
N PHE B 1109 55.25 33.89 -0.67
CA PHE B 1109 56.26 33.81 0.38
C PHE B 1109 57.11 35.07 0.30
N TYR B 1110 57.73 35.42 1.43
CA TYR B 1110 58.52 36.64 1.54
C TYR B 1110 60.00 36.29 1.36
N GLU B 1111 60.46 36.27 0.11
CA GLU B 1111 61.88 36.18 -0.20
C GLU B 1111 62.24 37.40 -1.05
N PRO B 1112 62.85 38.42 -0.45
CA PRO B 1112 63.16 39.64 -1.22
C PRO B 1112 64.24 39.40 -2.26
N GLN B 1113 64.16 40.15 -3.35
CA GLN B 1113 65.17 40.13 -4.40
C GLN B 1113 65.31 41.54 -4.95
N ILE B 1114 66.56 41.98 -5.13
CA ILE B 1114 66.78 43.30 -5.70
C ILE B 1114 66.24 43.35 -7.12
N ILE B 1115 65.59 44.46 -7.46
CA ILE B 1115 64.99 44.61 -8.78
C ILE B 1115 66.10 44.63 -9.82
N THR B 1116 65.92 43.82 -10.87
CA THR B 1116 66.91 43.75 -11.95
C THR B 1116 66.21 43.69 -13.30
N THR B 1117 67.00 43.61 -14.37
CA THR B 1117 66.46 43.52 -15.73
C THR B 1117 66.19 42.10 -16.17
N ASP B 1118 66.51 41.10 -15.35
CA ASP B 1118 66.28 39.70 -15.68
C ASP B 1118 65.04 39.12 -15.04
N ASN B 1119 64.73 39.50 -13.80
CA ASN B 1119 63.54 39.04 -13.09
C ASN B 1119 62.32 39.92 -13.36
N THR B 1120 62.51 41.00 -14.11
CA THR B 1120 61.41 41.91 -14.42
C THR B 1120 61.45 42.23 -15.90
N PHE B 1121 60.26 42.32 -16.52
CA PHE B 1121 60.14 42.62 -17.94
C PHE B 1121 59.47 43.98 -18.09
N VAL B 1122 60.00 44.79 -19.02
CA VAL B 1122 59.51 46.14 -19.24
C VAL B 1122 58.56 46.15 -20.44
N SER B 1123 57.40 46.78 -20.27
CA SER B 1123 56.41 46.86 -21.35
C SER B 1123 55.67 48.20 -21.20
N GLY B 1124 55.96 49.11 -22.11
CA GLY B 1124 55.30 50.39 -22.16
C GLY B 1124 55.97 51.43 -21.27
N ASN B 1125 55.58 52.68 -21.48
CA ASN B 1125 56.10 53.80 -20.72
C ASN B 1125 55.39 53.92 -19.37
N CYS B 1126 55.94 54.77 -18.50
CA CYS B 1126 55.42 54.92 -17.14
C CYS B 1126 54.12 55.72 -17.10
N ASP B 1127 53.82 56.51 -18.12
CA ASP B 1127 52.65 57.39 -18.05
C ASP B 1127 51.35 56.58 -17.98
N VAL B 1128 51.25 55.50 -18.77
CA VAL B 1128 50.00 54.75 -18.84
C VAL B 1128 49.67 54.12 -17.49
N VAL B 1129 50.68 53.56 -16.82
CA VAL B 1129 50.44 52.89 -15.55
C VAL B 1129 49.97 53.89 -14.51
N ILE B 1130 49.08 53.45 -13.63
CA ILE B 1130 48.54 54.27 -12.55
C ILE B 1130 49.14 53.77 -11.25
N GLY B 1131 49.71 54.70 -10.47
CA GLY B 1131 50.35 54.35 -9.22
C GLY B 1131 51.79 53.90 -9.34
N ILE B 1132 52.38 53.96 -10.54
CA ILE B 1132 53.75 53.52 -10.72
C ILE B 1132 54.67 54.36 -9.86
N VAL B 1133 55.59 53.70 -9.15
CA VAL B 1133 56.55 54.38 -8.31
C VAL B 1133 57.90 54.39 -9.03
N ASN B 1134 58.75 55.34 -8.65
CA ASN B 1134 60.06 55.53 -9.27
C ASN B 1134 61.13 54.95 -8.35
N ASN B 1135 61.94 54.04 -8.90
CA ASN B 1135 63.04 53.45 -8.15
C ASN B 1135 64.05 52.91 -9.14
N THR B 1136 65.32 52.87 -8.70
CA THR B 1136 66.40 52.42 -9.55
C THR B 1136 66.28 50.92 -9.84
N VAL B 1137 66.71 50.53 -11.03
CA VAL B 1137 66.71 49.13 -11.46
C VAL B 1137 68.14 48.82 -11.88
N TYR B 1138 68.68 47.71 -11.38
CA TYR B 1138 70.07 47.35 -11.64
C TYR B 1138 70.17 46.43 -12.86
N ASP B 1139 71.30 46.51 -13.56
CA ASP B 1139 71.56 45.66 -14.73
C ASP B 1139 72.61 44.62 -14.36
N PRO B 1140 72.30 43.34 -14.37
CA PRO B 1140 73.32 42.33 -14.01
C PRO B 1140 74.54 42.37 -14.90
N LEU B 1141 74.40 42.78 -16.16
CA LEU B 1141 75.52 42.77 -17.10
C LEU B 1141 76.36 44.04 -17.04
N GLN B 1142 75.99 45.02 -16.22
CA GLN B 1142 76.76 46.26 -16.15
C GLN B 1142 78.20 46.03 -15.72
N PRO B 1143 78.48 45.27 -14.66
CA PRO B 1143 79.89 45.08 -14.27
C PRO B 1143 80.72 44.41 -15.35
N GLU B 1144 80.12 43.50 -16.13
CA GLU B 1144 80.84 42.77 -17.16
C GLU B 1144 80.60 43.32 -18.55
N LEU B 1145 80.07 44.54 -18.66
CA LEU B 1145 79.81 45.12 -19.97
C LEU B 1145 81.08 45.27 -20.79
N ASP B 1146 82.17 45.70 -20.15
CA ASP B 1146 83.43 45.88 -20.85
C ASP B 1146 83.89 44.58 -21.48
N SER B 1147 84.36 44.65 -22.72
CA SER B 1147 84.83 43.47 -23.43
C SER B 1147 86.29 43.19 -23.13
N CYS C 15 -10.59 -63.91 -21.72
CA CYS C 15 -11.06 -64.92 -22.66
C CYS C 15 -9.92 -65.86 -23.06
N VAL C 16 -8.81 -65.27 -23.52
CA VAL C 16 -7.63 -66.01 -23.93
C VAL C 16 -6.48 -65.59 -23.02
N ASN C 17 -5.82 -66.59 -22.41
CA ASN C 17 -4.72 -66.35 -21.49
C ASN C 17 -3.43 -66.84 -22.15
N LEU C 18 -2.44 -65.95 -22.24
CA LEU C 18 -1.13 -66.28 -22.80
C LEU C 18 -0.17 -66.55 -21.65
N THR C 19 -0.32 -67.72 -21.04
CA THR C 19 0.49 -68.10 -19.89
C THR C 19 1.86 -68.63 -20.26
N THR C 20 2.08 -68.96 -21.54
CA THR C 20 3.35 -69.53 -21.97
C THR C 20 4.36 -68.48 -22.43
N ARG C 21 4.02 -67.20 -22.35
CA ARG C 21 4.95 -66.16 -22.77
C ARG C 21 6.19 -66.17 -21.91
N THR C 22 7.35 -65.96 -22.54
CA THR C 22 8.61 -65.92 -21.81
C THR C 22 8.63 -64.72 -20.86
N GLN C 23 9.27 -64.91 -19.72
CA GLN C 23 9.38 -63.88 -18.69
C GLN C 23 10.81 -63.42 -18.60
N LEU C 24 11.02 -62.11 -18.70
CA LEU C 24 12.33 -61.49 -18.62
C LEU C 24 12.21 -60.20 -17.81
N PRO C 25 13.32 -59.73 -17.23
CA PRO C 25 13.27 -58.48 -16.46
C PRO C 25 12.93 -57.30 -17.35
N PRO C 26 12.31 -56.25 -16.81
CA PRO C 26 11.97 -55.08 -17.62
C PRO C 26 13.19 -54.19 -17.84
N ALA C 27 13.55 -53.98 -19.10
CA ALA C 27 14.71 -53.16 -19.42
C ALA C 27 14.35 -51.68 -19.34
N TYR C 28 15.39 -50.84 -19.43
CA TYR C 28 15.23 -49.40 -19.35
C TYR C 28 16.08 -48.75 -20.43
N THR C 29 15.69 -47.53 -20.82
CA THR C 29 16.40 -46.80 -21.85
C THR C 29 16.34 -45.30 -21.53
N ASN C 30 17.28 -44.56 -22.11
CA ASN C 30 17.37 -43.13 -21.87
C ASN C 30 16.28 -42.40 -22.67
N SER C 31 15.58 -41.48 -22.00
CA SER C 31 14.51 -40.73 -22.65
C SER C 31 15.04 -39.64 -23.58
N PHE C 32 16.26 -39.17 -23.36
CA PHE C 32 16.82 -38.08 -24.17
C PHE C 32 15.94 -36.85 -24.00
N THR C 33 15.84 -36.01 -25.03
CA THR C 33 15.06 -34.77 -24.97
C THR C 33 13.66 -34.93 -25.56
N ARG C 34 13.10 -36.13 -25.50
CA ARG C 34 11.78 -36.39 -26.04
C ARG C 34 10.70 -36.09 -25.00
N GLY C 35 9.46 -35.96 -25.47
CA GLY C 35 8.33 -35.72 -24.62
C GLY C 35 7.85 -34.29 -24.55
N VAL C 36 8.46 -33.39 -25.31
CA VAL C 36 8.04 -31.99 -25.30
C VAL C 36 6.81 -31.83 -26.17
N TYR C 37 5.80 -31.12 -25.65
CA TYR C 37 4.56 -30.87 -26.38
C TYR C 37 4.11 -29.45 -26.12
N TYR C 38 3.29 -28.94 -27.03
CA TYR C 38 2.76 -27.58 -26.90
C TYR C 38 1.84 -27.51 -25.69
N PRO C 39 2.24 -26.83 -24.62
CA PRO C 39 1.39 -26.82 -23.41
C PRO C 39 0.01 -26.23 -23.64
N ASP C 40 -0.12 -25.24 -24.51
CA ASP C 40 -1.39 -24.56 -24.74
C ASP C 40 -1.55 -24.31 -26.24
N LYS C 41 -2.65 -23.66 -26.60
CA LYS C 41 -2.98 -23.34 -27.98
C LYS C 41 -2.66 -21.88 -28.34
N VAL C 42 -1.60 -21.32 -27.76
CA VAL C 42 -1.26 -19.92 -27.95
C VAL C 42 -0.08 -19.82 -28.90
N PHE C 43 -0.23 -19.01 -29.94
CA PHE C 43 0.85 -18.80 -30.89
C PHE C 43 1.90 -17.88 -30.29
N ARG C 44 3.17 -18.20 -30.56
CA ARG C 44 4.29 -17.41 -30.08
C ARG C 44 5.42 -17.50 -31.10
N SER C 45 5.98 -16.35 -31.47
CA SER C 45 7.00 -16.26 -32.50
C SER C 45 8.27 -15.68 -31.89
N SER C 46 9.37 -16.42 -32.02
CA SER C 46 10.69 -15.97 -31.61
C SER C 46 10.67 -15.36 -30.20
N VAL C 47 10.27 -16.20 -29.24
CA VAL C 47 10.23 -15.79 -27.85
C VAL C 47 10.39 -17.03 -26.98
N LEU C 48 11.07 -16.86 -25.84
CA LEU C 48 11.30 -17.94 -24.90
C LEU C 48 10.19 -17.92 -23.85
N HIS C 49 9.38 -18.97 -23.82
CA HIS C 49 8.26 -19.08 -22.90
C HIS C 49 8.61 -20.05 -21.78
N SER C 50 8.47 -19.60 -20.54
CA SER C 50 8.74 -20.41 -19.36
C SER C 50 7.40 -20.88 -18.80
N THR C 51 7.03 -22.12 -19.11
CA THR C 51 5.76 -22.69 -18.68
C THR C 51 5.97 -23.66 -17.53
N GLN C 52 4.91 -23.87 -16.75
CA GLN C 52 4.92 -24.79 -15.61
C GLN C 52 3.77 -25.77 -15.84
N ASP C 53 4.09 -26.93 -16.41
CA ASP C 53 3.08 -27.94 -16.74
C ASP C 53 3.74 -29.31 -16.66
N LEU C 54 2.89 -30.34 -16.50
CA LEU C 54 3.38 -31.72 -16.46
C LEU C 54 4.19 -32.03 -17.71
N PHE C 55 5.47 -32.32 -17.53
CA PHE C 55 6.37 -32.63 -18.63
C PHE C 55 7.22 -33.84 -18.27
N LEU C 56 7.73 -34.52 -19.30
CA LEU C 56 8.63 -35.64 -19.12
C LEU C 56 10.02 -35.11 -18.84
N PRO C 57 10.61 -35.37 -17.67
CA PRO C 57 11.96 -34.85 -17.41
C PRO C 57 12.97 -35.39 -18.41
N PHE C 58 13.90 -34.54 -18.79
CA PHE C 58 14.92 -34.91 -19.76
C PHE C 58 15.83 -35.99 -19.18
N PHE C 59 16.21 -36.96 -20.03
CA PHE C 59 17.08 -38.05 -19.62
C PHE C 59 16.50 -38.82 -18.44
N SER C 60 15.31 -39.38 -18.69
CA SER C 60 14.57 -40.11 -17.68
C SER C 60 14.73 -41.61 -17.87
N ASN C 61 14.35 -42.36 -16.82
CA ASN C 61 14.41 -43.82 -16.85
C ASN C 61 13.13 -44.32 -17.52
N VAL C 62 13.20 -44.49 -18.83
CA VAL C 62 12.06 -44.93 -19.62
C VAL C 62 12.08 -46.45 -19.72
N THR C 63 10.97 -47.08 -19.36
CA THR C 63 10.87 -48.54 -19.42
C THR C 63 10.86 -49.03 -20.86
N TRP C 64 11.29 -50.26 -21.08
CA TRP C 64 11.35 -50.84 -22.41
C TRP C 64 10.53 -52.12 -22.44
N PHE C 65 9.75 -52.29 -23.50
CA PHE C 65 8.92 -53.48 -23.68
C PHE C 65 9.10 -54.00 -25.10
N HIS C 66 9.14 -55.31 -25.24
CA HIS C 66 9.35 -55.96 -26.53
C HIS C 66 8.25 -56.98 -26.80
N ALA C 67 7.86 -57.07 -28.08
CA ALA C 67 6.92 -58.08 -28.57
C ALA C 67 7.56 -58.73 -29.80
N ILE C 68 8.39 -59.75 -29.55
CA ILE C 68 9.13 -60.43 -30.60
C ILE C 68 8.99 -61.93 -30.41
N HIS C 69 9.19 -62.68 -31.50
CA HIS C 69 9.10 -64.13 -31.48
C HIS C 69 10.28 -64.69 -32.27
N VAL C 70 11.12 -65.48 -31.60
CA VAL C 70 12.26 -66.14 -32.22
C VAL C 70 12.04 -67.65 -32.11
N SER C 71 12.05 -68.34 -33.24
CA SER C 71 11.83 -69.77 -33.24
C SER C 71 13.05 -70.50 -32.69
N GLY C 72 12.80 -71.70 -32.17
CA GLY C 72 13.85 -72.54 -31.62
C GLY C 72 13.88 -72.47 -30.10
N THR C 73 14.47 -73.50 -29.50
CA THR C 73 14.57 -73.56 -28.05
C THR C 73 15.40 -72.41 -27.51
N ASN C 74 16.52 -72.10 -28.17
CA ASN C 74 17.38 -71.01 -27.73
C ASN C 74 16.73 -69.65 -27.86
N GLY C 75 15.68 -69.52 -28.68
CA GLY C 75 15.00 -68.25 -28.86
C GLY C 75 13.96 -68.01 -27.78
N THR C 76 13.29 -66.87 -27.89
CA THR C 76 12.26 -66.49 -26.94
C THR C 76 11.06 -65.93 -27.70
N LYS C 77 9.89 -66.05 -27.10
CA LYS C 77 8.64 -65.55 -27.67
C LYS C 77 7.99 -64.54 -26.74
N ARG C 78 8.79 -63.63 -26.19
CA ARG C 78 8.26 -62.62 -25.28
C ARG C 78 7.22 -61.76 -25.99
N PHE C 79 6.09 -61.54 -25.32
CA PHE C 79 5.00 -60.70 -25.84
C PHE C 79 4.56 -59.81 -24.68
N ASP C 80 5.16 -58.62 -24.61
CA ASP C 80 4.90 -57.71 -23.49
C ASP C 80 3.56 -57.04 -23.64
N ASN C 81 2.70 -57.18 -22.63
CA ASN C 81 1.42 -56.50 -22.58
C ASN C 81 0.94 -56.43 -21.14
N PRO C 82 1.67 -55.75 -20.25
CA PRO C 82 1.28 -55.73 -18.83
C PRO C 82 0.33 -54.59 -18.51
N VAL C 83 -0.03 -54.47 -17.24
CA VAL C 83 -0.86 -53.38 -16.74
C VAL C 83 0.00 -52.49 -15.85
N LEU C 84 -0.02 -51.20 -16.12
CA LEU C 84 0.80 -50.22 -15.42
C LEU C 84 -0.07 -49.10 -14.89
N PRO C 85 0.36 -48.42 -13.82
CA PRO C 85 -0.43 -47.30 -13.30
C PRO C 85 -0.42 -46.10 -14.23
N PHE C 86 -1.10 -45.03 -13.84
CA PHE C 86 -1.18 -43.80 -14.63
C PHE C 86 -0.49 -42.63 -13.97
N ASN C 87 -0.51 -42.53 -12.65
CA ASN C 87 0.10 -41.43 -11.90
C ASN C 87 -0.55 -40.13 -12.38
N ASP C 88 0.20 -39.21 -13.00
CA ASP C 88 -0.35 -37.95 -13.46
C ASP C 88 -0.21 -37.75 -14.97
N GLY C 89 0.43 -38.68 -15.66
CA GLY C 89 0.64 -38.58 -17.10
C GLY C 89 1.54 -39.71 -17.56
N VAL C 90 1.31 -40.14 -18.80
CA VAL C 90 2.06 -41.25 -19.39
C VAL C 90 2.58 -40.81 -20.75
N TYR C 91 3.87 -41.04 -20.99
CA TYR C 91 4.48 -40.81 -22.29
C TYR C 91 4.73 -42.14 -22.98
N PHE C 92 4.19 -42.28 -24.18
CA PHE C 92 4.25 -43.54 -24.91
C PHE C 92 4.97 -43.31 -26.23
N ALA C 93 5.98 -44.15 -26.52
CA ALA C 93 6.67 -44.14 -27.79
C ALA C 93 6.81 -45.58 -28.28
N SER C 94 6.68 -45.76 -29.59
CA SER C 94 6.71 -47.10 -30.17
C SER C 94 7.21 -47.00 -31.61
N THR C 95 8.42 -47.51 -31.85
CA THR C 95 8.93 -47.63 -33.20
C THR C 95 8.24 -48.80 -33.90
N GLU C 96 7.76 -48.55 -35.12
CA GLU C 96 6.95 -49.54 -35.83
C GLU C 96 7.40 -49.63 -37.29
N LYS C 97 7.14 -50.80 -37.88
CA LYS C 97 7.36 -51.01 -39.30
C LYS C 97 6.17 -51.71 -39.96
N SER C 98 5.24 -52.27 -39.19
CA SER C 98 4.07 -52.93 -39.75
C SER C 98 2.80 -52.57 -38.97
N ASN C 99 2.82 -51.49 -38.19
CA ASN C 99 1.66 -51.06 -37.41
C ASN C 99 1.17 -52.17 -36.49
N ILE C 100 2.12 -52.82 -35.81
CA ILE C 100 1.75 -53.88 -34.87
C ILE C 100 0.95 -53.31 -33.70
N ILE C 101 1.37 -52.16 -33.17
CA ILE C 101 0.63 -51.52 -32.09
C ILE C 101 -0.73 -51.06 -32.60
N ARG C 102 -1.76 -51.26 -31.79
CA ARG C 102 -3.13 -50.93 -32.16
C ARG C 102 -3.70 -49.78 -31.36
N GLY C 103 -3.66 -49.87 -30.04
CA GLY C 103 -4.25 -48.83 -29.22
C GLY C 103 -3.91 -49.02 -27.75
N TRP C 104 -4.62 -48.28 -26.91
CA TRP C 104 -4.39 -48.29 -25.47
C TRP C 104 -5.72 -48.37 -24.74
N ILE C 105 -5.67 -48.83 -23.49
CA ILE C 105 -6.82 -48.92 -22.61
C ILE C 105 -6.52 -48.12 -21.36
N PHE C 106 -7.49 -47.29 -20.94
CA PHE C 106 -7.36 -46.48 -19.74
C PHE C 106 -8.57 -46.69 -18.86
N GLY C 107 -8.35 -46.77 -17.55
CA GLY C 107 -9.43 -46.97 -16.61
C GLY C 107 -8.90 -47.04 -15.20
N THR C 108 -9.83 -47.21 -14.27
CA THR C 108 -9.48 -47.29 -12.85
C THR C 108 -9.17 -48.73 -12.44
N THR C 109 -10.12 -49.64 -12.64
CA THR C 109 -9.96 -51.04 -12.30
C THR C 109 -9.97 -51.96 -13.52
N LEU C 110 -10.11 -51.41 -14.72
CA LEU C 110 -10.12 -52.20 -15.94
C LEU C 110 -11.17 -53.31 -15.87
N ASP C 111 -12.37 -52.96 -15.40
CA ASP C 111 -13.45 -53.91 -15.22
C ASP C 111 -14.77 -53.16 -15.29
N SER C 112 -15.86 -53.90 -15.46
CA SER C 112 -17.18 -53.31 -15.65
C SER C 112 -17.65 -52.49 -14.45
N LYS C 113 -17.09 -52.72 -13.26
CA LYS C 113 -17.53 -51.99 -12.09
C LYS C 113 -17.22 -50.49 -12.18
N THR C 114 -16.32 -50.10 -13.07
CA THR C 114 -15.97 -48.70 -13.24
C THR C 114 -15.78 -48.39 -14.71
N GLN C 115 -16.01 -47.12 -15.08
CA GLN C 115 -15.82 -46.69 -16.45
C GLN C 115 -14.35 -46.74 -16.83
N SER C 116 -14.08 -47.02 -18.10
CA SER C 116 -12.72 -47.13 -18.60
C SER C 116 -12.67 -46.68 -20.04
N LEU C 117 -11.84 -45.69 -20.33
CA LEU C 117 -11.65 -45.24 -21.71
C LEU C 117 -10.98 -46.34 -22.53
N LEU C 118 -11.40 -46.46 -23.80
CA LEU C 118 -10.91 -47.51 -24.69
C LEU C 118 -10.41 -46.85 -25.97
N ILE C 119 -9.11 -46.66 -26.06
CA ILE C 119 -8.48 -46.13 -27.27
C ILE C 119 -8.05 -47.33 -28.11
N VAL C 120 -8.92 -47.76 -29.02
CA VAL C 120 -8.70 -48.94 -29.84
C VAL C 120 -8.83 -48.55 -31.31
N ASN C 121 -7.87 -48.98 -32.12
CA ASN C 121 -7.90 -48.79 -33.57
C ASN C 121 -7.85 -50.16 -34.22
N ASN C 122 -8.87 -50.49 -35.02
CA ASN C 122 -8.96 -51.78 -35.69
C ASN C 122 -8.46 -51.74 -37.12
N ALA C 123 -7.48 -50.88 -37.41
CA ALA C 123 -6.85 -50.71 -38.72
C ALA C 123 -7.77 -50.05 -39.74
N THR C 124 -9.00 -49.72 -39.37
CA THR C 124 -9.93 -49.07 -40.29
C THR C 124 -10.52 -47.81 -39.68
N ASN C 125 -10.67 -47.79 -38.35
CA ASN C 125 -11.23 -46.65 -37.66
C ASN C 125 -10.59 -46.51 -36.29
N VAL C 126 -10.34 -45.27 -35.88
CA VAL C 126 -9.80 -45.00 -34.54
C VAL C 126 -11.02 -44.86 -33.62
N VAL C 127 -11.49 -46.00 -33.13
CA VAL C 127 -12.71 -46.03 -32.34
C VAL C 127 -12.39 -45.73 -30.88
N ILE C 128 -13.14 -44.81 -30.29
CA ILE C 128 -12.99 -44.44 -28.89
C ILE C 128 -14.35 -44.57 -28.22
N LYS C 129 -14.37 -45.25 -27.07
CA LYS C 129 -15.61 -45.46 -26.34
C LYS C 129 -15.33 -45.38 -24.84
N VAL C 130 -16.39 -45.11 -24.07
CA VAL C 130 -16.32 -45.12 -22.62
C VAL C 130 -17.53 -45.86 -22.09
N CYS C 131 -17.30 -47.05 -21.54
CA CYS C 131 -18.38 -47.90 -21.06
C CYS C 131 -17.89 -48.73 -19.89
N GLU C 132 -18.78 -49.58 -19.37
CA GLU C 132 -18.44 -50.51 -18.30
C GLU C 132 -17.90 -51.80 -18.94
N PHE C 133 -16.73 -51.66 -19.56
CA PHE C 133 -16.12 -52.77 -20.28
C PHE C 133 -15.70 -53.88 -19.32
N GLN C 134 -15.69 -55.10 -19.85
CA GLN C 134 -15.16 -56.26 -19.14
C GLN C 134 -13.90 -56.68 -19.90
N PHE C 135 -12.78 -56.06 -19.55
CA PHE C 135 -11.53 -56.31 -20.27
C PHE C 135 -11.01 -57.70 -19.97
N CYS C 136 -10.48 -58.36 -21.00
CA CYS C 136 -9.88 -59.66 -20.83
C CYS C 136 -8.56 -59.54 -20.08
N ASN C 137 -8.10 -60.67 -19.53
CA ASN C 137 -6.83 -60.69 -18.81
C ASN C 137 -5.67 -60.32 -19.73
N ASP C 138 -5.73 -60.74 -20.99
CA ASP C 138 -4.69 -60.45 -21.98
C ASP C 138 -5.37 -59.87 -23.21
N PRO C 139 -5.77 -58.59 -23.16
CA PRO C 139 -6.46 -57.99 -24.31
C PRO C 139 -5.50 -57.70 -25.45
N PHE C 140 -5.97 -57.95 -26.67
CA PHE C 140 -5.20 -57.71 -27.88
C PHE C 140 -6.12 -57.87 -29.07
N LEU C 141 -5.58 -57.62 -30.25
CA LEU C 141 -6.29 -57.81 -31.52
C LEU C 141 -5.54 -58.81 -32.37
N GLY C 142 -6.24 -59.82 -32.86
CA GLY C 142 -5.63 -60.89 -33.63
C GLY C 142 -5.73 -60.61 -35.12
N VAL C 143 -4.63 -60.84 -35.82
CA VAL C 143 -4.55 -60.67 -37.26
C VAL C 143 -4.21 -62.02 -37.89
N TYR C 144 -4.99 -62.44 -38.87
CA TYR C 144 -4.85 -63.74 -39.50
C TYR C 144 -4.60 -63.58 -41.00
N TYR C 145 -3.76 -64.46 -41.53
CA TYR C 145 -3.52 -64.53 -42.97
C TYR C 145 -4.58 -65.46 -43.56
N HIS C 146 -5.76 -64.91 -43.83
CA HIS C 146 -6.89 -65.70 -44.28
C HIS C 146 -6.57 -66.30 -45.65
N LYS C 147 -6.36 -67.62 -45.68
CA LYS C 147 -5.86 -68.26 -46.91
C LYS C 147 -6.83 -68.11 -48.07
N ASN C 148 -8.14 -68.22 -47.81
CA ASN C 148 -9.10 -68.13 -48.91
C ASN C 148 -8.98 -66.80 -49.64
N ASN C 149 -8.85 -65.71 -48.89
CA ASN C 149 -8.61 -64.40 -49.48
C ASN C 149 -7.14 -64.14 -49.77
N LYS C 150 -6.24 -64.93 -49.17
CA LYS C 150 -4.80 -64.78 -49.40
C LYS C 150 -4.33 -63.36 -49.13
N SER C 151 -4.89 -62.76 -48.07
CA SER C 151 -4.53 -61.40 -47.69
C SER C 151 -4.67 -61.27 -46.17
N TRP C 152 -3.90 -60.35 -45.60
CA TRP C 152 -3.97 -60.10 -44.17
C TRP C 152 -5.36 -59.59 -43.79
N MET C 153 -5.93 -60.16 -42.73
CA MET C 153 -7.25 -59.77 -42.28
C MET C 153 -7.33 -59.94 -40.77
N GLU C 154 -8.29 -59.24 -40.16
CA GLU C 154 -8.54 -59.31 -38.73
C GLU C 154 -9.78 -60.16 -38.49
N SER C 155 -9.65 -61.18 -37.63
CA SER C 155 -10.74 -62.09 -37.35
C SER C 155 -10.94 -62.37 -35.86
N GLU C 156 -10.14 -61.78 -34.99
CA GLU C 156 -10.24 -61.98 -33.55
C GLU C 156 -10.30 -60.63 -32.84
N PHE C 157 -11.07 -60.57 -31.77
CA PHE C 157 -11.24 -59.33 -31.00
C PHE C 157 -11.45 -59.73 -29.54
N ARG C 158 -10.36 -59.69 -28.76
CA ARG C 158 -10.39 -60.05 -27.34
C ARG C 158 -10.11 -58.85 -26.44
N VAL C 159 -10.33 -57.63 -26.94
CA VAL C 159 -10.07 -56.45 -26.11
C VAL C 159 -10.99 -56.43 -24.90
N TYR C 160 -12.27 -56.74 -25.09
CA TYR C 160 -13.23 -56.76 -24.00
C TYR C 160 -14.30 -57.77 -24.31
N SER C 161 -15.01 -58.21 -23.27
CA SER C 161 -16.07 -59.21 -23.39
C SER C 161 -17.47 -58.62 -23.29
N SER C 162 -17.61 -57.40 -22.77
CA SER C 162 -18.92 -56.77 -22.62
C SER C 162 -18.76 -55.26 -22.65
N ALA C 163 -19.88 -54.58 -22.90
CA ALA C 163 -19.92 -53.13 -22.93
C ALA C 163 -21.31 -52.68 -22.47
N ASN C 164 -21.36 -51.94 -21.37
CA ASN C 164 -22.61 -51.51 -20.78
C ASN C 164 -22.51 -50.06 -20.31
N ASN C 165 -23.65 -49.38 -20.27
CA ASN C 165 -23.73 -48.00 -19.79
C ASN C 165 -22.85 -47.07 -20.64
N CYS C 166 -23.21 -46.97 -21.91
CA CYS C 166 -22.49 -46.08 -22.81
C CYS C 166 -22.65 -44.64 -22.36
N THR C 167 -21.54 -43.92 -22.35
CA THR C 167 -21.52 -42.52 -21.93
C THR C 167 -20.88 -41.60 -22.97
N PHE C 168 -19.83 -42.05 -23.64
CA PHE C 168 -19.13 -41.26 -24.64
C PHE C 168 -18.77 -42.12 -25.82
N GLU C 169 -18.86 -41.55 -27.01
CA GLU C 169 -18.51 -42.23 -28.25
C GLU C 169 -17.76 -41.27 -29.16
N TYR C 170 -16.87 -41.83 -29.97
CA TYR C 170 -16.10 -41.04 -30.92
C TYR C 170 -15.36 -41.97 -31.89
N VAL C 171 -15.26 -41.56 -33.16
CA VAL C 171 -14.61 -42.37 -34.18
C VAL C 171 -14.24 -41.47 -35.34
N SER C 172 -13.17 -41.84 -36.05
CA SER C 172 -12.70 -41.11 -37.22
C SER C 172 -13.27 -41.72 -38.48
N GLN C 173 -12.95 -41.10 -39.61
CA GLN C 173 -13.45 -41.58 -40.88
C GLN C 173 -12.87 -42.97 -41.18
N PRO C 174 -13.63 -43.87 -41.79
CA PRO C 174 -13.08 -45.18 -42.12
C PRO C 174 -11.89 -45.06 -43.06
N PHE C 175 -10.92 -45.95 -42.87
CA PHE C 175 -9.71 -45.96 -43.70
C PHE C 175 -9.26 -47.41 -43.84
N LEU C 176 -8.09 -47.60 -44.47
CA LEU C 176 -7.50 -48.92 -44.64
C LEU C 176 -6.01 -48.82 -44.34
N MET C 177 -5.54 -49.63 -43.40
CA MET C 177 -4.15 -49.64 -42.98
C MET C 177 -3.50 -50.94 -43.39
N ASP C 178 -2.33 -50.85 -44.02
CA ASP C 178 -1.61 -52.03 -44.45
C ASP C 178 -1.21 -52.89 -43.25
N LEU C 179 -1.35 -54.20 -43.40
CA LEU C 179 -1.02 -55.15 -42.35
C LEU C 179 0.07 -56.13 -42.79
N GLU C 180 0.90 -55.70 -43.74
CA GLU C 180 1.97 -56.56 -44.23
C GLU C 180 2.98 -56.83 -43.12
N GLY C 181 3.52 -58.05 -43.10
CA GLY C 181 4.50 -58.43 -42.11
C GLY C 181 5.90 -57.98 -42.48
N LYS C 182 6.16 -56.67 -42.35
CA LYS C 182 7.45 -56.13 -42.69
C LYS C 182 8.53 -56.65 -41.74
N GLN C 183 9.76 -56.75 -42.26
CA GLN C 183 10.90 -57.19 -41.49
C GLN C 183 12.05 -56.19 -41.64
N GLY C 184 12.89 -56.10 -40.61
CA GLY C 184 14.02 -55.22 -40.61
C GLY C 184 13.90 -54.15 -39.54
N ASN C 185 14.45 -52.98 -39.83
CA ASN C 185 14.43 -51.86 -38.90
C ASN C 185 13.06 -51.18 -38.93
N PHE C 186 12.83 -50.30 -37.95
CA PHE C 186 11.57 -49.57 -37.83
C PHE C 186 11.68 -48.29 -38.63
N LYS C 187 10.75 -48.12 -39.58
CA LYS C 187 10.71 -46.92 -40.42
C LYS C 187 9.76 -45.86 -39.89
N ASN C 188 9.06 -46.11 -38.79
CA ASN C 188 8.10 -45.18 -38.23
C ASN C 188 8.27 -45.11 -36.72
N LEU C 189 8.26 -43.90 -36.17
CA LEU C 189 8.34 -43.67 -34.73
C LEU C 189 7.14 -42.82 -34.33
N ARG C 190 6.27 -43.36 -33.49
CA ARG C 190 5.07 -42.67 -33.03
C ARG C 190 5.20 -42.41 -31.54
N GLU C 191 5.06 -41.14 -31.15
CA GLU C 191 5.13 -40.73 -29.75
C GLU C 191 3.79 -40.18 -29.30
N PHE C 192 3.37 -40.58 -28.10
CA PHE C 192 2.09 -40.15 -27.56
C PHE C 192 2.28 -39.71 -26.11
N VAL C 193 1.49 -38.72 -25.71
CA VAL C 193 1.46 -38.23 -24.33
C VAL C 193 0.00 -38.17 -23.90
N PHE C 194 -0.28 -38.73 -22.72
CA PHE C 194 -1.64 -38.77 -22.19
C PHE C 194 -1.67 -38.07 -20.84
N LYS C 195 -2.66 -37.19 -20.67
CA LYS C 195 -2.83 -36.44 -19.43
C LYS C 195 -4.31 -36.36 -19.12
N ASN C 196 -4.62 -36.26 -17.82
CA ASN C 196 -6.00 -36.22 -17.35
C ASN C 196 -6.08 -35.20 -16.21
N ILE C 197 -6.65 -34.03 -16.50
CA ILE C 197 -6.84 -32.99 -15.50
C ILE C 197 -8.25 -32.44 -15.64
N ASP C 198 -8.76 -31.88 -14.54
CA ASP C 198 -10.03 -31.13 -14.50
C ASP C 198 -11.08 -31.74 -15.44
N GLY C 199 -11.18 -33.06 -15.46
CA GLY C 199 -12.18 -33.73 -16.26
C GLY C 199 -11.90 -33.80 -17.74
N TYR C 200 -10.70 -33.39 -18.19
CA TYR C 200 -10.33 -33.41 -19.59
C TYR C 200 -9.17 -34.36 -19.81
N PHE C 201 -9.30 -35.25 -20.79
CA PHE C 201 -8.25 -36.19 -21.16
C PHE C 201 -7.58 -35.66 -22.41
N LYS C 202 -6.36 -35.13 -22.25
CA LYS C 202 -5.63 -34.52 -23.34
C LYS C 202 -4.66 -35.54 -23.94
N ILE C 203 -4.68 -35.65 -25.27
CA ILE C 203 -3.86 -36.61 -26.00
C ILE C 203 -3.00 -35.83 -26.99
N TYR C 204 -1.70 -36.07 -26.96
CA TYR C 204 -0.75 -35.50 -27.91
C TYR C 204 -0.12 -36.62 -28.73
N SER C 205 0.20 -36.32 -29.98
CA SER C 205 0.74 -37.34 -30.87
C SER C 205 1.66 -36.69 -31.88
N LYS C 206 2.57 -37.50 -32.44
CA LYS C 206 3.48 -37.05 -33.48
C LYS C 206 4.03 -38.27 -34.21
N HIS C 207 4.41 -38.05 -35.47
CA HIS C 207 5.00 -39.11 -36.29
C HIS C 207 6.29 -38.59 -36.91
N THR C 208 7.31 -39.46 -36.94
CA THR C 208 8.61 -39.10 -37.49
C THR C 208 9.32 -40.37 -37.95
N PRO C 209 9.70 -40.46 -39.22
CA PRO C 209 10.46 -41.64 -39.66
C PRO C 209 11.82 -41.71 -38.98
N ILE C 210 12.28 -42.94 -38.78
CA ILE C 210 13.58 -43.22 -38.17
C ILE C 210 14.22 -44.39 -38.90
N ASN C 211 15.51 -44.61 -38.64
CA ASN C 211 16.26 -45.69 -39.25
C ASN C 211 17.15 -46.40 -38.23
N LEU C 212 16.73 -46.45 -36.97
CA LEU C 212 17.47 -47.07 -35.90
C LEU C 212 16.81 -48.38 -35.49
N VAL C 213 17.60 -49.25 -34.87
CA VAL C 213 17.12 -50.55 -34.41
C VAL C 213 16.72 -50.54 -32.94
N ARG C 214 17.32 -49.67 -32.13
CA ARG C 214 17.00 -49.61 -30.71
C ARG C 214 17.21 -48.19 -30.20
N ASP C 215 16.55 -47.89 -29.08
CA ASP C 215 16.68 -46.59 -28.43
C ASP C 215 16.05 -45.50 -29.29
N LEU C 216 15.53 -44.45 -28.65
CA LEU C 216 14.92 -43.35 -29.38
C LEU C 216 16.00 -42.46 -29.99
N PRO C 217 15.69 -41.77 -31.10
CA PRO C 217 16.67 -40.84 -31.66
C PRO C 217 16.98 -39.71 -30.69
N GLN C 218 18.22 -39.24 -30.73
CA GLN C 218 18.64 -38.13 -29.87
C GLN C 218 18.08 -36.79 -30.33
N GLY C 219 17.46 -36.73 -31.49
CA GLY C 219 16.90 -35.48 -31.98
C GLY C 219 15.82 -34.94 -31.06
N PHE C 220 15.35 -33.74 -31.41
CA PHE C 220 14.34 -33.04 -30.64
C PHE C 220 13.08 -32.90 -31.48
N SER C 221 11.94 -33.27 -30.90
CA SER C 221 10.66 -33.18 -31.59
C SER C 221 9.59 -32.71 -30.61
N ALA C 222 8.72 -31.82 -31.07
CA ALA C 222 7.64 -31.29 -30.24
C ALA C 222 6.32 -31.91 -30.67
N LEU C 223 5.61 -32.51 -29.72
CA LEU C 223 4.36 -33.19 -30.02
C LEU C 223 3.22 -32.18 -30.10
N GLU C 224 2.45 -32.25 -31.19
CA GLU C 224 1.32 -31.35 -31.38
C GLU C 224 0.07 -31.95 -30.74
N PRO C 225 -0.82 -31.14 -30.18
CA PRO C 225 -2.05 -31.70 -29.60
C PRO C 225 -2.91 -32.39 -30.65
N LEU C 226 -3.54 -33.48 -30.24
CA LEU C 226 -4.43 -34.25 -31.12
C LEU C 226 -5.90 -34.06 -30.77
N VAL C 227 -6.27 -34.32 -29.51
CA VAL C 227 -7.65 -34.19 -29.05
C VAL C 227 -7.62 -33.92 -27.55
N ASP C 228 -8.74 -33.40 -27.03
CA ASP C 228 -8.92 -33.16 -25.60
C ASP C 228 -10.30 -33.71 -25.23
N LEU C 229 -10.33 -34.99 -24.87
CA LEU C 229 -11.59 -35.66 -24.59
C LEU C 229 -12.17 -35.17 -23.27
N PRO C 230 -13.45 -34.79 -23.25
CA PRO C 230 -14.05 -34.29 -22.00
C PRO C 230 -14.63 -35.38 -21.13
N ILE C 231 -14.23 -36.63 -21.38
CA ILE C 231 -14.81 -37.77 -20.66
C ILE C 231 -14.69 -37.57 -19.16
N GLY C 232 -13.52 -37.14 -18.69
CA GLY C 232 -13.32 -36.84 -17.28
C GLY C 232 -13.62 -38.01 -16.37
N ILE C 233 -13.12 -39.20 -16.71
CA ILE C 233 -13.32 -40.41 -15.92
C ILE C 233 -12.03 -40.70 -15.17
N ASN C 234 -12.15 -41.01 -13.88
CA ASN C 234 -11.00 -41.32 -13.06
C ASN C 234 -10.18 -42.45 -13.68
N ILE C 235 -8.92 -42.16 -13.97
CA ILE C 235 -8.00 -43.11 -14.59
C ILE C 235 -6.79 -43.27 -13.69
N THR C 236 -6.45 -44.52 -13.36
CA THR C 236 -5.29 -44.82 -12.55
C THR C 236 -4.37 -45.88 -13.15
N ARG C 237 -4.87 -46.72 -14.05
CA ARG C 237 -4.06 -47.75 -14.70
C ARG C 237 -4.37 -47.75 -16.19
N PHE C 238 -3.40 -48.24 -16.97
CA PHE C 238 -3.56 -48.30 -18.41
C PHE C 238 -2.85 -49.54 -18.94
N GLN C 239 -3.27 -49.96 -20.14
CA GLN C 239 -2.70 -51.13 -20.80
C GLN C 239 -2.58 -50.85 -22.29
N THR C 240 -1.66 -51.55 -22.93
CA THR C 240 -1.41 -51.37 -24.36
C THR C 240 -2.02 -52.51 -25.16
N LEU C 241 -2.40 -52.20 -26.40
CA LEU C 241 -2.95 -53.17 -27.33
C LEU C 241 -1.99 -53.36 -28.50
N LEU C 242 -1.77 -54.63 -28.87
CA LEU C 242 -0.85 -54.98 -29.93
C LEU C 242 -1.54 -55.91 -30.91
N ALA C 243 -1.06 -55.90 -32.14
CA ALA C 243 -1.57 -56.79 -33.20
C ALA C 243 -0.87 -58.13 -33.07
N LEU C 244 -1.64 -59.16 -32.75
CA LEU C 244 -1.11 -60.50 -32.50
C LEU C 244 -1.35 -61.38 -33.73
N HIS C 245 -0.30 -62.06 -34.17
CA HIS C 245 -0.37 -62.97 -35.30
C HIS C 245 -0.40 -64.41 -34.80
N ARG C 246 -1.33 -65.19 -35.35
CA ARG C 246 -1.53 -66.57 -34.94
C ARG C 246 -0.92 -67.52 -35.96
N SER C 247 -0.22 -68.55 -35.47
CA SER C 247 0.40 -69.52 -36.35
C SER C 247 -0.63 -70.32 -37.14
N TYR C 248 -1.89 -70.31 -36.71
CA TYR C 248 -2.92 -71.05 -37.44
C TYR C 248 -3.07 -70.54 -38.87
N LEU C 249 -3.06 -69.22 -39.05
CA LEU C 249 -3.19 -68.59 -40.36
C LEU C 249 -2.04 -67.60 -40.51
N THR C 250 -0.90 -68.09 -41.00
CA THR C 250 0.27 -67.26 -41.22
C THR C 250 1.07 -67.91 -42.34
N PRO C 251 1.64 -67.14 -43.26
CA PRO C 251 2.43 -67.75 -44.34
C PRO C 251 3.59 -68.57 -43.79
N GLY C 252 3.82 -69.73 -44.40
CA GLY C 252 4.91 -70.58 -44.00
C GLY C 252 4.81 -71.12 -42.59
N ASP C 253 3.61 -71.11 -42.00
CA ASP C 253 3.42 -71.60 -40.64
C ASP C 253 1.98 -72.04 -40.47
N SER C 254 1.79 -73.20 -39.86
CA SER C 254 0.46 -73.73 -39.60
C SER C 254 0.33 -74.37 -38.23
N SER C 255 1.29 -74.17 -37.34
CA SER C 255 1.25 -74.78 -36.01
C SER C 255 0.28 -73.99 -35.13
N SER C 256 0.21 -74.37 -33.85
CA SER C 256 -0.66 -73.73 -32.89
C SER C 256 0.17 -72.83 -31.99
N GLY C 257 -0.22 -71.57 -31.89
CA GLY C 257 0.50 -70.61 -31.07
C GLY C 257 0.25 -69.20 -31.59
N TRP C 258 1.10 -68.28 -31.11
CA TRP C 258 1.03 -66.88 -31.49
C TRP C 258 2.43 -66.36 -31.80
N THR C 259 2.48 -65.33 -32.63
CA THR C 259 3.74 -64.73 -33.03
C THR C 259 3.55 -63.23 -33.22
N ALA C 260 4.65 -62.50 -33.17
CA ALA C 260 4.64 -61.05 -33.29
C ALA C 260 5.67 -60.61 -34.32
N GLY C 261 5.44 -59.42 -34.87
CA GLY C 261 6.32 -58.87 -35.89
C GLY C 261 7.49 -58.10 -35.33
N ALA C 262 7.99 -58.52 -34.16
CA ALA C 262 9.13 -57.88 -33.53
C ALA C 262 8.86 -56.39 -33.27
N ALA C 263 7.84 -56.14 -32.46
CA ALA C 263 7.46 -54.79 -32.09
C ALA C 263 8.14 -54.38 -30.78
N ALA C 264 8.14 -53.07 -30.52
CA ALA C 264 8.72 -52.55 -29.29
C ALA C 264 8.13 -51.18 -28.97
N TYR C 265 7.84 -50.94 -27.69
CA TYR C 265 7.26 -49.68 -27.26
C TYR C 265 7.88 -49.25 -25.94
N TYR C 266 7.78 -47.96 -25.64
CA TYR C 266 8.36 -47.37 -24.45
C TYR C 266 7.28 -46.64 -23.65
N VAL C 267 7.49 -46.60 -22.34
CA VAL C 267 6.56 -45.96 -21.42
C VAL C 267 7.35 -45.09 -20.45
N GLY C 268 6.83 -43.88 -20.20
CA GLY C 268 7.45 -42.97 -19.27
C GLY C 268 6.43 -42.05 -18.61
N TYR C 269 6.53 -41.92 -17.29
CA TYR C 269 5.57 -41.14 -16.53
C TYR C 269 5.99 -39.66 -16.49
N LEU C 270 5.00 -38.79 -16.34
CA LEU C 270 5.22 -37.35 -16.32
C LEU C 270 5.14 -36.83 -14.88
N GLN C 271 5.90 -35.78 -14.60
CA GLN C 271 5.92 -35.14 -13.30
C GLN C 271 5.77 -33.63 -13.45
N PRO C 272 5.31 -32.94 -12.41
CA PRO C 272 5.19 -31.47 -12.50
C PRO C 272 6.54 -30.78 -12.51
N ARG C 273 6.93 -30.25 -13.66
CA ARG C 273 8.20 -29.58 -13.84
C ARG C 273 8.01 -28.24 -14.53
N THR C 274 9.09 -27.48 -14.62
CA THR C 274 9.10 -26.19 -15.30
C THR C 274 9.99 -26.29 -16.53
N PHE C 275 9.47 -25.85 -17.67
CA PHE C 275 10.17 -25.94 -18.93
C PHE C 275 10.27 -24.56 -19.58
N LEU C 276 11.39 -24.33 -20.26
CA LEU C 276 11.64 -23.08 -21.00
C LEU C 276 11.57 -23.42 -22.48
N LEU C 277 10.37 -23.36 -23.04
CA LEU C 277 10.17 -23.68 -24.45
C LEU C 277 10.71 -22.57 -25.33
N LYS C 278 11.17 -22.95 -26.52
CA LYS C 278 11.71 -22.03 -27.51
C LYS C 278 10.86 -22.10 -28.77
N TYR C 279 10.45 -20.95 -29.27
CA TYR C 279 9.62 -20.84 -30.47
C TYR C 279 10.42 -20.18 -31.59
N ASN C 280 10.24 -20.68 -32.80
CA ASN C 280 10.94 -20.15 -33.97
C ASN C 280 10.05 -19.11 -34.65
N GLU C 281 10.50 -18.64 -35.82
CA GLU C 281 9.74 -17.61 -36.54
C GLU C 281 8.37 -18.12 -36.97
N ASN C 282 8.25 -19.43 -37.20
CA ASN C 282 7.00 -20.02 -37.64
C ASN C 282 6.12 -20.49 -36.49
N GLY C 283 6.55 -20.27 -35.25
CA GLY C 283 5.75 -20.67 -34.09
C GLY C 283 5.90 -22.11 -33.68
N THR C 284 6.80 -22.87 -34.32
CA THR C 284 7.02 -24.26 -33.97
C THR C 284 8.11 -24.36 -32.91
N ILE C 285 7.91 -25.29 -31.98
CA ILE C 285 8.87 -25.53 -30.91
C ILE C 285 10.04 -26.31 -31.49
N THR C 286 11.25 -25.74 -31.40
CA THR C 286 12.44 -26.34 -31.95
C THR C 286 13.43 -26.80 -30.88
N ASP C 287 13.30 -26.32 -29.65
CA ASP C 287 14.20 -26.70 -28.57
C ASP C 287 13.49 -26.41 -27.25
N ALA C 288 13.99 -27.03 -26.18
CA ALA C 288 13.42 -26.85 -24.84
C ALA C 288 14.51 -27.17 -23.83
N VAL C 289 14.31 -26.67 -22.61
CA VAL C 289 15.24 -26.87 -21.51
C VAL C 289 14.45 -27.30 -20.28
N ASP C 290 14.94 -28.31 -19.58
CA ASP C 290 14.33 -28.81 -18.36
C ASP C 290 15.01 -28.15 -17.17
N CYS C 291 14.29 -27.25 -16.50
CA CYS C 291 14.88 -26.48 -15.40
C CYS C 291 15.36 -27.34 -14.25
N ALA C 292 14.85 -28.57 -14.11
CA ALA C 292 15.22 -29.46 -13.03
C ALA C 292 16.16 -30.57 -13.47
N LEU C 293 17.00 -30.32 -14.48
CA LEU C 293 17.92 -31.33 -14.96
C LEU C 293 19.32 -31.11 -14.38
N ASP C 294 19.89 -29.94 -14.61
CA ASP C 294 21.23 -29.61 -14.14
C ASP C 294 21.31 -28.13 -13.81
N PRO C 295 22.33 -27.70 -13.06
CA PRO C 295 22.43 -26.26 -12.73
C PRO C 295 22.44 -25.37 -13.96
N LEU C 296 23.04 -25.82 -15.06
CA LEU C 296 23.04 -25.00 -16.27
C LEU C 296 21.62 -24.77 -16.77
N SER C 297 20.77 -25.80 -16.74
CA SER C 297 19.39 -25.63 -17.17
C SER C 297 18.65 -24.67 -16.25
N GLU C 298 18.89 -24.76 -14.94
CA GLU C 298 18.24 -23.83 -14.02
C GLU C 298 18.68 -22.40 -14.29
N THR C 299 19.97 -22.20 -14.56
CA THR C 299 20.45 -20.86 -14.90
C THR C 299 19.79 -20.35 -16.18
N LYS C 300 19.68 -21.21 -17.19
CA LYS C 300 19.02 -20.82 -18.43
C LYS C 300 17.58 -20.42 -18.17
N CYS C 301 16.87 -21.21 -17.37
CA CYS C 301 15.48 -20.88 -17.04
C CYS C 301 15.37 -19.56 -16.30
N THR C 302 16.28 -19.32 -15.35
CA THR C 302 16.25 -18.06 -14.60
C THR C 302 16.50 -16.89 -15.54
N LEU C 303 17.46 -17.02 -16.45
CA LEU C 303 17.74 -15.96 -17.41
C LEU C 303 16.78 -15.96 -18.59
N LYS C 304 15.93 -16.98 -18.71
CA LYS C 304 14.96 -17.08 -19.80
C LYS C 304 15.66 -17.00 -21.16
N SER C 305 16.82 -17.64 -21.25
CA SER C 305 17.59 -17.68 -22.48
C SER C 305 18.34 -19.01 -22.55
N PHE C 306 18.57 -19.47 -23.77
CA PHE C 306 19.29 -20.72 -24.00
C PHE C 306 20.80 -20.54 -24.04
N THR C 307 21.29 -19.30 -24.03
CA THR C 307 22.71 -19.00 -23.98
C THR C 307 22.98 -18.17 -22.73
N VAL C 308 23.93 -18.61 -21.91
CA VAL C 308 24.29 -17.95 -20.67
C VAL C 308 25.72 -17.45 -20.79
N GLU C 309 25.93 -16.17 -20.50
CA GLU C 309 27.24 -15.56 -20.58
C GLU C 309 28.05 -15.85 -19.31
N LYS C 310 29.35 -15.62 -19.39
CA LYS C 310 30.22 -15.85 -18.24
C LYS C 310 29.79 -14.99 -17.07
N GLY C 311 29.76 -15.59 -15.88
CA GLY C 311 29.38 -14.88 -14.68
C GLY C 311 28.77 -15.83 -13.67
N ILE C 312 28.29 -15.25 -12.59
CA ILE C 312 27.64 -15.99 -11.51
C ILE C 312 26.21 -15.48 -11.37
N TYR C 313 25.26 -16.40 -11.34
CA TYR C 313 23.84 -16.07 -11.28
C TYR C 313 23.19 -16.81 -10.12
N GLN C 314 22.31 -16.13 -9.40
CA GLN C 314 21.55 -16.73 -8.31
C GLN C 314 20.26 -17.30 -8.91
N THR C 315 20.10 -18.62 -8.83
CA THR C 315 18.97 -19.30 -9.45
C THR C 315 17.84 -19.65 -8.50
N SER C 316 18.15 -20.09 -7.28
CA SER C 316 17.12 -20.52 -6.34
C SER C 316 17.72 -20.51 -4.95
N ASN C 317 16.90 -20.85 -3.96
CA ASN C 317 17.29 -20.92 -2.56
C ASN C 317 17.31 -22.37 -2.11
N PHE C 318 17.64 -22.57 -0.83
CA PHE C 318 17.64 -23.90 -0.23
C PHE C 318 17.33 -23.78 1.24
N ARG C 319 16.57 -24.74 1.76
CA ARG C 319 16.17 -24.75 3.17
C ARG C 319 16.29 -26.17 3.69
N VAL C 320 16.75 -26.31 4.94
CA VAL C 320 16.85 -27.61 5.59
C VAL C 320 15.57 -27.84 6.37
N GLN C 321 14.66 -28.63 5.80
CA GLN C 321 13.38 -28.89 6.45
C GLN C 321 13.60 -29.71 7.72
N PRO C 322 12.74 -29.53 8.73
CA PRO C 322 12.88 -30.31 9.97
C PRO C 322 12.59 -31.78 9.71
N THR C 323 13.39 -32.65 10.34
CA THR C 323 13.19 -34.09 10.16
C THR C 323 11.94 -34.57 10.90
N GLU C 324 11.76 -34.11 12.14
CA GLU C 324 10.59 -34.49 12.93
C GLU C 324 10.28 -33.35 13.89
N SER C 325 9.41 -33.62 14.86
CA SER C 325 9.01 -32.63 15.85
C SER C 325 9.12 -33.23 17.25
N ILE C 326 9.35 -32.37 18.23
CA ILE C 326 9.50 -32.78 19.62
C ILE C 326 8.66 -31.87 20.50
N VAL C 327 7.99 -32.47 21.48
CA VAL C 327 7.18 -31.74 22.46
C VAL C 327 7.67 -32.11 23.85
N ARG C 328 7.97 -31.10 24.66
CA ARG C 328 8.46 -31.30 26.02
C ARG C 328 7.67 -30.43 26.98
N PHE C 329 7.14 -31.05 28.02
CA PHE C 329 6.32 -30.39 29.04
C PHE C 329 6.92 -30.65 30.40
N PRO C 330 6.41 -29.96 31.45
CA PRO C 330 6.98 -30.13 32.79
C PRO C 330 7.15 -31.59 33.21
N ASN C 331 8.00 -31.81 34.20
CA ASN C 331 8.36 -33.17 34.62
C ASN C 331 7.33 -33.75 35.58
N ILE C 332 6.05 -33.70 35.21
CA ILE C 332 4.97 -34.23 36.03
C ILE C 332 5.20 -33.82 37.48
N THR C 333 5.07 -32.52 37.77
CA THR C 333 5.39 -32.03 39.10
C THR C 333 4.52 -32.64 40.21
N ASN C 334 3.28 -33.02 39.89
CA ASN C 334 2.39 -33.58 40.89
C ASN C 334 1.31 -34.40 40.21
N LEU C 335 0.68 -35.28 40.99
CA LEU C 335 -0.42 -36.09 40.50
C LEU C 335 -1.69 -35.25 40.51
N CYS C 336 -2.84 -35.88 40.28
CA CYS C 336 -4.12 -35.20 40.24
C CYS C 336 -5.10 -35.86 41.19
N PRO C 337 -6.06 -35.10 41.73
CA PRO C 337 -7.01 -35.69 42.68
C PRO C 337 -8.02 -36.62 42.03
N PHE C 338 -8.07 -36.70 40.71
CA PHE C 338 -9.07 -37.54 40.05
C PHE C 338 -8.91 -39.00 40.47
N GLY C 339 -7.68 -39.52 40.44
CA GLY C 339 -7.45 -40.88 40.87
C GLY C 339 -7.68 -41.07 42.36
N GLU C 340 -7.22 -40.10 43.17
CA GLU C 340 -7.37 -40.22 44.61
C GLU C 340 -8.83 -40.25 45.03
N VAL C 341 -9.66 -39.39 44.42
CA VAL C 341 -11.07 -39.34 44.78
C VAL C 341 -11.79 -40.61 44.39
N PHE C 342 -11.27 -41.36 43.41
CA PHE C 342 -11.93 -42.59 42.98
C PHE C 342 -11.99 -43.61 44.11
N ASN C 343 -10.91 -43.74 44.88
CA ASN C 343 -10.83 -44.70 45.96
C ASN C 343 -11.42 -44.18 47.26
N ALA C 344 -11.89 -42.93 47.29
CA ALA C 344 -12.46 -42.34 48.49
C ALA C 344 -13.94 -42.64 48.57
N THR C 345 -14.38 -43.15 49.73
CA THR C 345 -15.79 -43.45 49.98
C THR C 345 -16.48 -42.37 50.80
N ARG C 346 -15.84 -41.22 51.00
CA ARG C 346 -16.44 -40.17 51.80
C ARG C 346 -17.73 -39.65 51.18
N PHE C 347 -17.74 -39.50 49.86
CA PHE C 347 -18.90 -38.95 49.15
C PHE C 347 -19.96 -40.03 48.90
N ALA C 348 -20.37 -40.71 49.98
CA ALA C 348 -21.40 -41.74 49.90
C ALA C 348 -22.79 -41.11 50.02
N SER C 349 -23.03 -40.13 49.15
CA SER C 349 -24.30 -39.39 49.13
C SER C 349 -24.32 -38.57 47.84
N VAL C 350 -25.35 -37.74 47.69
CA VAL C 350 -25.51 -36.91 46.50
C VAL C 350 -25.52 -35.42 46.83
N TYR C 351 -25.63 -35.05 48.10
CA TYR C 351 -25.72 -33.63 48.49
C TYR C 351 -24.35 -32.97 48.66
N ALA C 352 -23.31 -33.75 48.95
CA ALA C 352 -22.01 -33.15 49.25
C ALA C 352 -21.40 -32.51 48.01
N TRP C 353 -21.13 -33.32 46.98
CA TRP C 353 -20.55 -32.84 45.72
C TRP C 353 -19.07 -32.51 45.87
N ASN C 354 -18.57 -32.50 47.11
CA ASN C 354 -17.15 -32.38 47.42
C ASN C 354 -16.59 -30.99 47.16
N ARG C 355 -17.34 -30.14 46.48
CA ARG C 355 -17.00 -28.73 46.28
C ARG C 355 -15.49 -28.50 46.18
N LYS C 356 -14.84 -29.16 45.22
CA LYS C 356 -13.39 -29.14 45.13
C LYS C 356 -12.94 -28.57 43.79
N ARG C 357 -11.77 -27.94 43.80
CA ARG C 357 -11.15 -27.38 42.62
C ARG C 357 -9.70 -27.85 42.53
N ILE C 358 -9.18 -27.92 41.30
CA ILE C 358 -7.82 -28.36 41.04
C ILE C 358 -7.01 -27.16 40.55
N SER C 359 -5.82 -26.98 41.12
CA SER C 359 -4.94 -25.89 40.73
C SER C 359 -4.03 -26.28 39.57
N ASN C 360 -3.45 -27.47 39.61
CA ASN C 360 -2.55 -27.93 38.55
C ASN C 360 -2.64 -29.45 38.48
N CYS C 361 -2.95 -29.98 37.30
CA CYS C 361 -3.04 -31.42 37.07
C CYS C 361 -2.20 -31.76 35.85
N VAL C 362 -1.02 -32.32 36.10
CA VAL C 362 -0.06 -32.61 35.03
C VAL C 362 0.25 -34.10 35.04
N ALA C 363 -0.73 -34.91 35.40
CA ALA C 363 -0.57 -36.36 35.44
C ALA C 363 -0.89 -36.93 34.06
N ASP C 364 0.08 -37.60 33.44
CA ASP C 364 -0.11 -38.18 32.12
C ASP C 364 -1.04 -39.38 32.19
N TYR C 365 -1.82 -39.56 31.12
CA TYR C 365 -2.76 -40.67 31.09
C TYR C 365 -2.04 -42.02 31.11
N SER C 366 -0.92 -42.13 30.39
CA SER C 366 -0.20 -43.39 30.30
C SER C 366 0.41 -43.82 31.63
N VAL C 367 0.49 -42.92 32.62
CA VAL C 367 1.05 -43.29 33.91
C VAL C 367 0.23 -44.36 34.61
N LEU C 368 -1.04 -44.52 34.24
CA LEU C 368 -1.89 -45.52 34.88
C LEU C 368 -1.39 -46.94 34.65
N TYR C 369 -0.50 -47.14 33.68
CA TYR C 369 0.01 -48.47 33.38
C TYR C 369 1.20 -48.86 34.25
N ASN C 370 1.64 -47.97 35.15
CA ASN C 370 2.78 -48.26 36.03
C ASN C 370 2.33 -49.05 37.26
N SER C 371 1.83 -50.26 37.00
CA SER C 371 1.39 -51.19 38.03
C SER C 371 0.23 -50.64 38.86
N ALA C 372 -0.49 -49.65 38.34
CA ALA C 372 -1.63 -49.08 39.03
C ALA C 372 -2.90 -49.85 38.68
N SER C 373 -3.85 -49.84 39.61
CA SER C 373 -5.12 -50.55 39.46
C SER C 373 -6.29 -49.57 39.39
N PHE C 374 -6.09 -48.46 38.68
CA PHE C 374 -7.12 -47.45 38.51
C PHE C 374 -7.83 -47.65 37.17
N SER C 375 -9.16 -47.59 37.21
CA SER C 375 -9.94 -47.78 35.99
C SER C 375 -9.65 -46.68 34.98
N THR C 376 -9.66 -47.06 33.70
CA THR C 376 -9.39 -46.11 32.64
C THR C 376 -10.44 -45.01 32.62
N PHE C 377 -10.00 -43.77 32.40
CA PHE C 377 -10.92 -42.64 32.38
C PHE C 377 -11.84 -42.71 31.16
N LYS C 378 -13.11 -42.39 31.37
CA LYS C 378 -14.10 -42.32 30.31
C LYS C 378 -14.65 -40.90 30.28
N CYS C 379 -14.62 -40.27 29.10
CA CYS C 379 -15.00 -38.87 28.95
C CYS C 379 -16.14 -38.74 27.96
N TYR C 380 -17.10 -37.87 28.28
CA TYR C 380 -18.24 -37.58 27.43
C TYR C 380 -18.07 -36.22 26.79
N GLY C 381 -18.27 -36.15 25.47
CA GLY C 381 -18.08 -34.94 24.72
C GLY C 381 -16.67 -34.74 24.19
N VAL C 382 -15.70 -35.53 24.66
CA VAL C 382 -14.32 -35.42 24.20
C VAL C 382 -13.67 -36.79 24.38
N SER C 383 -12.72 -37.09 23.51
CA SER C 383 -12.03 -38.37 23.60
C SER C 383 -11.24 -38.45 24.91
N PRO C 384 -11.06 -39.64 25.46
CA PRO C 384 -10.41 -39.75 26.78
C PRO C 384 -9.02 -39.17 26.82
N THR C 385 -8.26 -39.27 25.73
CA THR C 385 -6.88 -38.80 25.73
C THR C 385 -6.78 -37.28 25.72
N LYS C 386 -7.88 -36.56 25.48
CA LYS C 386 -7.85 -35.10 25.47
C LYS C 386 -7.35 -34.52 26.78
N LEU C 387 -7.53 -35.23 27.90
CA LEU C 387 -7.00 -34.76 29.17
C LEU C 387 -5.48 -34.60 29.10
N ASN C 388 -4.80 -35.54 28.45
CA ASN C 388 -3.35 -35.48 28.28
C ASN C 388 -2.93 -34.60 27.11
N ASP C 389 -3.85 -34.24 26.21
CA ASP C 389 -3.49 -33.48 25.03
C ASP C 389 -3.67 -31.97 25.24
N LEU C 390 -4.88 -31.53 25.53
CA LEU C 390 -5.24 -30.12 25.56
C LEU C 390 -5.56 -29.68 26.98
N CYS C 391 -5.89 -28.39 27.11
CA CYS C 391 -6.21 -27.78 28.38
C CYS C 391 -7.71 -27.49 28.48
N PHE C 392 -8.18 -27.33 29.71
CA PHE C 392 -9.58 -27.06 29.97
C PHE C 392 -9.68 -25.98 31.04
N THR C 393 -10.79 -25.24 31.03
CA THR C 393 -10.98 -24.11 31.93
C THR C 393 -11.89 -24.49 33.09
N ASN C 394 -11.57 -23.96 34.28
CA ASN C 394 -12.37 -24.15 35.48
C ASN C 394 -12.51 -25.64 35.80
N VAL C 395 -11.38 -26.27 36.08
CA VAL C 395 -11.35 -27.70 36.39
C VAL C 395 -11.73 -27.90 37.84
N TYR C 396 -12.70 -28.78 38.08
CA TYR C 396 -13.17 -29.09 39.43
C TYR C 396 -13.25 -30.59 39.62
N ALA C 397 -12.98 -31.03 40.84
CA ALA C 397 -13.07 -32.45 41.21
C ALA C 397 -14.43 -32.67 41.86
N ASP C 398 -15.34 -33.29 41.13
CA ASP C 398 -16.71 -33.51 41.58
C ASP C 398 -17.01 -35.00 41.60
N SER C 399 -17.88 -35.39 42.54
CA SER C 399 -18.30 -36.77 42.67
C SER C 399 -19.81 -36.82 42.86
N PHE C 400 -20.42 -37.91 42.41
CA PHE C 400 -21.86 -38.10 42.49
C PHE C 400 -22.18 -39.56 42.77
N VAL C 401 -23.36 -39.79 43.34
CA VAL C 401 -23.89 -41.13 43.54
C VAL C 401 -25.29 -41.11 42.91
N ILE C 402 -25.37 -41.47 41.63
CA ILE C 402 -26.59 -41.39 40.85
C ILE C 402 -26.74 -42.67 40.04
N ARG C 403 -27.97 -42.91 39.59
CA ARG C 403 -28.28 -44.08 38.75
C ARG C 403 -27.33 -44.14 37.56
N GLY C 404 -27.12 -45.34 37.04
CA GLY C 404 -26.13 -45.51 35.98
C GLY C 404 -26.49 -44.75 34.71
N ASP C 405 -27.75 -44.83 34.29
CA ASP C 405 -28.15 -44.23 33.03
C ASP C 405 -28.02 -42.72 33.04
N GLU C 406 -28.03 -42.07 34.20
CA GLU C 406 -27.91 -40.63 34.30
C GLU C 406 -26.47 -40.15 34.37
N VAL C 407 -25.51 -41.06 34.53
CA VAL C 407 -24.10 -40.66 34.55
C VAL C 407 -23.67 -40.18 33.17
N ARG C 408 -24.16 -40.83 32.12
CA ARG C 408 -23.79 -40.48 30.75
C ARG C 408 -24.43 -39.16 30.29
N GLN C 409 -25.37 -38.62 31.05
CA GLN C 409 -26.09 -37.42 30.65
C GLN C 409 -25.38 -36.12 31.05
N ILE C 410 -24.07 -36.18 31.30
CA ILE C 410 -23.32 -34.99 31.69
C ILE C 410 -22.59 -34.43 30.48
N ALA C 411 -22.88 -34.95 29.30
CA ALA C 411 -22.20 -34.47 28.10
C ALA C 411 -22.59 -33.02 27.83
N PRO C 412 -21.69 -32.24 27.23
CA PRO C 412 -22.02 -30.82 26.98
C PRO C 412 -23.26 -30.69 26.12
N GLY C 413 -24.09 -29.70 26.47
CA GLY C 413 -25.30 -29.43 25.72
C GLY C 413 -26.43 -30.41 25.94
N GLN C 414 -26.32 -31.29 26.93
CA GLN C 414 -27.35 -32.29 27.20
C GLN C 414 -28.04 -31.95 28.52
N THR C 415 -29.37 -31.91 28.50
CA THR C 415 -30.16 -31.60 29.69
C THR C 415 -30.53 -32.92 30.36
N GLY C 416 -29.71 -33.34 31.32
CA GLY C 416 -29.97 -34.55 32.08
C GLY C 416 -31.29 -34.48 32.82
N LYS C 417 -32.05 -35.58 32.79
CA LYS C 417 -33.35 -35.59 33.45
C LYS C 417 -33.22 -35.40 34.96
N ILE C 418 -32.24 -36.02 35.58
CA ILE C 418 -32.02 -35.92 37.02
C ILE C 418 -30.70 -35.24 37.34
N ALA C 419 -29.64 -35.55 36.58
CA ALA C 419 -28.33 -34.96 36.87
C ALA C 419 -28.34 -33.45 36.68
N ASP C 420 -29.01 -32.95 35.64
CA ASP C 420 -28.99 -31.52 35.37
C ASP C 420 -29.61 -30.73 36.50
N TYR C 421 -30.74 -31.19 37.04
CA TYR C 421 -31.39 -30.45 38.11
C TYR C 421 -30.52 -30.42 39.36
N ASN C 422 -29.93 -31.56 39.73
CA ASN C 422 -29.03 -31.59 40.88
C ASN C 422 -27.81 -30.71 40.65
N TYR C 423 -27.23 -30.80 39.45
CA TYR C 423 -26.07 -29.98 39.08
C TYR C 423 -26.23 -29.56 37.63
N LYS C 424 -26.20 -28.25 37.39
CA LYS C 424 -26.43 -27.74 36.05
C LYS C 424 -25.40 -28.32 35.07
N LEU C 425 -25.88 -28.71 33.90
CA LEU C 425 -25.03 -29.28 32.85
C LEU C 425 -25.35 -28.58 31.53
N PRO C 426 -25.02 -27.28 31.42
CA PRO C 426 -25.29 -26.56 30.17
C PRO C 426 -24.24 -26.82 29.11
N ASP C 427 -24.35 -26.13 27.97
CA ASP C 427 -23.36 -26.29 26.91
C ASP C 427 -21.97 -25.88 27.36
N ASP C 428 -21.87 -25.00 28.36
CA ASP C 428 -20.56 -24.57 28.86
C ASP C 428 -19.88 -25.63 29.72
N PHE C 429 -20.58 -26.70 30.08
CA PHE C 429 -20.03 -27.74 30.95
C PHE C 429 -19.28 -28.78 30.12
N THR C 430 -18.17 -29.26 30.68
CA THR C 430 -17.40 -30.33 30.06
C THR C 430 -16.63 -31.05 31.16
N GLY C 431 -16.19 -32.26 30.86
CA GLY C 431 -15.45 -33.04 31.83
C GLY C 431 -15.37 -34.50 31.42
N CYS C 432 -15.15 -35.35 32.41
CA CYS C 432 -14.98 -36.78 32.19
C CYS C 432 -15.76 -37.58 33.24
N VAL C 433 -15.65 -38.90 33.19
CA VAL C 433 -16.39 -39.77 34.09
C VAL C 433 -15.47 -40.89 34.57
N ILE C 434 -15.58 -41.22 35.86
CA ILE C 434 -14.89 -42.36 36.45
C ILE C 434 -15.89 -43.07 37.35
N ALA C 435 -16.48 -44.15 36.83
CA ALA C 435 -17.58 -44.85 37.51
C ALA C 435 -17.05 -46.10 38.20
N TRP C 436 -17.67 -46.44 39.33
CA TRP C 436 -17.35 -47.64 40.08
C TRP C 436 -18.64 -48.38 40.42
N ASN C 437 -18.54 -49.70 40.47
CA ASN C 437 -19.70 -50.55 40.74
C ASN C 437 -20.03 -50.48 42.21
N SER C 438 -21.02 -49.66 42.56
CA SER C 438 -21.49 -49.51 43.93
C SER C 438 -22.69 -50.39 44.25
N ASN C 439 -23.13 -51.21 43.30
CA ASN C 439 -24.32 -52.04 43.50
C ASN C 439 -24.10 -53.16 44.49
N ASN C 440 -22.86 -53.39 44.92
CA ASN C 440 -22.59 -54.48 45.86
C ASN C 440 -23.44 -54.37 47.11
N LEU C 441 -23.58 -53.15 47.65
CA LEU C 441 -24.37 -52.92 48.85
C LEU C 441 -25.63 -52.11 48.61
N ASP C 442 -25.74 -51.42 47.46
CA ASP C 442 -26.94 -50.64 47.19
C ASP C 442 -28.18 -51.51 47.06
N SER C 443 -28.06 -52.68 46.44
CA SER C 443 -29.21 -53.54 46.24
C SER C 443 -29.86 -53.95 47.56
N LYS C 444 -29.09 -54.03 48.64
CA LYS C 444 -29.63 -54.42 49.94
C LYS C 444 -30.38 -53.26 50.58
N VAL C 445 -31.38 -53.61 51.40
CA VAL C 445 -32.17 -52.59 52.06
C VAL C 445 -31.33 -51.89 53.13
N GLY C 446 -31.80 -50.73 53.56
CA GLY C 446 -31.13 -49.94 54.57
C GLY C 446 -30.17 -48.89 54.04
N GLY C 447 -29.92 -48.87 52.73
CA GLY C 447 -29.05 -47.89 52.12
C GLY C 447 -29.71 -46.63 51.67
N ASN C 448 -30.99 -46.42 52.02
CA ASN C 448 -31.72 -45.25 51.55
C ASN C 448 -31.14 -43.95 52.11
N TYR C 449 -30.34 -44.02 53.17
CA TYR C 449 -29.77 -42.79 53.75
C TYR C 449 -28.90 -42.06 52.75
N ASN C 450 -28.27 -42.78 51.82
CA ASN C 450 -27.38 -42.14 50.85
C ASN C 450 -28.14 -41.20 49.92
N TYR C 451 -29.43 -41.43 49.72
CA TYR C 451 -30.20 -40.59 48.80
C TYR C 451 -30.49 -39.24 49.43
N LEU C 452 -30.17 -38.17 48.69
CA LEU C 452 -30.49 -36.82 49.14
C LEU C 452 -30.43 -35.90 47.92
N TYR C 453 -31.56 -35.32 47.55
CA TYR C 453 -31.66 -34.51 46.34
C TYR C 453 -31.55 -33.03 46.69
N ARG C 454 -31.13 -32.24 45.70
CA ARG C 454 -30.94 -30.81 45.89
C ARG C 454 -30.99 -30.13 44.52
N LEU C 455 -30.84 -28.82 44.53
CA LEU C 455 -30.73 -28.02 43.32
C LEU C 455 -29.30 -27.49 43.18
N PHE C 456 -29.04 -26.85 42.04
CA PHE C 456 -27.72 -26.30 41.80
C PHE C 456 -27.45 -25.13 42.73
N ARG C 457 -26.17 -24.86 42.96
CA ARG C 457 -25.72 -23.81 43.87
C ARG C 457 -25.36 -22.52 43.15
N LYS C 458 -26.09 -22.19 42.09
CA LYS C 458 -25.82 -20.96 41.34
C LYS C 458 -25.73 -19.77 42.28
N SER C 459 -24.92 -18.79 41.88
CA SER C 459 -24.71 -17.59 42.68
C SER C 459 -24.33 -16.44 41.77
N ASN C 460 -24.44 -15.22 42.32
CA ASN C 460 -24.09 -14.02 41.57
C ASN C 460 -25.05 -13.82 40.40
N LEU C 461 -25.08 -12.60 39.86
CA LEU C 461 -25.97 -12.31 38.73
C LEU C 461 -25.59 -13.14 37.51
N LYS C 462 -24.30 -13.32 37.27
CA LYS C 462 -23.84 -14.09 36.12
C LYS C 462 -24.32 -15.53 36.22
N PRO C 463 -25.02 -16.06 35.23
CA PRO C 463 -25.49 -17.46 35.32
C PRO C 463 -24.33 -18.44 35.33
N PHE C 464 -24.58 -19.60 35.96
CA PHE C 464 -23.63 -20.70 35.99
C PHE C 464 -22.34 -20.30 36.72
N GLU C 465 -22.51 -19.88 37.97
CA GLU C 465 -21.39 -19.56 38.85
C GLU C 465 -21.60 -20.27 40.19
N ARG C 466 -20.53 -20.85 40.71
CA ARG C 466 -20.63 -21.60 41.96
C ARG C 466 -20.91 -20.66 43.12
N ASP C 467 -21.33 -21.24 44.24
CA ASP C 467 -21.60 -20.47 45.44
C ASP C 467 -20.40 -19.62 45.82
N ILE C 468 -20.58 -18.30 45.81
CA ILE C 468 -19.50 -17.36 46.06
C ILE C 468 -19.84 -16.35 47.14
N SER C 469 -21.12 -16.20 47.51
CA SER C 469 -21.53 -15.21 48.50
C SER C 469 -22.33 -15.84 49.64
N THR C 470 -22.17 -17.14 49.86
CA THR C 470 -22.85 -17.84 50.95
C THR C 470 -24.36 -17.62 50.88
N GLU C 471 -24.95 -18.10 49.79
CA GLU C 471 -26.38 -17.94 49.57
C GLU C 471 -27.15 -18.91 50.47
N ILE C 472 -28.48 -18.87 50.35
CA ILE C 472 -29.38 -19.72 51.12
C ILE C 472 -29.86 -20.85 50.20
N TYR C 473 -29.72 -22.09 50.68
CA TYR C 473 -30.09 -23.27 49.92
C TYR C 473 -30.97 -24.17 50.77
N GLN C 474 -31.84 -24.93 50.12
CA GLN C 474 -32.76 -25.85 50.75
C GLN C 474 -32.38 -27.28 50.40
N ALA C 475 -33.19 -28.23 50.87
CA ALA C 475 -32.97 -29.65 50.63
C ALA C 475 -34.32 -30.30 50.36
N GLY C 476 -34.33 -31.63 50.35
CA GLY C 476 -35.55 -32.37 50.10
C GLY C 476 -35.90 -32.42 48.62
N SER C 477 -37.12 -32.88 48.36
CA SER C 477 -37.59 -33.00 46.98
C SER C 477 -37.65 -31.64 46.31
N THR C 478 -37.19 -31.59 45.07
CA THR C 478 -37.17 -30.38 44.26
C THR C 478 -37.68 -30.71 42.87
N PRO C 479 -38.14 -29.70 42.11
CA PRO C 479 -38.72 -29.98 40.79
C PRO C 479 -37.73 -30.70 39.88
N CYS C 480 -38.25 -31.62 39.09
CA CYS C 480 -37.46 -32.36 38.12
C CYS C 480 -38.40 -32.93 37.07
N ASN C 481 -37.82 -33.53 36.03
CA ASN C 481 -38.58 -34.10 34.92
C ASN C 481 -38.29 -35.58 34.80
N GLY C 482 -39.33 -36.37 34.58
CA GLY C 482 -39.17 -37.80 34.41
C GLY C 482 -40.52 -38.50 34.43
N VAL C 483 -40.46 -39.82 34.35
CA VAL C 483 -41.66 -40.66 34.34
C VAL C 483 -42.14 -40.86 35.77
N GLU C 484 -43.35 -41.38 35.92
CA GLU C 484 -43.94 -41.64 37.24
C GLU C 484 -43.35 -42.94 37.81
N GLY C 485 -42.07 -42.85 38.18
CA GLY C 485 -41.36 -43.98 38.75
C GLY C 485 -40.29 -43.57 39.72
N PHE C 486 -39.11 -44.17 39.61
CA PHE C 486 -37.98 -43.83 40.48
C PHE C 486 -37.43 -42.48 40.03
N ASN C 487 -37.86 -41.41 40.70
CA ASN C 487 -37.47 -40.06 40.33
C ASN C 487 -37.31 -39.22 41.59
N CYS C 488 -37.03 -37.93 41.40
CA CYS C 488 -36.80 -37.04 42.53
C CYS C 488 -38.05 -36.90 43.39
N TYR C 489 -39.21 -36.76 42.76
CA TYR C 489 -40.46 -36.51 43.47
C TYR C 489 -41.06 -37.78 44.08
N PHE C 490 -40.35 -38.90 44.05
CA PHE C 490 -40.80 -40.16 44.66
C PHE C 490 -39.66 -40.75 45.47
N PRO C 491 -39.32 -40.12 46.60
CA PRO C 491 -38.20 -40.64 47.41
C PRO C 491 -38.51 -41.95 48.13
N LEU C 492 -39.76 -42.43 48.06
CA LEU C 492 -40.13 -43.62 48.82
C LEU C 492 -39.31 -44.83 48.38
N GLN C 493 -39.13 -45.00 47.07
CA GLN C 493 -38.38 -46.13 46.53
CA GLN C 493 -38.38 -46.13 46.53
C GLN C 493 -37.34 -45.68 45.51
N SER C 494 -36.77 -44.48 45.70
CA SER C 494 -35.76 -43.99 44.79
C SER C 494 -34.43 -44.75 44.93
N TYR C 495 -34.30 -45.56 45.96
CA TYR C 495 -33.09 -46.34 46.23
C TYR C 495 -33.46 -47.82 46.29
N GLY C 496 -32.44 -48.67 46.37
CA GLY C 496 -32.67 -50.11 46.44
C GLY C 496 -32.96 -50.72 45.10
N PHE C 497 -31.98 -50.70 44.20
CA PHE C 497 -32.15 -51.25 42.86
C PHE C 497 -32.61 -52.70 42.94
N GLN C 498 -33.64 -53.03 42.17
CA GLN C 498 -34.19 -54.38 42.10
C GLN C 498 -33.92 -54.96 40.73
N PRO C 499 -33.11 -56.03 40.61
CA PRO C 499 -32.86 -56.60 39.28
C PRO C 499 -34.12 -57.10 38.60
N THR C 500 -35.15 -57.48 39.37
CA THR C 500 -36.36 -58.04 38.77
C THR C 500 -37.04 -57.04 37.84
N ASN C 501 -37.13 -55.78 38.25
CA ASN C 501 -37.80 -54.75 37.46
C ASN C 501 -36.91 -53.51 37.38
N GLY C 502 -36.95 -52.85 36.24
CA GLY C 502 -36.16 -51.65 36.02
C GLY C 502 -34.79 -51.94 35.47
N VAL C 503 -34.47 -51.35 34.33
CA VAL C 503 -33.20 -51.57 33.63
C VAL C 503 -32.53 -50.23 33.39
N GLY C 504 -31.24 -50.15 33.70
CA GLY C 504 -30.45 -48.96 33.45
C GLY C 504 -30.36 -47.97 34.59
N TYR C 505 -31.14 -48.17 35.65
CA TYR C 505 -31.13 -47.26 36.78
C TYR C 505 -30.29 -47.78 37.95
N GLN C 506 -29.37 -48.69 37.68
CA GLN C 506 -28.53 -49.24 38.75
C GLN C 506 -27.66 -48.13 39.33
N PRO C 507 -27.60 -48.00 40.66
CA PRO C 507 -26.78 -46.94 41.24
C PRO C 507 -25.29 -47.23 41.09
N TYR C 508 -24.55 -46.17 40.74
CA TYR C 508 -23.11 -46.26 40.56
C TYR C 508 -22.45 -45.11 41.29
N ARG C 509 -21.34 -45.39 41.99
CA ARG C 509 -20.53 -44.36 42.63
C ARG C 509 -19.53 -43.85 41.58
N VAL C 510 -19.73 -42.60 41.15
CA VAL C 510 -18.99 -42.05 40.01
C VAL C 510 -18.31 -40.76 40.43
N VAL C 511 -17.05 -40.62 40.03
CA VAL C 511 -16.30 -39.38 40.20
C VAL C 511 -16.28 -38.69 38.85
N VAL C 512 -16.86 -37.49 38.78
CA VAL C 512 -17.07 -36.78 37.53
C VAL C 512 -16.22 -35.52 37.55
N LEU C 513 -15.35 -35.37 36.56
CA LEU C 513 -14.62 -34.13 36.38
C LEU C 513 -15.56 -33.07 35.81
N SER C 514 -15.40 -31.82 36.25
CA SER C 514 -16.26 -30.73 35.85
C SER C 514 -15.41 -29.59 35.29
N PHE C 515 -15.74 -29.16 34.08
CA PHE C 515 -15.10 -28.02 33.44
C PHE C 515 -16.16 -26.96 33.12
N GLU C 516 -15.76 -25.70 33.21
CA GLU C 516 -16.67 -24.59 32.95
C GLU C 516 -15.94 -23.55 32.07
N LEU C 517 -16.74 -22.79 31.33
CA LEU C 517 -16.22 -21.76 30.43
C LEU C 517 -16.21 -20.38 31.08
N LEU C 518 -16.05 -20.33 32.41
CA LEU C 518 -16.00 -19.05 33.10
C LEU C 518 -14.72 -18.30 32.76
N HIS C 519 -14.73 -17.00 33.05
CA HIS C 519 -13.58 -16.15 32.76
C HIS C 519 -12.36 -16.48 33.59
N ALA C 520 -12.51 -17.30 34.64
CA ALA C 520 -11.38 -17.63 35.49
C ALA C 520 -10.32 -18.41 34.71
N PRO C 521 -9.06 -18.33 35.14
CA PRO C 521 -7.98 -19.01 34.38
C PRO C 521 -8.12 -20.53 34.46
N ALA C 522 -7.56 -21.18 33.45
CA ALA C 522 -7.55 -22.64 33.41
C ALA C 522 -6.57 -23.19 34.44
N THR C 523 -6.72 -24.49 34.73
CA THR C 523 -5.87 -25.13 35.73
C THR C 523 -5.40 -26.53 35.32
N VAL C 524 -5.72 -26.99 34.11
CA VAL C 524 -5.31 -28.31 33.64
C VAL C 524 -4.66 -28.17 32.27
N CYS C 525 -3.53 -28.84 32.08
CA CYS C 525 -2.85 -28.88 30.79
C CYS C 525 -2.08 -30.19 30.73
N GLY C 526 -2.52 -31.09 29.86
CA GLY C 526 -1.98 -32.43 29.80
C GLY C 526 -0.51 -32.46 29.44
N PRO C 527 0.25 -33.42 30.00
CA PRO C 527 1.67 -33.52 29.66
C PRO C 527 1.93 -33.84 28.20
N LYS C 528 0.95 -34.42 27.50
CA LYS C 528 1.06 -34.84 26.10
C LYS C 528 1.92 -36.09 25.94
N LYS C 529 2.53 -36.58 27.03
CA LYS C 529 3.44 -37.72 27.01
C LYS C 529 4.84 -37.30 26.55
N SER C 530 4.99 -36.02 26.21
CA SER C 530 6.31 -35.46 25.90
C SER C 530 6.97 -36.21 24.74
N THR C 531 8.21 -35.84 24.42
CA THR C 531 8.97 -36.48 23.36
C THR C 531 10.44 -36.43 23.71
N ASN C 532 11.23 -37.26 23.03
CA ASN C 532 12.67 -37.29 23.26
C ASN C 532 13.29 -35.96 22.84
N LEU C 533 14.33 -35.57 23.58
CA LEU C 533 15.01 -34.29 23.33
C LEU C 533 16.12 -34.51 22.31
N VAL C 534 15.77 -34.31 21.04
CA VAL C 534 16.76 -34.38 19.97
C VAL C 534 17.61 -33.12 20.00
N LYS C 535 18.86 -33.24 19.56
CA LYS C 535 19.81 -32.14 19.62
C LYS C 535 20.69 -32.16 18.37
N ASN C 536 21.26 -30.99 18.06
CA ASN C 536 22.19 -30.84 16.95
C ASN C 536 21.56 -31.26 15.62
N LYS C 537 20.28 -30.94 15.42
CA LYS C 537 19.61 -31.25 14.18
C LYS C 537 18.32 -30.44 14.09
N CYS C 538 17.94 -30.09 12.86
CA CYS C 538 16.72 -29.34 12.64
C CYS C 538 15.52 -30.14 13.14
N VAL C 539 14.64 -29.47 13.89
CA VAL C 539 13.48 -30.13 14.48
C VAL C 539 12.50 -29.05 14.93
N ASN C 540 11.21 -29.37 14.85
CA ASN C 540 10.16 -28.48 15.34
C ASN C 540 9.94 -28.74 16.82
N PHE C 541 10.00 -27.68 17.63
CA PHE C 541 9.91 -27.79 19.07
C PHE C 541 8.64 -27.10 19.58
N ASN C 542 8.18 -27.54 20.74
CA ASN C 542 7.00 -26.95 21.38
C ASN C 542 7.22 -27.03 22.88
N PHE C 543 7.72 -25.93 23.46
CA PHE C 543 8.03 -25.85 24.89
C PHE C 543 6.95 -25.02 25.57
N ASN C 544 6.04 -25.71 26.28
CA ASN C 544 4.98 -25.04 27.02
C ASN C 544 4.19 -24.08 26.13
N GLY C 545 3.89 -24.54 24.92
CA GLY C 545 3.16 -23.73 23.96
C GLY C 545 4.02 -22.86 23.07
N LEU C 546 5.32 -22.78 23.31
CA LEU C 546 6.23 -22.00 22.49
C LEU C 546 6.65 -22.86 21.31
N THR C 547 6.03 -22.62 20.16
CA THR C 547 6.28 -23.40 18.95
C THR C 547 7.18 -22.64 18.00
N GLY C 548 8.11 -23.35 17.38
CA GLY C 548 9.03 -22.75 16.43
C GLY C 548 9.80 -23.79 15.63
N THR C 549 11.02 -23.44 15.22
CA THR C 549 11.85 -24.36 14.44
C THR C 549 13.31 -23.90 14.48
N GLY C 550 14.21 -24.80 14.85
CA GLY C 550 15.61 -24.45 14.92
C GLY C 550 16.46 -25.67 15.19
N VAL C 551 17.74 -25.42 15.44
CA VAL C 551 18.72 -26.48 15.70
C VAL C 551 19.11 -26.35 17.17
N LEU C 552 18.56 -27.24 18.01
CA LEU C 552 18.90 -27.23 19.42
C LEU C 552 20.35 -27.64 19.62
N THR C 553 21.00 -27.00 20.59
CA THR C 553 22.41 -27.28 20.88
C THR C 553 22.70 -26.83 22.29
N GLU C 554 23.92 -27.10 22.75
CA GLU C 554 24.33 -26.71 24.09
C GLU C 554 24.31 -25.20 24.23
N SER C 555 23.90 -24.73 25.41
CA SER C 555 23.79 -23.31 25.71
C SER C 555 24.69 -22.96 26.88
N ASN C 556 25.50 -21.92 26.71
CA ASN C 556 26.37 -21.42 27.77
C ASN C 556 25.70 -20.33 28.60
N LYS C 557 24.48 -19.92 28.26
CA LYS C 557 23.79 -18.89 29.01
C LYS C 557 23.34 -19.43 30.36
N LYS C 558 23.18 -18.52 31.32
CA LYS C 558 22.72 -18.84 32.66
C LYS C 558 21.35 -18.22 32.86
N PHE C 559 20.37 -19.03 33.24
CA PHE C 559 19.00 -18.59 33.40
C PHE C 559 18.65 -18.53 34.88
N LEU C 560 17.77 -17.60 35.25
CA LEU C 560 17.30 -17.47 36.62
C LEU C 560 16.31 -18.60 36.93
N PRO C 561 16.08 -18.89 38.22
CA PRO C 561 15.20 -20.02 38.57
C PRO C 561 13.81 -19.89 37.98
N PHE C 562 13.28 -18.67 37.91
CA PHE C 562 11.93 -18.44 37.41
C PHE C 562 11.87 -18.23 35.90
N GLN C 563 12.94 -17.76 35.27
CA GLN C 563 12.91 -17.51 33.84
C GLN C 563 12.71 -18.81 33.07
N GLN C 564 11.85 -18.74 32.04
CA GLN C 564 11.56 -19.90 31.22
C GLN C 564 12.43 -19.95 29.97
N PHE C 565 12.38 -18.91 29.15
CA PHE C 565 13.16 -18.86 27.91
C PHE C 565 13.82 -17.50 27.74
N GLY C 566 14.54 -17.31 26.63
CA GLY C 566 15.21 -16.06 26.37
C GLY C 566 14.90 -15.54 24.98
N ARG C 567 15.18 -14.26 24.79
CA ARG C 567 14.95 -13.59 23.51
C ARG C 567 16.17 -12.75 23.16
N ASP C 568 16.37 -12.54 21.88
CA ASP C 568 17.52 -11.76 21.40
C ASP C 568 17.14 -10.27 21.38
N ILE C 569 18.01 -9.45 20.79
CA ILE C 569 17.76 -8.02 20.73
C ILE C 569 16.54 -7.73 19.86
N ALA C 570 16.38 -8.47 18.77
CA ALA C 570 15.30 -8.25 17.82
C ALA C 570 13.99 -8.92 18.24
N ASP C 571 13.85 -9.27 19.51
CA ASP C 571 12.63 -9.88 20.03
C ASP C 571 12.35 -11.22 19.34
N THR C 572 13.37 -12.09 19.35
CA THR C 572 13.28 -13.41 18.77
C THR C 572 13.87 -14.42 19.73
N THR C 573 13.22 -15.58 19.83
CA THR C 573 13.69 -16.62 20.74
C THR C 573 15.10 -17.06 20.37
N ASP C 574 15.96 -17.17 21.37
CA ASP C 574 17.35 -17.58 21.14
C ASP C 574 17.81 -18.65 22.13
N ALA C 575 17.10 -18.85 23.23
CA ALA C 575 17.46 -19.86 24.22
C ALA C 575 16.21 -20.24 25.00
N VAL C 576 16.07 -21.54 25.26
CA VAL C 576 14.91 -22.06 25.97
C VAL C 576 15.40 -23.05 27.02
N ARG C 577 14.83 -22.94 28.22
CA ARG C 577 15.13 -23.86 29.31
C ARG C 577 14.23 -25.08 29.20
N ASP C 578 14.82 -26.27 29.24
CA ASP C 578 14.04 -27.49 29.14
C ASP C 578 13.20 -27.66 30.40
N PRO C 579 11.87 -27.73 30.31
CA PRO C 579 11.08 -27.87 31.54
C PRO C 579 11.37 -29.12 32.33
N GLN C 580 11.70 -30.23 31.64
CA GLN C 580 11.88 -31.50 32.33
C GLN C 580 13.20 -31.55 33.10
N THR C 581 14.29 -31.05 32.50
CA THR C 581 15.61 -31.13 33.10
C THR C 581 16.20 -29.77 33.42
N LEU C 582 15.48 -28.68 33.14
CA LEU C 582 15.95 -27.33 33.41
C LEU C 582 17.21 -26.99 32.63
N GLU C 583 17.50 -27.72 31.56
CA GLU C 583 18.70 -27.49 30.77
C GLU C 583 18.48 -26.35 29.80
N ILE C 584 19.47 -25.48 29.68
CA ILE C 584 19.43 -24.36 28.76
C ILE C 584 19.85 -24.83 27.38
N LEU C 585 19.01 -24.57 26.37
CA LEU C 585 19.26 -25.00 25.00
C LEU C 585 19.12 -23.81 24.08
N ASP C 586 20.13 -23.59 23.23
CA ASP C 586 20.08 -22.51 22.27
C ASP C 586 19.18 -22.88 21.09
N ILE C 587 18.73 -21.86 20.37
CA ILE C 587 17.91 -22.02 19.18
C ILE C 587 18.63 -21.36 18.02
N THR C 588 18.80 -22.10 16.92
CA THR C 588 19.47 -21.60 15.73
C THR C 588 18.60 -21.97 14.53
N PRO C 589 18.30 -21.03 13.63
CA PRO C 589 17.45 -21.35 12.49
C PRO C 589 18.10 -22.36 11.56
N CYS C 590 17.27 -23.14 10.89
CA CYS C 590 17.78 -24.12 9.95
C CYS C 590 18.61 -23.45 8.87
N SER C 591 19.73 -24.08 8.51
CA SER C 591 20.63 -23.48 7.52
C SER C 591 19.89 -23.21 6.22
N PHE C 592 20.13 -22.01 5.68
CA PHE C 592 19.50 -21.58 4.44
C PHE C 592 20.46 -20.69 3.69
N GLY C 593 20.00 -20.16 2.56
CA GLY C 593 20.81 -19.26 1.76
C GLY C 593 20.48 -19.43 0.28
N GLY C 594 21.14 -18.60 -0.52
CA GLY C 594 20.97 -18.68 -1.96
C GLY C 594 21.79 -19.78 -2.60
N VAL C 595 21.48 -20.05 -3.85
CA VAL C 595 22.21 -21.06 -4.63
C VAL C 595 22.72 -20.40 -5.91
N SER C 596 23.95 -19.91 -5.87
CA SER C 596 24.57 -19.25 -7.02
C SER C 596 25.32 -20.27 -7.86
N VAL C 597 25.10 -20.22 -9.17
CA VAL C 597 25.71 -21.14 -10.12
C VAL C 597 26.84 -20.40 -10.82
N ILE C 598 28.03 -21.00 -10.80
CA ILE C 598 29.21 -20.41 -11.43
C ILE C 598 29.54 -21.23 -12.69
N THR C 599 29.57 -20.55 -13.83
CA THR C 599 29.84 -21.22 -15.10
C THR C 599 30.32 -20.18 -16.10
N PRO C 600 31.20 -20.54 -17.02
CA PRO C 600 31.58 -19.62 -18.09
C PRO C 600 30.50 -19.57 -19.17
N GLY C 601 30.79 -18.81 -20.22
CA GLY C 601 29.84 -18.70 -21.31
C GLY C 601 29.53 -20.05 -21.93
N THR C 602 28.22 -20.28 -22.15
CA THR C 602 27.80 -21.53 -22.78
C THR C 602 28.46 -21.73 -24.13
N ASN C 603 28.78 -20.64 -24.83
CA ASN C 603 29.50 -20.74 -26.09
C ASN C 603 30.88 -21.35 -25.91
N THR C 604 31.44 -21.31 -24.70
CA THR C 604 32.74 -21.88 -24.40
C THR C 604 32.66 -23.32 -23.93
N SER C 605 31.94 -23.57 -22.84
CA SER C 605 31.81 -24.92 -22.30
C SER C 605 30.55 -24.99 -21.46
N ASN C 606 30.10 -26.23 -21.20
CA ASN C 606 28.91 -26.48 -20.40
C ASN C 606 29.23 -26.76 -18.94
N GLN C 607 30.51 -26.72 -18.56
CA GLN C 607 30.88 -26.97 -17.17
C GLN C 607 30.31 -25.89 -16.26
N VAL C 608 29.77 -26.30 -15.12
CA VAL C 608 29.17 -25.38 -14.17
C VAL C 608 29.60 -25.73 -12.76
N ALA C 609 29.44 -24.78 -11.84
CA ALA C 609 29.71 -25.01 -10.42
C ALA C 609 28.59 -24.36 -9.62
N VAL C 610 28.36 -24.92 -8.43
CA VAL C 610 27.28 -24.48 -7.56
C VAL C 610 27.88 -23.96 -6.25
N LEU C 611 27.44 -22.77 -5.83
CA LEU C 611 27.92 -22.13 -4.61
C LEU C 611 26.74 -22.05 -3.64
N TYR C 612 26.87 -22.76 -2.52
CA TYR C 612 25.85 -22.73 -1.47
C TYR C 612 26.24 -21.68 -0.44
N GLN C 613 25.61 -20.52 -0.52
CA GLN C 613 26.02 -19.38 0.30
C GLN C 613 25.70 -19.63 1.77
N ASP C 614 26.66 -19.33 2.63
CA ASP C 614 26.48 -19.32 4.09
C ASP C 614 25.88 -20.64 4.58
N VAL C 615 26.64 -21.72 4.38
CA VAL C 615 26.25 -23.03 4.88
C VAL C 615 27.47 -23.93 4.85
N ASN C 616 27.59 -24.76 5.89
CA ASN C 616 28.67 -25.74 5.93
C ASN C 616 28.48 -26.78 4.84
N CYS C 617 29.60 -27.25 4.28
CA CYS C 617 29.53 -28.18 3.15
C CYS C 617 28.84 -29.48 3.54
N THR C 618 28.94 -29.90 4.81
CA THR C 618 28.35 -31.17 5.22
C THR C 618 26.83 -31.11 5.21
N GLU C 619 26.25 -29.92 5.27
CA GLU C 619 24.79 -29.78 5.29
C GLU C 619 24.18 -29.73 3.91
N VAL C 620 24.98 -29.64 2.84
CA VAL C 620 24.42 -29.53 1.49
C VAL C 620 23.59 -30.75 1.13
N PRO C 621 24.06 -32.00 1.33
CA PRO C 621 23.23 -33.15 0.91
C PRO C 621 21.89 -33.22 1.62
N VAL C 622 21.81 -32.80 2.89
CA VAL C 622 20.59 -32.93 3.65
C VAL C 622 19.64 -31.76 3.48
N ALA C 623 20.02 -30.75 2.69
CA ALA C 623 19.18 -29.57 2.49
C ALA C 623 18.19 -29.77 1.34
N ILE C 624 17.43 -30.87 1.43
CA ILE C 624 16.41 -31.24 0.44
C ILE C 624 16.96 -31.83 -0.86
N HIS C 625 18.28 -31.76 -1.03
CA HIS C 625 18.92 -32.23 -2.26
C HIS C 625 18.98 -33.76 -2.24
N ALA C 626 19.70 -34.33 -3.20
CA ALA C 626 19.81 -35.78 -3.36
C ALA C 626 18.47 -36.41 -3.74
N ASP C 627 17.56 -35.62 -4.29
CA ASP C 627 16.26 -36.12 -4.72
C ASP C 627 15.98 -35.80 -6.20
N GLN C 628 16.79 -34.94 -6.82
CA GLN C 628 16.64 -34.61 -8.22
C GLN C 628 17.29 -35.71 -9.06
N LEU C 629 17.45 -35.46 -10.36
CA LEU C 629 18.08 -36.44 -11.23
C LEU C 629 19.50 -36.74 -10.74
N THR C 630 19.82 -38.03 -10.65
CA THR C 630 21.09 -38.47 -10.07
C THR C 630 22.27 -38.09 -10.96
N PRO C 631 22.32 -38.55 -12.21
CA PRO C 631 23.52 -38.31 -13.03
C PRO C 631 23.80 -36.83 -13.31
N THR C 632 22.82 -35.94 -13.16
CA THR C 632 23.00 -34.54 -13.52
C THR C 632 23.09 -33.63 -12.30
N TRP C 633 22.11 -33.67 -11.40
CA TRP C 633 22.07 -32.77 -10.26
C TRP C 633 22.73 -33.32 -9.01
N ARG C 634 22.49 -34.60 -8.69
CA ARG C 634 23.06 -35.18 -7.48
C ARG C 634 24.58 -35.14 -7.47
N VAL C 635 25.21 -35.19 -8.65
CA VAL C 635 26.66 -35.13 -8.70
C VAL C 635 27.20 -33.80 -8.18
N TYR C 636 26.43 -32.73 -8.26
CA TYR C 636 26.86 -31.41 -7.79
C TYR C 636 26.60 -31.21 -6.30
N SER C 637 25.90 -32.14 -5.64
CA SER C 637 25.66 -32.05 -4.21
C SER C 637 26.74 -32.75 -3.39
N THR C 638 27.64 -33.49 -4.03
CA THR C 638 28.71 -34.19 -3.33
C THR C 638 29.83 -34.50 -4.31
N GLY C 639 30.99 -34.80 -3.77
CA GLY C 639 32.14 -35.12 -4.57
C GLY C 639 33.43 -34.74 -3.86
N SER C 640 34.51 -34.71 -4.64
CA SER C 640 35.81 -34.32 -4.12
C SER C 640 36.15 -32.86 -4.34
N ASN C 641 35.49 -32.20 -5.29
CA ASN C 641 35.75 -30.79 -5.58
C ASN C 641 34.84 -29.89 -4.75
N VAL C 642 34.89 -30.09 -3.44
CA VAL C 642 34.09 -29.35 -2.48
C VAL C 642 35.02 -28.42 -1.72
N PHE C 643 34.79 -27.12 -1.85
CA PHE C 643 35.60 -26.10 -1.19
C PHE C 643 34.69 -25.26 -0.30
N GLN C 644 35.07 -25.12 0.97
CA GLN C 644 34.28 -24.38 1.96
C GLN C 644 34.86 -22.98 2.07
N THR C 645 34.41 -22.09 1.19
CA THR C 645 34.83 -20.70 1.23
C THR C 645 34.02 -19.94 2.28
N ARG C 646 34.48 -18.74 2.62
CA ARG C 646 33.75 -17.91 3.58
C ARG C 646 32.36 -17.56 3.07
N ALA C 647 32.25 -17.21 1.79
CA ALA C 647 30.94 -16.88 1.23
C ALA C 647 29.99 -18.07 1.25
N GLY C 648 30.51 -19.28 1.25
CA GLY C 648 29.67 -20.47 1.28
C GLY C 648 30.45 -21.67 0.79
N CYS C 649 29.71 -22.75 0.54
CA CYS C 649 30.28 -24.00 0.07
C CYS C 649 30.25 -24.01 -1.46
N LEU C 650 31.42 -24.22 -2.08
CA LEU C 650 31.54 -24.26 -3.52
C LEU C 650 31.80 -25.71 -3.96
N ILE C 651 31.01 -26.16 -4.93
CA ILE C 651 31.12 -27.52 -5.46
C ILE C 651 31.29 -27.43 -6.97
N GLY C 652 32.19 -28.25 -7.51
CA GLY C 652 32.47 -28.23 -8.93
C GLY C 652 33.64 -27.39 -9.34
N ALA C 653 34.46 -26.94 -8.40
CA ALA C 653 35.62 -26.11 -8.69
C ALA C 653 36.84 -26.69 -8.00
N GLU C 654 38.01 -26.49 -8.62
CA GLU C 654 39.27 -26.99 -8.10
C GLU C 654 39.99 -25.86 -7.37
N HIS C 655 40.33 -26.08 -6.11
CA HIS C 655 41.04 -25.08 -5.32
C HIS C 655 42.53 -25.12 -5.67
N VAL C 656 43.03 -24.03 -6.24
CA VAL C 656 44.42 -23.92 -6.65
C VAL C 656 45.06 -22.74 -5.93
N ASN C 657 46.24 -22.96 -5.35
CA ASN C 657 46.92 -21.90 -4.63
C ASN C 657 47.41 -20.79 -5.55
N ASN C 658 47.60 -21.07 -6.84
CA ASN C 658 48.04 -20.04 -7.76
C ASN C 658 46.98 -18.95 -7.87
N SER C 659 47.43 -17.70 -7.97
CA SER C 659 46.54 -16.54 -8.00
C SER C 659 46.50 -15.98 -9.41
N TYR C 660 45.30 -15.76 -9.92
CA TYR C 660 45.08 -15.15 -11.22
C TYR C 660 44.16 -13.95 -11.07
N GLU C 661 44.01 -13.16 -12.14
CA GLU C 661 43.07 -12.06 -12.17
C GLU C 661 41.64 -12.60 -12.11
N CYS C 662 40.81 -11.93 -11.31
CA CYS C 662 39.45 -12.42 -11.11
C CYS C 662 38.65 -12.35 -12.41
N ASP C 663 37.85 -13.38 -12.65
CA ASP C 663 36.97 -13.43 -13.81
C ASP C 663 35.50 -13.61 -13.45
N ILE C 664 35.20 -14.47 -12.48
CA ILE C 664 33.85 -14.61 -11.95
C ILE C 664 33.90 -14.41 -10.44
N PRO C 665 33.58 -13.22 -9.93
CA PRO C 665 33.71 -12.99 -8.48
C PRO C 665 32.87 -13.97 -7.69
N ILE C 666 33.43 -14.44 -6.57
CA ILE C 666 32.74 -15.36 -5.68
C ILE C 666 32.51 -14.79 -4.29
N GLY C 667 33.24 -13.74 -3.91
CA GLY C 667 33.11 -13.16 -2.59
C GLY C 667 34.22 -13.59 -1.65
N ALA C 668 34.50 -12.74 -0.67
CA ALA C 668 35.55 -12.97 0.32
C ALA C 668 36.92 -13.14 -0.32
N GLY C 669 37.16 -12.47 -1.44
CA GLY C 669 38.43 -12.53 -2.13
C GLY C 669 38.61 -13.72 -3.04
N ILE C 670 37.62 -14.63 -3.09
CA ILE C 670 37.73 -15.80 -3.94
C ILE C 670 37.12 -15.51 -5.30
N CYS C 671 37.76 -16.05 -6.34
CA CYS C 671 37.27 -15.89 -7.70
C CYS C 671 37.48 -17.20 -8.45
N ALA C 672 36.70 -17.40 -9.51
CA ALA C 672 36.73 -18.62 -10.29
C ALA C 672 36.84 -18.27 -11.77
N SER C 673 37.49 -19.15 -12.52
CA SER C 673 37.66 -18.97 -13.96
C SER C 673 37.83 -20.33 -14.61
N TYR C 674 37.65 -20.36 -15.93
CA TYR C 674 37.75 -21.59 -16.71
C TYR C 674 39.22 -21.83 -17.01
N GLN C 675 39.89 -22.53 -16.11
CA GLN C 675 41.31 -22.82 -16.28
C GLN C 675 41.53 -23.79 -17.44
N THR C 676 42.70 -23.67 -18.07
CA THR C 676 43.06 -24.53 -19.18
C THR C 676 43.06 -26.00 -18.76
N SER C 689 41.89 -30.95 -20.69
CA SER C 689 41.54 -31.15 -19.29
C SER C 689 41.07 -29.84 -18.65
N GLN C 690 40.39 -29.01 -19.45
CA GLN C 690 39.90 -27.74 -18.95
C GLN C 690 38.82 -27.97 -17.89
N SER C 691 38.85 -27.13 -16.85
CA SER C 691 37.90 -27.24 -15.75
C SER C 691 37.69 -25.85 -15.16
N ILE C 692 37.07 -25.81 -13.98
CA ILE C 692 36.80 -24.56 -13.27
C ILE C 692 37.58 -24.59 -11.96
N ILE C 693 38.29 -23.51 -11.68
CA ILE C 693 39.14 -23.40 -10.50
C ILE C 693 38.53 -22.38 -9.54
N ALA C 694 38.94 -22.47 -8.27
CA ALA C 694 38.50 -21.55 -7.23
C ALA C 694 39.74 -21.10 -6.47
N TYR C 695 40.25 -19.92 -6.81
CA TYR C 695 41.48 -19.38 -6.27
C TYR C 695 41.22 -18.05 -5.58
N THR C 696 42.27 -17.49 -4.98
CA THR C 696 42.24 -16.15 -4.42
C THR C 696 42.72 -15.18 -5.50
N MET C 697 41.82 -14.28 -5.90
CA MET C 697 42.14 -13.37 -6.99
C MET C 697 43.38 -12.56 -6.68
N SER C 698 44.27 -12.48 -7.67
CA SER C 698 45.51 -11.71 -7.55
C SER C 698 45.18 -10.22 -7.54
N LEU C 699 45.80 -9.48 -6.63
CA LEU C 699 45.59 -8.04 -6.55
C LEU C 699 46.46 -7.31 -7.56
N GLY C 700 46.38 -7.71 -8.82
CA GLY C 700 47.21 -7.15 -9.86
C GLY C 700 48.62 -7.69 -9.82
N ALA C 701 49.48 -7.12 -10.67
CA ALA C 701 50.87 -7.53 -10.74
C ALA C 701 51.66 -6.94 -9.58
N GLU C 702 52.85 -7.47 -9.34
CA GLU C 702 53.73 -6.97 -8.29
C GLU C 702 54.96 -6.35 -8.95
N ASN C 703 55.24 -5.08 -8.62
CA ASN C 703 56.36 -4.35 -9.21
C ASN C 703 56.90 -3.39 -8.15
N SER C 704 57.99 -3.77 -7.51
CA SER C 704 58.65 -2.90 -6.56
C SER C 704 59.72 -2.07 -7.26
N VAL C 705 59.50 -0.76 -7.30
CA VAL C 705 60.39 0.17 -7.98
C VAL C 705 61.52 0.54 -7.03
N ALA C 706 62.75 0.41 -7.51
CA ALA C 706 63.92 0.78 -6.72
C ALA C 706 63.89 2.28 -6.45
N TYR C 707 64.08 2.66 -5.19
CA TYR C 707 64.02 4.06 -4.78
C TYR C 707 65.26 4.40 -3.98
N SER C 708 65.97 5.45 -4.40
CA SER C 708 67.11 5.97 -3.68
C SER C 708 67.12 7.48 -3.80
N ASN C 709 67.67 8.14 -2.77
CA ASN C 709 67.64 9.60 -2.74
C ASN C 709 68.51 10.20 -3.85
N ASN C 710 69.48 9.43 -4.35
CA ASN C 710 70.40 9.95 -5.37
C ASN C 710 69.99 9.56 -6.78
N SER C 711 68.85 8.88 -6.95
CA SER C 711 68.44 8.37 -8.26
C SER C 711 67.09 8.95 -8.65
N ILE C 712 66.96 9.31 -9.93
CA ILE C 712 65.70 9.79 -10.49
C ILE C 712 65.50 9.15 -11.86
N ALA C 713 64.26 8.78 -12.14
CA ALA C 713 63.88 8.19 -13.42
C ALA C 713 63.16 9.22 -14.27
N ILE C 714 63.63 9.40 -15.50
CA ILE C 714 63.07 10.38 -16.43
C ILE C 714 62.78 9.64 -17.73
N PRO C 715 61.62 9.86 -18.37
CA PRO C 715 61.30 9.13 -19.59
C PRO C 715 62.08 9.64 -20.80
N THR C 716 62.15 8.83 -21.86
CA THR C 716 62.86 9.21 -23.08
C THR C 716 62.04 9.05 -24.35
N ASN C 717 61.04 8.17 -24.39
CA ASN C 717 60.20 8.00 -25.58
C ASN C 717 58.76 7.85 -25.10
N PHE C 718 57.98 8.91 -25.27
CA PHE C 718 56.59 8.91 -24.83
C PHE C 718 55.71 8.09 -25.76
N THR C 719 54.52 7.72 -25.30
CA THR C 719 53.55 7.01 -26.12
C THR C 719 52.18 7.63 -25.91
N ILE C 720 51.34 7.49 -26.92
CA ILE C 720 49.99 8.05 -26.93
C ILE C 720 49.01 6.92 -27.14
N SER C 721 47.98 6.86 -26.30
CA SER C 721 46.95 5.83 -26.39
C SER C 721 45.58 6.51 -26.51
N VAL C 722 44.53 5.73 -26.74
CA VAL C 722 43.18 6.26 -26.85
C VAL C 722 42.31 5.60 -25.77
N THR C 723 41.75 6.41 -24.89
CA THR C 723 40.92 5.92 -23.79
C THR C 723 39.45 6.13 -24.14
N THR C 724 38.75 5.05 -24.46
CA THR C 724 37.33 5.15 -24.77
C THR C 724 36.51 5.20 -23.49
N GLU C 725 35.50 6.07 -23.50
CA GLU C 725 34.60 6.23 -22.36
C GLU C 725 33.17 6.18 -22.85
N ILE C 726 32.31 5.52 -22.06
CA ILE C 726 30.90 5.38 -22.37
C ILE C 726 30.09 5.84 -21.16
N LEU C 727 29.10 6.70 -21.41
CA LEU C 727 28.25 7.22 -20.34
C LEU C 727 26.83 7.39 -20.86
N PRO C 728 25.84 6.71 -20.28
CA PRO C 728 24.46 6.90 -20.73
C PRO C 728 23.99 8.32 -20.50
N VAL C 729 23.13 8.81 -21.40
CA VAL C 729 22.62 10.17 -21.35
C VAL C 729 21.17 10.24 -20.88
N SER C 730 20.29 9.41 -21.43
CA SER C 730 18.87 9.50 -21.11
C SER C 730 18.22 8.15 -21.37
N MET C 731 17.03 7.97 -20.83
CA MET C 731 16.23 6.77 -21.03
C MET C 731 15.16 7.02 -22.09
N THR C 732 14.47 5.94 -22.45
CA THR C 732 13.35 6.05 -23.39
C THR C 732 12.22 6.84 -22.74
N LYS C 733 11.57 7.70 -23.53
CA LYS C 733 10.51 8.55 -23.01
C LYS C 733 9.20 7.78 -22.93
N THR C 734 9.18 6.70 -22.16
CA THR C 734 7.97 5.90 -22.01
C THR C 734 7.00 6.59 -21.05
N SER C 735 5.71 6.46 -21.36
CA SER C 735 4.66 7.03 -20.54
C SER C 735 3.58 5.97 -20.30
N VAL C 736 3.01 6.01 -19.10
CA VAL C 736 1.97 5.06 -18.69
C VAL C 736 0.79 5.85 -18.15
N ASP C 737 -0.41 5.48 -18.57
CA ASP C 737 -1.63 6.16 -18.15
C ASP C 737 -2.46 5.22 -17.27
N CYS C 738 -2.88 5.72 -16.10
CA CYS C 738 -3.67 4.89 -15.19
C CYS C 738 -4.98 4.45 -15.83
N THR C 739 -5.66 5.38 -16.51
CA THR C 739 -7.05 5.14 -16.91
C THR C 739 -7.18 3.86 -17.71
N MET C 740 -6.31 3.68 -18.71
CA MET C 740 -6.40 2.49 -19.55
C MET C 740 -5.41 1.40 -19.16
N TYR C 741 -4.61 1.61 -18.11
CA TYR C 741 -3.71 0.58 -17.61
C TYR C 741 -4.35 -0.22 -16.46
N ILE C 742 -4.73 0.48 -15.39
CA ILE C 742 -5.36 -0.19 -14.26
C ILE C 742 -6.76 -0.67 -14.65
N CYS C 743 -7.48 0.15 -15.40
CA CYS C 743 -8.88 -0.11 -15.76
C CYS C 743 -9.00 -0.06 -17.28
N GLY C 744 -8.77 -1.20 -17.92
CA GLY C 744 -8.85 -1.27 -19.37
C GLY C 744 -10.28 -1.29 -19.85
N ASP C 745 -10.76 -0.17 -20.38
CA ASP C 745 -12.12 0.02 -20.90
C ASP C 745 -13.18 -0.38 -19.89
N SER C 746 -13.01 -0.08 -18.60
CA SER C 746 -13.98 -0.44 -17.58
C SER C 746 -14.42 0.83 -16.85
N THR C 747 -15.73 1.10 -16.88
CA THR C 747 -16.26 2.28 -16.20
C THR C 747 -16.31 2.11 -14.70
N GLU C 748 -16.74 0.93 -14.22
CA GLU C 748 -16.81 0.70 -12.78
C GLU C 748 -15.43 0.75 -12.15
N CYS C 749 -14.43 0.16 -12.81
CA CYS C 749 -13.06 0.21 -12.30
C CYS C 749 -12.55 1.64 -12.23
N SER C 750 -12.84 2.44 -13.27
CA SER C 750 -12.42 3.84 -13.25
C SER C 750 -13.10 4.61 -12.12
N ASN C 751 -14.39 4.35 -11.91
CA ASN C 751 -15.10 5.04 -10.84
C ASN C 751 -14.51 4.66 -9.48
N LEU C 752 -14.20 3.37 -9.27
CA LEU C 752 -13.58 2.97 -8.02
C LEU C 752 -12.20 3.59 -7.85
N LEU C 753 -11.42 3.66 -8.93
CA LEU C 753 -10.11 4.29 -8.87
C LEU C 753 -10.19 5.76 -8.52
N LEU C 754 -11.21 6.47 -9.02
CA LEU C 754 -11.35 7.88 -8.69
C LEU C 754 -11.44 8.13 -7.19
N GLN C 755 -11.88 7.14 -6.42
CA GLN C 755 -11.97 7.33 -4.97
C GLN C 755 -10.61 7.43 -4.32
N TYR C 756 -9.55 6.95 -4.98
CA TYR C 756 -8.22 6.89 -4.39
C TYR C 756 -7.54 8.26 -4.32
N GLY C 757 -7.94 9.22 -5.14
CA GLY C 757 -7.41 10.57 -5.00
C GLY C 757 -6.48 10.94 -6.15
N SER C 758 -5.35 11.57 -5.80
CA SER C 758 -4.45 12.17 -6.77
C SER C 758 -3.19 11.34 -7.00
N PHE C 759 -3.21 10.06 -6.63
CA PHE C 759 -2.04 9.21 -6.84
C PHE C 759 -1.64 9.18 -8.30
N CYS C 760 -2.62 8.96 -9.18
CA CYS C 760 -2.32 8.80 -10.60
C CYS C 760 -1.91 10.13 -11.23
N THR C 761 -2.46 11.24 -10.72
CA THR C 761 -1.98 12.53 -11.16
C THR C 761 -0.51 12.72 -10.78
N GLN C 762 -0.15 12.31 -9.57
CA GLN C 762 1.26 12.38 -9.16
C GLN C 762 2.13 11.54 -10.10
N LEU C 763 1.68 10.32 -10.41
CA LEU C 763 2.47 9.45 -11.28
C LEU C 763 2.61 10.05 -12.68
N ASN C 764 1.53 10.60 -13.23
CA ASN C 764 1.60 11.21 -14.54
C ASN C 764 2.56 12.40 -14.53
N ARG C 765 2.49 13.23 -13.48
CA ARG C 765 3.41 14.36 -13.38
C ARG C 765 4.85 13.90 -13.30
N ALA C 766 5.11 12.85 -12.50
CA ALA C 766 6.47 12.34 -12.37
C ALA C 766 6.98 11.80 -13.70
N LEU C 767 6.14 11.05 -14.42
CA LEU C 767 6.57 10.50 -15.71
C LEU C 767 6.84 11.62 -16.71
N THR C 768 5.98 12.63 -16.75
CA THR C 768 6.21 13.76 -17.64
C THR C 768 7.49 14.49 -17.27
N GLY C 769 7.74 14.66 -15.98
CA GLY C 769 8.97 15.30 -15.55
C GLY C 769 10.21 14.52 -15.97
N ILE C 770 10.15 13.19 -15.83
CA ILE C 770 11.26 12.35 -16.26
C ILE C 770 11.48 12.49 -17.77
N ALA C 771 10.39 12.45 -18.53
CA ALA C 771 10.50 12.57 -19.98
C ALA C 771 11.13 13.91 -20.37
N VAL C 772 10.68 15.00 -19.73
CA VAL C 772 11.26 16.31 -20.02
C VAL C 772 12.72 16.35 -19.62
N GLU C 773 13.06 15.79 -18.45
CA GLU C 773 14.43 15.73 -18.00
C GLU C 773 15.34 15.01 -18.99
N GLN C 774 14.81 14.00 -19.69
CA GLN C 774 15.59 13.38 -20.75
C GLN C 774 15.99 14.40 -21.82
N ASP C 775 15.04 15.24 -22.24
CA ASP C 775 15.34 16.25 -23.25
C ASP C 775 16.38 17.23 -22.75
N LYS C 776 16.26 17.67 -21.49
CA LYS C 776 17.22 18.59 -20.93
C LYS C 776 18.60 17.96 -20.86
N ASN C 777 18.68 16.69 -20.47
CA ASN C 777 19.97 16.01 -20.39
C ASN C 777 20.63 15.92 -21.76
N THR C 778 19.87 15.48 -22.77
CA THR C 778 20.46 15.35 -24.10
C THR C 778 20.87 16.71 -24.65
N GLN C 779 20.07 17.75 -24.39
CA GLN C 779 20.46 19.09 -24.83
C GLN C 779 21.73 19.56 -24.14
N GLU C 780 21.85 19.37 -22.83
CA GLU C 780 23.06 19.79 -22.14
C GLU C 780 24.28 19.05 -22.64
N VAL C 781 24.15 17.74 -22.87
CA VAL C 781 25.26 16.94 -23.36
C VAL C 781 25.67 17.41 -24.76
N PHE C 782 24.68 17.68 -25.62
CA PHE C 782 24.98 17.97 -27.01
C PHE C 782 24.90 19.46 -27.33
N ALA C 783 23.84 20.15 -26.91
CA ALA C 783 23.63 21.55 -27.24
C ALA C 783 24.56 22.40 -26.40
N GLN C 784 25.82 22.48 -26.85
CA GLN C 784 26.82 23.31 -26.18
C GLN C 784 27.51 24.23 -27.18
N VAL C 785 27.56 23.81 -28.45
CA VAL C 785 28.22 24.60 -29.48
C VAL C 785 27.32 25.75 -29.89
N LYS C 786 27.87 26.97 -29.91
CA LYS C 786 27.09 28.14 -30.26
C LYS C 786 26.69 28.12 -31.74
N GLN C 787 27.63 27.80 -32.62
CA GLN C 787 27.37 27.80 -34.06
C GLN C 787 27.93 26.52 -34.67
N ILE C 788 27.18 25.97 -35.62
CA ILE C 788 27.58 24.74 -36.30
C ILE C 788 28.80 25.04 -37.18
N TYR C 789 29.95 24.51 -36.81
CA TYR C 789 31.17 24.74 -37.58
C TYR C 789 31.23 23.79 -38.77
N LYS C 790 31.25 24.36 -39.97
CA LYS C 790 31.30 23.56 -41.18
C LYS C 790 32.64 22.85 -41.30
N THR C 791 32.59 21.58 -41.68
CA THR C 791 33.80 20.78 -41.80
C THR C 791 34.68 21.34 -42.92
N PRO C 792 36.00 21.44 -42.73
CA PRO C 792 36.85 22.04 -43.77
C PRO C 792 36.70 21.30 -45.08
N PRO C 793 36.71 22.01 -46.21
CA PRO C 793 36.49 21.34 -47.51
C PRO C 793 37.62 20.38 -47.87
N ILE C 794 38.85 20.86 -47.83
CA ILE C 794 40.02 20.07 -48.15
C ILE C 794 40.75 19.78 -46.85
N LYS C 795 40.96 18.49 -46.55
CA LYS C 795 41.63 18.07 -45.32
C LYS C 795 43.14 18.10 -45.57
N ASP C 796 43.78 19.17 -45.11
CA ASP C 796 45.23 19.31 -45.23
C ASP C 796 45.91 18.90 -43.94
N PHE C 797 45.32 17.92 -43.24
CA PHE C 797 45.84 17.46 -41.96
C PHE C 797 47.27 16.96 -42.10
N GLY C 798 48.12 17.28 -41.14
CA GLY C 798 49.50 16.85 -41.16
C GLY C 798 49.67 15.41 -40.72
N GLY C 799 49.21 14.46 -41.53
CA GLY C 799 49.32 13.05 -41.23
C GLY C 799 48.23 12.50 -40.34
N PHE C 800 47.25 13.30 -39.96
CA PHE C 800 46.17 12.87 -39.07
C PHE C 800 44.97 12.45 -39.92
N ASN C 801 44.56 11.19 -39.78
CA ASN C 801 43.46 10.64 -40.57
C ASN C 801 42.20 10.66 -39.72
N PHE C 802 41.57 11.83 -39.65
CA PHE C 802 40.34 11.99 -38.90
C PHE C 802 39.09 11.71 -39.74
N SER C 803 39.26 11.31 -41.00
CA SER C 803 38.14 11.09 -41.90
C SER C 803 37.12 10.14 -41.29
N GLN C 804 37.60 9.13 -40.56
CA GLN C 804 36.70 8.18 -39.92
C GLN C 804 35.81 8.83 -38.87
N ILE C 805 36.34 9.72 -38.04
CA ILE C 805 35.57 10.41 -37.02
C ILE C 805 34.61 11.42 -37.63
N LEU C 806 35.06 12.18 -38.62
CA LEU C 806 34.19 13.17 -39.24
C LEU C 806 33.10 12.49 -40.05
N PRO C 807 31.96 13.17 -40.24
CA PRO C 807 30.86 12.56 -41.00
C PRO C 807 31.27 12.22 -42.42
N ASP C 808 30.76 11.09 -42.91
CA ASP C 808 31.04 10.62 -44.25
C ASP C 808 29.81 10.79 -45.13
N PRO C 809 29.87 11.62 -46.18
CA PRO C 809 28.65 11.85 -46.99
C PRO C 809 28.29 10.67 -47.88
N SER C 810 29.21 9.72 -48.03
CA SER C 810 28.94 8.56 -48.89
C SER C 810 27.76 7.75 -48.37
N LYS C 811 27.66 7.57 -47.06
CA LYS C 811 26.54 6.83 -46.49
C LYS C 811 25.25 7.61 -46.70
N PRO C 812 24.10 6.92 -46.71
CA PRO C 812 22.83 7.65 -46.90
C PRO C 812 22.62 8.75 -45.87
N SER C 813 23.03 8.51 -44.62
CA SER C 813 22.97 9.53 -43.59
C SER C 813 24.34 10.19 -43.47
N LYS C 814 24.49 11.11 -42.52
CA LYS C 814 25.75 11.79 -42.26
C LYS C 814 26.50 11.17 -41.08
N ARG C 815 26.17 9.93 -40.74
CA ARG C 815 26.85 9.26 -39.63
C ARG C 815 28.32 9.03 -39.97
N SER C 816 29.17 9.16 -38.94
CA SER C 816 30.60 8.91 -39.11
C SER C 816 30.86 7.41 -39.19
N PHE C 817 32.10 7.07 -39.57
CA PHE C 817 32.48 5.67 -39.64
C PHE C 817 32.33 4.99 -38.27
N ILE C 818 32.85 5.63 -37.22
CA ILE C 818 32.72 5.07 -35.89
C ILE C 818 31.28 5.16 -35.40
N GLU C 819 30.60 6.28 -35.67
CA GLU C 819 29.22 6.44 -35.22
C GLU C 819 28.34 5.36 -35.83
N ASP C 820 28.54 5.05 -37.11
CA ASP C 820 27.75 4.00 -37.75
C ASP C 820 27.95 2.67 -37.06
N LEU C 821 29.20 2.32 -36.74
CA LEU C 821 29.46 1.05 -36.06
C LEU C 821 28.80 1.01 -34.69
N LEU C 822 28.93 2.10 -33.92
CA LEU C 822 28.31 2.14 -32.59
C LEU C 822 26.79 2.00 -32.70
N PHE C 823 26.17 2.71 -33.65
CA PHE C 823 24.72 2.61 -33.80
C PHE C 823 24.31 1.21 -34.24
N ASN C 824 25.08 0.58 -35.13
CA ASN C 824 24.76 -0.77 -35.57
C ASN C 824 24.88 -1.76 -34.42
N LYS C 825 25.87 -1.57 -33.55
CA LYS C 825 26.06 -2.51 -32.44
C LYS C 825 24.83 -2.57 -31.54
N VAL C 826 24.25 -1.42 -31.22
CA VAL C 826 23.07 -1.36 -30.36
C VAL C 826 21.79 -1.51 -31.17
N THR C 827 21.63 -0.70 -32.21
CA THR C 827 20.45 -0.76 -33.05
C THR C 827 20.61 -1.79 -34.15
N LEU C 849 15.63 -8.52 -30.42
CA LEU C 849 15.11 -7.18 -30.67
C LEU C 849 13.70 -7.03 -30.09
N ILE C 850 13.57 -6.23 -29.04
CA ILE C 850 12.28 -6.03 -28.41
C ILE C 850 11.39 -5.20 -29.31
N CYS C 851 10.16 -5.65 -29.50
CA CYS C 851 9.20 -4.95 -30.34
C CYS C 851 8.66 -3.71 -29.62
N ALA C 852 8.04 -2.83 -30.39
CA ALA C 852 7.49 -1.61 -29.84
C ALA C 852 6.33 -1.93 -28.90
N GLN C 853 6.16 -1.06 -27.90
CA GLN C 853 5.12 -1.20 -26.89
C GLN C 853 3.98 -0.24 -27.20
N LYS C 854 2.77 -0.79 -27.35
CA LYS C 854 1.60 0.03 -27.65
C LYS C 854 0.36 -0.33 -26.83
N PHE C 855 0.33 -1.46 -26.15
CA PHE C 855 -0.86 -1.89 -25.43
C PHE C 855 -0.69 -1.63 -23.93
N ASN C 856 -1.82 -1.65 -23.22
CA ASN C 856 -1.85 -1.35 -21.78
C ASN C 856 -1.40 0.08 -21.50
N GLY C 857 -1.68 0.98 -22.42
CA GLY C 857 -1.37 2.38 -22.23
C GLY C 857 0.10 2.72 -22.32
N LEU C 858 0.91 1.89 -22.98
CA LEU C 858 2.33 2.15 -23.10
C LEU C 858 2.62 2.91 -24.40
N THR C 859 3.01 4.18 -24.23
CA THR C 859 3.35 5.03 -25.36
C THR C 859 4.74 5.61 -25.13
N VAL C 860 5.53 5.65 -26.21
CA VAL C 860 6.89 6.15 -26.17
C VAL C 860 6.94 7.46 -26.94
N LEU C 861 7.27 8.54 -26.24
CA LEU C 861 7.42 9.82 -26.90
C LEU C 861 8.73 9.88 -27.67
N PRO C 862 8.77 10.60 -28.79
CA PRO C 862 10.01 10.70 -29.55
C PRO C 862 10.96 11.71 -28.92
N PRO C 863 12.26 11.47 -28.96
CA PRO C 863 13.20 12.44 -28.38
C PRO C 863 13.11 13.79 -29.07
N LEU C 864 13.26 14.85 -28.26
CA LEU C 864 13.22 16.20 -28.80
C LEU C 864 14.36 16.44 -29.77
N LEU C 865 15.55 15.94 -29.43
CA LEU C 865 16.75 16.10 -30.25
C LEU C 865 16.99 14.78 -30.97
N THR C 866 16.63 14.73 -32.25
CA THR C 866 16.71 13.49 -33.01
C THR C 866 18.16 13.07 -33.20
N ASP C 867 18.34 11.85 -33.74
CA ASP C 867 19.67 11.33 -33.96
C ASP C 867 20.45 12.15 -34.98
N GLU C 868 19.77 12.63 -36.03
CA GLU C 868 20.47 13.42 -37.04
C GLU C 868 21.05 14.70 -36.45
N MET C 869 20.28 15.39 -35.60
CA MET C 869 20.80 16.58 -34.96
C MET C 869 21.90 16.25 -33.96
N ILE C 870 21.81 15.08 -33.32
CA ILE C 870 22.88 14.65 -32.44
C ILE C 870 24.18 14.49 -33.22
N ALA C 871 24.10 13.86 -34.39
CA ALA C 871 25.27 13.70 -35.24
C ALA C 871 25.79 15.06 -35.72
N GLN C 872 24.87 15.97 -36.06
CA GLN C 872 25.30 17.30 -36.49
C GLN C 872 26.03 18.04 -35.37
N TYR C 873 25.52 17.94 -34.14
CA TYR C 873 26.19 18.57 -33.01
C TYR C 873 27.56 17.95 -32.77
N THR C 874 27.65 16.62 -32.89
CA THR C 874 28.94 15.95 -32.73
C THR C 874 29.93 16.42 -33.78
N SER C 875 29.47 16.54 -35.03
CA SER C 875 30.35 17.03 -36.10
C SER C 875 30.78 18.46 -35.85
N ALA C 876 29.87 19.31 -35.38
CA ALA C 876 30.25 20.68 -35.07
C ALA C 876 31.28 20.73 -33.95
N LEU C 877 31.09 19.92 -32.91
CA LEU C 877 32.07 19.87 -31.82
C LEU C 877 33.43 19.42 -32.33
N LEU C 878 33.45 18.38 -33.16
CA LEU C 878 34.72 17.89 -33.69
C LEU C 878 35.39 18.94 -34.57
N ALA C 879 34.63 19.63 -35.41
CA ALA C 879 35.20 20.67 -36.26
C ALA C 879 35.77 21.80 -35.41
N GLY C 880 35.04 22.22 -34.38
CA GLY C 880 35.55 23.25 -33.49
C GLY C 880 36.83 22.84 -32.79
N THR C 881 36.88 21.60 -32.29
CA THR C 881 38.09 21.10 -31.65
C THR C 881 39.26 21.06 -32.61
N ILE C 882 39.04 20.60 -33.85
CA ILE C 882 40.10 20.51 -34.85
C ILE C 882 40.59 21.85 -35.33
N THR C 883 39.71 22.84 -35.52
CA THR C 883 40.06 24.09 -36.18
C THR C 883 40.43 25.21 -35.23
N SER C 884 40.05 25.12 -33.95
CA SER C 884 40.24 26.24 -33.04
C SER C 884 40.78 25.84 -31.67
N GLY C 885 41.37 24.65 -31.53
CA GLY C 885 41.93 24.27 -30.24
C GLY C 885 40.87 24.28 -29.16
N TRP C 886 41.14 25.06 -28.10
CA TRP C 886 40.21 25.23 -26.99
C TRP C 886 39.65 26.64 -26.92
N THR C 887 39.85 27.45 -27.95
CA THR C 887 39.40 28.85 -27.94
C THR C 887 37.90 29.00 -28.09
N PHE C 888 37.27 28.18 -28.94
CA PHE C 888 35.85 28.30 -29.22
C PHE C 888 34.98 28.08 -27.98
N GLY C 889 35.50 27.37 -26.98
CA GLY C 889 34.74 27.10 -25.78
C GLY C 889 34.81 28.23 -24.78
N ALA C 890 35.51 29.31 -25.13
CA ALA C 890 35.63 30.46 -24.24
C ALA C 890 35.45 31.79 -24.96
N GLY C 891 34.83 31.80 -26.13
CA GLY C 891 34.65 33.03 -26.88
C GLY C 891 34.58 32.80 -28.37
N ALA C 892 35.02 33.77 -29.14
CA ALA C 892 35.01 33.65 -30.59
C ALA C 892 35.95 32.54 -31.05
N ALA C 893 35.54 31.81 -32.08
CA ALA C 893 36.33 30.72 -32.63
C ALA C 893 37.57 31.30 -33.28
N LEU C 894 38.73 31.05 -32.67
CA LEU C 894 40.00 31.59 -33.16
C LEU C 894 40.71 30.50 -33.96
N GLN C 895 41.01 30.79 -35.22
CA GLN C 895 41.68 29.83 -36.08
C GLN C 895 43.08 29.52 -35.54
N ILE C 896 43.44 28.25 -35.61
CA ILE C 896 44.77 27.78 -35.21
C ILE C 896 45.22 26.79 -36.28
N PRO C 897 46.50 26.78 -36.68
CA PRO C 897 46.90 25.89 -37.77
C PRO C 897 47.07 24.44 -37.33
N PHE C 898 46.65 23.51 -38.17
CA PHE C 898 46.62 22.09 -37.82
C PHE C 898 48.05 21.53 -37.79
N ALA C 899 48.97 22.24 -38.44
CA ALA C 899 50.37 21.83 -38.42
C ALA C 899 50.96 21.80 -37.01
N MET C 900 50.53 22.72 -36.14
CA MET C 900 51.00 22.78 -34.77
C MET C 900 49.83 23.01 -33.82
N GLN C 901 48.70 22.37 -34.10
CA GLN C 901 47.51 22.61 -33.30
C GLN C 901 47.70 22.20 -31.84
N MET C 902 48.33 21.04 -31.61
CA MET C 902 48.48 20.53 -30.26
C MET C 902 49.84 20.85 -29.64
N ALA C 903 50.64 21.70 -30.28
CA ALA C 903 51.86 22.18 -29.63
C ALA C 903 51.52 22.94 -28.36
N TYR C 904 50.50 23.79 -28.43
CA TYR C 904 50.01 24.55 -27.27
C TYR C 904 49.25 23.69 -26.29
N ARG C 905 48.98 22.42 -26.63
CA ARG C 905 48.45 21.44 -25.69
C ARG C 905 49.57 20.67 -25.01
N PHE C 906 50.61 20.32 -25.75
CA PHE C 906 51.79 19.65 -25.22
C PHE C 906 52.49 20.56 -24.23
N ASN C 907 52.56 21.87 -24.55
CA ASN C 907 53.22 22.80 -23.65
C ASN C 907 52.54 22.87 -22.29
N GLY C 908 51.27 22.49 -22.23
CA GLY C 908 50.50 22.62 -21.00
C GLY C 908 50.56 21.41 -20.09
N ILE C 909 51.37 20.41 -20.45
CA ILE C 909 51.50 19.20 -19.63
C ILE C 909 52.94 19.08 -19.16
N GLY C 910 53.64 20.20 -19.04
CA GLY C 910 55.00 20.21 -18.56
C GLY C 910 56.05 19.77 -19.55
N VAL C 911 55.68 19.58 -20.82
CA VAL C 911 56.61 19.15 -21.86
C VAL C 911 56.67 20.24 -22.91
N THR C 912 57.88 20.69 -23.24
CA THR C 912 58.08 21.77 -24.20
C THR C 912 57.66 21.32 -25.59
N GLN C 913 57.29 22.27 -26.45
CA GLN C 913 56.79 21.94 -27.78
C GLN C 913 57.90 21.42 -28.69
N ASN C 914 59.15 21.53 -28.26
CA ASN C 914 60.26 21.08 -29.10
C ASN C 914 60.15 19.60 -29.41
N VAL C 915 59.63 18.80 -28.48
CA VAL C 915 59.49 17.37 -28.73
C VAL C 915 58.54 17.13 -29.90
N LEU C 916 57.41 17.85 -29.91
CA LEU C 916 56.46 17.71 -31.00
C LEU C 916 57.06 18.21 -32.31
N TYR C 917 57.78 19.34 -32.27
CA TYR C 917 58.36 19.89 -33.49
C TYR C 917 59.39 18.92 -34.08
N GLU C 918 60.22 18.32 -33.23
CA GLU C 918 61.27 17.43 -33.72
C GLU C 918 60.70 16.22 -34.41
N ASN C 919 59.65 15.61 -33.84
CA ASN C 919 59.11 14.34 -34.32
C ASN C 919 57.65 14.44 -34.73
N GLN C 920 57.22 15.60 -35.24
CA GLN C 920 55.80 15.80 -35.54
C GLN C 920 55.25 14.66 -36.39
N LYS C 921 56.02 14.22 -37.38
CA LYS C 921 55.58 13.12 -38.24
C LYS C 921 55.39 11.84 -37.43
N LEU C 922 56.31 11.55 -36.51
CA LEU C 922 56.22 10.32 -35.73
C LEU C 922 54.98 10.32 -34.86
N ILE C 923 54.73 11.43 -34.14
CA ILE C 923 53.55 11.51 -33.29
C ILE C 923 52.28 11.44 -34.14
N ALA C 924 52.28 12.10 -35.29
CA ALA C 924 51.11 12.06 -36.16
C ALA C 924 50.82 10.63 -36.60
N ASN C 925 51.84 9.90 -37.05
CA ASN C 925 51.63 8.53 -37.49
C ASN C 925 51.19 7.63 -36.33
N GLN C 926 51.79 7.80 -35.17
CA GLN C 926 51.41 6.99 -34.01
C GLN C 926 49.96 7.25 -33.63
N PHE C 927 49.55 8.52 -33.63
CA PHE C 927 48.17 8.85 -33.31
C PHE C 927 47.21 8.29 -34.35
N ASN C 928 47.58 8.37 -35.63
CA ASN C 928 46.73 7.82 -36.67
C ASN C 928 46.55 6.31 -36.49
N SER C 929 47.65 5.61 -36.22
CA SER C 929 47.55 4.16 -35.99
C SER C 929 46.70 3.85 -34.77
N ALA C 930 46.90 4.58 -33.67
CA ALA C 930 46.14 4.29 -32.46
C ALA C 930 44.65 4.56 -32.66
N ILE C 931 44.31 5.64 -33.39
CA ILE C 931 42.91 5.99 -33.57
C ILE C 931 42.25 5.11 -34.62
N GLY C 932 43.05 4.49 -35.50
CA GLY C 932 42.50 3.52 -36.42
C GLY C 932 42.33 2.16 -35.77
N LYS C 933 43.15 1.87 -34.75
CA LYS C 933 43.06 0.57 -34.09
C LYS C 933 41.81 0.45 -33.24
N ILE C 934 41.30 1.57 -32.71
CA ILE C 934 40.15 1.50 -31.81
C ILE C 934 38.91 1.04 -32.57
N GLN C 935 38.77 1.43 -33.84
CA GLN C 935 37.63 0.99 -34.62
C GLN C 935 37.61 -0.53 -34.73
N ASP C 936 38.76 -1.13 -35.07
CA ASP C 936 38.85 -2.59 -35.15
C ASP C 936 38.63 -3.23 -33.80
N SER C 937 39.17 -2.63 -32.73
CA SER C 937 38.97 -3.18 -31.40
C SER C 937 37.48 -3.22 -31.03
N LEU C 938 36.77 -2.12 -31.32
CA LEU C 938 35.34 -2.09 -31.04
C LEU C 938 34.60 -3.11 -31.89
N SER C 939 34.96 -3.22 -33.17
CA SER C 939 34.29 -4.17 -34.05
C SER C 939 34.47 -5.60 -33.55
N SER C 940 35.69 -5.95 -33.13
CA SER C 940 35.92 -7.30 -32.63
C SER C 940 35.20 -7.52 -31.31
N THR C 941 35.29 -6.57 -30.39
CA THR C 941 34.65 -6.71 -29.09
C THR C 941 33.14 -6.53 -29.22
N ALA C 942 32.41 -7.18 -28.32
CA ALA C 942 30.96 -7.10 -28.28
C ALA C 942 30.41 -6.47 -27.01
N SER C 943 31.17 -6.45 -25.92
CA SER C 943 30.73 -5.89 -24.65
C SER C 943 31.31 -4.50 -24.39
N ALA C 944 31.91 -3.88 -25.41
CA ALA C 944 32.49 -2.55 -25.21
C ALA C 944 31.41 -1.52 -24.91
N LEU C 945 30.16 -1.81 -25.29
CA LEU C 945 29.04 -0.92 -25.05
C LEU C 945 28.21 -1.33 -23.83
N GLY C 946 28.88 -1.82 -22.78
CA GLY C 946 28.16 -2.40 -21.67
C GLY C 946 27.17 -1.45 -21.01
N LYS C 947 27.56 -0.20 -20.81
CA LYS C 947 26.72 0.73 -20.05
C LYS C 947 25.39 0.99 -20.75
N LEU C 948 25.44 1.40 -22.03
CA LEU C 948 24.22 1.77 -22.73
C LEU C 948 23.31 0.55 -22.92
N GLN C 949 23.89 -0.57 -23.33
CA GLN C 949 23.10 -1.78 -23.50
C GLN C 949 22.48 -2.24 -22.19
N ASP C 950 23.24 -2.17 -21.09
CA ASP C 950 22.71 -2.55 -19.79
C ASP C 950 21.55 -1.64 -19.37
N VAL C 951 21.69 -0.33 -19.59
CA VAL C 951 20.61 0.58 -19.23
C VAL C 951 19.37 0.28 -20.06
N VAL C 952 19.54 0.08 -21.37
CA VAL C 952 18.40 -0.20 -22.23
C VAL C 952 17.72 -1.50 -21.82
N ASN C 953 18.53 -2.53 -21.53
CA ASN C 953 17.97 -3.81 -21.13
C ASN C 953 17.23 -3.70 -19.80
N GLN C 954 17.78 -2.94 -18.85
CA GLN C 954 17.12 -2.77 -17.57
C GLN C 954 15.78 -2.05 -17.74
N ASN C 955 15.75 -1.00 -18.56
CA ASN C 955 14.50 -0.29 -18.79
C ASN C 955 13.47 -1.20 -19.47
N ALA C 956 13.91 -1.97 -20.47
CA ALA C 956 12.99 -2.87 -21.16
C ALA C 956 12.46 -3.94 -20.20
N GLN C 957 13.33 -4.48 -19.35
CA GLN C 957 12.89 -5.50 -18.39
C GLN C 957 11.90 -4.92 -17.39
N ALA C 958 12.15 -3.70 -16.91
CA ALA C 958 11.21 -3.07 -15.99
C ALA C 958 9.85 -2.85 -16.65
N LEU C 959 9.86 -2.34 -17.88
CA LEU C 959 8.60 -2.12 -18.59
C LEU C 959 7.85 -3.43 -18.82
N ASN C 960 8.58 -4.47 -19.21
CA ASN C 960 7.95 -5.76 -19.44
C ASN C 960 7.39 -6.35 -18.15
N THR C 961 8.11 -6.21 -17.05
CA THR C 961 7.60 -6.68 -15.76
C THR C 961 6.33 -5.93 -15.38
N LEU C 962 6.32 -4.61 -15.58
CA LEU C 962 5.12 -3.84 -15.29
C LEU C 962 3.95 -4.33 -16.14
N VAL C 963 4.22 -4.61 -17.42
CA VAL C 963 3.15 -5.06 -18.31
C VAL C 963 2.62 -6.42 -17.87
N LYS C 964 3.52 -7.36 -17.56
CA LYS C 964 3.08 -8.69 -17.17
C LYS C 964 2.39 -8.70 -15.81
N GLN C 965 2.69 -7.73 -14.94
CA GLN C 965 2.09 -7.73 -13.61
C GLN C 965 0.58 -7.62 -13.67
N LEU C 966 0.02 -7.17 -14.80
CA LEU C 966 -1.43 -7.11 -14.92
C LEU C 966 -2.06 -8.49 -14.85
N SER C 967 -1.34 -9.52 -15.32
CA SER C 967 -1.89 -10.87 -15.29
C SER C 967 -2.14 -11.35 -13.86
N SER C 968 -1.42 -10.79 -12.89
CA SER C 968 -1.61 -11.18 -11.50
C SER C 968 -2.98 -10.76 -11.00
N ASN C 969 -3.57 -11.60 -10.15
CA ASN C 969 -4.89 -11.32 -9.58
C ASN C 969 -4.84 -10.67 -8.21
N PHE C 970 -3.70 -10.73 -7.53
CA PHE C 970 -3.53 -10.11 -6.21
C PHE C 970 -4.62 -10.59 -5.25
N GLY C 971 -4.90 -11.89 -5.26
CA GLY C 971 -5.92 -12.47 -4.41
C GLY C 971 -7.32 -12.45 -5.00
N ALA C 972 -7.51 -11.79 -6.14
CA ALA C 972 -8.82 -11.75 -6.77
C ALA C 972 -9.12 -13.09 -7.42
N ILE C 973 -10.42 -13.38 -7.58
CA ILE C 973 -10.82 -14.63 -8.22
C ILE C 973 -10.28 -14.71 -9.64
N SER C 974 -10.18 -13.58 -10.32
CA SER C 974 -9.69 -13.54 -11.69
C SER C 974 -8.93 -12.24 -11.92
N SER C 975 -8.06 -12.27 -12.92
CA SER C 975 -7.23 -11.12 -13.27
C SER C 975 -7.77 -10.34 -14.46
N VAL C 976 -8.99 -10.66 -14.91
CA VAL C 976 -9.61 -10.00 -16.04
C VAL C 976 -10.80 -9.21 -15.54
N LEU C 977 -10.86 -7.92 -15.92
CA LEU C 977 -11.94 -7.06 -15.44
C LEU C 977 -13.30 -7.56 -15.92
N ASN C 978 -13.39 -7.99 -17.18
CA ASN C 978 -14.65 -8.47 -17.72
C ASN C 978 -15.11 -9.72 -16.97
N ASP C 979 -14.19 -10.63 -16.66
CA ASP C 979 -14.56 -11.84 -15.92
C ASP C 979 -15.11 -11.48 -14.55
N ILE C 980 -14.48 -10.53 -13.86
CA ILE C 980 -15.00 -10.11 -12.55
C ILE C 980 -16.39 -9.50 -12.71
N LEU C 981 -16.56 -8.62 -13.69
CA LEU C 981 -17.86 -7.96 -13.87
C LEU C 981 -18.92 -8.96 -14.31
N SER C 982 -18.57 -9.88 -15.22
CA SER C 982 -19.55 -10.78 -15.80
C SER C 982 -19.85 -11.99 -14.93
N ARG C 983 -19.05 -12.24 -13.88
CA ARG C 983 -19.24 -13.43 -13.06
C ARG C 983 -19.89 -13.15 -11.71
N LEU C 984 -19.62 -12.00 -11.10
CA LEU C 984 -20.08 -11.69 -9.76
C LEU C 984 -21.00 -10.47 -9.79
N ASP C 985 -21.86 -10.39 -8.77
CA ASP C 985 -22.80 -9.29 -8.63
C ASP C 985 -22.07 -8.02 -8.20
N PRO C 986 -22.72 -6.87 -8.35
CA PRO C 986 -22.07 -5.59 -7.99
C PRO C 986 -21.50 -5.61 -6.58
N PRO C 987 -22.24 -6.10 -5.58
CA PRO C 987 -21.70 -6.05 -4.21
C PRO C 987 -20.34 -6.72 -4.05
N GLU C 988 -20.10 -7.85 -4.72
CA GLU C 988 -18.82 -8.54 -4.65
C GLU C 988 -17.90 -8.15 -5.80
N ALA C 989 -18.46 -7.83 -6.97
CA ALA C 989 -17.64 -7.36 -8.07
C ALA C 989 -16.90 -6.09 -7.71
N GLU C 990 -17.54 -5.20 -6.95
CA GLU C 990 -16.87 -3.98 -6.51
C GLU C 990 -15.67 -4.30 -5.63
N VAL C 991 -15.82 -5.25 -4.70
CA VAL C 991 -14.71 -5.60 -3.82
C VAL C 991 -13.58 -6.22 -4.63
N GLN C 992 -13.90 -7.12 -5.56
CA GLN C 992 -12.86 -7.74 -6.39
C GLN C 992 -12.14 -6.69 -7.23
N ILE C 993 -12.90 -5.76 -7.82
CA ILE C 993 -12.29 -4.72 -8.63
C ILE C 993 -11.42 -3.82 -7.77
N ASP C 994 -11.84 -3.54 -6.53
CA ASP C 994 -11.02 -2.74 -5.63
C ASP C 994 -9.72 -3.45 -5.30
N ARG C 995 -9.78 -4.77 -5.07
CA ARG C 995 -8.55 -5.53 -4.82
C ARG C 995 -7.61 -5.45 -6.01
N LEU C 996 -8.15 -5.66 -7.21
CA LEU C 996 -7.32 -5.57 -8.41
C LEU C 996 -6.74 -4.17 -8.57
N ILE C 997 -7.53 -3.14 -8.30
CA ILE C 997 -7.06 -1.77 -8.41
C ILE C 997 -5.93 -1.52 -7.44
N THR C 998 -6.07 -2.00 -6.20
CA THR C 998 -5.03 -1.80 -5.20
C THR C 998 -3.74 -2.49 -5.64
N GLY C 999 -3.84 -3.73 -6.13
CA GLY C 999 -2.65 -4.44 -6.56
C GLY C 999 -1.96 -3.74 -7.71
N ARG C 1000 -2.73 -3.35 -8.73
CA ARG C 1000 -2.13 -2.68 -9.89
C ARG C 1000 -1.57 -1.32 -9.51
N LEU C 1001 -2.23 -0.59 -8.61
CA LEU C 1001 -1.71 0.70 -8.17
C LEU C 1001 -0.41 0.53 -7.40
N GLN C 1002 -0.31 -0.50 -6.55
CA GLN C 1002 0.95 -0.76 -5.86
C GLN C 1002 2.05 -1.08 -6.86
N SER C 1003 1.73 -1.90 -7.87
CA SER C 1003 2.71 -2.23 -8.90
C SER C 1003 3.18 -0.96 -9.61
N LEU C 1004 2.24 -0.07 -9.94
CA LEU C 1004 2.59 1.16 -10.65
C LEU C 1004 3.42 2.08 -9.75
N GLN C 1005 3.10 2.14 -8.45
CA GLN C 1005 3.93 2.91 -7.53
C GLN C 1005 5.35 2.40 -7.51
N THR C 1006 5.53 1.08 -7.43
CA THR C 1006 6.88 0.51 -7.42
C THR C 1006 7.60 0.83 -8.72
N TYR C 1007 6.92 0.70 -9.85
CA TYR C 1007 7.54 0.99 -11.14
C TYR C 1007 7.94 2.46 -11.23
N VAL C 1008 7.08 3.36 -10.74
CA VAL C 1008 7.39 4.78 -10.81
C VAL C 1008 8.58 5.10 -9.91
N THR C 1009 8.65 4.49 -8.72
CA THR C 1009 9.79 4.73 -7.84
C THR C 1009 11.09 4.27 -8.48
N GLN C 1010 11.07 3.07 -9.07
CA GLN C 1010 12.27 2.57 -9.73
C GLN C 1010 12.65 3.45 -10.92
N GLN C 1011 11.66 3.91 -11.69
CA GLN C 1011 11.94 4.80 -12.81
C GLN C 1011 12.54 6.11 -12.33
N LEU C 1012 12.05 6.66 -11.22
CA LEU C 1012 12.63 7.89 -10.68
C LEU C 1012 14.07 7.66 -10.22
N ILE C 1013 14.34 6.52 -9.58
CA ILE C 1013 15.70 6.24 -9.15
C ILE C 1013 16.63 6.14 -10.36
N ARG C 1014 16.20 5.43 -11.41
CA ARG C 1014 17.01 5.33 -12.60
C ARG C 1014 17.13 6.69 -13.31
N ALA C 1015 16.10 7.52 -13.21
CA ALA C 1015 16.19 8.88 -13.75
C ALA C 1015 17.26 9.68 -13.04
N ALA C 1016 17.34 9.56 -11.72
CA ALA C 1016 18.41 10.24 -10.99
C ALA C 1016 19.78 9.70 -11.39
N GLU C 1017 19.88 8.39 -11.55
CA GLU C 1017 21.15 7.80 -11.97
C GLU C 1017 21.59 8.33 -13.33
N ILE C 1018 20.68 8.36 -14.29
CA ILE C 1018 21.03 8.87 -15.61
C ILE C 1018 21.27 10.37 -15.58
N ARG C 1019 20.62 11.11 -14.67
CA ARG C 1019 20.94 12.52 -14.50
C ARG C 1019 22.38 12.69 -14.03
N ALA C 1020 22.81 11.88 -13.07
CA ALA C 1020 24.21 11.93 -12.65
C ALA C 1020 25.14 11.59 -13.81
N SER C 1021 24.80 10.57 -14.59
CA SER C 1021 25.63 10.20 -15.73
C SER C 1021 25.70 11.33 -16.76
N ALA C 1022 24.56 11.98 -17.02
CA ALA C 1022 24.53 13.08 -17.98
C ALA C 1022 25.31 14.28 -17.47
N ASN C 1023 25.26 14.54 -16.16
CA ASN C 1023 26.08 15.60 -15.60
C ASN C 1023 27.56 15.29 -15.77
N LEU C 1024 27.96 14.05 -15.54
CA LEU C 1024 29.34 13.66 -15.76
C LEU C 1024 29.74 13.84 -17.22
N ALA C 1025 28.86 13.43 -18.14
CA ALA C 1025 29.16 13.57 -19.56
C ALA C 1025 29.27 15.04 -19.96
N ALA C 1026 28.38 15.89 -19.42
CA ALA C 1026 28.43 17.31 -19.72
C ALA C 1026 29.72 17.93 -19.19
N THR C 1027 30.14 17.54 -17.99
CA THR C 1027 31.40 18.03 -17.45
C THR C 1027 32.57 17.58 -18.33
N LYS C 1028 32.55 16.32 -18.77
CA LYS C 1028 33.61 15.84 -19.65
C LYS C 1028 33.66 16.63 -20.95
N MET C 1029 32.50 16.90 -21.55
CA MET C 1029 32.47 17.71 -22.76
C MET C 1029 32.99 19.12 -22.49
N SER C 1030 32.57 19.74 -21.39
CA SER C 1030 33.01 21.08 -21.06
C SER C 1030 34.51 21.16 -20.79
N GLU C 1031 35.12 20.05 -20.35
CA GLU C 1031 36.55 20.04 -20.05
C GLU C 1031 37.32 19.18 -21.06
N CYS C 1032 36.94 17.91 -21.24
CA CYS C 1032 37.68 17.04 -22.15
C CYS C 1032 37.60 17.50 -23.60
N VAL C 1033 36.42 17.92 -24.05
CA VAL C 1033 36.20 18.27 -25.46
C VAL C 1033 36.31 19.77 -25.67
N LEU C 1034 35.62 20.57 -24.86
CA LEU C 1034 35.65 22.01 -24.99
C LEU C 1034 37.01 22.62 -24.65
N GLY C 1035 37.92 21.85 -24.07
CA GLY C 1035 39.23 22.33 -23.74
C GLY C 1035 40.15 21.21 -23.31
N GLN C 1036 41.21 21.59 -22.61
CA GLN C 1036 42.17 20.64 -22.07
C GLN C 1036 41.98 20.54 -20.56
N SER C 1037 41.91 19.31 -20.06
CA SER C 1037 41.67 19.05 -18.65
C SER C 1037 42.97 18.62 -17.97
N LYS C 1038 43.30 19.28 -16.86
CA LYS C 1038 44.44 18.89 -16.05
C LYS C 1038 44.06 17.85 -14.99
N ARG C 1039 42.79 17.48 -14.91
CA ARG C 1039 42.36 16.46 -13.96
C ARG C 1039 43.01 15.12 -14.31
N VAL C 1040 43.29 14.33 -13.27
CA VAL C 1040 43.98 13.06 -13.40
C VAL C 1040 42.95 11.96 -13.61
N ASP C 1041 43.11 11.18 -14.67
CA ASP C 1041 42.27 10.02 -14.93
C ASP C 1041 40.78 10.41 -14.97
N PHE C 1042 40.51 11.63 -15.42
CA PHE C 1042 39.14 12.10 -15.64
C PHE C 1042 38.80 12.18 -17.12
N CYS C 1043 39.61 12.89 -17.89
CA CYS C 1043 39.45 12.97 -19.34
C CYS C 1043 40.32 11.97 -20.08
N GLY C 1044 40.98 11.07 -19.35
CA GLY C 1044 41.85 10.08 -19.96
C GLY C 1044 42.89 9.61 -18.97
N LYS C 1045 43.28 8.35 -19.14
CA LYS C 1045 44.28 7.74 -18.26
C LYS C 1045 45.61 8.43 -18.49
N GLY C 1046 46.05 9.21 -17.50
CA GLY C 1046 47.29 9.94 -17.57
C GLY C 1046 47.10 11.35 -18.11
N TYR C 1047 48.22 11.95 -18.50
CA TYR C 1047 48.22 13.30 -19.03
C TYR C 1047 47.27 13.40 -20.22
N HIS C 1048 46.20 14.19 -20.07
CA HIS C 1048 45.19 14.33 -21.10
C HIS C 1048 45.65 15.33 -22.16
N LEU C 1049 45.30 15.03 -23.42
CA LEU C 1049 45.62 15.90 -24.54
C LEU C 1049 44.37 16.51 -25.17
N MET C 1050 43.43 15.68 -25.58
CA MET C 1050 42.20 16.14 -26.22
C MET C 1050 41.21 14.98 -26.22
N SER C 1051 39.99 15.23 -26.69
CA SER C 1051 38.96 14.20 -26.76
C SER C 1051 38.09 14.49 -27.98
N PHE C 1052 37.43 13.45 -28.47
CA PHE C 1052 36.59 13.54 -29.67
C PHE C 1052 35.27 12.85 -29.37
N PRO C 1053 34.20 13.60 -29.10
CA PRO C 1053 32.92 12.97 -28.78
C PRO C 1053 32.35 12.24 -29.99
N GLN C 1054 31.60 11.17 -29.72
CA GLN C 1054 30.92 10.40 -30.74
C GLN C 1054 29.50 10.11 -30.29
N SER C 1055 28.57 10.17 -31.24
CA SER C 1055 27.17 9.96 -30.94
C SER C 1055 26.87 8.48 -30.73
N ALA C 1056 26.09 8.19 -29.70
CA ALA C 1056 25.68 6.82 -29.39
C ALA C 1056 24.22 6.83 -28.95
N PRO C 1057 23.50 5.72 -29.07
CA PRO C 1057 22.08 5.72 -28.67
C PRO C 1057 21.94 5.81 -27.16
N HIS C 1058 21.40 6.94 -26.70
CA HIS C 1058 21.25 7.19 -25.27
C HIS C 1058 22.60 7.08 -24.55
N GLY C 1059 23.63 7.60 -25.20
CA GLY C 1059 24.96 7.54 -24.63
C GLY C 1059 25.93 8.38 -25.42
N VAL C 1060 27.13 8.53 -24.88
CA VAL C 1060 28.22 9.28 -25.50
C VAL C 1060 29.46 8.41 -25.50
N VAL C 1061 30.13 8.32 -26.65
CA VAL C 1061 31.39 7.61 -26.78
C VAL C 1061 32.47 8.66 -26.99
N PHE C 1062 33.42 8.72 -26.06
CA PHE C 1062 34.49 9.71 -26.08
C PHE C 1062 35.80 9.05 -26.47
N LEU C 1063 36.44 9.58 -27.51
CA LEU C 1063 37.74 9.09 -27.95
C LEU C 1063 38.86 9.94 -27.35
N HIS C 1064 39.05 9.78 -26.05
CA HIS C 1064 40.04 10.57 -25.32
C HIS C 1064 41.44 10.27 -25.84
N VAL C 1065 42.28 11.30 -25.84
CA VAL C 1065 43.67 11.19 -26.25
C VAL C 1065 44.54 11.47 -25.03
N THR C 1066 45.41 10.53 -24.68
CA THR C 1066 46.25 10.61 -23.51
C THR C 1066 47.71 10.80 -23.92
N TYR C 1067 48.59 10.89 -22.93
CA TYR C 1067 50.02 11.04 -23.18
C TYR C 1067 50.78 10.36 -22.06
N VAL C 1068 51.19 9.11 -22.29
CA VAL C 1068 51.83 8.30 -21.27
C VAL C 1068 53.32 8.19 -21.57
N PRO C 1069 54.20 8.67 -20.70
CA PRO C 1069 55.64 8.47 -20.94
C PRO C 1069 56.02 7.00 -20.90
N ALA C 1070 57.06 6.66 -21.66
CA ALA C 1070 57.54 5.29 -21.73
C ALA C 1070 59.06 5.32 -21.92
N GLN C 1071 59.65 4.13 -22.06
CA GLN C 1071 61.09 3.98 -22.21
C GLN C 1071 61.83 4.64 -21.05
N GLU C 1072 61.59 4.09 -19.86
CA GLU C 1072 62.14 4.66 -18.64
C GLU C 1072 63.67 4.54 -18.63
N LYS C 1073 64.30 5.47 -17.92
CA LYS C 1073 65.74 5.48 -17.73
C LYS C 1073 66.06 6.39 -16.55
N ASN C 1074 66.91 5.91 -15.64
CA ASN C 1074 67.19 6.61 -14.41
C ASN C 1074 68.68 6.93 -14.31
N PHE C 1075 68.97 8.14 -13.83
CA PHE C 1075 70.34 8.60 -13.65
C PHE C 1075 70.54 9.14 -12.25
N THR C 1076 71.76 9.61 -11.95
CA THR C 1076 72.06 10.25 -10.68
C THR C 1076 71.58 11.70 -10.70
N THR C 1077 71.31 12.23 -9.50
CA THR C 1077 70.76 13.57 -9.38
C THR C 1077 71.33 14.25 -8.15
N ALA C 1078 71.00 15.52 -8.00
CA ALA C 1078 71.37 16.33 -6.85
C ALA C 1078 70.39 17.49 -6.72
N PRO C 1079 70.07 17.90 -5.49
CA PRO C 1079 69.08 18.98 -5.33
C PRO C 1079 69.57 20.32 -5.86
N ALA C 1080 70.80 20.69 -5.52
CA ALA C 1080 71.38 21.96 -5.92
C ALA C 1080 72.79 21.74 -6.43
N ILE C 1081 73.37 22.81 -6.98
CA ILE C 1081 74.73 22.79 -7.53
C ILE C 1081 75.50 23.97 -6.96
N CYS C 1082 76.74 23.69 -6.55
CA CYS C 1082 77.63 24.70 -5.99
C CYS C 1082 78.73 25.00 -7.01
N HIS C 1083 78.91 26.28 -7.32
CA HIS C 1083 79.91 26.73 -8.28
C HIS C 1083 81.00 27.55 -7.64
N ASP C 1084 80.65 28.63 -6.95
CA ASP C 1084 81.61 29.51 -6.29
C ASP C 1084 81.08 29.90 -4.92
N GLY C 1085 80.56 28.92 -4.18
CA GLY C 1085 80.02 29.15 -2.87
C GLY C 1085 78.57 29.56 -2.82
N LYS C 1086 77.88 29.56 -3.96
CA LYS C 1086 76.46 29.89 -4.02
C LYS C 1086 75.69 28.72 -4.64
N ALA C 1087 74.52 28.44 -4.07
CA ALA C 1087 73.73 27.28 -4.46
C ALA C 1087 72.92 27.59 -5.71
N HIS C 1088 73.02 26.70 -6.70
CA HIS C 1088 72.28 26.80 -7.96
C HIS C 1088 71.13 25.80 -7.94
N PHE C 1089 70.03 26.16 -8.58
CA PHE C 1089 68.84 25.33 -8.69
C PHE C 1089 68.39 25.26 -10.14
N PRO C 1090 67.75 24.17 -10.55
CA PRO C 1090 67.46 23.96 -11.97
C PRO C 1090 66.28 24.75 -12.50
N ARG C 1091 65.64 25.59 -11.69
CA ARG C 1091 64.50 26.39 -12.13
C ARG C 1091 63.38 25.49 -12.62
N GLU C 1092 63.30 25.26 -13.93
CA GLU C 1092 62.19 24.51 -14.54
C GLU C 1092 62.58 23.08 -14.89
N GLY C 1093 63.73 22.61 -14.40
CA GLY C 1093 64.17 21.28 -14.71
C GLY C 1093 64.72 20.57 -13.49
N VAL C 1094 65.57 19.57 -13.74
CA VAL C 1094 66.20 18.79 -12.70
C VAL C 1094 67.67 18.59 -13.04
N PHE C 1095 68.48 18.35 -12.01
CA PHE C 1095 69.90 18.10 -12.21
C PHE C 1095 70.13 16.60 -12.40
N VAL C 1096 70.63 16.23 -13.57
CA VAL C 1096 70.90 14.82 -13.88
C VAL C 1096 72.29 14.72 -14.51
N SER C 1097 72.74 13.49 -14.76
CA SER C 1097 74.04 13.27 -15.37
C SER C 1097 74.20 11.82 -15.80
N ASN C 1098 74.86 11.60 -16.94
CA ASN C 1098 75.12 10.26 -17.45
C ASN C 1098 76.44 9.69 -16.96
N GLY C 1099 77.00 10.26 -15.90
CA GLY C 1099 78.26 9.79 -15.36
C GLY C 1099 79.45 10.55 -15.90
N THR C 1100 79.26 11.26 -17.02
CA THR C 1100 80.36 12.03 -17.60
C THR C 1100 80.02 13.52 -17.65
N HIS C 1101 78.81 13.85 -18.09
CA HIS C 1101 78.37 15.24 -18.24
C HIS C 1101 77.09 15.45 -17.45
N TRP C 1102 77.01 16.56 -16.74
CA TRP C 1102 75.78 16.95 -16.06
C TRP C 1102 74.90 17.77 -17.00
N PHE C 1103 73.59 17.71 -16.76
CA PHE C 1103 72.64 18.39 -17.63
C PHE C 1103 71.45 18.85 -16.82
N VAL C 1104 70.74 19.82 -17.36
CA VAL C 1104 69.49 20.33 -16.79
C VAL C 1104 68.40 20.04 -17.81
N THR C 1105 67.39 19.28 -17.39
CA THR C 1105 66.31 18.87 -18.27
C THR C 1105 64.98 18.87 -17.51
N GLN C 1106 63.89 19.00 -18.25
CA GLN C 1106 62.54 18.96 -17.69
C GLN C 1106 62.30 17.55 -17.14
N ARG C 1107 61.64 17.48 -15.99
CA ARG C 1107 61.42 16.22 -15.30
C ARG C 1107 60.62 15.24 -16.15
N ASN C 1108 59.82 15.75 -17.08
CA ASN C 1108 58.88 14.93 -17.84
C ASN C 1108 59.44 14.47 -19.18
N PHE C 1109 60.69 14.79 -19.50
CA PHE C 1109 61.27 14.36 -20.76
C PHE C 1109 62.78 14.39 -20.65
N TYR C 1110 63.43 13.70 -21.59
CA TYR C 1110 64.90 13.63 -21.65
C TYR C 1110 65.39 14.67 -22.64
N GLU C 1111 65.62 15.89 -22.15
CA GLU C 1111 66.12 17.00 -22.95
C GLU C 1111 67.30 17.62 -22.21
N PRO C 1112 68.45 16.96 -22.21
CA PRO C 1112 69.59 17.48 -21.44
C PRO C 1112 70.10 18.80 -22.01
N GLN C 1113 70.55 19.67 -21.10
CA GLN C 1113 71.11 20.95 -21.48
C GLN C 1113 72.22 21.30 -20.49
N ILE C 1114 73.22 22.04 -20.96
CA ILE C 1114 74.34 22.42 -20.11
C ILE C 1114 73.85 23.37 -19.03
N ILE C 1115 74.41 23.24 -17.84
CA ILE C 1115 74.04 24.09 -16.71
C ILE C 1115 74.48 25.51 -17.00
N THR C 1116 73.52 26.40 -17.25
CA THR C 1116 73.80 27.78 -17.59
C THR C 1116 72.86 28.70 -16.81
N THR C 1117 73.30 29.95 -16.62
CA THR C 1117 72.49 30.90 -15.87
C THR C 1117 71.16 31.18 -16.58
N ASP C 1118 71.13 31.09 -17.91
CA ASP C 1118 69.90 31.33 -18.65
C ASP C 1118 68.79 30.37 -18.26
N ASN C 1119 69.12 29.14 -17.83
CA ASN C 1119 68.13 28.18 -17.37
C ASN C 1119 68.37 27.79 -15.91
N THR C 1120 68.98 28.68 -15.13
CA THR C 1120 69.32 28.39 -13.74
C THR C 1120 69.20 29.67 -12.93
N PHE C 1121 68.69 29.53 -11.70
CA PHE C 1121 68.55 30.65 -10.78
C PHE C 1121 69.29 30.32 -9.49
N VAL C 1122 69.70 31.37 -8.79
CA VAL C 1122 70.58 31.25 -7.62
C VAL C 1122 69.91 31.88 -6.41
N SER C 1123 70.02 31.21 -5.27
CA SER C 1123 69.51 31.75 -4.02
C SER C 1123 70.14 31.02 -2.83
N GLY C 1124 70.81 31.77 -1.95
CA GLY C 1124 71.43 31.18 -0.79
C GLY C 1124 72.80 30.59 -1.09
N ASN C 1125 73.42 30.07 -0.03
CA ASN C 1125 74.74 29.47 -0.12
C ASN C 1125 74.63 27.95 -0.15
N CYS C 1126 75.76 27.28 -0.38
CA CYS C 1126 75.80 25.83 -0.48
C CYS C 1126 75.83 25.13 0.87
N ASP C 1127 76.12 25.85 1.96
CA ASP C 1127 76.21 25.20 3.27
C ASP C 1127 74.85 24.73 3.75
N VAL C 1128 73.82 25.57 3.59
CA VAL C 1128 72.50 25.24 4.10
C VAL C 1128 71.94 24.02 3.36
N VAL C 1129 72.08 24.00 2.04
CA VAL C 1129 71.50 22.91 1.26
C VAL C 1129 72.22 21.60 1.58
N ILE C 1130 71.46 20.51 1.58
CA ILE C 1130 71.97 19.18 1.83
C ILE C 1130 71.91 18.38 0.54
N GLY C 1131 72.98 17.64 0.25
CA GLY C 1131 73.10 16.88 -0.97
C GLY C 1131 73.62 17.68 -2.15
N ILE C 1132 73.95 18.95 -1.96
CA ILE C 1132 74.44 19.77 -3.05
C ILE C 1132 75.71 19.15 -3.64
N VAL C 1133 75.80 19.15 -4.96
CA VAL C 1133 76.92 18.56 -5.68
C VAL C 1133 77.73 19.68 -6.32
N ASN C 1134 79.04 19.66 -6.11
CA ASN C 1134 79.92 20.69 -6.67
C ASN C 1134 80.05 20.49 -8.17
N ASN C 1135 79.85 21.56 -8.93
CA ASN C 1135 79.94 21.53 -10.38
C ASN C 1135 80.13 22.95 -10.88
N THR C 1136 80.49 23.09 -12.15
CA THR C 1136 80.73 24.38 -12.77
C THR C 1136 79.54 24.77 -13.64
N VAL C 1137 79.08 26.01 -13.49
CA VAL C 1137 77.96 26.52 -14.27
C VAL C 1137 78.53 27.31 -15.44
N TYR C 1138 78.27 26.84 -16.66
CA TYR C 1138 78.77 27.51 -17.84
C TYR C 1138 78.10 28.87 -18.03
N ASP C 1139 78.89 29.83 -18.48
CA ASP C 1139 78.40 31.19 -18.72
C ASP C 1139 78.20 31.40 -20.21
N PRO C 1140 76.97 31.58 -20.70
CA PRO C 1140 76.77 31.84 -22.13
C PRO C 1140 77.34 33.17 -22.60
N LEU C 1141 77.83 34.01 -21.69
CA LEU C 1141 78.40 35.30 -22.09
C LEU C 1141 79.79 35.15 -22.68
N GLN C 1142 80.55 34.12 -22.28
CA GLN C 1142 81.93 33.99 -22.71
C GLN C 1142 82.09 33.99 -24.22
N PRO C 1143 81.29 33.24 -25.00
CA PRO C 1143 81.45 33.32 -26.46
C PRO C 1143 81.24 34.72 -27.01
N GLU C 1144 80.36 35.52 -26.40
CA GLU C 1144 80.10 36.88 -26.86
C GLU C 1144 81.10 37.89 -26.32
N LEU C 1145 81.99 37.49 -25.41
CA LEU C 1145 82.97 38.38 -24.82
C LEU C 1145 84.31 38.33 -25.55
N ASP C 1146 84.30 38.02 -26.84
CA ASP C 1146 85.52 37.95 -27.63
C ASP C 1146 85.80 39.29 -28.29
N SER C 1147 86.89 39.34 -29.05
CA SER C 1147 87.29 40.57 -29.75
C SER C 1147 87.46 41.72 -28.77
N GLN D 1 -56.82 -15.98 1.68
CA GLN D 1 -57.85 -16.23 0.65
C GLN D 1 -57.28 -16.05 -0.76
N VAL D 2 -57.57 -17.00 -1.64
CA VAL D 2 -57.14 -16.97 -3.02
C VAL D 2 -58.40 -16.95 -3.88
N GLN D 3 -58.56 -15.91 -4.70
CA GLN D 3 -59.74 -15.76 -5.54
C GLN D 3 -59.37 -14.92 -6.76
N LEU D 4 -60.04 -15.20 -7.87
CA LEU D 4 -59.76 -14.53 -9.13
C LEU D 4 -61.00 -13.75 -9.57
N VAL D 5 -60.76 -12.55 -10.12
CA VAL D 5 -61.82 -11.69 -10.61
C VAL D 5 -61.59 -11.42 -12.09
N GLU D 6 -62.69 -11.21 -12.81
CA GLU D 6 -62.66 -10.96 -14.24
C GLU D 6 -63.46 -9.69 -14.56
N SER D 7 -63.06 -9.01 -15.63
CA SER D 7 -63.71 -7.79 -16.07
C SER D 7 -63.80 -7.82 -17.59
N GLY D 8 -64.25 -6.72 -18.17
CA GLY D 8 -64.39 -6.64 -19.61
C GLY D 8 -65.46 -7.59 -20.12
N GLY D 9 -65.27 -8.06 -21.34
CA GLY D 9 -66.22 -8.97 -21.95
C GLY D 9 -67.50 -8.26 -22.36
N GLY D 10 -68.51 -9.08 -22.65
CA GLY D 10 -69.81 -8.58 -23.05
C GLY D 10 -70.04 -8.69 -24.55
N LEU D 11 -70.86 -7.79 -25.09
CA LEU D 11 -71.19 -7.78 -26.50
C LEU D 11 -70.45 -6.65 -27.20
N VAL D 12 -69.77 -6.97 -28.30
CA VAL D 12 -69.02 -6.01 -29.08
C VAL D 12 -69.36 -6.21 -30.55
N GLN D 13 -69.51 -5.10 -31.27
CA GLN D 13 -69.86 -5.17 -32.69
C GLN D 13 -68.76 -5.88 -33.46
N ALA D 14 -69.16 -6.66 -34.47
CA ALA D 14 -68.20 -7.38 -35.28
C ALA D 14 -67.23 -6.41 -35.94
N GLY D 15 -65.94 -6.79 -35.93
CA GLY D 15 -64.90 -5.94 -36.46
C GLY D 15 -64.39 -4.88 -35.51
N GLY D 16 -64.92 -4.81 -34.30
CA GLY D 16 -64.51 -3.83 -33.31
C GLY D 16 -63.37 -4.33 -32.45
N SER D 17 -63.27 -3.78 -31.25
CA SER D 17 -62.23 -4.13 -30.30
C SER D 17 -62.83 -4.40 -28.93
N LEU D 18 -62.26 -5.38 -28.24
CA LEU D 18 -62.72 -5.75 -26.90
C LEU D 18 -61.50 -5.87 -25.98
N ARG D 19 -61.66 -5.45 -24.74
CA ARG D 19 -60.59 -5.48 -23.74
C ARG D 19 -60.98 -6.44 -22.63
N LEU D 20 -60.06 -7.36 -22.30
CA LEU D 20 -60.25 -8.34 -21.24
C LEU D 20 -59.17 -8.14 -20.19
N SER D 21 -59.58 -8.05 -18.93
CA SER D 21 -58.67 -7.88 -17.81
C SER D 21 -59.14 -8.69 -16.62
N CYS D 22 -58.19 -9.12 -15.79
CA CYS D 22 -58.50 -9.89 -14.60
C CYS D 22 -57.41 -9.66 -13.56
N ALA D 23 -57.75 -9.94 -12.30
CA ALA D 23 -56.82 -9.77 -11.19
C ALA D 23 -56.90 -11.00 -10.29
N VAL D 24 -55.81 -11.25 -9.57
CA VAL D 24 -55.69 -12.41 -8.69
C VAL D 24 -55.25 -11.95 -7.31
N SER D 25 -55.84 -12.56 -6.28
CA SER D 25 -55.52 -12.27 -4.89
C SER D 25 -54.75 -13.44 -4.30
N GLY D 26 -53.65 -13.13 -3.61
CA GLY D 26 -52.80 -14.13 -3.01
C GLY D 26 -51.67 -14.62 -3.90
N ARG D 27 -51.66 -14.23 -5.17
CA ARG D 27 -50.61 -14.60 -6.10
C ARG D 27 -50.21 -13.39 -6.93
N THR D 28 -48.99 -13.41 -7.45
CA THR D 28 -48.47 -12.35 -8.29
C THR D 28 -48.21 -12.88 -9.70
N ILE D 29 -48.47 -12.02 -10.68
CA ILE D 29 -48.37 -12.44 -12.08
C ILE D 29 -46.95 -12.87 -12.41
N SER D 30 -45.96 -12.19 -11.84
CA SER D 30 -44.57 -12.47 -12.19
C SER D 30 -44.20 -13.91 -11.85
N THR D 31 -44.61 -14.38 -10.67
CA THR D 31 -44.22 -15.72 -10.23
C THR D 31 -44.98 -16.80 -10.98
N PHE D 32 -46.29 -16.60 -11.18
CA PHE D 32 -47.15 -17.59 -11.80
C PHE D 32 -47.59 -17.09 -13.17
N GLY D 33 -47.39 -17.91 -14.19
CA GLY D 33 -47.83 -17.54 -15.52
C GLY D 33 -49.34 -17.44 -15.60
N MET D 34 -49.83 -16.60 -16.50
CA MET D 34 -51.26 -16.36 -16.68
C MET D 34 -51.68 -16.78 -18.08
N GLY D 35 -52.84 -17.42 -18.17
CA GLY D 35 -53.36 -17.87 -19.45
C GLY D 35 -54.86 -17.67 -19.52
N TRP D 36 -55.36 -17.65 -20.75
CA TRP D 36 -56.77 -17.45 -21.02
C TRP D 36 -57.36 -18.66 -21.75
N PHE D 37 -58.62 -18.94 -21.48
CA PHE D 37 -59.33 -20.04 -22.11
C PHE D 37 -60.73 -19.59 -22.48
N ARG D 38 -61.28 -20.23 -23.51
CA ARG D 38 -62.61 -19.92 -24.02
C ARG D 38 -63.37 -21.22 -24.28
N GLN D 39 -64.66 -21.21 -23.97
CA GLN D 39 -65.50 -22.39 -24.11
C GLN D 39 -66.85 -22.01 -24.71
N ALA D 40 -67.48 -22.98 -25.35
CA ALA D 40 -68.81 -22.87 -25.91
C ALA D 40 -69.74 -23.90 -25.28
N PRO D 41 -71.05 -23.69 -25.35
CA PRO D 41 -71.97 -24.63 -24.71
C PRO D 41 -71.79 -26.04 -25.23
N GLY D 42 -71.84 -27.01 -24.32
CA GLY D 42 -71.67 -28.40 -24.70
C GLY D 42 -70.33 -28.73 -25.31
N LYS D 43 -69.24 -28.18 -24.78
CA LYS D 43 -67.91 -28.41 -25.31
C LYS D 43 -66.87 -28.10 -24.23
N GLU D 44 -65.71 -28.73 -24.34
CA GLU D 44 -64.70 -28.64 -23.28
C GLU D 44 -63.82 -27.41 -23.48
N ARG D 45 -63.43 -26.80 -22.35
CA ARG D 45 -62.64 -25.58 -22.39
C ARG D 45 -61.38 -25.78 -23.22
N GLU D 46 -61.08 -24.81 -24.07
CA GLU D 46 -59.88 -24.82 -24.90
C GLU D 46 -59.15 -23.50 -24.77
N PHE D 47 -58.01 -23.40 -25.46
CA PHE D 47 -57.08 -22.30 -25.25
C PHE D 47 -57.25 -21.22 -26.30
N VAL D 48 -56.91 -19.97 -25.92
CA VAL D 48 -56.96 -18.83 -26.82
C VAL D 48 -55.62 -18.10 -26.88
N ALA D 49 -55.11 -17.66 -25.73
CA ALA D 49 -53.88 -16.88 -25.69
C ALA D 49 -53.34 -16.85 -24.27
N THR D 50 -52.05 -16.55 -24.17
CA THR D 50 -51.38 -16.51 -22.87
C THR D 50 -50.13 -15.66 -22.98
N ILE D 51 -49.55 -15.36 -21.82
CA ILE D 51 -48.31 -14.59 -21.71
C ILE D 51 -47.30 -15.42 -20.95
N THR D 52 -46.08 -15.51 -21.48
CA THR D 52 -45.03 -16.25 -20.80
C THR D 52 -44.67 -15.59 -19.48
N ARG D 53 -44.27 -16.41 -18.51
CA ARG D 53 -43.92 -15.88 -17.20
C ARG D 53 -42.75 -14.91 -17.29
N ASP D 54 -41.73 -15.24 -18.08
CA ASP D 54 -40.59 -14.36 -18.25
C ASP D 54 -40.95 -13.09 -19.03
N GLU D 55 -42.09 -13.09 -19.72
CA GLU D 55 -42.63 -11.95 -20.46
C GLU D 55 -41.91 -11.70 -21.77
N ASP D 56 -40.95 -12.54 -22.16
CA ASP D 56 -40.21 -12.31 -23.40
C ASP D 56 -41.10 -12.38 -24.64
N MET D 57 -42.00 -13.35 -24.70
CA MET D 57 -42.85 -13.53 -25.88
C MET D 57 -44.17 -14.14 -25.43
N LEU D 58 -45.13 -14.17 -26.35
CA LEU D 58 -46.50 -14.55 -26.04
C LEU D 58 -47.09 -15.37 -27.18
N LEU D 59 -48.04 -16.23 -26.84
CA LEU D 59 -48.62 -17.20 -27.77
C LEU D 59 -50.09 -16.88 -28.03
N TYR D 60 -50.47 -16.96 -29.29
CA TYR D 60 -51.85 -16.77 -29.74
C TYR D 60 -52.36 -18.06 -30.34
N ALA D 61 -53.68 -18.23 -30.31
CA ALA D 61 -54.31 -19.41 -30.90
C ALA D 61 -54.25 -19.34 -32.42
N ASP D 62 -54.49 -20.49 -33.06
CA ASP D 62 -54.43 -20.54 -34.52
C ASP D 62 -55.48 -19.64 -35.14
N SER D 63 -56.70 -19.64 -34.60
CA SER D 63 -57.77 -18.81 -35.15
C SER D 63 -57.50 -17.33 -34.96
N VAL D 64 -56.83 -16.92 -33.88
CA VAL D 64 -56.56 -15.52 -33.60
C VAL D 64 -55.06 -15.28 -33.61
N LYS D 65 -54.34 -16.04 -34.44
CA LYS D 65 -52.89 -15.90 -34.53
C LYS D 65 -52.51 -14.49 -34.97
N GLY D 66 -51.58 -13.87 -34.25
CA GLY D 66 -51.11 -12.55 -34.61
C GLY D 66 -52.19 -11.49 -34.68
N ARG D 67 -53.12 -11.47 -33.73
CA ARG D 67 -54.23 -10.52 -33.74
C ARG D 67 -54.35 -9.73 -32.44
N PHE D 68 -54.13 -10.36 -31.29
CA PHE D 68 -54.36 -9.72 -30.01
C PHE D 68 -53.07 -9.05 -29.52
N THR D 69 -53.16 -8.45 -28.33
CA THR D 69 -52.00 -7.87 -27.66
C THR D 69 -52.20 -8.04 -26.16
N ILE D 70 -51.19 -8.58 -25.48
CA ILE D 70 -51.26 -8.86 -24.05
C ILE D 70 -50.18 -8.05 -23.34
N SER D 71 -50.57 -7.35 -22.28
CA SER D 71 -49.65 -6.59 -21.45
C SER D 71 -49.94 -6.87 -19.98
N ARG D 72 -48.93 -6.69 -19.14
CA ARG D 72 -49.06 -6.95 -17.71
C ARG D 72 -48.35 -5.85 -16.94
N ASP D 73 -48.86 -5.57 -15.74
CA ASP D 73 -48.28 -4.58 -14.84
C ASP D 73 -48.02 -5.27 -13.49
N THR D 74 -46.75 -5.36 -13.10
CA THR D 74 -46.40 -6.02 -11.85
C THR D 74 -46.65 -5.12 -10.64
N ALA D 75 -46.85 -3.83 -10.85
CA ALA D 75 -47.07 -2.89 -9.75
C ALA D 75 -48.51 -2.86 -9.25
N LYS D 76 -49.44 -3.49 -9.97
CA LYS D 76 -50.84 -3.50 -9.56
C LYS D 76 -51.51 -4.85 -9.70
N ASN D 77 -50.80 -5.89 -10.18
CA ASN D 77 -51.36 -7.22 -10.30
C ASN D 77 -52.60 -7.25 -11.19
N MET D 78 -52.44 -6.87 -12.45
CA MET D 78 -53.53 -6.87 -13.43
C MET D 78 -52.99 -7.35 -14.77
N VAL D 79 -53.89 -7.76 -15.65
CA VAL D 79 -53.54 -8.31 -16.96
C VAL D 79 -54.31 -7.57 -18.04
N PHE D 80 -53.62 -7.23 -19.13
CA PHE D 80 -54.24 -6.59 -20.28
C PHE D 80 -54.36 -7.60 -21.42
N LEU D 81 -55.49 -7.58 -22.11
CA LEU D 81 -55.73 -8.48 -23.24
C LEU D 81 -56.67 -7.77 -24.21
N GLN D 82 -56.11 -7.22 -25.28
CA GLN D 82 -56.88 -6.54 -26.31
C GLN D 82 -57.27 -7.53 -27.39
N MET D 83 -58.48 -7.36 -27.93
CA MET D 83 -58.98 -8.21 -29.00
C MET D 83 -59.22 -7.37 -30.25
N ASN D 84 -58.75 -7.87 -31.39
CA ASN D 84 -58.88 -7.15 -32.65
C ASN D 84 -59.29 -8.13 -33.73
N SER D 85 -59.93 -7.59 -34.78
CA SER D 85 -60.40 -8.39 -35.90
C SER D 85 -61.33 -9.51 -35.43
N LEU D 86 -62.21 -9.18 -34.50
CA LEU D 86 -63.15 -10.17 -33.98
C LEU D 86 -64.12 -10.62 -35.07
N LYS D 87 -64.51 -11.89 -35.00
CA LYS D 87 -65.46 -12.48 -35.93
C LYS D 87 -66.66 -13.03 -35.17
N ILE D 88 -67.70 -13.39 -35.93
CA ILE D 88 -68.91 -13.92 -35.32
C ILE D 88 -68.62 -15.22 -34.60
N GLU D 89 -67.82 -16.10 -35.21
CA GLU D 89 -67.51 -17.39 -34.60
C GLU D 89 -66.66 -17.23 -33.35
N ASP D 90 -66.08 -16.06 -33.10
CA ASP D 90 -65.25 -15.85 -31.93
C ASP D 90 -66.04 -15.87 -30.63
N THR D 91 -67.37 -15.81 -30.68
CA THR D 91 -68.17 -15.80 -29.47
C THR D 91 -67.91 -17.06 -28.65
N ALA D 92 -67.74 -16.88 -27.34
CA ALA D 92 -67.53 -17.98 -26.42
C ALA D 92 -67.43 -17.42 -25.01
N LEU D 93 -67.37 -18.32 -24.03
CA LEU D 93 -67.27 -17.94 -22.63
C LEU D 93 -65.80 -18.03 -22.21
N TYR D 94 -65.18 -16.88 -21.99
CA TYR D 94 -63.75 -16.80 -21.72
C TYR D 94 -63.48 -16.93 -20.23
N TYR D 95 -62.32 -17.48 -19.89
CA TYR D 95 -61.87 -17.62 -18.51
C TYR D 95 -60.51 -16.95 -18.35
N CYS D 96 -60.22 -16.49 -17.14
CA CYS D 96 -58.88 -16.03 -16.77
C CYS D 96 -58.36 -16.98 -15.70
N ALA D 97 -57.23 -17.63 -15.96
CA ALA D 97 -56.70 -18.68 -15.11
C ALA D 97 -55.21 -18.46 -14.87
N VAL D 98 -54.71 -19.07 -13.81
CA VAL D 98 -53.30 -18.99 -13.42
C VAL D 98 -52.74 -20.40 -13.37
N ARG D 99 -51.51 -20.56 -13.83
CA ARG D 99 -50.89 -21.88 -13.88
C ARG D 99 -50.83 -22.50 -12.48
N ARG D 100 -50.66 -23.82 -12.46
CA ARG D 100 -50.68 -24.55 -11.20
C ARG D 100 -49.53 -24.10 -10.29
N ASP D 101 -48.34 -23.93 -10.86
CA ASP D 101 -47.14 -23.61 -10.09
C ASP D 101 -46.43 -22.43 -10.74
N SER D 102 -45.37 -21.96 -10.07
CA SER D 102 -44.59 -20.83 -10.54
C SER D 102 -43.44 -21.23 -11.45
N SER D 103 -43.53 -22.40 -12.09
CA SER D 103 -42.48 -22.84 -12.99
C SER D 103 -42.42 -21.94 -14.22
N TRP D 104 -41.22 -21.74 -14.74
CA TRP D 104 -41.03 -20.89 -15.91
C TRP D 104 -41.64 -21.56 -17.14
N GLY D 105 -41.59 -20.84 -18.27
CA GLY D 105 -42.13 -21.37 -19.50
C GLY D 105 -43.60 -21.00 -19.70
N TYR D 106 -44.29 -21.82 -20.48
CA TYR D 106 -45.70 -21.57 -20.79
C TYR D 106 -46.40 -22.91 -20.95
N SER D 107 -47.72 -22.88 -20.75
CA SER D 107 -48.54 -24.08 -20.90
C SER D 107 -49.92 -23.64 -21.39
N ARG D 108 -50.23 -23.98 -22.64
CA ARG D 108 -51.49 -23.57 -23.25
C ARG D 108 -52.52 -24.68 -23.31
N GLN D 109 -52.09 -25.92 -23.52
CA GLN D 109 -53.00 -27.05 -23.55
C GLN D 109 -53.00 -27.76 -22.20
N SER D 110 -53.86 -28.78 -22.07
CA SER D 110 -53.96 -29.55 -20.84
C SER D 110 -54.51 -28.69 -19.70
N THR D 111 -55.12 -29.34 -18.70
CA THR D 111 -55.69 -28.63 -17.55
C THR D 111 -54.62 -28.39 -16.49
N GLU D 112 -53.59 -27.63 -16.88
CA GLU D 112 -52.49 -27.28 -16.00
C GLU D 112 -52.82 -26.13 -15.07
N TYR D 113 -53.90 -25.40 -15.33
CA TYR D 113 -54.29 -24.24 -14.53
C TYR D 113 -55.21 -24.71 -13.39
N ASP D 114 -54.67 -24.75 -12.18
CA ASP D 114 -55.40 -25.18 -11.01
C ASP D 114 -56.57 -24.26 -10.66
N TYR D 115 -56.38 -22.95 -10.76
CA TYR D 115 -57.42 -21.98 -10.38
C TYR D 115 -57.94 -21.33 -11.66
N TRP D 116 -59.26 -21.24 -11.78
CA TRP D 116 -59.89 -20.63 -12.93
C TRP D 116 -60.65 -19.37 -12.52
N GLY D 117 -60.95 -18.54 -13.51
CA GLY D 117 -61.58 -17.25 -13.29
C GLY D 117 -63.10 -17.34 -13.23
N GLN D 118 -63.73 -16.16 -13.26
CA GLN D 118 -65.18 -16.06 -13.18
C GLN D 118 -65.88 -16.56 -14.45
N GLY D 119 -65.14 -16.82 -15.52
CA GLY D 119 -65.75 -17.28 -16.76
C GLY D 119 -66.63 -16.24 -17.42
N THR D 120 -66.16 -15.00 -17.51
CA THR D 120 -66.93 -13.96 -18.18
C THR D 120 -67.09 -14.31 -19.66
N GLN D 121 -68.27 -13.98 -20.20
CA GLN D 121 -68.62 -14.32 -21.56
C GLN D 121 -68.37 -13.14 -22.49
N VAL D 122 -67.95 -13.46 -23.71
CA VAL D 122 -67.70 -12.48 -24.76
C VAL D 122 -68.54 -12.86 -25.97
N THR D 123 -69.27 -11.88 -26.50
CA THR D 123 -70.15 -12.09 -27.64
C THR D 123 -69.81 -11.11 -28.76
N VAL D 124 -69.87 -11.61 -30.00
CA VAL D 124 -69.58 -10.82 -31.19
C VAL D 124 -70.82 -10.86 -32.08
N SER D 125 -71.27 -9.68 -32.51
CA SER D 125 -72.44 -9.57 -33.37
C SER D 125 -72.20 -8.48 -34.40
N SER D 126 -72.90 -8.58 -35.52
CA SER D 126 -72.79 -7.61 -36.60
C SER D 126 -74.11 -6.86 -36.80
N GLN E 1 -42.49 -56.97 18.09
CA GLN E 1 -41.78 -55.66 17.93
C GLN E 1 -40.61 -55.79 16.96
N VAL E 2 -40.22 -54.67 16.35
CA VAL E 2 -39.10 -54.69 15.42
C VAL E 2 -37.80 -54.96 16.16
N GLN E 3 -36.83 -55.51 15.45
CA GLN E 3 -35.54 -55.85 16.01
C GLN E 3 -34.43 -55.31 15.12
N LEU E 4 -33.33 -54.89 15.75
CA LEU E 4 -32.20 -54.39 15.01
C LEU E 4 -31.53 -55.51 14.22
N VAL E 5 -31.01 -55.16 13.04
CA VAL E 5 -30.36 -56.10 12.14
C VAL E 5 -28.87 -55.84 12.17
N GLU E 6 -28.08 -56.87 12.45
CA GLU E 6 -26.63 -56.77 12.49
C GLU E 6 -26.03 -57.92 11.69
N SER E 7 -24.84 -57.67 11.13
CA SER E 7 -24.16 -58.68 10.34
C SER E 7 -23.84 -59.90 11.18
N GLY E 8 -24.09 -61.08 10.61
CA GLY E 8 -23.84 -62.33 11.31
C GLY E 8 -25.10 -63.10 11.59
N GLY E 9 -25.29 -63.52 12.84
CA GLY E 9 -26.46 -64.26 13.23
C GLY E 9 -26.32 -65.75 12.98
N GLY E 10 -27.30 -66.51 13.49
CA GLY E 10 -27.30 -67.94 13.31
C GLY E 10 -26.22 -68.62 14.15
N LEU E 11 -26.01 -69.89 13.83
CA LEU E 11 -25.00 -70.68 14.52
C LEU E 11 -23.61 -70.23 14.11
N VAL E 12 -22.72 -70.07 15.08
CA VAL E 12 -21.35 -69.63 14.86
C VAL E 12 -20.41 -70.69 15.41
N GLN E 13 -19.46 -71.12 14.59
CA GLN E 13 -18.50 -72.14 15.04
C GLN E 13 -17.66 -71.60 16.19
N ALA E 14 -17.42 -72.46 17.18
CA ALA E 14 -16.63 -72.06 18.33
C ALA E 14 -15.18 -71.84 17.93
N GLY E 15 -14.58 -70.78 18.47
CA GLY E 15 -13.18 -70.48 18.18
C GLY E 15 -12.95 -69.81 16.85
N GLY E 16 -14.00 -69.45 16.12
CA GLY E 16 -13.87 -68.81 14.83
C GLY E 16 -13.80 -67.31 14.94
N SER E 17 -14.00 -66.65 13.79
CA SER E 17 -14.00 -65.20 13.70
C SER E 17 -15.23 -64.74 12.96
N LEU E 18 -15.76 -63.58 13.37
CA LEU E 18 -16.95 -63.03 12.76
C LEU E 18 -16.91 -61.51 12.87
N ARG E 19 -17.67 -60.86 11.99
CA ARG E 19 -17.76 -59.40 11.96
C ARG E 19 -19.14 -58.96 12.43
N LEU E 20 -19.16 -57.85 13.16
CA LEU E 20 -20.40 -57.28 13.69
C LEU E 20 -20.53 -55.85 13.17
N SER E 21 -21.46 -55.64 12.25
CA SER E 21 -21.73 -54.32 11.69
C SER E 21 -23.22 -54.05 11.68
N CYS E 22 -23.58 -52.81 12.01
CA CYS E 22 -24.98 -52.41 12.04
C CYS E 22 -25.52 -52.25 10.61
N ALA E 23 -26.79 -52.61 10.45
CA ALA E 23 -27.46 -52.54 9.15
C ALA E 23 -28.49 -51.41 9.06
N VAL E 24 -29.13 -51.05 10.18
CA VAL E 24 -30.13 -50.00 10.14
C VAL E 24 -29.44 -48.65 9.96
N SER E 25 -30.19 -47.69 9.41
CA SER E 25 -29.69 -46.35 9.16
C SER E 25 -30.53 -45.26 9.80
N GLY E 26 -31.69 -45.60 10.36
CA GLY E 26 -32.51 -44.58 11.00
C GLY E 26 -31.82 -43.92 12.18
N ARG E 27 -31.19 -44.72 13.03
CA ARG E 27 -30.44 -44.23 14.20
C ARG E 27 -29.07 -44.87 14.15
N THR E 28 -28.13 -44.24 13.44
CA THR E 28 -26.78 -44.78 13.32
C THR E 28 -26.01 -44.57 14.62
N ILE E 29 -25.01 -45.44 14.83
CA ILE E 29 -24.20 -45.35 16.04
C ILE E 29 -23.37 -44.07 16.04
N SER E 30 -23.01 -43.57 14.86
CA SER E 30 -22.17 -42.38 14.80
C SER E 30 -22.82 -41.20 15.51
N THR E 31 -24.14 -41.06 15.38
CA THR E 31 -24.83 -39.96 16.04
C THR E 31 -24.66 -40.05 17.56
N PHE E 32 -24.78 -41.25 18.11
CA PHE E 32 -24.63 -41.47 19.55
C PHE E 32 -23.21 -41.91 19.92
N GLY E 33 -22.29 -41.95 18.96
CA GLY E 33 -20.94 -42.41 19.22
C GLY E 33 -20.76 -43.87 18.89
N MET E 34 -19.72 -44.18 18.12
CA MET E 34 -19.49 -45.56 17.71
C MET E 34 -19.23 -46.45 18.93
N GLY E 35 -19.85 -47.62 18.94
CA GLY E 35 -19.69 -48.55 20.04
C GLY E 35 -20.54 -49.77 19.81
N TRP E 36 -20.36 -50.76 20.68
CA TRP E 36 -21.10 -52.00 20.59
C TRP E 36 -21.39 -52.53 21.98
N PHE E 37 -22.55 -53.17 22.13
CA PHE E 37 -22.93 -53.80 23.38
C PHE E 37 -23.85 -54.97 23.08
N ARG E 38 -23.85 -55.96 23.98
CA ARG E 38 -24.62 -57.18 23.81
C ARG E 38 -25.45 -57.44 25.06
N GLN E 39 -26.59 -58.08 24.86
CA GLN E 39 -27.51 -58.43 25.94
C GLN E 39 -27.46 -59.94 26.13
N ALA E 40 -26.96 -60.37 27.28
CA ALA E 40 -26.89 -61.79 27.59
C ALA E 40 -28.31 -62.32 27.84
N PRO E 41 -28.49 -63.64 27.77
CA PRO E 41 -29.83 -64.20 27.95
C PRO E 41 -30.45 -63.73 29.26
N GLY E 42 -31.72 -63.38 29.20
CA GLY E 42 -32.42 -62.80 30.34
C GLY E 42 -32.60 -61.30 30.17
N LYS E 43 -32.17 -60.53 31.17
CA LYS E 43 -32.25 -59.07 31.12
C LYS E 43 -30.93 -58.47 31.61
N GLU E 44 -29.82 -59.00 31.12
CA GLU E 44 -28.48 -58.56 31.51
C GLU E 44 -27.84 -57.82 30.34
N ARG E 45 -27.28 -56.64 30.63
CA ARG E 45 -26.61 -55.82 29.64
C ARG E 45 -25.12 -55.74 29.96
N GLU E 46 -24.31 -55.72 28.91
CA GLU E 46 -22.86 -55.67 29.07
C GLU E 46 -22.26 -54.96 27.86
N PHE E 47 -21.03 -54.48 28.05
CA PHE E 47 -20.29 -53.76 27.03
C PHE E 47 -19.11 -54.61 26.56
N VAL E 48 -18.77 -54.50 25.27
CA VAL E 48 -17.72 -55.33 24.69
C VAL E 48 -16.48 -54.51 24.41
N ALA E 49 -16.59 -53.47 23.57
CA ALA E 49 -15.44 -52.66 23.20
C ALA E 49 -15.90 -51.52 22.30
N THR E 50 -14.99 -50.59 22.05
CA THR E 50 -15.23 -49.47 21.15
C THR E 50 -13.90 -48.93 20.67
N ILE E 51 -13.95 -48.11 19.64
CA ILE E 51 -12.77 -47.55 19.00
C ILE E 51 -12.77 -46.03 19.21
N THR E 52 -11.63 -45.49 19.64
CA THR E 52 -11.47 -44.07 19.89
C THR E 52 -10.75 -43.41 18.72
N ARG E 53 -11.02 -42.11 18.53
CA ARG E 53 -10.46 -41.38 17.41
C ARG E 53 -8.93 -41.39 17.42
N ASP E 54 -8.31 -41.54 18.60
CA ASP E 54 -6.85 -41.55 18.66
C ASP E 54 -6.27 -42.72 17.88
N GLU E 55 -6.89 -43.89 17.98
CA GLU E 55 -6.48 -45.13 17.34
C GLU E 55 -5.25 -45.75 17.99
N ASP E 56 -4.67 -45.12 19.02
CA ASP E 56 -3.54 -45.68 19.72
C ASP E 56 -3.95 -46.62 20.83
N MET E 57 -5.05 -46.34 21.52
CA MET E 57 -5.57 -47.19 22.59
C MET E 57 -7.06 -47.39 22.39
N LEU E 58 -7.51 -48.63 22.53
CA LEU E 58 -8.91 -48.99 22.36
C LEU E 58 -9.50 -49.35 23.72
N LEU E 59 -10.68 -48.81 24.01
CA LEU E 59 -11.37 -49.07 25.27
C LEU E 59 -11.80 -50.54 25.30
N TYR E 60 -11.15 -51.33 26.14
CA TYR E 60 -11.41 -52.76 26.24
C TYR E 60 -12.24 -53.07 27.47
N ALA E 61 -13.22 -53.96 27.31
CA ALA E 61 -14.07 -54.39 28.41
C ALA E 61 -13.38 -55.53 29.17
N ASP E 62 -13.42 -55.43 30.50
CA ASP E 62 -12.75 -56.44 31.33
C ASP E 62 -13.24 -57.84 31.01
N SER E 63 -14.52 -58.00 30.64
CA SER E 63 -15.04 -59.32 30.32
C SER E 63 -14.33 -59.90 29.09
N VAL E 64 -14.10 -59.08 28.08
CA VAL E 64 -13.48 -59.53 26.84
C VAL E 64 -12.22 -58.73 26.56
N LYS E 65 -11.55 -58.28 27.62
CA LYS E 65 -10.34 -57.48 27.46
C LYS E 65 -9.28 -58.27 26.72
N GLY E 66 -8.71 -57.66 25.68
CA GLY E 66 -7.66 -58.29 24.91
C GLY E 66 -8.12 -59.35 23.93
N ARG E 67 -9.43 -59.56 23.81
CA ARG E 67 -9.97 -60.59 22.92
C ARG E 67 -10.47 -60.01 21.61
N PHE E 68 -11.40 -59.06 21.68
CA PHE E 68 -11.98 -58.46 20.48
C PHE E 68 -11.04 -57.41 19.90
N THR E 69 -11.13 -57.23 18.58
CA THR E 69 -10.34 -56.25 17.87
C THR E 69 -11.23 -55.49 16.91
N ILE E 70 -10.85 -54.25 16.62
CA ILE E 70 -11.62 -53.36 15.77
C ILE E 70 -10.71 -52.84 14.66
N SER E 71 -11.18 -52.92 13.42
CA SER E 71 -10.45 -52.40 12.27
C SER E 71 -10.83 -50.95 12.02
N ARG E 72 -9.90 -50.21 11.42
CA ARG E 72 -10.08 -48.79 11.15
C ARG E 72 -9.68 -48.49 9.71
N ASP E 73 -10.41 -47.55 9.10
CA ASP E 73 -10.13 -47.11 7.75
C ASP E 73 -10.31 -45.59 7.68
N THR E 74 -9.54 -44.95 6.80
CA THR E 74 -9.57 -43.50 6.71
C THR E 74 -10.84 -43.00 6.02
N ALA E 75 -11.25 -43.65 4.94
CA ALA E 75 -12.36 -43.18 4.12
C ALA E 75 -13.60 -44.07 4.18
N LYS E 76 -13.53 -45.23 4.83
CA LYS E 76 -14.69 -46.11 4.88
C LYS E 76 -15.85 -45.47 5.63
N ASN E 77 -15.55 -44.61 6.62
CA ASN E 77 -16.57 -43.95 7.41
C ASN E 77 -17.48 -44.95 8.13
N MET E 78 -16.91 -46.09 8.52
CA MET E 78 -17.66 -47.13 9.22
C MET E 78 -16.73 -47.86 10.16
N VAL E 79 -17.32 -48.48 11.18
CA VAL E 79 -16.58 -49.22 12.20
C VAL E 79 -17.07 -50.66 12.18
N PHE E 80 -16.13 -51.61 12.07
CA PHE E 80 -16.43 -53.03 12.06
C PHE E 80 -15.78 -53.68 13.27
N LEU E 81 -16.57 -54.45 14.02
CA LEU E 81 -16.08 -55.15 15.19
C LEU E 81 -15.79 -56.61 14.84
N GLN E 82 -14.58 -57.07 15.16
CA GLN E 82 -14.14 -58.42 14.85
C GLN E 82 -13.93 -59.18 16.15
N MET E 83 -14.49 -60.39 16.22
CA MET E 83 -14.37 -61.22 17.40
C MET E 83 -13.33 -62.32 17.18
N ASN E 84 -12.59 -62.61 18.25
CA ASN E 84 -11.54 -63.63 18.20
C ASN E 84 -11.72 -64.58 19.37
N SER E 85 -11.49 -65.87 19.12
CA SER E 85 -11.59 -66.91 20.14
C SER E 85 -12.98 -66.92 20.78
N LEU E 86 -13.98 -67.13 19.94
CA LEU E 86 -15.36 -67.19 20.42
C LEU E 86 -15.57 -68.40 21.31
N LYS E 87 -16.46 -68.24 22.28
CA LYS E 87 -16.78 -69.29 23.24
C LYS E 87 -18.28 -69.48 23.31
N ILE E 88 -18.70 -70.58 23.94
CA ILE E 88 -20.12 -70.88 24.06
C ILE E 88 -20.83 -69.77 24.84
N GLU E 89 -20.16 -69.22 25.86
CA GLU E 89 -20.75 -68.16 26.67
C GLU E 89 -21.00 -66.89 25.88
N ASP E 90 -20.41 -66.74 24.69
CA ASP E 90 -20.61 -65.55 23.88
C ASP E 90 -22.01 -65.48 23.29
N THR E 91 -22.81 -66.54 23.39
CA THR E 91 -24.16 -66.53 22.86
C THR E 91 -24.99 -65.45 23.52
N ALA E 92 -25.35 -64.41 22.76
CA ALA E 92 -26.11 -63.28 23.30
C ALA E 92 -26.50 -62.38 22.14
N LEU E 93 -27.59 -61.64 22.36
CA LEU E 93 -28.07 -60.72 21.33
C LEU E 93 -27.13 -59.52 21.22
N TYR E 94 -26.82 -59.15 19.98
CA TYR E 94 -25.94 -58.02 19.71
C TYR E 94 -26.76 -56.82 19.26
N TYR E 95 -26.46 -55.66 19.84
CA TYR E 95 -27.21 -54.43 19.60
C TYR E 95 -26.28 -53.34 19.09
N CYS E 96 -26.83 -52.44 18.29
CA CYS E 96 -26.12 -51.26 17.84
C CYS E 96 -26.18 -50.17 18.89
N ALA E 97 -25.08 -49.43 19.03
CA ALA E 97 -24.99 -48.39 20.05
C ALA E 97 -26.06 -47.33 19.86
N VAL E 98 -27.03 -47.29 20.76
CA VAL E 98 -28.11 -46.30 20.71
C VAL E 98 -28.47 -45.93 22.14
N ARG E 99 -28.76 -44.64 22.35
CA ARG E 99 -29.13 -44.12 23.66
C ARG E 99 -30.57 -43.65 23.63
N ARG E 100 -31.30 -43.91 24.71
CA ARG E 100 -32.69 -43.47 24.82
C ARG E 100 -32.81 -41.96 24.92
N ASP E 101 -31.72 -41.26 25.21
CA ASP E 101 -31.72 -39.80 25.31
C ASP E 101 -30.53 -39.24 24.56
N SER E 102 -30.66 -37.99 24.11
CA SER E 102 -29.60 -37.35 23.36
C SER E 102 -28.33 -37.26 24.19
N SER E 103 -27.20 -37.62 23.59
CA SER E 103 -25.91 -37.58 24.25
C SER E 103 -24.84 -37.96 23.23
N TRP E 104 -23.60 -37.59 23.54
CA TRP E 104 -22.46 -37.88 22.68
C TRP E 104 -21.21 -37.99 23.53
N GLY E 105 -20.44 -39.05 23.32
CA GLY E 105 -19.22 -39.26 24.07
C GLY E 105 -18.78 -40.70 23.99
N TYR E 106 -17.67 -40.97 24.68
CA TYR E 106 -17.06 -42.29 24.72
C TYR E 106 -17.04 -42.77 26.18
N SER E 107 -17.42 -44.02 26.39
CA SER E 107 -17.50 -44.58 27.73
C SER E 107 -17.35 -46.08 27.67
N ARG E 108 -17.11 -46.68 28.83
CA ARG E 108 -16.85 -48.11 28.98
C ARG E 108 -17.69 -48.68 30.11
N GLN E 109 -18.97 -48.34 30.13
CA GLN E 109 -19.90 -48.82 31.15
C GLN E 109 -20.96 -49.70 30.51
N SER E 110 -21.41 -50.70 31.29
CA SER E 110 -22.38 -51.67 30.76
C SER E 110 -23.70 -50.99 30.38
N THR E 111 -24.16 -50.06 31.21
CA THR E 111 -25.42 -49.38 30.99
C THR E 111 -25.29 -48.17 30.08
N GLU E 112 -24.24 -48.11 29.26
CA GLU E 112 -24.05 -46.97 28.36
C GLU E 112 -25.19 -46.87 27.35
N TYR E 113 -25.60 -48.01 26.78
CA TYR E 113 -26.62 -48.03 25.74
C TYR E 113 -27.70 -49.05 26.11
N ASP E 114 -28.91 -48.78 25.65
CA ASP E 114 -30.04 -49.67 25.88
C ASP E 114 -31.20 -49.21 25.01
N TYR E 115 -31.94 -50.18 24.48
CA TYR E 115 -33.08 -49.88 23.62
C TYR E 115 -34.08 -51.02 23.73
N TRP E 116 -35.35 -50.70 23.45
CA TRP E 116 -36.41 -51.71 23.54
C TRP E 116 -36.29 -52.72 22.41
N GLY E 117 -36.00 -52.25 21.19
CA GLY E 117 -35.91 -53.17 20.07
C GLY E 117 -34.82 -54.21 20.29
N GLN E 118 -35.16 -55.47 20.01
CA GLN E 118 -34.22 -56.56 20.17
C GLN E 118 -33.14 -56.51 19.08
N GLY E 119 -32.00 -57.12 19.38
CA GLY E 119 -30.90 -57.18 18.45
C GLY E 119 -30.82 -58.52 17.73
N THR E 120 -29.80 -58.63 16.88
CA THR E 120 -29.58 -59.87 16.15
C THR E 120 -29.26 -61.01 17.11
N GLN E 121 -29.88 -62.16 16.88
CA GLN E 121 -29.69 -63.32 17.73
C GLN E 121 -28.49 -64.12 17.21
N VAL E 122 -27.47 -64.26 18.06
CA VAL E 122 -26.25 -64.97 17.71
C VAL E 122 -26.10 -66.14 18.68
N THR E 123 -25.96 -67.35 18.15
CA THR E 123 -25.80 -68.55 18.94
C THR E 123 -24.42 -69.15 18.67
N VAL E 124 -23.66 -69.41 19.72
CA VAL E 124 -22.33 -69.99 19.62
C VAL E 124 -22.29 -71.27 20.44
N SER E 125 -21.85 -72.35 19.81
CA SER E 125 -21.76 -73.65 20.48
C SER E 125 -20.67 -74.47 19.82
N SER E 126 -20.20 -75.48 20.55
CA SER E 126 -19.14 -76.36 20.05
C SER E 126 -19.74 -77.51 19.26
N GLN F 1 -44.76 -12.44 31.21
CA GLN F 1 -43.37 -11.96 30.92
C GLN F 1 -42.43 -12.28 32.07
N VAL F 2 -41.17 -12.52 31.74
CA VAL F 2 -40.16 -12.84 32.76
C VAL F 2 -39.75 -11.55 33.47
N GLN F 3 -39.78 -11.58 34.79
CA GLN F 3 -39.40 -10.42 35.57
C GLN F 3 -37.91 -10.12 35.40
N LEU F 4 -37.58 -8.83 35.32
CA LEU F 4 -36.20 -8.40 35.15
C LEU F 4 -35.57 -8.08 36.50
N VAL F 5 -34.25 -8.31 36.58
CA VAL F 5 -33.54 -8.08 37.82
C VAL F 5 -33.61 -6.60 38.19
N GLU F 6 -33.66 -6.33 39.49
CA GLU F 6 -33.73 -4.98 40.01
C GLU F 6 -33.02 -4.91 41.36
N SER F 7 -32.65 -3.70 41.75
CA SER F 7 -31.96 -3.48 43.01
C SER F 7 -32.77 -2.54 43.90
N GLY F 8 -34.07 -2.75 43.96
CA GLY F 8 -34.94 -1.92 44.78
C GLY F 8 -36.03 -1.23 43.96
N GLY F 9 -37.29 -1.49 44.30
CA GLY F 9 -38.39 -0.89 43.59
C GLY F 9 -39.68 -1.05 44.36
N GLY F 10 -40.74 -0.46 43.80
CA GLY F 10 -42.06 -0.52 44.41
C GLY F 10 -42.59 0.84 44.80
N LEU F 11 -43.42 0.88 45.83
CA LEU F 11 -43.99 2.15 46.29
C LEU F 11 -42.91 3.02 46.90
N VAL F 12 -43.05 4.34 46.69
CA VAL F 12 -42.07 5.28 47.23
C VAL F 12 -42.25 5.42 48.74
N GLN F 13 -41.25 6.00 49.38
CA GLN F 13 -41.25 6.19 50.82
C GLN F 13 -40.97 7.66 51.15
N ALA F 14 -41.56 8.13 52.25
CA ALA F 14 -41.37 9.51 52.67
C ALA F 14 -39.94 9.76 53.09
N GLY F 15 -39.42 10.93 52.75
CA GLY F 15 -38.09 11.33 53.14
C GLY F 15 -37.00 10.50 52.48
N GLY F 16 -35.76 10.97 52.56
CA GLY F 16 -34.66 10.24 51.97
C GLY F 16 -34.79 10.17 50.45
N SER F 17 -34.19 9.12 49.89
CA SER F 17 -34.26 8.89 48.45
C SER F 17 -34.17 7.39 48.18
N LEU F 18 -34.67 6.99 47.02
CA LEU F 18 -34.64 5.60 46.58
C LEU F 18 -34.03 5.53 45.19
N ARG F 19 -33.04 4.65 45.03
CA ARG F 19 -32.37 4.48 43.74
C ARG F 19 -33.13 3.42 42.94
N LEU F 20 -34.30 3.82 42.45
CA LEU F 20 -35.12 2.93 41.63
C LEU F 20 -34.34 2.50 40.40
N SER F 21 -34.36 1.20 40.12
CA SER F 21 -33.57 0.65 39.02
C SER F 21 -34.25 -0.59 38.48
N CYS F 22 -33.91 -0.93 37.23
CA CYS F 22 -34.43 -2.12 36.58
C CYS F 22 -33.43 -2.58 35.54
N ALA F 23 -33.29 -3.89 35.40
CA ALA F 23 -32.35 -4.45 34.43
C ALA F 23 -32.79 -4.12 33.01
N VAL F 24 -31.82 -3.80 32.17
CA VAL F 24 -32.09 -3.46 30.78
C VAL F 24 -31.75 -4.65 29.91
N SER F 25 -32.35 -4.70 28.71
CA SER F 25 -32.12 -5.81 27.79
C SER F 25 -30.66 -5.90 27.35
N GLY F 26 -30.02 -4.78 27.04
CA GLY F 26 -28.65 -4.76 26.60
C GLY F 26 -27.69 -5.08 27.73
N ARG F 27 -26.47 -5.47 27.37
CA ARG F 27 -25.43 -5.83 28.32
C ARG F 27 -24.20 -4.97 28.05
N THR F 28 -23.71 -4.28 29.08
CA THR F 28 -22.54 -3.42 28.99
C THR F 28 -22.73 -2.28 28.00
N ILE F 29 -23.98 -1.93 27.69
CA ILE F 29 -24.31 -0.84 26.79
C ILE F 29 -25.22 0.12 27.54
N SER F 30 -24.83 1.40 27.59
CA SER F 30 -25.58 2.43 28.29
C SER F 30 -26.38 3.32 27.36
N THR F 31 -26.41 3.02 26.06
CA THR F 31 -27.12 3.85 25.08
C THR F 31 -28.57 3.37 24.97
N PHE F 32 -29.29 3.51 26.08
CA PHE F 32 -30.70 3.15 26.13
C PHE F 32 -31.42 4.08 27.09
N GLY F 33 -32.73 4.20 26.88
CA GLY F 33 -33.59 4.99 27.75
C GLY F 33 -34.24 4.14 28.82
N MET F 34 -35.26 4.71 29.45
CA MET F 34 -35.98 4.01 30.51
C MET F 34 -37.21 4.84 30.87
N GLY F 35 -38.27 4.14 31.27
CA GLY F 35 -39.49 4.78 31.73
C GLY F 35 -40.08 4.08 32.94
N TRP F 36 -40.53 4.85 33.92
CA TRP F 36 -41.06 4.31 35.16
C TRP F 36 -42.54 4.62 35.35
N PHE F 37 -43.27 4.89 34.27
CA PHE F 37 -44.69 5.18 34.37
C PHE F 37 -45.45 3.96 34.84
N ARG F 38 -46.38 4.17 35.76
CA ARG F 38 -47.23 3.10 36.29
C ARG F 38 -48.67 3.37 35.87
N GLN F 39 -49.30 2.37 35.26
CA GLN F 39 -50.66 2.48 34.75
C GLN F 39 -51.65 1.90 35.75
N ALA F 40 -52.70 2.66 36.03
CA ALA F 40 -53.75 2.21 36.94
C ALA F 40 -54.96 3.12 36.84
N PRO F 41 -56.17 2.61 37.08
CA PRO F 41 -57.36 3.46 36.98
C PRO F 41 -57.37 4.52 38.07
N GLY F 42 -58.02 5.65 37.76
CA GLY F 42 -58.14 6.75 38.68
C GLY F 42 -57.12 7.84 38.41
N LYS F 43 -57.24 8.91 39.20
CA LYS F 43 -56.37 10.07 39.08
C LYS F 43 -55.14 9.99 39.98
N GLU F 44 -54.97 8.89 40.72
CA GLU F 44 -53.84 8.73 41.63
C GLU F 44 -52.61 8.29 40.84
N ARG F 45 -52.11 9.22 40.02
CA ARG F 45 -50.93 8.97 39.21
C ARG F 45 -50.16 10.28 39.06
N GLU F 46 -48.83 10.18 39.10
CA GLU F 46 -47.96 11.34 38.99
C GLU F 46 -46.93 11.10 37.90
N PHE F 47 -46.59 12.16 37.16
CA PHE F 47 -45.61 12.04 36.09
C PHE F 47 -44.25 11.65 36.66
N VAL F 48 -43.52 10.82 35.90
CA VAL F 48 -42.20 10.35 36.28
C VAL F 48 -41.22 10.76 35.21
N ALA F 49 -40.04 11.20 35.62
CA ALA F 49 -39.03 11.66 34.69
C ALA F 49 -38.57 10.52 33.78
N THR F 50 -38.25 10.87 32.54
CA THR F 50 -37.81 9.91 31.53
C THR F 50 -36.39 10.26 31.07
N ILE F 51 -35.65 9.24 30.70
CA ILE F 51 -34.26 9.37 30.24
C ILE F 51 -34.20 8.97 28.77
N THR F 52 -33.60 9.83 27.95
CA THR F 52 -33.51 9.58 26.53
C THR F 52 -32.37 8.62 26.21
N ARG F 53 -32.37 8.12 24.98
CA ARG F 53 -31.33 7.19 24.55
C ARG F 53 -29.95 7.85 24.58
N ASP F 54 -29.85 9.10 24.15
CA ASP F 54 -28.56 9.78 24.12
C ASP F 54 -27.98 9.90 25.53
N GLU F 55 -28.83 10.14 26.53
CA GLU F 55 -28.50 10.26 27.94
C GLU F 55 -27.85 11.61 28.26
N ASP F 56 -27.54 12.45 27.27
CA ASP F 56 -26.98 13.76 27.56
C ASP F 56 -27.98 14.63 28.31
N MET F 57 -29.25 14.59 27.91
CA MET F 57 -30.31 15.31 28.59
C MET F 57 -30.94 14.39 29.63
N LEU F 58 -31.11 14.89 30.85
CA LEU F 58 -31.54 14.10 31.98
C LEU F 58 -32.86 14.61 32.52
N LEU F 59 -33.85 13.73 32.63
CA LEU F 59 -35.13 14.06 33.25
C LEU F 59 -35.84 15.17 32.50
N TYR F 60 -37.08 15.46 32.90
CA TYR F 60 -37.83 16.57 32.30
C TYR F 60 -37.33 17.93 32.77
N ALA F 61 -36.48 17.98 33.79
CA ALA F 61 -35.93 19.22 34.31
C ALA F 61 -34.63 19.62 33.64
N ASP F 62 -34.18 18.85 32.64
CA ASP F 62 -32.95 19.15 31.93
C ASP F 62 -31.73 18.94 32.82
N SER F 63 -30.55 18.80 32.20
CA SER F 63 -29.32 18.58 32.95
C SER F 63 -28.89 19.81 33.75
N VAL F 64 -29.50 20.97 33.52
CA VAL F 64 -29.10 22.17 34.24
C VAL F 64 -29.27 21.97 35.75
N LYS F 65 -30.34 21.31 36.16
CA LYS F 65 -30.61 21.06 37.57
C LYS F 65 -30.59 19.59 37.95
N GLY F 66 -30.59 18.67 36.98
CA GLY F 66 -30.59 17.26 37.27
C GLY F 66 -29.19 16.75 37.58
N ARG F 67 -29.11 15.43 37.79
CA ARG F 67 -27.87 14.75 38.11
C ARG F 67 -27.71 13.54 37.19
N PHE F 68 -26.46 13.21 36.89
CA PHE F 68 -26.18 12.11 35.98
C PHE F 68 -26.77 10.82 36.49
N THR F 69 -27.41 10.07 35.58
CA THR F 69 -28.01 8.79 35.89
C THR F 69 -27.11 7.67 35.38
N ILE F 70 -26.71 6.78 36.28
CA ILE F 70 -25.83 5.68 35.91
C ILE F 70 -26.62 4.63 35.14
N SER F 71 -26.10 4.22 33.98
CA SER F 71 -26.77 3.23 33.15
C SER F 71 -25.81 2.14 32.67
N ARG F 72 -24.67 1.96 33.34
CA ARG F 72 -23.70 0.93 32.98
C ARG F 72 -23.31 0.15 34.22
N ASP F 73 -23.16 -1.16 34.06
CA ASP F 73 -22.80 -2.04 35.16
C ASP F 73 -22.05 -3.24 34.60
N THR F 74 -21.30 -3.91 35.49
CA THR F 74 -20.48 -5.04 35.10
C THR F 74 -21.24 -6.37 35.24
N ALA F 75 -21.72 -6.66 36.46
CA ALA F 75 -22.39 -7.93 36.69
C ALA F 75 -23.68 -8.04 35.87
N LYS F 76 -24.46 -6.97 35.80
CA LYS F 76 -25.70 -6.96 35.05
C LYS F 76 -26.06 -5.52 34.73
N ASN F 77 -26.17 -5.22 33.44
CA ASN F 77 -26.46 -3.85 33.03
C ASN F 77 -27.75 -3.36 33.67
N MET F 78 -27.71 -2.15 34.23
CA MET F 78 -28.83 -1.61 34.97
C MET F 78 -28.81 -0.09 34.85
N VAL F 79 -29.96 0.52 35.12
CA VAL F 79 -30.13 1.97 35.07
C VAL F 79 -30.55 2.46 36.44
N PHE F 80 -29.86 3.49 36.94
CA PHE F 80 -30.11 4.05 38.25
C PHE F 80 -30.72 5.44 38.11
N LEU F 81 -31.80 5.70 38.84
CA LEU F 81 -32.49 6.98 38.81
C LEU F 81 -32.71 7.45 40.23
N GLN F 82 -32.72 8.78 40.40
CA GLN F 82 -32.95 9.41 41.70
C GLN F 82 -34.37 9.94 41.74
N MET F 83 -35.08 9.66 42.83
CA MET F 83 -36.47 10.06 42.97
C MET F 83 -36.59 11.32 43.81
N ASN F 84 -37.35 12.28 43.29
CA ASN F 84 -37.62 13.53 43.98
C ASN F 84 -38.78 13.36 44.95
N SER F 85 -38.89 14.31 45.88
CA SER F 85 -39.93 14.24 46.89
C SER F 85 -41.31 14.17 46.23
N LEU F 86 -42.14 13.23 46.71
CA LEU F 86 -43.48 13.04 46.18
C LEU F 86 -44.36 12.48 47.27
N LYS F 87 -45.67 12.58 47.06
CA LYS F 87 -46.63 12.09 48.04
C LYS F 87 -46.53 10.57 48.14
N ILE F 88 -46.60 10.07 49.39
CA ILE F 88 -46.51 8.64 49.62
C ILE F 88 -47.69 7.88 49.03
N GLU F 89 -48.85 8.53 48.90
CA GLU F 89 -50.03 7.83 48.40
C GLU F 89 -49.76 7.26 47.02
N ASP F 90 -50.14 6.00 46.83
CA ASP F 90 -49.96 5.32 45.55
C ASP F 90 -50.90 4.13 45.49
N THR F 91 -51.42 3.85 44.29
CA THR F 91 -52.33 2.73 44.10
C THR F 91 -52.03 1.92 42.85
N ALA F 92 -51.03 2.29 42.06
CA ALA F 92 -50.73 1.59 40.82
C ALA F 92 -49.81 0.40 41.09
N LEU F 93 -50.00 -0.65 40.30
CA LEU F 93 -49.19 -1.85 40.44
C LEU F 93 -47.77 -1.60 39.92
N TYR F 94 -46.81 -2.28 40.53
CA TYR F 94 -45.40 -2.19 40.15
C TYR F 94 -44.96 -3.53 39.59
N TYR F 95 -44.37 -3.49 38.38
CA TYR F 95 -43.92 -4.71 37.73
C TYR F 95 -42.65 -4.37 36.94
N CYS F 96 -41.50 -4.72 37.49
CA CYS F 96 -40.21 -4.46 36.84
C CYS F 96 -39.91 -5.64 35.93
N ALA F 97 -40.33 -5.53 34.68
CA ALA F 97 -40.11 -6.57 33.68
C ALA F 97 -39.68 -5.90 32.38
N VAL F 98 -39.67 -6.68 31.29
CA VAL F 98 -39.28 -6.14 30.00
C VAL F 98 -40.23 -5.03 29.62
N ARG F 99 -39.68 -3.89 29.21
CA ARG F 99 -40.50 -2.74 28.86
C ARG F 99 -41.20 -2.98 27.53
N ARG F 100 -42.45 -2.52 27.45
CA ARG F 100 -43.25 -2.69 26.23
C ARG F 100 -42.88 -1.71 25.13
N ASP F 101 -42.11 -0.66 25.44
CA ASP F 101 -41.69 0.32 24.46
C ASP F 101 -40.18 0.52 24.57
N SER F 102 -39.52 0.58 23.41
CA SER F 102 -38.08 0.78 23.36
C SER F 102 -37.66 2.09 22.70
N SER F 103 -38.55 2.75 21.97
CA SER F 103 -38.22 4.01 21.31
C SER F 103 -38.38 5.15 22.32
N TRP F 104 -37.45 5.18 23.27
CA TRP F 104 -37.47 6.20 24.31
C TRP F 104 -37.21 7.58 23.71
N GLY F 105 -37.86 8.59 24.27
CA GLY F 105 -37.70 9.94 23.77
C GLY F 105 -37.91 11.00 24.83
N TYR F 106 -37.96 12.26 24.42
CA TYR F 106 -38.14 13.38 25.32
C TYR F 106 -39.60 13.79 25.50
N SER F 107 -40.53 13.04 24.92
CA SER F 107 -41.94 13.40 25.00
C SER F 107 -42.46 13.29 26.43
N ARG F 108 -43.47 14.10 26.72
CA ARG F 108 -44.13 14.10 28.03
C ARG F 108 -45.44 13.32 28.03
N GLN F 109 -46.28 13.53 27.01
CA GLN F 109 -47.55 12.80 26.95
C GLN F 109 -47.33 11.30 26.82
N SER F 110 -46.18 10.88 26.30
CA SER F 110 -45.91 9.46 26.13
C SER F 110 -45.88 8.78 27.49
N THR F 111 -46.39 7.55 27.53
CA THR F 111 -46.45 6.76 28.75
C THR F 111 -45.90 5.37 28.46
N GLU F 112 -45.59 4.64 29.54
CA GLU F 112 -45.03 3.30 29.39
C GLU F 112 -46.00 2.38 28.65
N TYR F 113 -47.28 2.41 29.03
CA TYR F 113 -48.29 1.59 28.38
C TYR F 113 -49.66 2.21 28.64
N ASP F 114 -50.63 1.82 27.81
CA ASP F 114 -51.98 2.34 27.95
C ASP F 114 -52.78 1.53 28.97
N TYR F 115 -52.76 0.20 28.82
CA TYR F 115 -53.49 -0.67 29.72
C TYR F 115 -52.57 -1.15 30.85
N TRP F 116 -53.14 -1.91 31.78
CA TRP F 116 -52.39 -2.45 32.90
C TRP F 116 -51.84 -3.83 32.54
N GLY F 117 -51.31 -4.54 33.52
CA GLY F 117 -50.77 -5.85 33.27
C GLY F 117 -50.47 -6.58 34.56
N GLN F 118 -49.87 -7.76 34.42
CA GLN F 118 -49.54 -8.58 35.58
C GLN F 118 -48.56 -7.84 36.49
N GLY F 119 -48.80 -7.91 37.79
CA GLY F 119 -47.94 -7.26 38.74
C GLY F 119 -48.50 -7.39 40.14
N THR F 120 -47.68 -6.97 41.10
CA THR F 120 -48.09 -7.02 42.50
C THR F 120 -49.27 -6.08 42.74
N GLN F 121 -50.19 -6.52 43.59
CA GLN F 121 -51.40 -5.76 43.90
C GLN F 121 -51.25 -4.91 45.16
N VAL F 122 -50.02 -4.48 45.48
CA VAL F 122 -49.80 -3.66 46.66
C VAL F 122 -50.45 -2.30 46.46
N THR F 123 -51.20 -1.85 47.46
CA THR F 123 -51.88 -0.56 47.41
C THR F 123 -52.04 -0.03 48.82
N VAL F 124 -51.88 1.29 48.97
CA VAL F 124 -52.00 1.94 50.27
C VAL F 124 -52.98 3.10 50.17
N SER F 125 -53.88 3.03 49.19
CA SER F 125 -54.88 4.07 48.98
C SER F 125 -56.29 3.58 49.30
N SER F 126 -56.72 2.47 48.71
CA SER F 126 -58.04 1.93 48.95
C SER F 126 -58.16 0.52 48.38
C1 NAG G . -22.69 29.33 -34.32
C2 NAG G . -23.21 28.38 -35.40
C3 NAG G . -24.40 27.58 -34.88
C4 NAG G . -24.04 26.88 -33.58
C5 NAG G . -23.49 27.88 -32.58
C6 NAG G . -22.99 27.24 -31.30
C7 NAG G . -22.74 29.26 -37.65
C8 NAG G . -23.28 30.04 -38.80
N2 NAG G . -23.57 29.11 -36.60
O3 NAG G . -24.79 26.62 -35.86
O4 NAG G . -25.20 26.26 -33.02
O5 NAG G . -22.37 28.57 -33.15
O6 NAG G . -22.56 28.21 -30.36
O7 NAG G . -21.61 28.78 -37.65
H1 NAG G . -21.90 29.77 -34.64
H2 NAG G . -22.50 27.75 -35.61
H3 NAG G . -25.14 28.19 -34.72
H4 NAG G . -23.37 26.20 -33.76
H5 NAG G . -24.18 28.53 -32.36
H61 NAG G . -22.24 26.65 -31.51
H62 NAG G . -23.71 26.71 -30.91
H81 NAG G . -23.49 30.95 -38.51
H82 NAG G . -24.09 29.61 -39.14
H83 NAG G . -22.61 30.08 -39.51
HN2 NAG G . -24.40 29.49 -36.65
HO3 NAG G . -25.00 27.03 -36.62
HO4 NAG G . -25.85 26.28 -33.63
HO6 NAG G . -22.28 28.93 -30.79
C1 NAG H . -51.34 40.92 -1.78
C2 NAG H . -52.45 40.34 -2.64
C3 NAG H . -53.63 39.93 -1.77
C4 NAG H . -53.24 39.12 -0.53
C5 NAG H . -52.08 39.78 0.19
C6 NAG H . -51.52 38.94 1.32
C7 NAG H . -52.08 41.69 -4.66
C8 NAG H . -52.67 42.66 -5.62
N2 NAG H . -52.87 41.27 -3.67
O3 NAG H . -54.94 39.82 -2.32
O4 NAG H . -54.36 39.02 0.35
O5 NAG H . -51.01 40.02 -0.73
O6 NAG H . -50.12 38.74 1.16
O7 NAG H . -50.92 41.29 -4.76
H1 NAG H . -51.65 41.77 -1.40
H2 NAG H . -52.10 39.54 -3.08
H3 NAG H . -53.54 39.07 -2.22
H4 NAG H . -52.98 38.22 -0.80
H5 NAG H . -52.38 40.64 0.56
H61 NAG H . -51.97 38.08 1.32
H62 NAG H . -51.68 39.39 2.17
H81 NAG H . -52.99 43.44 -5.14
H82 NAG H . -53.41 42.23 -6.10
H83 NAG H . -52.00 42.94 -6.27
HN2 NAG H . -53.72 41.59 -3.64
HO3 NAG H . -55.54 40.02 -1.70
HO4 NAG H . -54.45 38.18 0.62
HO6 NAG H . -49.69 39.50 1.36
C1 NAG I . -14.89 45.63 -2.59
C2 NAG I . -13.37 45.76 -2.55
C3 NAG I . -12.83 45.27 -1.21
C4 NAG I . -13.53 45.98 -0.06
C5 NAG I . -15.05 45.85 -0.21
C6 NAG I . -15.81 46.64 0.83
C7 NAG I . -12.30 45.62 -4.76
C8 NAG I . -11.71 44.71 -5.80
N2 NAG I . -12.76 45.03 -3.65
O3 NAG I . -11.43 45.49 -1.15
O4 NAG I . -13.14 45.40 1.18
O5 NAG I . -15.46 46.35 -1.49
O6 NAG I . -17.14 46.17 0.96
O7 NAG I . -12.37 46.84 -4.93
H1 NAG I . -15.22 46.01 -3.43
H2 NAG I . -13.14 46.70 -2.64
H3 NAG I . -13.00 44.30 -1.14
H4 NAG I . -13.28 46.92 -0.08
H5 NAG I . -15.30 44.91 -0.14
H61 NAG I . -15.83 47.59 0.56
H62 NAG I . -15.36 46.56 1.69
H81 NAG I . -11.41 45.23 -6.56
H82 NAG I . -12.37 44.05 -6.08
H83 NAG I . -10.94 44.24 -5.41
HN2 NAG I . -12.68 44.12 -3.58
HO3 NAG I . -11.00 44.73 -1.25
HO4 NAG I . -12.42 45.83 1.48
HO6 NAG I . -17.63 46.78 1.37
C1 NAG J . -18.15 -22.23 -41.60
C2 NAG J . -16.80 -22.78 -42.06
C3 NAG J . -16.27 -21.94 -43.21
C4 NAG J . -17.30 -21.83 -44.33
C5 NAG J . -18.63 -21.33 -43.77
C6 NAG J . -19.73 -21.31 -44.80
C7 NAG J . -15.48 -23.96 -40.36
C8 NAG J . -14.48 -23.81 -39.25
N2 NAG J . -15.85 -22.82 -40.97
O3 NAG J . -15.07 -22.53 -43.71
O4 NAG J . -16.85 -20.94 -45.34
O5 NAG J . -19.06 -22.18 -42.70
O6 NAG J . -20.97 -21.74 -44.23
O7 NAG J . -15.94 -25.05 -40.69
H1 NAG J . -18.02 -21.33 -41.25
H2 NAG J . -16.95 -23.69 -42.40
H3 NAG J . -16.07 -21.04 -42.89
H4 NAG J . -17.43 -22.71 -44.72
H5 NAG J . -18.50 -20.42 -43.43
H61 NAG J . -19.50 -21.91 -45.53
H62 NAG J . -19.84 -20.41 -45.14
H81 NAG J . -14.28 -24.69 -38.89
H82 NAG J . -14.86 -23.25 -38.55
H83 NAG J . -13.66 -23.40 -39.60
HN2 NAG J . -15.48 -22.04 -40.70
HO3 NAG J . -15.18 -22.75 -44.58
HO4 NAG J . -17.11 -21.23 -46.14
HO6 NAG J . -20.83 -22.04 -43.41
C1 NAG K . -41.03 -26.32 -41.60
C2 NAG K . -39.98 -25.33 -42.11
C3 NAG K . -38.74 -26.07 -42.59
C4 NAG K . -38.23 -27.01 -41.52
C5 NAG K . -39.35 -27.93 -41.04
C6 NAG K . -38.93 -28.81 -39.88
C7 NAG K . -40.94 -23.23 -42.94
C8 NAG K . -41.47 -22.50 -44.15
N2 NAG K . -40.52 -24.49 -43.16
O3 NAG K . -37.74 -25.13 -42.95
O4 NAG K . -37.17 -27.81 -42.03
O5 NAG K . -40.47 -27.14 -40.59
O6 NAG K . -39.87 -29.86 -39.66
O7 NAG K . -40.89 -22.70 -41.85
H1 NAG K . -41.79 -25.83 -41.24
H2 NAG K . -39.71 -24.76 -41.35
H3 NAG K . -38.98 -26.59 -43.38
H4 NAG K . -37.90 -26.49 -40.77
H5 NAG K . -39.63 -28.49 -41.77
H61 NAG K . -38.88 -28.26 -39.07
H62 NAG K . -38.07 -29.19 -40.07
H81 NAG K . -40.78 -22.46 -44.84
H82 NAG K . -41.74 -21.60 -43.90
H83 NAG K . -42.25 -22.98 -44.50
HN2 NAG K . -40.58 -24.82 -44.01
HO3 NAG K . -38.02 -24.63 -43.62
HO4 NAG K . -36.56 -27.28 -42.42
HO6 NAG K . -40.63 -29.67 -40.10
C1 NAG L . 4.01 39.07 -23.90
C2 NAG L . 4.91 40.21 -23.42
C3 NAG L . 6.34 40.00 -23.92
C4 NAG L . 6.84 38.62 -23.53
C5 NAG L . 5.86 37.55 -24.01
C6 NAG L . 6.24 36.16 -23.54
C7 NAG L . 3.93 42.43 -23.01
C8 NAG L . 3.45 43.70 -23.64
N2 NAG L . 4.40 41.50 -23.85
O3 NAG L . 7.19 41.01 -23.36
O4 NAG L . 8.11 38.39 -24.11
O5 NAG L . 4.55 37.81 -23.48
O6 NAG L . 7.60 35.87 -23.84
O7 NAG L . 3.90 42.24 -21.80
H1 NAG L . 3.97 39.09 -24.88
H2 NAG L . 4.93 40.19 -22.44
H3 NAG L . 6.35 40.09 -24.89
H4 NAG L . 6.92 38.57 -22.56
H5 NAG L . 5.83 37.56 -24.98
H61 NAG L . 5.66 35.51 -23.99
H62 NAG L . 6.10 36.10 -22.58
H81 NAG L . 3.13 44.31 -22.94
H82 NAG L . 2.71 43.51 -24.24
H83 NAG L . 4.18 44.12 -24.13
HN2 NAG L . 4.40 41.69 -24.75
HO3 NAG L . 7.57 41.46 -24.02
HO4 NAG L . 8.61 37.89 -23.57
HO6 NAG L . 8.08 35.96 -23.11
C1 NAG M . -1.36 7.50 -41.79
C2 NAG M . -0.51 6.23 -41.72
C3 NAG M . 0.34 6.09 -42.97
C4 NAG M . -0.53 6.15 -44.22
C5 NAG M . -1.39 7.42 -44.19
C6 NAG M . -2.38 7.48 -45.33
C7 NAG M . 0.67 5.14 -39.85
C8 NAG M . 1.55 5.34 -38.66
N2 NAG M . 0.34 6.24 -40.54
O3 NAG M . 1.04 4.85 -42.94
O4 NAG M . 0.27 6.17 -45.39
O5 NAG M . -2.16 7.46 -42.98
O6 NAG M . -3.37 8.48 -45.10
O7 NAG M . 0.27 4.03 -40.20
H1 NAG M . -0.77 8.27 -41.82
H2 NAG M . -1.11 5.45 -41.66
H3 NAG M . 0.99 6.82 -43.01
H4 NAG M . -1.12 5.37 -44.24
H5 NAG M . -0.82 8.20 -44.23
H61 NAG M . -2.83 6.62 -45.42
H62 NAG M . -1.90 7.69 -46.16
H81 NAG M . 2.39 5.72 -38.94
H82 NAG M . 1.71 4.48 -38.23
H83 NAG M . 1.10 5.94 -38.03
HN2 NAG M . 0.65 7.05 -40.23
HO3 NAG M . 0.83 4.38 -43.66
HO4 NAG M . -0.10 5.65 -46.01
HO6 NAG M . -3.89 8.24 -44.44
C1 NAG N . 8.70 25.44 -49.31
C2 NAG N . 7.74 24.71 -50.25
C3 NAG N . 7.20 25.66 -51.31
C4 NAG N . 6.58 26.88 -50.66
C5 NAG N . 7.59 27.53 -49.71
C6 NAG N . 7.00 28.69 -48.93
C7 NAG N . 8.26 22.31 -50.41
C8 NAG N . 9.01 21.25 -51.18
N2 NAG N . 8.39 23.56 -50.87
O3 NAG N . 6.23 24.98 -52.10
O4 NAG N . 6.21 27.83 -51.65
O5 NAG N . 8.03 26.57 -48.73
O6 NAG N . 7.93 29.76 -48.82
O7 NAG N . 7.59 22.04 -49.44
H1 NAG N . 9.47 25.75 -49.82
H2 NAG N . 6.99 24.38 -49.72
H3 NAG N . 7.94 25.94 -51.89
H4 NAG N . 5.79 26.62 -50.15
H5 NAG N . 8.36 27.85 -50.22
H61 NAG N . 6.76 28.38 -48.03
H62 NAG N . 6.20 29.01 -49.38
H81 NAG N . 8.70 21.25 -52.11
H82 NAG N . 8.85 20.39 -50.76
H83 NAG N . 9.96 21.46 -51.17
HN2 NAG N . 8.92 23.71 -51.60
HO3 NAG N . 6.58 24.26 -52.46
HO4 NAG N . 5.76 27.42 -52.30
HO6 NAG N . 7.54 30.52 -49.05
C1 NAG O . 50.70 24.39 -46.23
C2 NAG O . 52.20 24.13 -46.09
C3 NAG O . 52.93 24.59 -47.35
C4 NAG O . 52.31 23.94 -48.59
C5 NAG O . 50.80 24.20 -48.61
C6 NAG O . 50.11 23.48 -49.75
C7 NAG O . 53.43 24.18 -43.97
C8 NAG O . 53.92 25.02 -42.84
N2 NAG O . 52.74 24.80 -44.92
O3 NAG O . 54.31 24.23 -47.27
O4 NAG O . 52.89 24.48 -49.77
O5 NAG O . 50.21 23.72 -47.40
O6 NAG O . 50.74 23.74 -51.00
O7 NAG O . 53.66 22.97 -44.02
H1 NAG O . 50.56 25.34 -46.33
H2 NAG O . 52.34 23.17 -46.00
H3 NAG O . 52.85 25.55 -47.43
H4 NAG O . 52.47 22.98 -48.56
H5 NAG O . 50.64 25.16 -48.70
H61 NAG O . 49.19 23.78 -49.79
H62 NAG O . 50.12 22.53 -49.57
H81 NAG O . 54.40 24.47 -42.19
H82 NAG O . 53.14 25.44 -42.39
H83 NAG O . 54.50 25.73 -43.18
HN2 NAG O . 52.60 25.70 -44.83
HO3 NAG O . 54.80 24.97 -47.26
HO4 NAG O . 53.23 23.82 -50.26
HO6 NAG O . 51.14 22.99 -51.28
C1 NAG P . 40.38 34.66 -42.37
C2 NAG P . 39.14 35.29 -41.74
C3 NAG P . 38.07 35.53 -42.82
C4 NAG P . 38.66 36.35 -43.96
C5 NAG P . 39.92 35.69 -44.49
C6 NAG P . 40.62 36.51 -45.55
C7 NAG P . 38.95 34.58 -39.40
C8 NAG P . 38.32 33.63 -38.44
N2 NAG P . 38.60 34.45 -40.68
O3 NAG P . 36.97 36.22 -42.24
O4 NAG P . 37.71 36.45 -45.01
O5 NAG P . 40.87 35.51 -43.42
O6 NAG P . 41.88 35.95 -45.89
O7 NAG P . 39.76 35.43 -39.03
H1 NAG P . 40.15 33.80 -42.74
H2 NAG P . 39.38 36.16 -41.36
H3 NAG P . 37.77 34.67 -43.16
H4 NAG P . 38.87 37.25 -43.64
H5 NAG P . 39.69 34.82 -44.86
H61 NAG P . 40.75 37.42 -45.21
H62 NAG P . 40.07 36.54 -46.35
H81 NAG P . 38.55 32.71 -38.68
H82 NAG P . 37.34 33.73 -38.48
H83 NAG P . 38.62 33.82 -37.53
HN2 NAG P . 38.00 33.80 -40.91
HO3 NAG P . 36.31 35.65 -42.11
HO4 NAG P . 36.89 36.56 -44.67
HO6 NAG P . 42.53 36.44 -45.50
C1 NAG Q . 3.21 14.30 47.86
C2 NAG Q . 3.81 14.73 49.20
C3 NAG Q . 4.80 15.88 48.99
C4 NAG Q . 5.85 15.48 47.95
C5 NAG Q . 5.17 15.01 46.68
C6 NAG Q . 6.15 14.48 45.66
C7 NAG Q . 1.90 14.27 50.68
C8 NAG Q . 0.89 14.86 51.62
N2 NAG Q . 2.76 15.14 50.13
O3 NAG Q . 5.43 16.19 50.23
O4 NAG Q . 6.68 16.59 47.66
O5 NAG Q . 4.26 13.93 46.97
O6 NAG Q . 5.48 13.77 44.61
O7 NAG Q . 1.94 13.07 50.43
H1 NAG Q . 2.62 13.53 48.01
H2 NAG Q . 4.29 13.98 49.59
H3 NAG Q . 4.31 16.66 48.67
H4 NAG Q . 6.40 14.76 48.32
H5 NAG Q . 4.67 15.74 46.28
H61 NAG Q . 6.77 13.87 46.09
H62 NAG Q . 6.64 15.22 45.27
H81 NAG Q . 0.31 14.14 51.96
H82 NAG Q . 0.35 15.51 51.14
H83 NAG Q . 1.35 15.29 52.36
HN2 NAG Q . 2.69 16.02 50.35
HO3 NAG Q . 6.12 15.64 50.35
HO4 NAG Q . 6.32 17.33 47.99
HO6 NAG Q . 4.63 14.03 44.58
C1 NAG R . -0.55 -24.78 60.40
C2 NAG R . -1.62 -25.75 59.90
C3 NAG R . -2.78 -24.98 59.28
C4 NAG R . -3.31 -23.94 60.26
C5 NAG R . -2.17 -23.05 60.76
C6 NAG R . -2.61 -22.08 61.83
C7 NAG R . -0.47 -27.83 59.30
C8 NAG R . 0.05 -28.68 58.17
N2 NAG R . -1.06 -26.69 58.94
O3 NAG R . -3.82 -25.89 58.92
O4 NAG R . -4.30 -23.13 59.62
O5 NAG R . -1.14 -23.87 61.34
O6 NAG R . -1.59 -21.13 62.12
O7 NAG R . -0.36 -28.16 60.47
H1 NAG R . 0.14 -25.29 60.86
H2 NAG R . -1.97 -26.25 60.66
H3 NAG R . -2.47 -24.52 58.48
H4 NAG R . -3.72 -24.40 61.02
H5 NAG R . -1.81 -22.56 60.00
H61 NAG R . -2.83 -22.58 62.64
H62 NAG R . -3.41 -21.61 61.53
H81 NAG R . -0.68 -28.93 57.59
H82 NAG R . 0.46 -29.49 58.54
H83 NAG R . 0.72 -28.17 57.67
HN2 NAG R . -1.12 -26.48 58.05
HO3 NAG R . -3.61 -26.70 59.20
HO4 NAG R . -4.55 -23.52 58.87
HO6 NAG R . -1.62 -20.92 62.98
C1 NAG S . 28.69 -13.25 35.42
C2 NAG S . 29.07 -12.61 36.74
C3 NAG S . 30.40 -13.17 37.24
C4 NAG S . 30.35 -14.69 37.29
C5 NAG S . 29.90 -15.25 35.95
C6 NAG S . 29.70 -16.75 35.97
C7 NAG S . 28.07 -10.39 36.41
C8 NAG S . 28.33 -8.91 36.31
N2 NAG S . 29.15 -11.16 36.61
O3 NAG S . 30.69 -12.65 38.53
O4 NAG S . 31.64 -15.21 37.61
O5 NAG S . 28.64 -14.67 35.56
O6 NAG S . 28.58 -17.11 36.76
O7 NAG S . 26.94 -10.86 36.32
H1 NAG S . 29.35 -13.02 34.74
H2 NAG S . 28.39 -12.82 37.41
H3 NAG S . 31.11 -12.90 36.62
H4 NAG S . 29.71 -14.96 37.97
H5 NAG S . 30.57 -15.02 35.27
H61 NAG S . 30.50 -17.17 36.33
H62 NAG S . 29.56 -17.06 35.05
H81 NAG S . 27.49 -8.45 36.15
H82 NAG S . 28.94 -8.74 35.56
H83 NAG S . 28.73 -8.60 37.14
HN2 NAG S . 29.97 -10.75 36.68
HO3 NAG S . 31.06 -11.84 38.44
HO4 NAG S . 32.18 -14.54 37.83
HO6 NAG S . 27.92 -16.54 36.62
C1 NAG T . -30.77 37.92 17.38
C2 NAG T . -30.53 39.31 16.79
C3 NAG T . -30.39 40.34 17.90
C4 NAG T . -31.58 40.28 18.84
C5 NAG T . -31.78 38.85 19.35
C6 NAG T . -33.02 38.70 20.20
C7 NAG T . -29.17 40.23 14.97
C8 NAG T . -27.90 40.08 14.17
N2 NAG T . -29.36 39.31 15.93
O3 NAG T . -30.29 41.64 17.32
O4 NAG T . -31.37 41.15 19.95
O5 NAG T . -31.92 37.96 18.24
O6 NAG T . -34.10 39.45 19.68
O7 NAG T . -29.96 41.13 14.76
H1 NAG T . -29.98 37.66 17.90
H2 NAG T . -31.31 39.54 16.25
H3 NAG T . -29.57 40.16 18.39
H4 NAG T . -32.38 40.56 18.36
H5 NAG T . -30.99 38.59 19.87
H61 NAG T . -32.82 39.00 21.11
H62 NAG T . -33.27 37.75 20.23
H81 NAG T . -27.13 40.12 14.77
H82 NAG T . -27.85 40.80 13.52
H83 NAG T . -27.91 39.22 13.71
HN2 NAG T . -28.74 38.66 16.03
HO3 NAG T . -29.56 42.04 17.63
HO4 NAG T . -30.49 41.22 20.09
HO6 NAG T . -34.23 39.22 18.82
C1 NAG U . -39.32 37.75 27.14
C2 NAG U . -38.10 38.47 27.72
C3 NAG U . -38.51 39.79 28.35
C4 NAG U . -39.29 40.63 27.34
C5 NAG U . -40.46 39.83 26.77
C6 NAG U . -41.19 40.56 25.68
C7 NAG U . -36.09 37.58 28.82
C8 NAG U . -35.56 36.66 29.88
N2 NAG U . -37.42 37.63 28.69
O3 NAG U . -37.35 40.49 28.77
O4 NAG U . -39.79 41.80 27.99
O5 NAG U . -39.97 38.61 26.20
O6 NAG U . -40.98 39.96 24.41
O7 NAG U . -35.35 38.25 28.11
H1 NAG U . -39.94 37.54 27.86
H2 NAG U . -37.48 38.66 26.99
H3 NAG U . -39.08 39.62 29.12
H4 NAG U . -38.69 40.90 26.62
H5 NAG U . -41.08 39.62 27.49
H61 NAG U . -40.89 41.49 25.65
H62 NAG U . -42.15 40.55 25.88
H81 NAG U . -35.90 36.94 30.76
H82 NAG U . -34.59 36.69 29.88
H83 NAG U . -35.86 35.75 29.70
HN2 NAG U . -37.93 37.10 29.24
HO3 NAG U . -36.71 40.41 28.17
HO4 NAG U . -40.12 41.58 28.78
HO6 NAG U . -41.26 40.50 23.77
C1 NAG V . 31.36 13.77 28.97
C2 NAG V . 32.87 13.54 28.89
C3 NAG V . 33.50 14.50 27.89
C4 NAG V . 32.81 14.41 26.54
C5 NAG V . 31.29 14.60 26.72
C6 NAG V . 30.52 14.39 25.43
C7 NAG V . 33.73 12.64 31.02
C8 NAG V . 34.36 12.97 32.33
N2 NAG V . 33.49 13.68 30.20
O3 NAG V . 34.89 14.20 27.75
O4 NAG V . 33.30 15.42 25.67
O5 NAG V . 30.79 13.64 27.66
O6 NAG V . 29.31 15.14 25.43
O7 NAG V . 33.44 11.49 30.70
H1 NAG V . 31.19 14.66 29.31
H2 NAG V . 33.03 12.63 28.57
H3 NAG V . 33.41 15.42 28.24
H4 NAG V . 32.97 13.53 26.15
H5 NAG V . 31.12 15.50 27.06
H61 NAG V . 30.31 13.44 25.33
H62 NAG V . 31.08 14.68 24.68
H81 NAG V . 34.49 12.15 32.84
H82 NAG V . 33.79 13.58 32.83
H83 NAG V . 35.23 13.40 32.17
HN2 NAG V . 33.73 14.51 30.48
HO3 NAG V . 35.37 14.84 28.14
HO4 NAG V . 32.79 16.15 25.73
HO6 NAG V . 29.25 15.59 24.67
C1 NAG W . 2.13 35.08 22.37
C2 NAG W . 2.42 35.83 21.07
C3 NAG W . 2.70 37.30 21.36
C4 NAG W . 1.57 37.91 22.17
C5 NAG W . 1.31 37.08 23.43
C6 NAG W . 0.11 37.56 24.22
C7 NAG W . 3.38 34.26 19.45
C8 NAG W . 4.64 33.75 18.81
N2 NAG W . 3.53 35.22 20.36
O3 NAG W . 2.85 38.00 20.13
O4 NAG W . 1.91 39.24 22.55
O5 NAG W . 1.05 35.72 23.06
O6 NAG W . -0.99 36.68 24.06
O7 NAG W . 2.28 33.81 19.15
H1 NAG W . 2.92 35.10 22.94
H2 NAG W . 1.62 35.78 20.51
H3 NAG W . 3.54 37.37 21.87
H4 NAG W . 0.76 37.93 21.63
H5 NAG W . 2.10 37.11 23.99
H61 NAG W . -0.14 38.45 23.90
H62 NAG W . 0.36 37.62 25.15
H81 NAG W . 4.42 33.04 18.17
H82 NAG W . 5.23 33.39 19.51
H83 NAG W . 5.09 34.48 18.35
HN2 NAG W . 4.37 35.51 20.54
HO3 NAG W . 3.62 37.77 19.75
HO4 NAG W . 1.92 39.76 21.82
HO6 NAG W . -1.23 36.65 23.21
C1 NAG X . 19.63 41.40 26.39
C2 NAG X . 19.67 41.63 27.90
C3 NAG X . 18.29 41.97 28.42
C4 NAG X . 17.70 43.16 27.64
C5 NAG X . 17.75 42.88 26.15
C6 NAG X . 17.30 44.05 25.31
C7 NAG X . 21.50 40.26 28.80
C8 NAG X . 21.86 38.99 29.52
N2 NAG X . 20.20 40.46 28.58
O3 NAG X . 18.37 42.30 29.80
O4 NAG X . 16.36 43.38 28.05
O5 NAG X . 19.08 42.57 25.75
O6 NAG X . 17.97 44.08 24.06
O7 NAG X . 22.35 41.06 28.42
H1 NAG X . 19.04 40.64 26.20
H2 NAG X . 20.26 42.38 28.07
H3 NAG X . 17.70 41.21 28.31
H4 NAG X . 18.23 43.96 27.83
H5 NAG X . 17.17 42.11 25.95
H61 NAG X . 17.49 44.87 25.80
H62 NAG X . 16.33 43.99 25.16
H81 NAG X . 21.55 38.23 29.01
H82 NAG X . 21.44 38.98 30.40
H83 NAG X . 22.83 38.94 29.62
HN2 NAG X . 19.61 39.83 28.88
HO3 NAG X . 18.49 41.56 30.28
HO4 NAG X . 16.28 44.21 28.38
HO6 NAG X . 18.49 44.79 24.02
C1 NAG Y . 46.17 55.53 -3.54
C2 NAG Y . 46.15 56.42 -4.77
C3 NAG Y . 46.65 57.82 -4.42
C4 NAG Y . 45.87 58.38 -3.24
C5 NAG Y . 45.90 57.40 -2.07
C6 NAG Y . 45.03 57.85 -0.92
C7 NAG Y . 46.43 54.99 -6.75
C8 NAG Y . 47.39 54.49 -7.79
N2 NAG Y . 46.93 55.84 -5.85
O3 NAG Y . 46.52 58.66 -5.55
O4 NAG Y . 46.44 59.62 -2.84
O5 NAG Y . 45.40 56.13 -2.49
O6 NAG Y . 43.67 57.97 -1.30
O7 NAG Y . 45.26 54.63 -6.72
H1 NAG Y . 47.09 55.41 -3.23
H2 NAG Y . 45.22 56.50 -5.07
H3 NAG Y . 47.59 57.76 -4.17
H4 NAG Y . 44.94 58.53 -3.52
H5 NAG Y . 46.82 57.31 -1.76
H61 NAG Y . 45.35 58.72 -0.59
H62 NAG Y . 45.11 57.19 -0.19
H81 NAG Y . 46.93 53.90 -8.40
H82 NAG Y . 48.12 54.01 -7.35
H83 NAG Y . 47.76 55.25 -8.28
HN2 NAG Y . 47.82 56.07 -5.91
HO3 NAG Y . 47.03 58.37 -6.21
HO4 NAG Y . 46.81 60.03 -3.53
HO6 NAG Y . 43.20 57.31 -0.93
C1 NAG Z . 48.53 47.31 8.37
C2 NAG Z . 47.84 47.13 9.72
C3 NAG Z . 46.44 47.75 9.69
C4 NAG Z . 46.52 49.20 9.23
C5 NAG Z . 47.27 49.30 7.90
C6 NAG Z . 47.48 50.71 7.44
C7 NAG Z . 48.74 45.09 10.75
C8 NAG Z . 48.49 43.64 11.05
N2 NAG Z . 47.76 45.73 10.09
O3 NAG Z . 45.87 47.69 10.99
O4 NAG Z . 45.21 49.73 9.07
O5 NAG Z . 48.57 48.71 8.02
O6 NAG Z . 48.81 50.92 6.97
O7 NAG Z . 49.77 45.66 11.10
H1 NAG Z . 48.04 46.82 7.69
H2 NAG Z . 48.37 47.60 10.40
H3 NAG Z . 45.89 47.25 9.07
H4 NAG Z . 47.00 49.73 9.90
H5 NAG Z . 46.76 48.81 7.21
H61 NAG Z . 47.31 51.32 8.19
H62 NAG Z . 46.85 50.91 6.72
H81 NAG Z . 49.26 43.27 11.51
H82 NAG Z . 48.36 43.16 10.21
H83 NAG Z . 47.69 43.55 11.60
HN2 NAG Z . 47.02 45.25 9.86
HO3 NAG Z . 45.48 46.89 11.10
HO4 NAG Z . 45.11 50.45 9.58
HO6 NAG Z . 49.38 50.75 7.63
C1 NAG AA . 18.62 -47.26 -14.80
C2 NAG AA . 18.94 -46.09 -13.87
C3 NAG AA . 18.96 -46.58 -12.42
C4 NAG AA . 17.66 -47.29 -12.08
C5 NAG AA . 17.38 -48.40 -13.09
C6 NAG AA . 16.04 -49.06 -12.89
C7 NAG AA . 20.35 -44.16 -14.44
C8 NAG AA . 21.73 -43.71 -14.79
N2 NAG AA . 20.20 -45.48 -14.22
O3 NAG AA . 19.14 -45.46 -11.55
O4 NAG AA . 17.74 -47.85 -10.78
O5 NAG AA . 17.37 -47.85 -14.42
O6 NAG AA . 14.97 -48.14 -13.05
O7 NAG AA . 19.40 -43.39 -14.36
H1 NAG AA . 19.32 -47.93 -14.75
H2 NAG AA . 18.23 -45.43 -13.95
H3 NAG AA . 19.71 -47.20 -12.30
H4 NAG AA . 16.93 -46.64 -12.10
H5 NAG AA . 18.08 -49.07 -13.03
H61 NAG AA . 16.01 -49.44 -11.99
H62 NAG AA . 15.94 -49.79 -13.54
H81 NAG AA . 21.72 -42.74 -14.94
H82 NAG AA . 22.02 -44.15 -15.62
H83 NAG AA . 22.34 -43.93 -14.07
HN2 NAG AA . 20.94 -46.01 -14.31
HO3 NAG AA . 19.60 -45.72 -10.84
HO4 NAG AA . 17.11 -47.50 -10.25
HO6 NAG AA . 15.28 -47.40 -13.42
C1 NAG BA . -13.69 -50.81 -36.84
C2 NAG BA . -14.39 -51.62 -37.92
C3 NAG BA . -15.46 -50.79 -38.60
C4 NAG BA . -16.41 -50.20 -37.56
C5 NAG BA . -15.63 -49.45 -36.49
C6 NAG BA . -16.51 -48.95 -35.36
C7 NAG BA . -12.90 -53.36 -38.81
C8 NAG BA . -11.94 -53.72 -39.90
N2 NAG BA . -13.44 -52.13 -38.89
O3 NAG BA . -16.19 -51.60 -39.52
O4 NAG BA . -17.33 -49.31 -38.20
O5 NAG BA . -14.65 -50.31 -35.91
O6 NAG BA . -16.42 -49.79 -34.22
O7 NAG BA . -13.18 -54.14 -37.90
H1 NAG BA . -13.25 -50.04 -37.27
H2 NAG BA . -14.83 -52.38 -37.48
H3 NAG BA . -15.04 -50.06 -39.08
H4 NAG BA . -16.92 -50.92 -37.14
H5 NAG BA . -15.19 -48.68 -36.91
H61 NAG BA . -17.43 -48.92 -35.67
H62 NAG BA . -16.23 -48.04 -35.12
H81 NAG BA . -12.36 -53.57 -40.77
H82 NAG BA . -11.69 -54.67 -39.82
H83 NAG BA . -11.14 -53.17 -39.83
HN2 NAG BA . -13.20 -51.60 -39.59
HO3 NAG BA . -16.53 -52.30 -39.09
HO4 NAG BA . -18.05 -49.75 -38.45
HO6 NAG BA . -17.09 -49.61 -33.67
C1 NAG CA . 10.24 -22.16 -44.89
C2 NAG CA . 10.30 -21.51 -43.52
C3 NAG CA . 9.29 -20.37 -43.43
C4 NAG CA . 9.48 -19.39 -44.57
C5 NAG CA . 9.46 -20.13 -45.91
C6 NAG CA . 9.77 -19.24 -47.09
C7 NAG CA . 8.97 -23.25 -42.40
C8 NAG CA . 8.90 -24.20 -41.25
N2 NAG CA . 10.07 -22.49 -42.47
O3 NAG CA . 9.44 -19.70 -42.18
O4 NAG CA . 8.44 -18.42 -44.56
O5 NAG CA . 10.45 -21.17 -45.90
O6 NAG CA . 10.45 -19.95 -48.11
O7 NAG CA . 8.08 -23.17 -43.24
H1 NAG CA . 10.94 -22.84 -44.96
H2 NAG CA . 11.19 -21.13 -43.40
H3 NAG CA . 8.39 -20.74 -43.47
H4 NAG CA . 10.33 -18.94 -44.47
H5 NAG CA . 8.58 -20.53 -46.04
H61 NAG CA . 10.33 -18.49 -46.78
H62 NAG CA . 8.94 -18.88 -47.44
H81 NAG CA . 8.08 -24.71 -41.29
H82 NAG CA . 8.93 -23.70 -40.41
H83 NAG CA . 9.67 -24.81 -41.29
HN2 NAG CA . 10.71 -22.58 -41.82
HO3 NAG CA . 10.14 -20.04 -41.75
HO4 NAG CA . 8.65 -17.77 -44.00
HO6 NAG CA . 9.99 -20.67 -48.33
C1 NAG DA . 12.46 -35.74 35.75
C2 NAG DA . 13.47 -35.65 36.89
C3 NAG DA . 14.32 -36.91 36.96
C4 NAG DA . 13.42 -38.14 37.05
C5 NAG DA . 12.41 -38.13 35.91
C6 NAG DA . 11.41 -39.27 35.99
C7 NAG DA . 14.08 -33.31 37.38
C8 NAG DA . 15.06 -32.21 37.10
N2 NAG DA . 14.32 -34.46 36.74
O3 NAG DA . 15.17 -36.85 38.11
O4 NAG DA . 14.21 -39.32 36.97
O5 NAG DA . 11.66 -36.91 35.93
O6 NAG DA . 10.12 -38.85 35.58
O7 NAG DA . 13.13 -33.16 38.13
H1 NAG DA . 12.94 -35.80 34.90
H2 NAG DA . 12.97 -35.57 37.73
H3 NAG DA . 14.87 -36.97 36.16
H4 NAG DA . 12.94 -38.13 37.90
H5 NAG DA . 12.89 -38.19 35.06
H61 NAG DA . 11.37 -39.58 36.91
H62 NAG DA . 11.71 -40.00 35.42
H81 NAG DA . 15.95 -32.49 37.37
H82 NAG DA . 14.80 -31.42 37.62
H83 NAG DA . 15.05 -32.00 36.16
HN2 NAG DA . 15.04 -34.52 36.20
HO3 NAG DA . 15.67 -36.12 38.05
HO4 NAG DA . 15.02 -39.15 37.29
HO6 NAG DA . 10.00 -37.99 35.78
C1 NAG EA . 7.85 -40.45 39.14
C2 NAG EA . 8.51 -39.50 38.14
C3 NAG EA . 7.52 -39.13 37.05
C4 NAG EA . 6.92 -40.39 36.41
C5 NAG EA . 6.34 -41.29 37.49
C6 NAG EA . 5.84 -42.61 36.94
C7 NAG EA . 10.21 -38.28 39.40
C8 NAG EA . 10.58 -36.96 40.03
N2 NAG EA . 9.01 -38.32 38.80
O3 NAG EA . 8.17 -38.34 36.06
O4 NAG EA . 5.90 -40.03 35.49
O5 NAG EA . 7.34 -41.60 38.47
O6 NAG EA . 6.87 -43.60 36.95
O7 NAG EA . 10.95 -39.24 39.44
H1 NAG EA . 7.11 -39.98 39.59
H2 NAG EA . 9.25 -39.97 37.72
H3 NAG EA . 6.79 -38.61 37.44
H4 NAG EA . 7.63 -40.86 35.93
H5 NAG EA . 5.60 -40.83 37.92
H61 NAG EA . 5.54 -42.48 36.02
H62 NAG EA . 5.10 -42.93 37.48
H81 NAG EA . 10.60 -36.26 39.35
H82 NAG EA . 11.46 -37.04 40.45
H83 NAG EA . 9.92 -36.73 40.70
HN2 NAG EA . 8.49 -37.57 38.80
HO3 NAG EA . 7.98 -37.49 36.18
HO4 NAG EA . 6.26 -39.91 34.68
HO6 NAG EA . 7.48 -43.37 37.55
C1 NAG FA . 32.50 -19.08 -29.15
C2 NAG FA . 32.49 -19.38 -30.65
C3 NAG FA . 33.86 -19.10 -31.26
C4 NAG FA . 34.30 -17.68 -30.92
C5 NAG FA . 34.24 -17.44 -29.42
C6 NAG FA . 34.55 -16.02 -29.03
C7 NAG FA . 30.83 -21.13 -31.15
C8 NAG FA . 30.61 -22.59 -31.39
N2 NAG FA . 32.10 -20.76 -30.89
O3 NAG FA . 33.80 -19.27 -32.67
O4 NAG FA . 35.64 -17.46 -31.38
O5 NAG FA . 32.92 -17.72 -28.93
O6 NAG FA . 35.88 -15.88 -28.54
O7 NAG FA . 29.92 -20.31 -31.20
H1 NAG FA . 33.12 -19.68 -28.71
H2 NAG FA . 31.84 -18.79 -31.08
H3 NAG FA . 34.51 -19.73 -30.89
H4 NAG FA . 33.71 -17.04 -31.37
H5 NAG FA . 34.87 -18.03 -28.98
H61 NAG FA . 33.92 -15.73 -28.33
H62 NAG FA . 34.45 -15.44 -29.81
H81 NAG FA . 29.67 -22.75 -31.56
H82 NAG FA . 30.89 -23.09 -30.59
H83 NAG FA . 31.14 -22.88 -32.16
HN2 NAG FA . 32.75 -21.41 -30.88
HO3 NAG FA . 33.69 -18.49 -33.05
HO4 NAG FA . 35.63 -16.90 -32.07
HO6 NAG FA . 36.22 -15.12 -28.80
C1 NAG GA . 31.70 -27.50 9.36
C2 NAG GA . 32.16 -26.78 10.62
C3 NAG GA . 33.52 -27.33 11.08
C4 NAG GA . 33.45 -28.84 11.23
C5 NAG GA . 32.92 -29.48 9.94
C6 NAG GA . 32.71 -30.97 10.06
C7 NAG GA . 31.22 -24.51 10.63
C8 NAG GA . 31.47 -23.06 10.36
N2 NAG GA . 32.24 -25.34 10.41
O3 NAG GA . 33.87 -26.73 12.32
O4 NAG GA . 34.74 -29.36 11.51
O5 NAG GA . 31.65 -28.91 9.60
O6 NAG GA . 31.33 -31.30 10.04
O7 NAG GA . 30.13 -24.92 11.02
H1 NAG GA . 32.33 -27.31 8.64
H2 NAG GA . 31.51 -26.95 11.33
H3 NAG GA . 34.19 -27.11 10.41
H4 NAG GA . 32.84 -29.07 11.96
H5 NAG GA . 33.55 -29.31 9.22
H61 NAG GA . 33.10 -31.28 10.90
H62 NAG GA . 33.16 -31.42 9.32
H81 NAG GA . 31.73 -22.95 9.41
H82 NAG GA . 32.20 -22.75 10.92
H83 NAG GA . 30.67 -22.54 10.54
HN2 NAG GA . 33.03 -25.00 10.12
HO3 NAG GA . 33.18 -26.74 12.86
HO4 NAG GA . 34.77 -29.61 12.37
HO6 NAG GA . 30.85 -30.57 9.90
C1 NAG HA . 48.34 -25.15 -1.19
C2 NAG HA . 48.35 -26.59 -1.69
C3 NAG HA . 48.06 -27.56 -0.55
C4 NAG HA . 49.00 -27.31 0.61
C5 NAG HA . 48.96 -25.84 1.02
C6 NAG HA . 49.97 -25.50 2.10
C7 NAG HA . 47.55 -27.71 -3.73
C8 NAG HA . 46.48 -27.75 -4.78
N2 NAG HA . 47.41 -26.77 -2.78
O3 NAG HA . 48.19 -28.89 -1.02
O4 NAG HA . 48.62 -28.12 1.73
O5 NAG HA . 49.27 -25.02 -0.11
O6 NAG HA . 50.39 -24.15 2.00
O7 NAG HA . 48.51 -28.47 -3.74
H1 NAG HA . 47.45 -24.95 -0.85
H2 NAG HA . 49.26 -26.79 -2.03
H3 NAG HA . 47.14 -27.42 -0.25
H4 NAG HA . 49.91 -27.54 0.34
H5 NAG HA . 48.07 -25.63 1.35
H61 NAG HA . 50.76 -26.09 1.99
H62 NAG HA . 49.58 -25.65 2.97
H81 NAG HA . 46.44 -26.89 -5.24
H82 NAG HA . 45.62 -27.93 -4.35
H83 NAG HA . 46.67 -28.46 -5.41
HN2 NAG HA . 46.68 -26.22 -2.81
HO3 NAG HA . 47.42 -29.18 -1.33
HO4 NAG HA . 49.32 -28.63 1.97
HO6 NAG HA . 50.35 -23.89 1.16
C1 NAG IA . 71.33 8.99 0.21
C2 NAG IA . 71.92 10.16 0.99
C3 NAG IA . 73.39 9.89 1.32
C4 NAG IA . 73.53 8.55 2.05
C5 NAG IA . 72.86 7.45 1.23
C6 NAG IA . 72.86 6.11 1.94
C7 NAG IA . 71.76 12.60 0.80
C8 NAG IA . 71.63 13.77 -0.13
N2 NAG IA . 71.80 11.39 0.23
O3 NAG IA . 73.90 10.94 2.14
O4 NAG IA . 74.90 8.24 2.23
O5 NAG IA . 71.49 7.78 0.97
O6 NAG IA . 71.58 5.50 1.89
O7 NAG IA . 71.82 12.74 2.02
H1 NAG IA . 71.79 8.88 -0.64
H2 NAG IA . 71.44 10.26 1.83
H3 NAG IA . 73.91 9.85 0.50
H4 NAG IA . 73.09 8.61 2.91
H5 NAG IA . 73.34 7.35 0.38
H61 NAG IA . 73.11 6.24 2.88
H62 NAG IA . 73.51 5.52 1.53
H81 NAG IA . 70.80 13.68 -0.64
H82 NAG IA . 72.39 13.78 -0.74
H83 NAG IA . 71.60 14.60 0.39
HN2 NAG IA . 71.75 11.35 -0.68
HO3 NAG IA . 73.81 10.71 3.00
HO4 NAG IA . 75.16 8.51 3.04
HO6 NAG IA . 71.45 5.15 1.08
C1 NAG JA . 67.26 2.18 -12.19
C2 NAG JA . 66.48 1.32 -13.18
C3 NAG JA . 66.95 -0.14 -13.08
C4 NAG JA . 68.46 -0.23 -13.24
C5 NAG JA . 69.15 0.71 -12.26
C6 NAG JA . 70.65 0.75 -12.44
C7 NAG JA . 64.28 2.33 -13.55
C8 NAG JA . 62.82 2.28 -13.20
N2 NAG JA . 65.05 1.43 -12.95
O3 NAG JA . 66.29 -0.91 -14.09
O4 NAG JA . 68.89 -1.56 -13.01
O5 NAG JA . 68.67 2.05 -12.43
O6 NAG JA . 71.23 1.81 -11.69
O7 NAG JA . 64.73 3.14 -14.36
H1 NAG JA . 67.06 1.90 -11.28
H2 NAG JA . 66.68 1.63 -14.08
H3 NAG JA . 66.69 -0.49 -12.20
H4 NAG JA . 68.70 0.03 -14.16
H5 NAG JA . 68.96 0.42 -11.35
H61 NAG JA . 70.84 0.90 -13.40
H62 NAG JA . 71.04 -0.09 -12.16
H81 NAG JA . 62.35 2.98 -13.70
H82 NAG JA . 62.71 2.45 -12.24
H83 NAG JA . 62.46 1.42 -13.44
HN2 NAG JA . 64.67 0.84 -12.37
HO3 NAG JA . 65.78 -1.52 -13.70
HO4 NAG JA . 68.79 -1.76 -12.15
HO6 NAG JA . 72.11 1.82 -11.83
#